data_9OLJ
#
_entry.id   9OLJ
#
_cell.length_a   1.00
_cell.length_b   1.00
_cell.length_c   1.00
_cell.angle_alpha   90.00
_cell.angle_beta   90.00
_cell.angle_gamma   90.00
#
_symmetry.space_group_name_H-M   'P 1'
#
loop_
_entity.id
_entity.type
_entity.pdbx_description
1 polymer 'Vesicle-fusing ATPase'
2 polymer 'SNAP-25 or syntaxin N-'
3 non-polymer "ADENOSINE-5'-DIPHOSPHATE"
4 non-polymer "ADENOSINE-5'-TRIPHOSPHATE"
5 non-polymer 'MAGNESIUM ION'
6 non-polymer 'PHOSPHATE ION'
7 water water
#
loop_
_entity_poly.entity_id
_entity_poly.type
_entity_poly.pdbx_seq_one_letter_code
_entity_poly.pdbx_strand_id
1 'polypeptide(L)'
;GAHMAGRSMQAARCPTDELSLSNCAVVSEKDYQSGQHVIVRTSPNHKYIFTLRTHPSVVPGSVAFSLPQRKWAGLSIGQE
IEVALYSFDKAKQCIGTMTIEIDFLQKKNIDSNPYDTDKMAAEFIQQFNNQAFSVGQQLVFSFNDKLFGLLVKDIEAMDP
SILKGEPASGKRQKIEVGLVVGNSQVAFEKAENSSLNLIGKAKTKENRQSIINPDWNFEKMGIGGLDKEFSDIFRRAFAS
RVFPPEIVEQMGCKHVKGILLYGPPGCGKTLLARQIGKMLNAREPKVVNGPEILNKYVGESEANIRKLFADAEEEQRRLG
ANSGLHIIIFDEIDAICKQRGSMAGSTGVHDTVVNQLLSKIDGVEQLNNILVIGMTNRPDLIDEALLRPGRLEVKMEIGL
PDEKGRLQILHIHTARMRGHQLLSADVDIKELAVETKNFSGAELEGLVRAAQSTAMNRHIKASTKVEVDMEKAESLQVTR
GDFLASLENDIKPAFGTNQEDYASYIMNGIIKWGDPVTRVLDDGELLVQQTKNSDRTPLVSVLLEGPPHSGKTALAAKIA
EESNFPFIKICSPDKMIGFSETAKCQAMKKIFDDAYKSQLSCVVVDDIERLLDYVPIGPRFSNLVLQALLVLLKKAPPQG
RKLLIIGTTSRKDVLQEMEMLNAFSTTIHVPNIATGEQLLEALELLGNFKDKERTTIAQQVKGKKVWIGIKKLLMLIEMS
LQMDPEYRVRKFLALLREEGASPLDFD
;
A,B,C,D,E,F
2 'polypeptide(L)' (UNK)(UNK)(UNK)(UNK)(UNK)(UNK)(UNK)(UNK)(UNK)(UNK)(UNK)(UNK)(UNK)(UNK) G
#
# COMPACT_ATOMS: atom_id res chain seq x y z
N PRO A 214 31.92 -15.50 48.02
CA PRO A 214 30.56 -15.95 48.33
C PRO A 214 29.60 -14.79 48.60
N ASP A 215 30.08 -13.76 49.28
CA ASP A 215 29.26 -12.62 49.68
C ASP A 215 29.44 -11.42 48.75
N TRP A 216 30.14 -11.60 47.62
CA TRP A 216 30.15 -10.59 46.56
C TRP A 216 30.85 -9.31 47.03
N ASN A 217 31.10 -8.39 46.09
CA ASN A 217 31.87 -7.18 46.37
C ASN A 217 31.28 -5.95 45.68
N PHE A 218 29.95 -5.91 45.53
CA PHE A 218 29.32 -4.90 44.67
C PHE A 218 29.61 -3.49 45.15
N GLU A 219 29.39 -3.22 46.43
CA GLU A 219 29.36 -1.83 46.90
C GLU A 219 30.69 -1.11 46.67
N LYS A 220 31.78 -1.87 46.52
CA LYS A 220 33.09 -1.23 46.44
C LYS A 220 33.25 -0.41 45.17
N MET A 221 32.79 -0.94 44.03
CA MET A 221 33.00 -0.33 42.73
C MET A 221 31.64 -0.02 42.11
N GLY A 222 31.31 1.27 42.04
CA GLY A 222 30.08 1.70 41.40
C GLY A 222 28.85 1.02 41.98
N ILE A 223 27.83 0.87 41.14
CA ILE A 223 26.59 0.17 41.46
C ILE A 223 26.23 0.46 42.91
N GLY A 224 26.10 1.74 43.24
CA GLY A 224 25.95 2.13 44.65
C GLY A 224 24.70 1.56 45.30
N GLY A 225 23.55 1.73 44.65
CA GLY A 225 22.27 1.50 45.27
C GLY A 225 21.57 0.19 44.99
N LEU A 226 22.25 -0.79 44.40
CA LEU A 226 21.61 -2.03 43.97
C LEU A 226 22.18 -3.26 44.67
N ASP A 227 22.33 -3.22 46.00
CA ASP A 227 22.87 -4.36 46.73
C ASP A 227 21.87 -5.52 46.77
N LYS A 228 20.62 -5.24 47.13
CA LYS A 228 19.62 -6.30 47.27
C LYS A 228 19.40 -7.02 45.96
N GLU A 229 19.32 -6.26 44.86
CA GLU A 229 19.18 -6.88 43.54
C GLU A 229 20.36 -7.81 43.26
N PHE A 230 21.56 -7.40 43.62
CA PHE A 230 22.74 -8.23 43.36
C PHE A 230 22.68 -9.52 44.15
N SER A 231 22.34 -9.44 45.43
CA SER A 231 22.22 -10.64 46.24
C SER A 231 21.16 -11.57 45.66
N ASP A 232 20.00 -11.01 45.28
CA ASP A 232 18.93 -11.84 44.75
C ASP A 232 19.34 -12.53 43.46
N ILE A 233 19.97 -11.80 42.54
CA ILE A 233 20.32 -12.38 41.25
C ILE A 233 21.36 -13.48 41.42
N PHE A 234 22.36 -13.27 42.27
CA PHE A 234 23.34 -14.32 42.48
C PHE A 234 22.73 -15.54 43.18
N ARG A 235 21.79 -15.32 44.11
CA ARG A 235 21.17 -16.47 44.75
C ARG A 235 20.30 -17.26 43.77
N ARG A 236 19.58 -16.57 42.88
CA ARG A 236 18.56 -17.23 42.07
C ARG A 236 19.16 -18.12 40.99
N ALA A 237 20.14 -17.62 40.24
CA ALA A 237 20.57 -18.26 39.00
C ALA A 237 21.97 -18.86 39.07
N PHE A 238 22.98 -18.06 39.41
CA PHE A 238 24.37 -18.51 39.33
C PHE A 238 24.76 -19.29 40.59
N ALA A 239 24.06 -20.39 40.81
CA ALA A 239 24.37 -21.27 41.93
C ALA A 239 25.40 -22.33 41.56
N SER A 240 25.43 -22.77 40.31
CA SER A 240 26.35 -23.82 39.88
C SER A 240 27.72 -23.29 39.48
N ARG A 241 27.88 -21.98 39.33
CA ARG A 241 29.17 -21.39 38.98
C ARG A 241 30.01 -21.07 40.21
N VAL A 242 29.47 -21.28 41.41
CA VAL A 242 30.17 -20.93 42.65
C VAL A 242 30.31 -22.18 43.52
N PHE A 243 30.42 -23.35 42.89
CA PHE A 243 30.52 -24.61 43.59
C PHE A 243 31.75 -25.39 43.14
N PRO A 244 32.32 -26.21 44.02
CA PRO A 244 33.36 -27.13 43.58
C PRO A 244 32.89 -27.94 42.37
N PRO A 245 33.55 -27.79 41.22
CA PRO A 245 33.04 -28.46 40.01
C PRO A 245 32.88 -29.96 40.16
N GLU A 246 33.55 -30.59 41.12
CA GLU A 246 33.45 -32.03 41.27
C GLU A 246 32.01 -32.45 41.53
N ILE A 247 31.36 -31.84 42.54
CA ILE A 247 29.99 -32.23 42.88
C ILE A 247 29.03 -31.83 41.77
N VAL A 248 29.23 -30.65 41.18
CA VAL A 248 28.32 -30.20 40.13
C VAL A 248 28.35 -31.18 38.96
N GLU A 249 29.55 -31.61 38.56
CA GLU A 249 29.65 -32.60 37.49
C GLU A 249 29.06 -33.94 37.92
N GLN A 250 29.30 -34.33 39.17
CA GLN A 250 28.75 -35.59 39.66
C GLN A 250 27.22 -35.58 39.67
N MET A 251 26.61 -34.41 39.75
CA MET A 251 25.16 -34.30 39.67
C MET A 251 24.67 -34.20 38.23
N GLY A 252 25.40 -33.51 37.38
CA GLY A 252 25.05 -33.40 35.97
C GLY A 252 23.99 -32.35 35.69
N CYS A 253 24.17 -31.16 36.25
CA CYS A 253 23.23 -30.07 36.08
C CYS A 253 23.78 -29.06 35.08
N LYS A 254 22.90 -28.59 34.19
CA LYS A 254 23.28 -27.60 33.19
C LYS A 254 23.07 -26.19 33.75
N HIS A 255 23.86 -25.25 33.22
CA HIS A 255 23.81 -23.87 33.69
C HIS A 255 22.71 -23.09 32.97
N VAL A 256 22.35 -21.95 33.56
CA VAL A 256 21.41 -21.04 32.92
C VAL A 256 22.08 -20.38 31.72
N LYS A 257 21.29 -20.07 30.69
CA LYS A 257 21.80 -19.54 29.44
C LYS A 257 21.22 -18.17 29.09
N GLY A 258 20.69 -17.45 30.06
CA GLY A 258 20.20 -16.11 29.78
C GLY A 258 19.45 -15.53 30.97
N ILE A 259 19.43 -14.20 31.03
CA ILE A 259 18.68 -13.45 32.00
C ILE A 259 18.14 -12.19 31.33
N LEU A 260 17.22 -11.51 32.00
CA LEU A 260 16.56 -10.35 31.44
C LEU A 260 16.38 -9.28 32.51
N LEU A 261 16.68 -8.03 32.16
CA LEU A 261 16.49 -6.89 33.04
C LEU A 261 15.63 -5.85 32.35
N TYR A 262 14.68 -5.28 33.08
CA TYR A 262 13.80 -4.25 32.55
C TYR A 262 13.50 -3.23 33.63
N GLY A 263 13.18 -2.02 33.19
CA GLY A 263 12.87 -0.93 34.10
C GLY A 263 12.91 0.41 33.42
N PRO A 264 12.81 1.49 34.20
CA PRO A 264 12.85 2.83 33.63
C PRO A 264 14.22 3.14 33.05
N PRO A 265 14.29 4.05 32.08
CA PRO A 265 15.60 4.37 31.48
C PRO A 265 16.50 5.12 32.46
N GLY A 266 17.80 4.94 32.25
CA GLY A 266 18.79 5.66 33.04
C GLY A 266 18.74 5.34 34.52
N CYS A 267 18.66 4.05 34.86
CA CYS A 267 18.63 3.62 36.25
C CYS A 267 19.77 2.68 36.61
N GLY A 268 20.70 2.45 35.70
CA GLY A 268 21.88 1.66 36.01
C GLY A 268 21.76 0.18 35.69
N LYS A 269 21.42 -0.14 34.44
CA LYS A 269 21.37 -1.54 34.00
C LYS A 269 22.68 -1.98 33.37
N THR A 270 23.32 -1.12 32.59
CA THR A 270 24.57 -1.49 31.94
C THR A 270 25.66 -1.77 32.97
N LEU A 271 25.74 -0.96 34.02
CA LEU A 271 26.75 -1.18 35.05
C LEU A 271 26.59 -2.55 35.67
N LEU A 272 25.35 -2.95 35.96
CA LEU A 272 25.12 -4.27 36.54
C LEU A 272 25.57 -5.37 35.60
N ALA A 273 25.28 -5.23 34.31
CA ALA A 273 25.70 -6.25 33.35
C ALA A 273 27.22 -6.37 33.31
N ARG A 274 27.92 -5.23 33.27
CA ARG A 274 29.38 -5.28 33.22
C ARG A 274 29.95 -5.87 34.50
N GLN A 275 29.39 -5.52 35.66
CA GLN A 275 29.87 -6.11 36.91
C GLN A 275 29.64 -7.62 36.94
N ILE A 276 28.47 -8.07 36.47
CA ILE A 276 28.21 -9.51 36.40
C ILE A 276 29.24 -10.18 35.51
N GLY A 277 29.54 -9.57 34.36
CA GLY A 277 30.57 -10.13 33.49
C GLY A 277 31.92 -10.20 34.19
N LYS A 278 32.27 -9.16 34.93
CA LYS A 278 33.56 -9.13 35.62
C LYS A 278 33.65 -10.22 36.68
N MET A 279 32.58 -10.42 37.46
CA MET A 279 32.67 -11.32 38.60
C MET A 279 32.91 -12.75 38.16
N LEU A 280 32.35 -13.15 37.02
CA LEU A 280 32.49 -14.52 36.53
C LEU A 280 33.82 -14.77 35.83
N ASN A 281 34.67 -13.76 35.70
CA ASN A 281 35.98 -13.91 35.06
C ASN A 281 35.81 -14.39 33.61
N ALA A 282 35.08 -13.60 32.84
CA ALA A 282 34.78 -13.91 31.45
C ALA A 282 35.55 -12.96 30.53
N ARG A 283 35.54 -13.29 29.24
CA ARG A 283 36.23 -12.47 28.26
C ARG A 283 35.51 -11.14 28.09
N GLU A 284 36.08 -10.29 27.24
CA GLU A 284 35.51 -8.96 27.03
C GLU A 284 34.12 -9.08 26.40
N PRO A 285 33.12 -8.39 26.91
CA PRO A 285 31.77 -8.48 26.31
C PRO A 285 31.73 -7.85 24.93
N LYS A 286 30.81 -8.35 24.11
CA LYS A 286 30.58 -7.85 22.75
C LYS A 286 29.23 -7.14 22.76
N VAL A 287 29.26 -5.85 23.08
CA VAL A 287 28.02 -5.08 23.19
C VAL A 287 27.36 -4.96 21.82
N VAL A 288 26.04 -4.83 21.82
CA VAL A 288 25.26 -4.67 20.60
C VAL A 288 24.02 -3.84 20.92
N ASN A 289 23.56 -3.08 19.93
CA ASN A 289 22.37 -2.25 20.08
C ASN A 289 21.29 -2.73 19.12
N GLY A 290 20.04 -2.54 19.52
CA GLY A 290 18.91 -3.08 18.79
C GLY A 290 18.80 -2.54 17.37
N PRO A 291 18.50 -1.25 17.25
CA PRO A 291 18.30 -0.67 15.90
C PRO A 291 19.50 -0.86 14.98
N GLU A 292 20.72 -0.96 15.52
CA GLU A 292 21.88 -1.18 14.66
C GLU A 292 21.75 -2.49 13.89
N ILE A 293 21.13 -3.51 14.49
CA ILE A 293 20.96 -4.81 13.82
C ILE A 293 19.63 -4.73 13.07
N LEU A 294 19.68 -4.10 11.90
CA LEU A 294 18.54 -4.03 11.00
C LEU A 294 19.00 -3.44 9.68
N ASN A 295 18.47 -3.95 8.58
CA ASN A 295 18.85 -3.46 7.26
C ASN A 295 17.68 -3.63 6.31
N LYS A 296 17.71 -2.86 5.22
CA LYS A 296 16.62 -2.89 4.25
C LYS A 296 16.81 -4.01 3.22
N TYR A 297 18.05 -4.41 2.95
CA TYR A 297 18.29 -5.48 2.00
C TYR A 297 17.83 -6.82 2.58
N VAL A 298 17.77 -7.82 1.71
CA VAL A 298 17.26 -9.14 2.08
C VAL A 298 18.41 -9.97 2.62
N GLY A 299 18.15 -10.68 3.72
CA GLY A 299 19.14 -11.59 4.29
C GLY A 299 20.41 -10.91 4.73
N GLU A 300 20.32 -9.70 5.26
CA GLU A 300 21.47 -9.01 5.85
C GLU A 300 21.40 -8.96 7.36
N SER A 301 20.20 -8.76 7.93
CA SER A 301 20.06 -8.78 9.37
C SER A 301 20.47 -10.14 9.94
N GLU A 302 20.10 -11.22 9.24
CA GLU A 302 20.48 -12.55 9.70
C GLU A 302 21.99 -12.70 9.77
N ALA A 303 22.71 -12.13 8.79
CA ALA A 303 24.16 -12.19 8.83
C ALA A 303 24.72 -11.47 10.06
N ASN A 304 24.17 -10.29 10.36
CA ASN A 304 24.62 -9.56 11.54
C ASN A 304 24.36 -10.37 12.80
N ILE A 305 23.19 -10.99 12.89
CA ILE A 305 22.86 -11.78 14.08
C ILE A 305 23.83 -12.96 14.21
N ARG A 306 24.08 -13.66 13.10
CA ARG A 306 24.94 -14.83 13.16
C ARG A 306 26.41 -14.47 13.39
N LYS A 307 26.81 -13.24 13.08
CA LYS A 307 28.21 -12.87 13.19
C LYS A 307 28.73 -12.87 14.62
N LEU A 308 27.84 -12.88 15.61
CA LEU A 308 28.29 -12.68 17.00
C LEU A 308 28.92 -13.94 17.58
N PHE A 309 28.45 -15.13 17.20
CA PHE A 309 28.82 -16.37 17.88
C PHE A 309 30.01 -17.08 17.24
N ALA A 310 30.73 -16.41 16.33
CA ALA A 310 31.83 -17.07 15.64
C ALA A 310 32.92 -17.50 16.60
N ASP A 311 33.32 -16.60 17.50
CA ASP A 311 34.37 -16.93 18.47
C ASP A 311 33.92 -18.06 19.38
N ALA A 312 32.66 -18.03 19.82
CA ALA A 312 32.14 -19.10 20.66
C ALA A 312 32.23 -20.44 19.94
N GLU A 313 31.84 -20.48 18.66
CA GLU A 313 31.93 -21.73 17.90
C GLU A 313 33.38 -22.18 17.80
N GLU A 314 34.29 -21.26 17.49
CA GLU A 314 35.69 -21.61 17.31
C GLU A 314 36.27 -22.23 18.57
N GLU A 315 36.03 -21.59 19.72
CA GLU A 315 36.59 -22.11 20.97
C GLU A 315 35.87 -23.37 21.43
N GLN A 316 34.58 -23.49 21.14
CA GLN A 316 33.88 -24.74 21.45
C GLN A 316 34.48 -25.90 20.68
N ARG A 317 34.90 -25.65 19.43
CA ARG A 317 35.51 -26.71 18.65
C ARG A 317 36.93 -27.01 19.15
N ARG A 318 37.79 -26.00 19.19
CA ARG A 318 39.20 -26.24 19.50
C ARG A 318 39.38 -26.79 20.91
N LEU A 319 39.04 -25.98 21.92
CA LEU A 319 39.30 -26.37 23.30
C LEU A 319 38.40 -27.50 23.79
N GLY A 320 37.35 -27.85 23.05
CA GLY A 320 36.48 -28.93 23.45
C GLY A 320 35.50 -28.54 24.54
N ALA A 321 35.72 -29.02 25.76
CA ALA A 321 34.84 -28.76 26.89
C ALA A 321 35.58 -28.09 28.04
N ASN A 322 36.51 -27.17 27.71
CA ASN A 322 37.25 -26.43 28.72
C ASN A 322 37.30 -24.94 28.45
N SER A 323 36.63 -24.45 27.40
CA SER A 323 36.71 -23.04 27.05
C SER A 323 36.04 -22.19 28.14
N GLY A 324 36.37 -20.90 28.12
CA GLY A 324 35.82 -19.96 29.07
C GLY A 324 34.52 -19.34 28.59
N LEU A 325 33.95 -18.52 29.46
CA LEU A 325 32.66 -17.89 29.15
C LEU A 325 32.82 -16.73 28.18
N HIS A 326 31.86 -16.61 27.27
CA HIS A 326 31.68 -15.41 26.46
C HIS A 326 30.29 -14.86 26.74
N ILE A 327 30.23 -13.57 27.06
CA ILE A 327 28.96 -12.91 27.38
C ILE A 327 28.65 -11.89 26.29
N ILE A 328 27.44 -11.98 25.74
CA ILE A 328 26.93 -11.00 24.79
C ILE A 328 25.88 -10.16 25.51
N ILE A 329 25.85 -8.87 25.18
CA ILE A 329 25.00 -7.91 25.87
C ILE A 329 24.13 -7.24 24.82
N PHE A 330 22.87 -7.66 24.71
CA PHE A 330 21.92 -7.01 23.83
C PHE A 330 21.37 -5.75 24.50
N ASP A 331 20.87 -4.84 23.68
CA ASP A 331 20.26 -3.61 24.16
C ASP A 331 19.04 -3.29 23.31
N GLU A 332 17.99 -2.79 23.97
CA GLU A 332 16.72 -2.52 23.31
C GLU A 332 16.27 -3.74 22.51
N ILE A 333 16.30 -4.90 23.17
CA ILE A 333 15.97 -6.16 22.51
C ILE A 333 14.54 -6.14 21.97
N ASP A 334 13.69 -5.24 22.45
CA ASP A 334 12.32 -5.17 21.97
C ASP A 334 12.23 -4.71 20.52
N ALA A 335 13.30 -4.08 19.99
CA ALA A 335 13.26 -3.60 18.62
C ALA A 335 13.08 -4.75 17.62
N ILE A 336 13.82 -5.84 17.81
CA ILE A 336 13.75 -7.00 16.93
C ILE A 336 12.78 -7.98 17.56
N CYS A 337 11.50 -7.85 17.21
CA CYS A 337 10.45 -8.66 17.82
C CYS A 337 9.18 -8.49 17.00
N LYS A 338 8.34 -9.53 17.03
CA LYS A 338 7.03 -9.49 16.37
C LYS A 338 5.95 -9.62 17.43
N GLN A 339 5.66 -8.51 18.09
CA GLN A 339 4.47 -8.42 18.94
C GLN A 339 3.81 -7.05 18.82
N ARG A 340 4.24 -6.21 17.89
CA ARG A 340 3.80 -4.81 17.82
C ARG A 340 2.43 -4.73 17.14
N GLY A 341 1.44 -5.27 17.82
CA GLY A 341 0.07 -5.14 17.37
C GLY A 341 -0.61 -3.95 18.03
N SER A 342 -0.65 -2.83 17.33
CA SER A 342 -1.21 -1.59 17.89
C SER A 342 -1.62 -0.64 16.77
N VAL A 349 8.73 -6.25 10.94
CA VAL A 349 9.82 -6.49 11.89
C VAL A 349 10.65 -7.70 11.48
N HIS A 350 10.28 -8.34 10.36
CA HIS A 350 11.04 -9.45 9.80
C HIS A 350 11.15 -10.59 10.82
N ASP A 351 9.99 -11.21 11.08
CA ASP A 351 9.88 -12.32 12.03
C ASP A 351 11.03 -13.31 11.89
N THR A 352 11.60 -13.41 10.69
CA THR A 352 12.74 -14.29 10.47
C THR A 352 13.90 -13.97 11.41
N VAL A 353 14.03 -12.72 11.85
CA VAL A 353 15.16 -12.33 12.69
C VAL A 353 15.12 -13.07 14.02
N VAL A 354 13.97 -13.01 14.70
CA VAL A 354 13.85 -13.68 15.99
C VAL A 354 13.96 -15.19 15.80
N ASN A 355 13.47 -15.71 14.68
CA ASN A 355 13.62 -17.14 14.39
C ASN A 355 15.09 -17.51 14.31
N GLN A 356 15.89 -16.69 13.63
CA GLN A 356 17.32 -16.96 13.54
C GLN A 356 17.97 -16.89 14.92
N LEU A 357 17.59 -15.89 15.72
CA LEU A 357 18.17 -15.76 17.05
C LEU A 357 17.86 -17.00 17.90
N LEU A 358 16.61 -17.45 17.89
CA LEU A 358 16.25 -18.63 18.66
C LEU A 358 16.94 -19.87 18.14
N SER A 359 17.06 -20.01 16.83
CA SER A 359 17.77 -21.16 16.27
C SER A 359 19.22 -21.17 16.71
N LYS A 360 19.84 -19.99 16.80
CA LYS A 360 21.25 -19.94 17.19
C LYS A 360 21.43 -20.21 18.67
N ILE A 361 20.59 -19.63 19.53
CA ILE A 361 20.77 -19.80 20.96
C ILE A 361 20.50 -21.24 21.37
N ASP A 362 19.42 -21.83 20.85
CA ASP A 362 19.05 -23.21 21.13
C ASP A 362 18.68 -23.88 19.82
N GLY A 363 19.44 -24.90 19.44
CA GLY A 363 19.21 -25.57 18.18
C GLY A 363 19.77 -26.97 18.19
N VAL A 364 19.88 -27.54 16.99
CA VAL A 364 20.39 -28.90 16.85
C VAL A 364 21.80 -29.00 17.42
N GLU A 365 22.66 -28.05 17.05
CA GLU A 365 24.00 -27.96 17.62
C GLU A 365 23.94 -27.15 18.91
N GLN A 366 24.63 -27.63 19.93
CA GLN A 366 24.56 -27.07 21.28
C GLN A 366 25.83 -26.31 21.62
N LEU A 367 25.66 -25.12 22.19
CA LEU A 367 26.75 -24.33 22.74
C LEU A 367 26.63 -24.34 24.26
N ASN A 368 27.75 -24.61 24.94
CA ASN A 368 27.75 -24.77 26.39
C ASN A 368 28.65 -23.76 27.10
N ASN A 369 29.07 -22.70 26.41
CA ASN A 369 29.99 -21.72 26.98
C ASN A 369 29.56 -20.31 26.64
N ILE A 370 28.26 -20.01 26.77
CA ILE A 370 27.71 -18.72 26.39
C ILE A 370 26.78 -18.22 27.49
N LEU A 371 26.52 -16.91 27.47
CA LEU A 371 25.61 -16.27 28.41
C LEU A 371 25.11 -14.98 27.79
N VAL A 372 23.80 -14.88 27.60
CA VAL A 372 23.19 -13.75 26.91
C VAL A 372 22.39 -12.93 27.92
N ILE A 373 22.66 -11.63 27.95
CA ILE A 373 21.98 -10.71 28.87
C ILE A 373 21.17 -9.73 28.04
N GLY A 374 19.87 -9.65 28.33
CA GLY A 374 18.97 -8.77 27.60
C GLY A 374 18.63 -7.51 28.39
N MET A 375 18.15 -6.51 27.65
CA MET A 375 17.76 -5.24 28.24
C MET A 375 16.57 -4.69 27.47
N THR A 376 15.61 -4.08 28.15
CA THR A 376 14.36 -3.59 27.51
C THR A 376 13.70 -2.56 28.42
N ASN A 377 12.95 -1.61 27.87
CA ASN A 377 12.24 -0.58 28.66
C ASN A 377 10.76 -1.00 28.72
N ARG A 378 10.26 -1.71 27.70
CA ARG A 378 8.86 -2.17 27.61
C ARG A 378 8.84 -3.70 27.69
N PRO A 379 8.50 -4.32 28.83
CA PRO A 379 8.63 -5.77 28.95
C PRO A 379 7.42 -6.58 28.47
N ASP A 380 6.40 -5.95 27.90
CA ASP A 380 5.20 -6.58 27.38
C ASP A 380 5.16 -6.63 25.85
N LEU A 381 6.25 -6.25 25.19
CA LEU A 381 6.36 -6.35 23.73
C LEU A 381 7.27 -7.48 23.29
N ILE A 382 7.70 -8.34 24.22
CA ILE A 382 8.68 -9.37 23.91
C ILE A 382 7.97 -10.63 23.45
N ASP A 383 8.47 -11.23 22.38
CA ASP A 383 7.89 -12.46 21.87
C ASP A 383 7.89 -13.53 22.95
N GLU A 384 6.76 -14.23 23.07
CA GLU A 384 6.61 -15.22 24.14
C GLU A 384 7.62 -16.34 24.00
N ALA A 385 7.87 -16.81 22.77
CA ALA A 385 8.73 -17.96 22.57
C ALA A 385 10.13 -17.73 23.11
N LEU A 386 10.53 -16.48 23.30
CA LEU A 386 11.86 -16.13 23.78
C LEU A 386 11.95 -16.12 25.30
N LEU A 387 10.95 -16.63 26.00
CA LEU A 387 10.95 -16.61 27.46
C LEU A 387 10.63 -17.99 28.06
N ARG A 388 10.83 -19.06 27.31
CA ARG A 388 10.57 -20.40 27.82
C ARG A 388 11.80 -20.95 28.52
N PRO A 389 11.63 -21.96 29.38
CA PRO A 389 12.79 -22.57 30.04
C PRO A 389 13.77 -23.11 29.01
N GLY A 390 15.06 -22.98 29.30
CA GLY A 390 16.13 -23.29 28.38
C GLY A 390 16.62 -22.09 27.59
N ARG A 391 15.82 -21.03 27.53
CA ARG A 391 16.17 -19.75 26.96
C ARG A 391 16.10 -18.71 28.07
N LEU A 392 16.12 -17.43 27.69
CA LEU A 392 16.03 -16.37 28.69
C LEU A 392 14.92 -16.71 29.69
N GLU A 393 15.28 -16.95 30.95
CA GLU A 393 14.35 -17.57 31.89
C GLU A 393 14.44 -17.01 33.30
N VAL A 394 15.12 -15.89 33.50
CA VAL A 394 15.23 -15.27 34.82
C VAL A 394 15.06 -13.77 34.62
N LYS A 395 13.90 -13.24 35.02
CA LYS A 395 13.59 -11.84 34.84
C LYS A 395 13.94 -11.05 36.10
N MET A 396 13.82 -9.74 36.02
CA MET A 396 14.16 -8.89 37.16
C MET A 396 13.78 -7.45 36.81
N GLU A 397 13.74 -6.60 37.84
CA GLU A 397 13.34 -5.21 37.68
C GLU A 397 14.26 -4.33 38.51
N ILE A 398 14.89 -3.35 37.85
CA ILE A 398 15.69 -2.33 38.51
C ILE A 398 14.85 -1.07 38.57
N GLY A 399 14.35 -0.73 39.76
CA GLY A 399 13.42 0.37 39.92
C GLY A 399 14.10 1.67 40.31
N LEU A 400 13.28 2.69 40.51
CA LEU A 400 13.79 3.99 40.90
C LEU A 400 14.42 3.90 42.29
N PRO A 401 15.49 4.65 42.57
CA PRO A 401 16.13 4.57 43.87
C PRO A 401 15.31 5.26 44.95
N ASP A 402 15.76 5.09 46.19
CA ASP A 402 15.14 5.72 47.36
C ASP A 402 16.19 6.60 48.06
N GLU A 403 15.82 7.11 49.24
CA GLU A 403 16.67 8.07 49.94
C GLU A 403 18.08 7.50 50.15
N LYS A 404 18.19 6.35 50.81
CA LYS A 404 19.51 5.76 51.11
C LYS A 404 20.28 5.66 49.81
N GLY A 405 19.62 5.19 48.76
CA GLY A 405 20.30 5.00 47.48
C GLY A 405 20.79 6.32 46.98
N ARG A 406 19.99 7.36 47.11
CA ARG A 406 20.38 8.67 46.56
C ARG A 406 21.60 9.18 47.31
N LEU A 407 21.63 9.03 48.63
CA LEU A 407 22.81 9.46 49.43
C LEU A 407 24.01 8.68 48.90
N GLN A 408 23.89 7.37 48.70
CA GLN A 408 25.05 6.54 48.27
C GLN A 408 25.53 7.02 46.90
N ILE A 409 24.65 7.23 45.92
CA ILE A 409 25.09 7.59 44.55
C ILE A 409 25.80 8.92 44.65
N LEU A 410 25.22 9.85 45.40
CA LEU A 410 25.78 11.22 45.46
C LEU A 410 27.18 11.14 46.08
N HIS A 411 27.35 10.40 47.17
CA HIS A 411 28.65 10.27 47.85
C HIS A 411 29.67 9.66 46.89
N ILE A 412 29.23 8.62 46.16
CA ILE A 412 30.17 7.97 45.25
C ILE A 412 30.67 8.96 44.21
N HIS A 413 29.74 9.69 43.57
CA HIS A 413 30.16 10.60 42.51
C HIS A 413 30.99 11.76 43.06
N THR A 414 30.70 12.22 44.28
CA THR A 414 31.41 13.37 44.81
C THR A 414 32.71 13.00 45.51
N ALA A 415 33.05 11.71 45.58
CA ALA A 415 34.13 11.29 46.47
C ALA A 415 35.51 11.69 45.98
N ARG A 416 35.69 12.14 44.74
CA ARG A 416 37.00 12.58 44.29
C ARG A 416 37.22 14.05 44.59
N MET A 417 36.19 14.87 44.35
CA MET A 417 36.28 16.30 44.63
C MET A 417 36.66 16.55 46.08
N ARG A 418 35.99 15.85 47.00
CA ARG A 418 36.35 15.94 48.41
C ARG A 418 37.72 15.36 48.68
N GLY A 419 38.27 14.57 47.76
CA GLY A 419 39.62 14.08 47.94
C GLY A 419 40.64 15.20 48.02
N HIS A 420 40.50 16.19 47.14
CA HIS A 420 41.36 17.37 47.16
C HIS A 420 40.87 18.44 48.12
N GLN A 421 39.94 18.10 49.02
CA GLN A 421 39.46 19.03 50.04
C GLN A 421 39.04 20.36 49.43
N LEU A 422 38.35 20.29 48.29
CA LEU A 422 37.78 21.45 47.63
C LEU A 422 36.25 21.44 47.68
N LEU A 423 35.66 20.47 48.37
CA LEU A 423 34.22 20.43 48.64
C LEU A 423 34.01 20.19 50.13
N SER A 424 32.80 19.86 50.53
CA SER A 424 32.40 19.64 51.92
C SER A 424 32.45 20.92 52.73
N ALA A 425 32.51 22.08 52.08
CA ALA A 425 32.52 23.36 52.79
C ALA A 425 31.07 23.70 53.15
N ASP A 426 30.60 23.07 54.22
CA ASP A 426 29.24 23.26 54.70
C ASP A 426 28.21 22.92 53.62
N VAL A 427 28.36 21.71 53.03
CA VAL A 427 27.41 21.17 52.06
C VAL A 427 27.07 19.77 52.54
N ASP A 428 25.88 19.59 53.08
CA ASP A 428 25.48 18.31 53.65
C ASP A 428 24.91 17.42 52.55
N ILE A 429 25.45 16.22 52.40
CA ILE A 429 24.96 15.32 51.37
C ILE A 429 23.54 14.87 51.69
N LYS A 430 23.21 14.65 52.94
CA LYS A 430 21.85 14.21 53.34
C LYS A 430 20.83 15.29 52.97
N GLU A 431 21.19 16.55 53.17
CA GLU A 431 20.29 17.68 52.83
C GLU A 431 20.05 17.61 51.33
N LEU A 432 21.11 17.46 50.54
CA LEU A 432 20.89 17.48 49.07
C LEU A 432 20.03 16.26 48.74
N ALA A 433 20.21 15.14 49.44
CA ALA A 433 19.49 13.88 49.20
C ALA A 433 17.99 14.00 49.46
N VAL A 434 17.56 14.68 50.51
CA VAL A 434 16.09 14.71 50.81
C VAL A 434 15.47 15.74 49.89
N GLU A 435 16.26 16.58 49.25
CA GLU A 435 15.73 17.53 48.29
C GLU A 435 15.32 16.83 47.00
N THR A 436 16.14 15.88 46.53
CA THR A 436 15.86 15.14 45.31
C THR A 436 14.83 14.06 45.62
N LYS A 437 13.59 14.27 45.17
CA LYS A 437 12.50 13.36 45.53
C LYS A 437 12.49 12.11 44.65
N ASN A 438 12.31 12.30 43.35
CA ASN A 438 12.15 11.19 42.42
C ASN A 438 13.23 11.19 41.34
N PHE A 439 14.39 11.76 41.65
CA PHE A 439 15.49 11.77 40.69
C PHE A 439 15.93 10.35 40.39
N SER A 440 16.34 10.13 39.14
CA SER A 440 16.86 8.85 38.71
C SER A 440 18.38 8.84 38.90
N GLY A 441 19.04 7.81 38.37
CA GLY A 441 20.48 7.69 38.54
C GLY A 441 21.28 8.78 37.86
N ALA A 442 21.22 8.84 36.53
CA ALA A 442 22.10 9.73 35.78
C ALA A 442 21.87 11.20 36.12
N GLU A 443 20.66 11.54 36.58
CA GLU A 443 20.35 12.94 36.84
C GLU A 443 21.08 13.46 38.07
N LEU A 444 21.36 12.61 39.06
CA LEU A 444 22.17 13.04 40.19
C LEU A 444 23.56 13.45 39.72
N GLU A 445 24.17 12.63 38.87
CA GLU A 445 25.46 12.96 38.30
C GLU A 445 25.39 14.24 37.48
N GLY A 446 24.31 14.42 36.72
CA GLY A 446 24.15 15.65 35.97
C GLY A 446 24.07 16.87 36.88
N LEU A 447 23.37 16.74 38.00
CA LEU A 447 23.33 17.83 38.98
C LEU A 447 24.72 18.15 39.50
N VAL A 448 25.51 17.12 39.80
CA VAL A 448 26.87 17.35 40.27
C VAL A 448 27.69 18.10 39.22
N ARG A 449 27.59 17.65 37.96
CA ARG A 449 28.34 18.28 36.89
C ARG A 449 27.96 19.75 36.75
N ALA A 450 26.66 20.02 36.73
CA ALA A 450 26.19 21.38 36.52
C ALA A 450 26.61 22.28 37.66
N ALA A 451 26.54 21.78 38.90
CA ALA A 451 26.99 22.58 40.04
C ALA A 451 28.47 22.94 39.89
N GLN A 452 29.29 21.95 39.53
CA GLN A 452 30.71 22.24 39.33
C GLN A 452 30.91 23.34 38.30
N SER A 453 30.26 23.19 37.13
CA SER A 453 30.48 24.16 36.05
C SER A 453 30.02 25.55 36.46
N THR A 454 28.85 25.66 37.09
CA THR A 454 28.34 26.96 37.49
C THR A 454 29.27 27.61 38.51
N ALA A 455 29.77 26.88 39.47
CA ALA A 455 30.67 27.45 40.45
C ALA A 455 31.96 27.94 39.79
N MET A 456 32.50 27.16 38.86
CA MET A 456 33.72 27.59 38.17
C MET A 456 33.49 28.89 37.42
N ASN A 457 32.37 28.99 36.70
CA ASN A 457 32.08 30.22 35.95
C ASN A 457 31.93 31.40 36.89
N ARG A 458 31.22 31.21 38.01
CA ARG A 458 31.07 32.30 38.97
C ARG A 458 32.42 32.76 39.50
N HIS A 459 33.28 31.80 39.85
CA HIS A 459 34.58 32.17 40.42
C HIS A 459 35.42 32.93 39.40
N ILE A 460 35.46 32.46 38.16
CA ILE A 460 36.27 33.16 37.16
C ILE A 460 35.75 34.56 36.93
N LYS A 461 34.41 34.72 36.85
CA LYS A 461 33.85 36.05 36.64
C LYS A 461 34.21 36.97 37.80
N ALA A 462 34.03 36.50 39.04
CA ALA A 462 34.34 37.33 40.19
C ALA A 462 35.81 37.70 40.26
N SER A 463 36.71 36.74 40.00
CA SER A 463 38.14 37.03 40.06
C SER A 463 38.54 38.00 38.96
N THR A 464 37.93 37.90 37.78
CA THR A 464 38.20 38.86 36.72
C THR A 464 37.66 40.24 37.09
N LYS A 465 36.59 40.30 37.88
CA LYS A 465 36.03 41.60 38.25
C LYS A 465 36.93 42.35 39.22
N VAL A 466 37.50 41.64 40.20
CA VAL A 466 38.26 42.27 41.27
C VAL A 466 39.69 41.76 41.25
N GLU A 467 40.62 42.64 41.61
CA GLU A 467 42.05 42.31 41.66
C GLU A 467 42.39 41.62 42.98
N VAL A 468 41.81 40.43 43.16
CA VAL A 468 42.03 39.67 44.39
C VAL A 468 43.46 39.15 44.41
N ASP A 469 43.96 38.90 45.62
CA ASP A 469 45.27 38.30 45.77
C ASP A 469 45.24 36.85 45.31
N MET A 470 46.44 36.27 45.11
CA MET A 470 46.54 34.90 44.61
C MET A 470 45.85 33.90 45.54
N GLU A 471 45.67 34.26 46.82
CA GLU A 471 45.08 33.33 47.78
C GLU A 471 43.73 32.80 47.30
N LYS A 472 42.82 33.70 46.94
CA LYS A 472 41.52 33.30 46.43
C LYS A 472 41.56 33.00 44.94
N ALA A 473 42.52 33.56 44.20
CA ALA A 473 42.66 33.19 42.80
C ALA A 473 42.94 31.71 42.64
N GLU A 474 43.67 31.11 43.58
CA GLU A 474 43.87 29.66 43.55
C GLU A 474 42.63 28.93 44.04
N SER A 475 41.87 29.53 44.95
CA SER A 475 40.70 28.87 45.53
C SER A 475 39.59 28.79 44.49
N LEU A 476 39.22 27.56 44.12
CA LEU A 476 38.12 27.30 43.20
C LEU A 476 37.01 26.49 43.88
N GLN A 477 36.78 26.76 45.16
CA GLN A 477 35.87 25.94 45.94
C GLN A 477 34.45 26.05 45.42
N VAL A 478 33.71 24.94 45.50
CA VAL A 478 32.30 24.89 45.13
C VAL A 478 31.49 25.09 46.39
N THR A 479 30.35 25.77 46.27
CA THR A 479 29.58 26.22 47.42
C THR A 479 28.21 25.54 47.46
N ARG A 480 27.60 25.57 48.65
CA ARG A 480 26.25 25.05 48.81
C ARG A 480 25.26 25.84 47.95
N GLY A 481 25.42 27.16 47.89
CA GLY A 481 24.54 27.97 47.08
C GLY A 481 24.56 27.56 45.62
N ASP A 482 25.72 27.09 45.14
CA ASP A 482 25.79 26.54 43.76
C ASP A 482 25.00 25.25 43.60
N PHE A 483 25.07 24.36 44.57
CA PHE A 483 24.34 23.06 44.52
C PHE A 483 22.83 23.36 44.56
N LEU A 484 22.41 24.38 45.29
CA LEU A 484 20.95 24.67 45.48
C LEU A 484 20.42 25.52 44.32
N ALA A 485 21.20 26.39 43.70
CA ALA A 485 20.75 27.13 42.52
C ALA A 485 20.68 26.23 41.30
N SER A 486 21.68 25.38 41.10
CA SER A 486 21.66 24.47 39.96
C SER A 486 20.49 23.51 40.06
N LEU A 487 20.22 23.00 41.27
CA LEU A 487 19.06 22.13 41.46
C LEU A 487 17.77 22.88 41.14
N GLU A 488 17.67 24.14 41.59
CA GLU A 488 16.44 24.90 41.39
C GLU A 488 16.18 25.20 39.91
N ASN A 489 17.23 25.53 39.16
CA ASN A 489 17.05 26.14 37.85
C ASN A 489 17.59 25.34 36.67
N ASP A 490 18.42 24.33 36.90
CA ASP A 490 19.13 23.66 35.81
C ASP A 490 18.58 22.27 35.54
N ILE A 491 18.51 21.41 36.55
CA ILE A 491 18.06 20.04 36.34
C ILE A 491 16.54 20.00 36.33
N LYS A 492 15.97 19.23 35.40
CA LYS A 492 14.53 19.05 35.30
C LYS A 492 14.23 17.56 35.31
N PRO A 493 13.64 17.01 36.37
CA PRO A 493 13.38 15.57 36.41
C PRO A 493 12.38 15.15 35.34
N ALA A 494 12.50 13.89 34.92
CA ALA A 494 11.60 13.31 33.94
C ALA A 494 10.42 12.58 34.55
N PHE A 495 10.60 12.01 35.75
CA PHE A 495 9.53 11.31 36.45
C PHE A 495 9.06 12.07 37.69
N GLY A 496 9.45 13.33 37.83
CA GLY A 496 9.13 14.09 39.03
C GLY A 496 8.26 15.29 38.77
N THR A 497 8.13 16.16 39.78
CA THR A 497 7.29 17.34 39.65
C THR A 497 7.89 18.31 38.64
N ASN A 498 7.14 19.37 38.36
CA ASN A 498 7.55 20.38 37.38
C ASN A 498 6.84 21.69 37.72
N GLN A 499 7.59 22.66 38.24
CA GLN A 499 6.99 23.89 38.73
C GLN A 499 6.78 24.94 37.64
N GLU A 500 7.41 24.77 36.47
CA GLU A 500 7.40 25.81 35.46
C GLU A 500 6.14 25.81 34.60
N ASP A 501 5.24 24.84 34.78
CA ASP A 501 4.01 24.79 33.99
C ASP A 501 2.76 25.18 34.77
N TYR A 502 2.81 25.18 36.10
CA TYR A 502 1.66 25.63 36.88
C TYR A 502 1.35 27.10 36.59
N ALA A 503 2.38 27.93 36.53
CA ALA A 503 2.15 29.35 36.25
C ALA A 503 1.49 29.56 34.90
N SER A 504 1.70 28.63 33.96
CA SER A 504 1.10 28.76 32.64
C SER A 504 -0.41 28.56 32.66
N TYR A 505 -0.98 28.08 33.75
CA TYR A 505 -2.41 27.89 33.87
C TYR A 505 -3.04 28.82 34.89
N ILE A 506 -2.55 28.82 36.14
CA ILE A 506 -3.03 29.76 37.16
C ILE A 506 -2.15 30.99 37.04
N MET A 507 -2.52 31.88 36.11
CA MET A 507 -1.69 33.04 35.81
C MET A 507 -2.02 34.20 36.75
N ASN A 508 -3.29 34.58 36.83
CA ASN A 508 -3.70 35.69 37.67
C ASN A 508 -3.94 35.27 39.12
N GLY A 509 -3.79 34.00 39.46
CA GLY A 509 -3.92 33.54 40.81
C GLY A 509 -5.37 33.32 41.22
N ILE A 510 -5.54 32.78 42.41
CA ILE A 510 -6.85 32.49 42.98
C ILE A 510 -7.25 33.62 43.91
N ILE A 511 -8.37 34.28 43.61
CA ILE A 511 -8.93 35.33 44.45
C ILE A 511 -10.25 34.83 45.01
N LYS A 512 -10.40 34.92 46.33
CA LYS A 512 -11.58 34.42 47.01
C LYS A 512 -12.70 35.45 46.90
N TRP A 513 -13.73 35.13 46.13
CA TRP A 513 -14.87 36.02 45.95
C TRP A 513 -16.15 35.46 46.58
N GLY A 514 -16.10 34.29 47.21
CA GLY A 514 -17.28 33.75 47.83
C GLY A 514 -17.01 32.40 48.45
N ASP A 515 -18.03 31.90 49.14
CA ASP A 515 -17.94 30.60 49.80
C ASP A 515 -17.63 29.45 48.83
N PRO A 516 -18.20 29.39 47.63
CA PRO A 516 -17.99 28.20 46.78
C PRO A 516 -16.53 27.85 46.57
N VAL A 517 -15.64 28.84 46.44
CA VAL A 517 -14.23 28.55 46.27
C VAL A 517 -13.71 27.78 47.48
N THR A 518 -14.05 28.25 48.68
CA THR A 518 -13.64 27.56 49.89
C THR A 518 -14.19 26.14 49.93
N ARG A 519 -15.46 25.98 49.55
CA ARG A 519 -16.06 24.65 49.56
C ARG A 519 -15.31 23.70 48.63
N VAL A 520 -15.02 24.16 47.41
CA VAL A 520 -14.34 23.30 46.44
C VAL A 520 -12.95 22.92 46.94
N LEU A 521 -12.21 23.91 47.46
CA LEU A 521 -10.85 23.62 47.92
C LEU A 521 -10.87 22.65 49.10
N ASP A 522 -11.82 22.82 50.03
CA ASP A 522 -11.92 21.90 51.15
C ASP A 522 -12.25 20.49 50.68
N ASP A 523 -13.16 20.36 49.71
CA ASP A 523 -13.48 19.05 49.18
C ASP A 523 -12.27 18.41 48.53
N GLY A 524 -11.49 19.18 47.78
CA GLY A 524 -10.27 18.64 47.19
C GLY A 524 -9.30 18.16 48.24
N GLU A 525 -9.12 18.94 49.30
CA GLU A 525 -8.25 18.51 50.40
C GLU A 525 -8.75 17.21 51.00
N LEU A 526 -10.06 17.09 51.22
CA LEU A 526 -10.61 15.87 51.79
C LEU A 526 -10.32 14.67 50.90
N LEU A 527 -10.50 14.83 49.58
CA LEU A 527 -10.23 13.72 48.68
C LEU A 527 -8.75 13.34 48.69
N VAL A 528 -7.87 14.33 48.72
CA VAL A 528 -6.44 14.04 48.77
C VAL A 528 -6.09 13.24 50.03
N GLN A 529 -6.63 13.68 51.18
CA GLN A 529 -6.38 12.94 52.42
C GLN A 529 -6.94 11.53 52.34
N GLN A 530 -8.11 11.37 51.73
CA GLN A 530 -8.68 10.04 51.60
C GLN A 530 -7.77 9.13 50.77
N THR A 531 -7.23 9.64 49.67
CA THR A 531 -6.44 8.78 48.79
C THR A 531 -5.06 8.49 49.36
N LYS A 532 -4.45 9.42 50.10
CA LYS A 532 -3.08 9.22 50.56
C LYS A 532 -2.99 7.99 51.48
N ASN A 533 -3.64 8.04 52.64
CA ASN A 533 -3.59 6.96 53.61
C ASN A 533 -4.92 6.22 53.58
N SER A 534 -4.90 4.97 53.15
CA SER A 534 -6.12 4.17 53.05
C SER A 534 -5.75 2.77 52.58
N ASP A 535 -6.75 1.90 52.57
CA ASP A 535 -6.63 0.57 52.02
C ASP A 535 -8.01 0.12 51.55
N ARG A 536 -8.04 -0.89 50.71
CA ARG A 536 -9.27 -1.39 50.10
C ARG A 536 -9.80 -0.47 49.02
N THR A 537 -9.07 0.59 48.69
CA THR A 537 -9.49 1.55 47.66
C THR A 537 -8.27 2.31 47.18
N PRO A 538 -7.46 1.74 46.29
CA PRO A 538 -6.24 2.41 45.84
C PRO A 538 -6.39 3.27 44.59
N LEU A 539 -7.61 3.53 44.13
CA LEU A 539 -7.84 4.32 42.92
C LEU A 539 -9.05 5.21 43.15
N VAL A 540 -8.87 6.52 42.95
CA VAL A 540 -9.93 7.49 43.17
C VAL A 540 -10.05 8.37 41.93
N SER A 541 -11.26 8.88 41.69
CA SER A 541 -11.52 9.75 40.55
C SER A 541 -12.47 10.86 40.99
N VAL A 542 -12.50 11.93 40.19
CA VAL A 542 -13.36 13.07 40.49
C VAL A 542 -13.49 13.89 39.22
N LEU A 543 -14.60 14.62 39.10
CA LEU A 543 -14.90 15.40 37.91
C LEU A 543 -15.43 16.77 38.33
N LEU A 544 -14.89 17.82 37.71
CA LEU A 544 -15.35 19.18 37.94
C LEU A 544 -16.20 19.62 36.75
N GLU A 545 -17.40 20.12 37.04
CA GLU A 545 -18.34 20.51 36.01
C GLU A 545 -18.89 21.90 36.32
N GLY A 546 -19.19 22.65 35.25
CA GLY A 546 -19.74 23.97 35.38
C GLY A 546 -19.95 24.63 34.03
N PRO A 547 -20.61 25.78 34.03
CA PRO A 547 -20.82 26.52 32.77
C PRO A 547 -19.51 27.06 32.23
N PRO A 548 -19.47 27.41 30.95
CA PRO A 548 -18.20 27.87 30.36
C PRO A 548 -17.72 29.16 31.01
N HIS A 549 -16.40 29.38 30.90
CA HIS A 549 -15.76 30.58 31.44
C HIS A 549 -15.94 30.70 32.95
N SER A 550 -16.01 29.56 33.64
CA SER A 550 -16.11 29.54 35.09
C SER A 550 -14.77 29.33 35.77
N GLY A 551 -13.71 29.05 35.03
CA GLY A 551 -12.42 28.80 35.64
C GLY A 551 -12.35 27.46 36.34
N LYS A 552 -12.49 26.38 35.58
CA LYS A 552 -12.47 25.02 36.14
C LYS A 552 -11.14 24.32 35.89
N THR A 553 -10.15 25.01 35.33
CA THR A 553 -8.80 24.48 35.17
C THR A 553 -7.84 25.02 36.20
N ALA A 554 -7.98 26.30 36.56
CA ALA A 554 -7.17 26.85 37.64
C ALA A 554 -7.43 26.12 38.94
N LEU A 555 -8.69 25.84 39.25
CA LEU A 555 -9.00 25.15 40.50
C LEU A 555 -8.40 23.75 40.53
N ALA A 556 -8.47 23.03 39.41
CA ALA A 556 -7.88 21.70 39.35
C ALA A 556 -6.37 21.78 39.54
N ALA A 557 -5.72 22.76 38.89
CA ALA A 557 -4.28 22.91 39.07
C ALA A 557 -3.93 23.19 40.53
N LYS A 558 -4.70 24.07 41.18
CA LYS A 558 -4.44 24.39 42.58
C LYS A 558 -4.62 23.17 43.47
N ILE A 559 -5.68 22.39 43.24
CA ILE A 559 -5.91 21.20 44.04
C ILE A 559 -4.75 20.23 43.87
N ALA A 560 -4.29 20.03 42.63
CA ALA A 560 -3.16 19.15 42.40
C ALA A 560 -1.91 19.65 43.11
N GLU A 561 -1.65 20.95 43.03
CA GLU A 561 -0.42 21.49 43.61
C GLU A 561 -0.42 21.36 45.12
N GLU A 562 -1.55 21.62 45.77
CA GLU A 562 -1.58 21.62 47.23
C GLU A 562 -1.46 20.23 47.84
N SER A 563 -1.21 19.16 47.09
CA SER A 563 -1.19 17.81 47.67
C SER A 563 0.20 17.32 48.06
N ASN A 564 1.26 17.96 47.57
CA ASN A 564 2.65 17.59 47.89
C ASN A 564 3.02 16.23 47.34
N PHE A 565 2.33 15.76 46.30
CA PHE A 565 2.66 14.46 45.73
C PHE A 565 4.00 14.56 44.96
N PRO A 566 4.73 13.45 44.84
CA PRO A 566 6.01 13.52 44.10
C PRO A 566 5.84 13.67 42.61
N PHE A 567 4.84 13.01 42.01
CA PHE A 567 4.68 12.97 40.56
C PHE A 567 3.34 13.61 40.20
N ILE A 568 3.40 14.79 39.59
CA ILE A 568 2.22 15.51 39.12
C ILE A 568 2.39 15.80 37.64
N LYS A 569 1.35 15.48 36.86
CA LYS A 569 1.38 15.69 35.41
C LYS A 569 0.04 16.29 34.98
N ILE A 570 0.05 16.98 33.85
CA ILE A 570 -1.15 17.63 33.32
C ILE A 570 -1.22 17.34 31.83
N CYS A 571 -2.03 16.36 31.44
CA CYS A 571 -2.34 16.12 30.05
C CYS A 571 -3.34 17.16 29.55
N SER A 572 -3.32 17.41 28.24
CA SER A 572 -4.20 18.40 27.64
C SER A 572 -4.09 18.27 26.13
N PRO A 573 -5.05 18.86 25.39
CA PRO A 573 -5.00 18.78 23.92
C PRO A 573 -4.09 19.82 23.28
N ASP A 574 -3.56 20.77 24.05
CA ASP A 574 -2.71 21.81 23.47
C ASP A 574 -1.46 21.23 22.83
N LYS A 575 -1.06 20.02 23.21
CA LYS A 575 0.16 19.39 22.71
C LYS A 575 -0.17 18.23 21.76
N MET A 576 -1.33 18.28 21.12
CA MET A 576 -1.74 17.22 20.18
C MET A 576 -2.39 17.82 18.94
N ILE A 577 -2.00 19.05 18.58
CA ILE A 577 -2.63 19.71 17.43
C ILE A 577 -2.33 18.94 16.16
N GLY A 578 -3.38 18.56 15.44
CA GLY A 578 -3.24 17.84 14.19
C GLY A 578 -3.05 16.35 14.33
N PHE A 579 -2.96 15.83 15.56
CA PHE A 579 -2.78 14.40 15.76
C PHE A 579 -4.03 13.63 15.36
N SER A 580 -3.82 12.43 14.81
CA SER A 580 -4.93 11.52 14.61
C SER A 580 -5.32 10.87 15.94
N GLU A 581 -6.37 10.05 15.90
CA GLU A 581 -6.83 9.42 17.13
C GLU A 581 -5.79 8.46 17.70
N THR A 582 -5.12 7.70 16.84
CA THR A 582 -4.16 6.71 17.31
C THR A 582 -3.02 7.37 18.07
N ALA A 583 -2.49 8.48 17.56
CA ALA A 583 -1.41 9.17 18.26
C ALA A 583 -1.85 9.64 19.64
N LYS A 584 -3.08 10.15 19.74
CA LYS A 584 -3.60 10.56 21.04
C LYS A 584 -3.69 9.38 21.99
N CYS A 585 -4.16 8.23 21.50
CA CYS A 585 -4.21 7.04 22.33
C CYS A 585 -2.82 6.68 22.85
N GLN A 586 -1.83 6.70 21.96
CA GLN A 586 -0.47 6.34 22.37
C GLN A 586 0.06 7.32 23.41
N ALA A 587 -0.17 8.62 23.22
CA ALA A 587 0.33 9.60 24.18
C ALA A 587 -0.30 9.41 25.55
N MET A 588 -1.62 9.23 25.58
CA MET A 588 -2.29 9.01 26.87
C MET A 588 -1.78 7.75 27.54
N LYS A 589 -1.61 6.67 26.76
CA LYS A 589 -1.10 5.43 27.32
C LYS A 589 0.29 5.63 27.92
N LYS A 590 1.14 6.38 27.22
CA LYS A 590 2.49 6.62 27.74
C LYS A 590 2.45 7.43 29.03
N ILE A 591 1.58 8.44 29.10
CA ILE A 591 1.50 9.23 30.32
C ILE A 591 1.07 8.35 31.49
N PHE A 592 0.06 7.50 31.28
CA PHE A 592 -0.38 6.64 32.37
C PHE A 592 0.70 5.62 32.75
N ASP A 593 1.43 5.11 31.76
CA ASP A 593 2.52 4.19 32.05
C ASP A 593 3.58 4.86 32.92
N ASP A 594 3.91 6.11 32.61
CA ASP A 594 4.83 6.86 33.47
C ASP A 594 4.25 7.01 34.87
N ALA A 595 2.96 7.31 34.97
CA ALA A 595 2.36 7.49 36.29
C ALA A 595 2.41 6.21 37.11
N TYR A 596 2.36 5.04 36.46
CA TYR A 596 2.36 3.79 37.21
C TYR A 596 3.70 3.44 37.84
N LYS A 597 4.77 4.19 37.56
CA LYS A 597 6.10 3.87 38.05
C LYS A 597 6.49 4.70 39.27
N SER A 598 5.55 4.99 40.16
CA SER A 598 5.85 5.77 41.35
C SER A 598 4.88 5.38 42.45
N GLN A 599 5.26 5.72 43.69
CA GLN A 599 4.46 5.36 44.86
C GLN A 599 3.27 6.29 45.07
N LEU A 600 3.25 7.46 44.43
CA LEU A 600 2.13 8.37 44.53
C LEU A 600 2.04 9.17 43.23
N SER A 601 0.82 9.44 42.78
CA SER A 601 0.64 10.06 41.48
C SER A 601 -0.58 10.95 41.49
N CYS A 602 -0.66 11.84 40.50
CA CYS A 602 -1.82 12.70 40.32
C CYS A 602 -1.82 13.16 38.87
N VAL A 603 -2.81 12.70 38.10
CA VAL A 603 -2.92 13.03 36.68
C VAL A 603 -4.14 13.90 36.47
N VAL A 604 -3.99 14.92 35.62
CA VAL A 604 -5.05 15.88 35.34
C VAL A 604 -5.38 15.81 33.86
N VAL A 605 -6.67 15.70 33.54
CA VAL A 605 -7.16 15.74 32.18
C VAL A 605 -7.89 17.06 32.00
N ASP A 606 -7.47 17.86 31.02
CA ASP A 606 -7.98 19.24 30.88
C ASP A 606 -9.39 19.25 30.34
N ASP A 607 -9.64 19.08 29.05
CA ASP A 607 -11.01 19.21 28.51
C ASP A 607 -11.39 17.90 27.86
N ILE A 608 -12.15 17.09 28.55
CA ILE A 608 -12.55 15.80 28.01
C ILE A 608 -13.39 15.94 26.75
N GLU A 609 -14.03 17.10 26.54
CA GLU A 609 -14.86 17.27 25.36
C GLU A 609 -14.01 17.46 24.10
N ARG A 610 -12.90 18.18 24.21
CA ARG A 610 -12.04 18.38 23.05
C ARG A 610 -11.21 17.15 22.72
N LEU A 611 -10.81 16.37 23.73
CA LEU A 611 -10.10 15.13 23.46
C LEU A 611 -10.93 14.17 22.63
N LEU A 612 -12.25 14.19 22.80
CA LEU A 612 -13.14 13.30 22.07
C LEU A 612 -13.49 13.83 20.69
N ASP A 613 -13.18 15.10 20.38
CA ASP A 613 -13.48 15.69 19.09
C ASP A 613 -14.99 15.74 18.85
N TYR A 614 -15.70 16.31 19.81
CA TYR A 614 -17.16 16.39 19.76
C TYR A 614 -17.61 17.62 19.00
N VAL A 615 -18.76 17.50 18.36
CA VAL A 615 -19.39 18.62 17.63
C VAL A 615 -20.90 18.40 17.61
N PRO A 616 -21.72 19.38 18.01
CA PRO A 616 -23.15 19.10 18.14
C PRO A 616 -23.79 18.57 16.87
N ILE A 617 -23.43 19.07 15.70
CA ILE A 617 -23.95 18.50 14.47
C ILE A 617 -23.47 17.07 14.37
N GLY A 618 -24.30 16.22 13.75
CA GLY A 618 -24.03 14.80 13.73
C GLY A 618 -24.92 14.04 14.70
N PRO A 619 -24.39 13.71 15.90
CA PRO A 619 -23.09 14.09 16.47
C PRO A 619 -21.91 13.32 15.90
N ARG A 620 -20.71 13.88 16.01
CA ARG A 620 -19.50 13.27 15.47
C ARG A 620 -18.40 13.33 16.51
N PHE A 621 -17.64 12.25 16.61
CA PHE A 621 -16.52 12.17 17.55
C PHE A 621 -15.71 10.92 17.20
N SER A 622 -14.73 10.59 18.03
CA SER A 622 -13.87 9.44 17.84
C SER A 622 -14.15 8.41 18.94
N ASN A 623 -14.48 7.19 18.53
CA ASN A 623 -14.82 6.14 19.48
C ASN A 623 -13.59 5.54 20.15
N LEU A 624 -12.46 5.46 19.44
CA LEU A 624 -11.29 4.77 19.98
C LEU A 624 -10.79 5.45 21.25
N VAL A 625 -10.70 6.78 21.24
CA VAL A 625 -10.21 7.50 22.41
C VAL A 625 -11.18 7.33 23.58
N LEU A 626 -12.48 7.35 23.28
CA LEU A 626 -13.47 7.15 24.34
C LEU A 626 -13.31 5.79 24.99
N GLN A 627 -13.14 4.73 24.18
CA GLN A 627 -12.96 3.40 24.75
C GLN A 627 -11.66 3.33 25.56
N ALA A 628 -10.60 3.96 25.06
CA ALA A 628 -9.33 3.96 25.79
C ALA A 628 -9.51 4.61 27.16
N LEU A 629 -10.18 5.76 27.21
CA LEU A 629 -10.40 6.44 28.48
C LEU A 629 -11.27 5.61 29.41
N LEU A 630 -12.33 4.99 28.87
CA LEU A 630 -13.22 4.18 29.70
C LEU A 630 -12.48 3.00 30.31
N VAL A 631 -11.59 2.37 29.54
CA VAL A 631 -10.82 1.26 30.08
C VAL A 631 -9.80 1.74 31.09
N LEU A 632 -9.15 2.88 30.81
CA LEU A 632 -8.08 3.35 31.67
C LEU A 632 -8.58 3.94 32.99
N LEU A 633 -9.86 4.33 33.05
CA LEU A 633 -10.38 4.89 34.28
C LEU A 633 -10.77 3.84 35.31
N LYS A 634 -10.61 2.55 35.00
CA LYS A 634 -10.95 1.48 35.93
C LYS A 634 -9.86 0.42 35.92
N LYS A 635 -8.60 0.84 35.95
CA LYS A 635 -7.46 -0.06 35.96
C LYS A 635 -6.64 0.22 37.21
N ALA A 636 -6.43 -0.82 38.03
CA ALA A 636 -5.68 -0.66 39.25
C ALA A 636 -4.18 -0.62 38.95
N PRO A 637 -3.40 0.16 39.71
CA PRO A 637 -1.95 0.17 39.51
C PRO A 637 -1.33 -1.12 40.00
N PRO A 638 -0.06 -1.37 39.70
CA PRO A 638 0.62 -2.53 40.29
C PRO A 638 0.53 -2.53 41.80
N GLN A 639 0.83 -3.68 42.43
CA GLN A 639 0.55 -3.85 43.84
C GLN A 639 1.25 -2.78 44.68
N GLY A 640 0.51 -2.22 45.63
CA GLY A 640 1.08 -1.35 46.65
C GLY A 640 1.29 0.09 46.25
N ARG A 641 0.55 0.61 45.28
CA ARG A 641 0.71 1.98 44.83
C ARG A 641 -0.66 2.64 44.67
N LYS A 642 -0.68 3.96 44.80
CA LYS A 642 -1.90 4.74 44.79
C LYS A 642 -1.93 5.69 43.59
N LEU A 643 -3.12 6.20 43.28
CA LEU A 643 -3.30 7.04 42.10
C LEU A 643 -4.53 7.91 42.30
N LEU A 644 -4.49 9.12 41.74
CA LEU A 644 -5.62 10.04 41.76
C LEU A 644 -5.79 10.65 40.37
N ILE A 645 -7.03 10.77 39.93
CA ILE A 645 -7.37 11.33 38.62
C ILE A 645 -8.37 12.46 38.83
N ILE A 646 -8.14 13.57 38.13
CA ILE A 646 -8.99 14.77 38.23
C ILE A 646 -9.33 15.21 36.82
N GLY A 647 -10.60 15.10 36.45
CA GLY A 647 -11.06 15.51 35.14
C GLY A 647 -11.61 16.92 35.15
N THR A 648 -12.09 17.39 34.00
CA THR A 648 -12.65 18.75 33.86
C THR A 648 -13.43 18.80 32.55
N THR A 649 -14.66 19.29 32.56
CA THR A 649 -15.51 19.36 31.37
C THR A 649 -16.60 20.40 31.63
N SER A 650 -17.27 20.80 30.55
CA SER A 650 -18.33 21.79 30.62
C SER A 650 -19.64 21.29 30.03
N ARG A 651 -19.74 20.01 29.69
CA ARG A 651 -20.94 19.41 29.11
C ARG A 651 -21.22 18.10 29.84
N LYS A 652 -22.03 18.18 30.90
CA LYS A 652 -22.32 16.99 31.70
C LYS A 652 -23.34 16.08 31.02
N ASP A 653 -24.32 16.66 30.34
CA ASP A 653 -25.40 15.87 29.76
C ASP A 653 -24.87 14.89 28.71
N VAL A 654 -23.99 15.37 27.85
CA VAL A 654 -23.46 14.50 26.79
C VAL A 654 -22.68 13.35 27.40
N LEU A 655 -21.87 13.62 28.42
CA LEU A 655 -21.14 12.54 29.08
C LEU A 655 -22.09 11.56 29.74
N GLN A 656 -23.17 12.06 30.34
CA GLN A 656 -24.16 11.17 30.93
C GLN A 656 -24.77 10.26 29.89
N GLU A 657 -25.06 10.79 28.70
CA GLU A 657 -25.63 9.97 27.63
C GLU A 657 -24.66 8.89 27.17
N MET A 658 -23.36 9.14 27.28
CA MET A 658 -22.35 8.21 26.79
C MET A 658 -21.86 7.23 27.84
N GLU A 659 -22.46 7.24 29.04
CA GLU A 659 -22.21 6.31 30.12
C GLU A 659 -20.91 6.63 30.87
N MET A 660 -20.16 7.65 30.47
CA MET A 660 -18.89 7.93 31.13
C MET A 660 -19.09 8.30 32.60
N LEU A 661 -20.07 9.16 32.89
CA LEU A 661 -20.22 9.67 34.25
C LEU A 661 -20.48 8.56 35.26
N ASN A 662 -20.95 7.39 34.81
CA ASN A 662 -21.11 6.28 35.73
C ASN A 662 -19.77 5.77 36.24
N ALA A 663 -18.70 5.97 35.46
CA ALA A 663 -17.38 5.48 35.86
C ALA A 663 -16.76 6.36 36.94
N PHE A 664 -16.97 7.67 36.87
CA PHE A 664 -16.35 8.58 37.83
C PHE A 664 -16.91 8.33 39.23
N SER A 665 -16.04 8.47 40.23
CA SER A 665 -16.43 8.19 41.61
C SER A 665 -17.27 9.30 42.22
N THR A 666 -17.06 10.55 41.79
CA THR A 666 -17.72 11.68 42.43
C THR A 666 -17.78 12.82 41.42
N THR A 667 -18.49 13.89 41.80
CA THR A 667 -18.60 15.07 40.96
C THR A 667 -18.69 16.31 41.86
N ILE A 668 -18.24 17.43 41.32
CA ILE A 668 -18.28 18.72 42.02
C ILE A 668 -18.81 19.77 41.06
N HIS A 669 -19.40 20.83 41.62
CA HIS A 669 -20.05 21.88 40.85
C HIS A 669 -19.32 23.20 41.07
N VAL A 670 -19.05 23.91 39.98
CA VAL A 670 -18.36 25.19 40.01
C VAL A 670 -19.29 26.25 39.45
N PRO A 671 -19.97 27.00 40.32
CA PRO A 671 -20.98 27.96 39.85
C PRO A 671 -20.36 29.28 39.40
N ASN A 672 -21.23 30.18 38.92
CA ASN A 672 -20.84 31.50 38.47
C ASN A 672 -21.21 32.55 39.52
N ILE A 673 -21.03 33.82 39.16
CA ILE A 673 -21.47 34.92 40.01
C ILE A 673 -22.95 35.15 39.81
N ALA A 674 -23.69 35.35 40.91
CA ALA A 674 -25.13 35.49 40.84
C ALA A 674 -25.70 36.61 41.69
N THR A 675 -24.88 37.37 42.42
CA THR A 675 -25.38 38.44 43.27
C THR A 675 -24.50 39.67 43.12
N GLY A 676 -25.13 40.84 43.29
CA GLY A 676 -24.38 42.08 43.15
C GLY A 676 -23.27 42.22 44.17
N GLU A 677 -23.50 41.76 45.39
CA GLU A 677 -22.47 41.87 46.42
C GLU A 677 -21.23 41.06 46.05
N GLN A 678 -21.42 39.88 45.46
CA GLN A 678 -20.27 39.09 45.04
C GLN A 678 -19.47 39.82 43.97
N LEU A 679 -20.14 40.43 42.99
CA LEU A 679 -19.43 41.20 41.97
C LEU A 679 -18.70 42.38 42.58
N LEU A 680 -19.33 43.07 43.53
CA LEU A 680 -18.67 44.20 44.18
C LEU A 680 -17.43 43.75 44.93
N GLU A 681 -17.52 42.62 45.64
CA GLU A 681 -16.35 42.11 46.36
C GLU A 681 -15.24 41.70 45.39
N ALA A 682 -15.62 41.09 44.26
CA ALA A 682 -14.62 40.75 43.25
C ALA A 682 -13.92 41.99 42.72
N LEU A 683 -14.69 43.04 42.43
CA LEU A 683 -14.09 44.29 41.96
C LEU A 683 -13.16 44.88 43.01
N GLU A 684 -13.57 44.84 44.27
CA GLU A 684 -12.72 45.34 45.35
C GLU A 684 -11.41 44.58 45.39
N LEU A 685 -11.47 43.24 45.38
CA LEU A 685 -10.26 42.44 45.47
C LEU A 685 -9.35 42.68 44.27
N LEU A 686 -9.93 42.76 43.07
CA LEU A 686 -9.12 42.98 41.89
C LEU A 686 -8.49 44.37 41.91
N GLY A 687 -9.22 45.37 42.41
CA GLY A 687 -8.69 46.71 42.52
C GLY A 687 -8.51 47.41 41.19
N ASN A 688 -9.62 47.71 40.51
CA ASN A 688 -9.55 48.40 39.22
C ASN A 688 -10.62 49.49 39.09
N PHE A 689 -11.27 49.88 40.18
CA PHE A 689 -12.26 50.95 40.13
C PHE A 689 -12.30 51.64 41.49
N LYS A 690 -12.67 52.91 41.48
CA LYS A 690 -12.60 53.75 42.66
C LYS A 690 -13.97 53.85 43.34
N ASP A 691 -13.98 54.50 44.50
CA ASP A 691 -15.17 54.53 45.34
C ASP A 691 -16.34 55.20 44.63
N LYS A 692 -16.08 56.34 43.98
CA LYS A 692 -17.15 57.07 43.32
C LYS A 692 -17.83 56.21 42.26
N GLU A 693 -17.02 55.56 41.41
CA GLU A 693 -17.58 54.66 40.41
C GLU A 693 -18.24 53.46 41.07
N ARG A 694 -17.63 52.95 42.14
CA ARG A 694 -18.18 51.79 42.83
C ARG A 694 -19.59 52.07 43.33
N THR A 695 -19.86 53.30 43.75
CA THR A 695 -21.19 53.64 44.24
C THR A 695 -22.24 53.44 43.14
N THR A 696 -21.99 54.00 41.96
CA THR A 696 -22.93 53.85 40.86
C THR A 696 -23.05 52.39 40.44
N ILE A 697 -21.92 51.67 40.41
CA ILE A 697 -21.97 50.27 40.01
C ILE A 697 -22.85 49.47 40.99
N ALA A 698 -22.68 49.71 42.29
CA ALA A 698 -23.52 49.03 43.27
C ALA A 698 -24.99 49.40 43.09
N GLN A 699 -25.27 50.68 42.87
CA GLN A 699 -26.66 51.09 42.69
C GLN A 699 -27.29 50.38 41.52
N GLN A 700 -26.56 50.26 40.40
CA GLN A 700 -27.14 49.65 39.21
C GLN A 700 -27.19 48.12 39.30
N VAL A 701 -26.25 47.50 40.02
CA VAL A 701 -26.24 46.04 40.12
C VAL A 701 -27.04 45.53 41.32
N LYS A 702 -27.62 46.42 42.13
CA LYS A 702 -28.49 45.97 43.20
C LYS A 702 -29.65 45.12 42.68
N GLY A 703 -29.96 45.18 41.39
CA GLY A 703 -31.07 44.42 40.85
C GLY A 703 -30.89 42.92 40.96
N LYS A 704 -29.68 42.44 41.24
CA LYS A 704 -29.41 41.03 41.53
C LYS A 704 -29.47 40.16 40.28
N LYS A 705 -29.86 40.73 39.15
CA LYS A 705 -29.95 39.96 37.91
C LYS A 705 -28.59 39.99 37.23
N VAL A 706 -27.76 39.01 37.55
CA VAL A 706 -26.40 38.91 37.00
C VAL A 706 -26.05 37.45 36.79
N TRP A 707 -25.43 37.16 35.65
CA TRP A 707 -24.94 35.81 35.35
C TRP A 707 -23.71 35.97 34.47
N ILE A 708 -22.53 35.97 35.10
CA ILE A 708 -21.28 36.22 34.41
C ILE A 708 -20.21 35.26 34.92
N GLY A 709 -19.19 35.05 34.10
CA GLY A 709 -18.04 34.24 34.47
C GLY A 709 -16.85 35.12 34.80
N ILE A 710 -15.97 34.60 35.65
CA ILE A 710 -14.84 35.39 36.13
C ILE A 710 -13.92 35.78 34.98
N LYS A 711 -13.63 34.83 34.08
CA LYS A 711 -12.79 35.14 32.93
C LYS A 711 -13.43 36.22 32.06
N LYS A 712 -14.72 36.09 31.81
CA LYS A 712 -15.43 37.10 31.02
C LYS A 712 -15.43 38.45 31.74
N LEU A 713 -15.52 38.43 33.07
CA LEU A 713 -15.46 39.67 33.83
C LEU A 713 -14.10 40.35 33.65
N LEU A 714 -13.02 39.56 33.71
CA LEU A 714 -11.69 40.12 33.47
C LEU A 714 -11.60 40.73 32.09
N MET A 715 -12.11 40.01 31.08
CA MET A 715 -12.05 40.53 29.72
C MET A 715 -12.83 41.83 29.59
N LEU A 716 -14.02 41.89 30.18
CA LEU A 716 -14.83 43.10 30.12
C LEU A 716 -14.14 44.27 30.80
N ILE A 717 -13.55 44.03 31.97
CA ILE A 717 -12.86 45.11 32.67
C ILE A 717 -11.71 45.64 31.83
N GLU A 718 -10.92 44.74 31.24
CA GLU A 718 -9.79 45.19 30.43
C GLU A 718 -10.25 45.89 29.16
N MET A 719 -11.42 45.51 28.63
CA MET A 719 -11.96 46.22 27.48
C MET A 719 -12.42 47.62 27.86
N SER A 720 -13.03 47.76 29.03
CA SER A 720 -13.53 49.06 29.45
C SER A 720 -12.39 50.00 29.83
N LEU A 721 -11.27 49.48 30.31
CA LEU A 721 -10.16 50.32 30.77
C LEU A 721 -9.36 50.92 29.62
N GLN A 722 -9.83 50.86 28.38
CA GLN A 722 -9.04 51.33 27.24
C GLN A 722 -9.34 52.76 26.83
N MET A 723 -10.44 53.35 27.29
CA MET A 723 -10.87 54.66 26.83
C MET A 723 -10.56 55.73 27.88
N ASP A 724 -11.05 56.94 27.63
CA ASP A 724 -10.72 58.09 28.46
C ASP A 724 -11.34 57.94 29.85
N PRO A 725 -10.80 58.68 30.85
CA PRO A 725 -11.26 58.47 32.23
C PRO A 725 -12.67 58.98 32.51
N GLU A 726 -13.37 59.44 31.47
CA GLU A 726 -14.71 59.99 31.62
C GLU A 726 -15.81 58.95 31.38
N TYR A 727 -15.69 58.13 30.34
CA TYR A 727 -16.74 57.22 29.93
C TYR A 727 -16.49 55.78 30.38
N ARG A 728 -15.54 55.55 31.27
CA ARG A 728 -15.21 54.18 31.69
C ARG A 728 -16.43 53.50 32.29
N VAL A 729 -17.06 54.14 33.27
CA VAL A 729 -18.17 53.52 33.98
C VAL A 729 -19.31 53.22 33.02
N ARG A 730 -19.65 54.19 32.17
CA ARG A 730 -20.77 54.00 31.26
C ARG A 730 -20.51 52.84 30.31
N LYS A 731 -19.31 52.77 29.74
CA LYS A 731 -19.00 51.69 28.80
C LYS A 731 -19.03 50.34 29.49
N PHE A 732 -18.43 50.24 30.68
CA PHE A 732 -18.42 48.97 31.40
C PHE A 732 -19.84 48.55 31.73
N LEU A 733 -20.66 49.48 32.19
CA LEU A 733 -22.05 49.16 32.52
C LEU A 733 -22.82 48.69 31.29
N ALA A 734 -22.60 49.36 30.15
CA ALA A 734 -23.28 48.95 28.93
C ALA A 734 -22.88 47.54 28.53
N LEU A 735 -21.58 47.24 28.57
CA LEU A 735 -21.13 45.90 28.20
C LEU A 735 -21.69 44.85 29.15
N LEU A 736 -21.68 45.12 30.46
CA LEU A 736 -22.24 44.17 31.41
C LEU A 736 -23.73 43.97 31.17
N ARG A 737 -24.47 45.05 30.92
CA ARG A 737 -25.89 44.94 30.67
C ARG A 737 -26.18 44.09 29.43
N GLU A 738 -25.39 44.29 28.38
CA GLU A 738 -25.60 43.51 27.16
C GLU A 738 -25.57 42.01 27.46
N GLU A 739 -24.73 41.59 28.40
CA GLU A 739 -24.61 40.18 28.76
C GLU A 739 -25.60 39.84 29.88
N GLY A 740 -26.88 39.96 29.55
CA GLY A 740 -27.94 39.61 30.47
C GLY A 740 -28.43 38.18 30.31
N ALA A 741 -27.55 37.22 30.56
CA ALA A 741 -27.91 35.82 30.38
C ALA A 741 -29.01 35.44 31.37
N SER A 742 -29.60 34.26 31.13
CA SER A 742 -30.69 33.77 31.97
C SER A 742 -30.76 32.25 31.90
N PRO A 743 -30.13 31.53 32.84
CA PRO A 743 -30.20 30.06 32.85
C PRO A 743 -31.62 29.52 32.78
N ARG B 208 26.26 -55.85 2.13
CA ARG B 208 25.51 -56.63 3.12
C ARG B 208 25.67 -56.07 4.52
N GLN B 209 26.60 -55.13 4.68
CA GLN B 209 26.83 -54.53 5.98
C GLN B 209 25.56 -53.88 6.50
N SER B 210 25.24 -54.13 7.77
CA SER B 210 24.00 -53.62 8.34
C SER B 210 24.01 -52.10 8.36
N ILE B 211 22.90 -51.51 7.91
CA ILE B 211 22.76 -50.05 7.95
C ILE B 211 22.47 -49.57 9.36
N ILE B 212 21.93 -50.42 10.21
CA ILE B 212 21.63 -50.08 11.60
C ILE B 212 22.86 -50.32 12.45
N ASN B 213 23.07 -49.46 13.44
CA ASN B 213 24.24 -49.60 14.30
C ASN B 213 24.18 -50.93 15.05
N PRO B 214 25.31 -51.64 15.16
CA PRO B 214 25.28 -52.88 15.94
C PRO B 214 24.94 -52.68 17.40
N ASP B 215 25.33 -51.54 17.98
CA ASP B 215 25.15 -51.27 19.41
C ASP B 215 24.17 -50.11 19.55
N TRP B 216 22.93 -50.42 19.92
CA TRP B 216 21.92 -49.41 20.16
C TRP B 216 20.67 -50.07 20.73
N ASN B 217 19.96 -49.34 21.58
CA ASN B 217 18.69 -49.82 22.11
C ASN B 217 17.84 -48.62 22.49
N PHE B 218 16.52 -48.83 22.49
CA PHE B 218 15.59 -47.75 22.79
C PHE B 218 15.80 -47.19 24.19
N GLU B 219 16.22 -48.04 25.14
CA GLU B 219 16.33 -47.58 26.52
C GLU B 219 17.37 -46.47 26.65
N LYS B 220 18.49 -46.59 25.96
CA LYS B 220 19.56 -45.60 26.07
C LYS B 220 19.27 -44.31 25.30
N MET B 221 18.28 -44.31 24.40
CA MET B 221 18.01 -43.12 23.61
C MET B 221 17.56 -41.96 24.49
N GLY B 222 16.72 -42.24 25.49
CA GLY B 222 16.29 -41.25 26.44
C GLY B 222 14.92 -40.66 26.16
N ILE B 223 14.34 -40.92 24.99
CA ILE B 223 13.01 -40.41 24.69
C ILE B 223 11.99 -41.22 25.48
N GLY B 224 11.12 -40.52 26.20
CA GLY B 224 10.14 -41.17 27.05
C GLY B 224 8.71 -40.72 26.79
N GLY B 225 7.80 -41.66 26.63
CA GLY B 225 6.41 -41.39 26.41
C GLY B 225 5.98 -41.46 24.95
N LEU B 226 6.91 -41.36 24.01
CA LEU B 226 6.62 -41.47 22.59
C LEU B 226 6.98 -42.88 22.13
N ASP B 227 6.08 -43.82 22.42
CA ASP B 227 6.28 -45.22 22.06
C ASP B 227 5.52 -45.63 20.81
N LYS B 228 4.27 -45.18 20.66
CA LYS B 228 3.50 -45.50 19.46
C LYS B 228 4.05 -44.75 18.25
N GLU B 229 4.32 -43.45 18.41
CA GLU B 229 4.77 -42.65 17.27
C GLU B 229 6.10 -43.16 16.75
N PHE B 230 7.04 -43.47 17.64
CA PHE B 230 8.33 -43.98 17.20
C PHE B 230 8.18 -45.31 16.48
N SER B 231 7.32 -46.19 16.99
CA SER B 231 7.10 -47.47 16.34
C SER B 231 6.54 -47.29 14.94
N ASP B 232 5.56 -46.40 14.79
CA ASP B 232 4.98 -46.17 13.46
C ASP B 232 6.01 -45.57 12.51
N ILE B 233 6.79 -44.60 12.99
CA ILE B 233 7.82 -44.00 12.14
C ILE B 233 8.83 -45.06 11.70
N PHE B 234 9.26 -45.90 12.64
CA PHE B 234 10.19 -46.97 12.29
C PHE B 234 9.59 -47.89 11.23
N ARG B 235 8.34 -48.29 11.43
CA ARG B 235 7.71 -49.21 10.50
C ARG B 235 7.64 -48.61 9.10
N ARG B 236 7.25 -47.34 9.00
CA ARG B 236 7.00 -46.74 7.70
C ARG B 236 8.22 -46.10 7.07
N ALA B 237 9.35 -46.02 7.77
CA ALA B 237 10.54 -45.38 7.22
C ALA B 237 11.78 -46.24 7.24
N PHE B 238 11.76 -47.41 7.89
CA PHE B 238 12.96 -48.25 7.95
C PHE B 238 12.66 -49.73 7.77
N ALA B 239 11.41 -50.11 7.48
CA ALA B 239 11.10 -51.52 7.30
C ALA B 239 11.84 -52.11 6.12
N SER B 240 11.90 -51.37 5.01
CA SER B 240 12.51 -51.88 3.78
C SER B 240 14.02 -51.85 3.80
N ARG B 241 14.64 -51.14 4.75
CA ARG B 241 16.09 -51.05 4.83
C ARG B 241 16.70 -52.06 5.77
N VAL B 242 15.91 -52.95 6.37
CA VAL B 242 16.43 -53.98 7.26
C VAL B 242 16.09 -55.39 6.81
N PHE B 243 15.15 -55.57 5.89
CA PHE B 243 14.84 -56.89 5.39
C PHE B 243 15.93 -57.36 4.44
N PRO B 244 16.08 -58.67 4.24
CA PRO B 244 17.06 -59.17 3.28
C PRO B 244 16.90 -58.48 1.93
N PRO B 245 17.99 -57.97 1.35
CA PRO B 245 17.85 -57.17 0.12
C PRO B 245 17.26 -57.94 -1.05
N GLU B 246 17.53 -59.24 -1.15
CA GLU B 246 17.06 -60.00 -2.31
C GLU B 246 15.53 -60.02 -2.36
N ILE B 247 14.88 -60.21 -1.21
CA ILE B 247 13.41 -60.24 -1.20
C ILE B 247 12.85 -58.89 -1.60
N VAL B 248 13.44 -57.80 -1.09
CA VAL B 248 12.97 -56.47 -1.46
C VAL B 248 13.13 -56.24 -2.94
N GLU B 249 14.28 -56.62 -3.50
CA GLU B 249 14.50 -56.44 -4.93
C GLU B 249 13.48 -57.23 -5.74
N GLN B 250 13.20 -58.47 -5.32
CA GLN B 250 12.14 -59.23 -5.96
C GLN B 250 10.79 -58.52 -5.84
N MET B 251 10.59 -57.77 -4.75
CA MET B 251 9.34 -57.05 -4.54
C MET B 251 9.22 -55.84 -5.46
N GLY B 252 10.32 -55.14 -5.69
CA GLY B 252 10.31 -53.99 -6.57
C GLY B 252 9.56 -52.80 -6.02
N CYS B 253 10.11 -52.18 -4.97
CA CYS B 253 9.49 -51.03 -4.33
C CYS B 253 10.55 -49.98 -4.04
N LYS B 254 10.11 -48.73 -3.93
CA LYS B 254 10.98 -47.60 -3.67
C LYS B 254 10.79 -47.13 -2.23
N HIS B 255 11.91 -46.84 -1.57
CA HIS B 255 11.85 -46.44 -0.17
C HIS B 255 11.24 -45.04 -0.03
N VAL B 256 10.64 -44.79 1.14
CA VAL B 256 10.05 -43.49 1.42
C VAL B 256 11.16 -42.45 1.53
N LYS B 257 10.84 -41.21 1.17
CA LYS B 257 11.81 -40.12 1.08
C LYS B 257 11.31 -38.88 1.79
N GLY B 258 10.82 -39.03 3.02
CA GLY B 258 10.40 -37.87 3.78
C GLY B 258 9.68 -38.16 5.08
N ILE B 259 9.90 -37.30 6.07
CA ILE B 259 9.19 -37.36 7.34
C ILE B 259 8.92 -35.93 7.79
N LEU B 260 7.73 -35.69 8.34
CA LEU B 260 7.32 -34.35 8.77
C LEU B 260 6.73 -34.45 10.17
N LEU B 261 7.36 -33.78 11.13
CA LEU B 261 6.90 -33.76 12.51
C LEU B 261 6.28 -32.41 12.84
N TYR B 262 5.17 -32.43 13.57
CA TYR B 262 4.58 -31.17 14.02
C TYR B 262 3.92 -31.36 15.38
N GLY B 263 3.72 -30.24 16.07
CA GLY B 263 3.13 -30.23 17.40
C GLY B 263 3.48 -28.98 18.16
N PRO B 264 2.94 -28.83 19.36
CA PRO B 264 3.25 -27.66 20.19
C PRO B 264 4.70 -27.64 20.60
N PRO B 265 5.26 -26.47 20.90
CA PRO B 265 6.69 -26.39 21.22
C PRO B 265 7.03 -27.11 22.53
N GLY B 266 8.29 -27.52 22.62
CA GLY B 266 8.79 -28.15 23.84
C GLY B 266 8.18 -29.50 24.14
N CYS B 267 8.07 -30.37 23.13
CA CYS B 267 7.52 -31.70 23.31
C CYS B 267 8.46 -32.81 22.84
N GLY B 268 9.65 -32.48 22.34
CA GLY B 268 10.61 -33.50 21.99
C GLY B 268 10.73 -33.79 20.50
N LYS B 269 10.76 -32.75 19.68
CA LYS B 269 10.95 -32.92 18.24
C LYS B 269 12.43 -32.93 17.87
N THR B 270 13.19 -31.92 18.29
CA THR B 270 14.63 -31.79 17.97
C THR B 270 15.42 -32.90 18.64
N LEU B 271 15.00 -33.38 19.79
CA LEU B 271 15.66 -34.52 20.42
C LEU B 271 15.43 -35.79 19.61
N LEU B 272 14.19 -36.03 19.18
CA LEU B 272 13.90 -37.23 18.41
C LEU B 272 14.65 -37.21 17.08
N ALA B 273 14.66 -36.05 16.40
CA ALA B 273 15.37 -35.96 15.13
C ALA B 273 16.85 -36.26 15.30
N ARG B 274 17.47 -35.65 16.31
CA ARG B 274 18.89 -35.87 16.55
C ARG B 274 19.18 -37.33 16.88
N GLN B 275 18.34 -37.93 17.72
CA GLN B 275 18.60 -39.32 18.12
C GLN B 275 18.40 -40.29 16.96
N ILE B 276 17.39 -40.06 16.12
CA ILE B 276 17.24 -40.92 14.95
C ILE B 276 18.39 -40.70 13.98
N GLY B 277 18.89 -39.47 13.88
CA GLY B 277 20.03 -39.22 13.02
C GLY B 277 21.27 -39.96 13.47
N LYS B 278 21.58 -39.91 14.76
CA LYS B 278 22.78 -40.56 15.27
C LYS B 278 22.59 -42.06 15.48
N MET B 279 21.36 -42.56 15.49
CA MET B 279 21.14 -43.99 15.71
C MET B 279 21.63 -44.80 14.51
N LEU B 280 21.46 -44.26 13.31
CA LEU B 280 21.88 -44.96 12.11
C LEU B 280 23.41 -45.01 12.01
N ASN B 281 23.89 -46.00 11.27
CA ASN B 281 25.30 -46.11 10.93
C ASN B 281 25.69 -45.26 9.73
N ALA B 282 24.84 -44.29 9.38
CA ALA B 282 25.07 -43.46 8.20
C ALA B 282 26.11 -42.39 8.51
N ARG B 283 26.30 -41.48 7.57
CA ARG B 283 27.22 -40.37 7.75
C ARG B 283 26.60 -39.32 8.65
N GLU B 284 27.45 -38.46 9.22
CA GLU B 284 26.95 -37.42 10.11
C GLU B 284 25.95 -36.55 9.35
N PRO B 285 24.76 -36.31 9.91
CA PRO B 285 23.74 -35.60 9.15
C PRO B 285 24.08 -34.13 8.91
N LYS B 286 23.55 -33.59 7.83
CA LYS B 286 23.64 -32.17 7.57
C LYS B 286 22.58 -31.42 8.38
N VAL B 287 22.74 -30.10 8.47
CA VAL B 287 21.82 -29.25 9.23
C VAL B 287 21.61 -27.96 8.47
N VAL B 288 20.36 -27.49 8.47
CA VAL B 288 19.98 -26.22 7.84
C VAL B 288 19.16 -25.46 8.86
N ASN B 289 19.82 -24.56 9.61
CA ASN B 289 19.17 -23.84 10.71
C ASN B 289 18.38 -22.66 10.14
N GLY B 290 17.13 -22.93 9.77
CA GLY B 290 16.23 -21.89 9.34
C GLY B 290 16.74 -21.10 8.16
N PRO B 291 16.68 -19.75 8.22
CA PRO B 291 17.06 -18.90 7.09
C PRO B 291 18.56 -18.72 6.92
N GLU B 292 19.29 -19.83 6.95
CA GLU B 292 20.73 -19.80 6.71
C GLU B 292 21.05 -19.83 5.22
N ILE B 293 20.06 -20.04 4.36
CA ILE B 293 20.28 -20.20 2.93
C ILE B 293 20.08 -18.87 2.22
N LEU B 294 19.24 -18.00 2.79
CA LEU B 294 18.89 -16.76 2.13
C LEU B 294 20.12 -15.89 1.89
N ASN B 295 20.13 -15.19 0.76
CA ASN B 295 21.18 -14.25 0.42
C ASN B 295 20.56 -13.09 -0.34
N LYS B 296 21.38 -12.10 -0.69
CA LYS B 296 20.91 -10.95 -1.45
C LYS B 296 21.27 -11.02 -2.93
N TYR B 297 22.50 -11.40 -3.27
CA TYR B 297 22.89 -11.49 -4.66
C TYR B 297 21.97 -12.47 -5.40
N VAL B 298 21.56 -12.06 -6.60
CA VAL B 298 20.63 -12.87 -7.37
C VAL B 298 21.25 -14.23 -7.67
N GLY B 299 20.44 -15.28 -7.54
CA GLY B 299 20.89 -16.61 -7.90
C GLY B 299 21.82 -17.27 -6.92
N GLU B 300 21.84 -16.84 -5.66
CA GLU B 300 22.65 -17.49 -4.64
C GLU B 300 21.85 -18.44 -3.76
N SER B 301 20.59 -18.12 -3.46
CA SER B 301 19.78 -19.04 -2.68
C SER B 301 19.62 -20.38 -3.38
N GLU B 302 19.36 -20.35 -4.70
CA GLU B 302 19.26 -21.59 -5.45
C GLU B 302 20.57 -22.35 -5.43
N ALA B 303 21.70 -21.64 -5.54
CA ALA B 303 23.00 -22.29 -5.46
C ALA B 303 23.17 -22.96 -4.10
N ASN B 304 22.75 -22.29 -3.03
CA ASN B 304 22.81 -22.91 -1.71
C ASN B 304 21.97 -24.17 -1.64
N ILE B 305 20.76 -24.12 -2.21
CA ILE B 305 19.88 -25.29 -2.18
C ILE B 305 20.51 -26.45 -2.93
N ARG B 306 21.07 -26.18 -4.10
CA ARG B 306 21.61 -27.24 -4.94
C ARG B 306 22.90 -27.84 -4.41
N LYS B 307 23.54 -27.22 -3.43
CA LYS B 307 24.78 -27.76 -2.88
C LYS B 307 24.56 -28.89 -1.88
N LEU B 308 23.33 -29.03 -1.37
CA LEU B 308 23.08 -30.06 -0.35
C LEU B 308 23.05 -31.45 -0.95
N PHE B 309 22.47 -31.61 -2.13
CA PHE B 309 22.24 -32.92 -2.73
C PHE B 309 23.41 -33.40 -3.58
N ALA B 310 24.49 -32.63 -3.69
CA ALA B 310 25.57 -32.99 -4.60
C ALA B 310 26.19 -34.33 -4.22
N ASP B 311 26.47 -34.53 -2.93
CA ASP B 311 27.12 -35.77 -2.50
C ASP B 311 26.23 -36.97 -2.77
N ALA B 312 24.92 -36.83 -2.55
CA ALA B 312 24.01 -37.94 -2.81
C ALA B 312 24.05 -38.34 -4.27
N GLU B 313 24.00 -37.35 -5.18
CA GLU B 313 24.03 -37.65 -6.60
C GLU B 313 25.35 -38.30 -6.99
N GLU B 314 26.46 -37.78 -6.47
CA GLU B 314 27.76 -38.35 -6.83
C GLU B 314 27.88 -39.80 -6.37
N GLU B 315 27.45 -40.07 -5.13
CA GLU B 315 27.48 -41.44 -4.62
C GLU B 315 26.56 -42.34 -5.44
N GLN B 316 25.39 -41.84 -5.81
CA GLN B 316 24.48 -42.65 -6.62
C GLN B 316 25.10 -42.99 -7.96
N ARG B 317 25.76 -42.03 -8.60
CA ARG B 317 26.31 -42.29 -9.93
C ARG B 317 27.51 -43.22 -9.86
N ARG B 318 28.43 -43.00 -8.91
CA ARG B 318 29.63 -43.82 -8.85
C ARG B 318 29.28 -45.28 -8.59
N LEU B 319 28.69 -45.55 -7.43
CA LEU B 319 28.28 -46.90 -7.07
C LEU B 319 26.84 -47.13 -7.55
N GLY B 320 26.22 -48.22 -7.11
CA GLY B 320 24.86 -48.51 -7.47
C GLY B 320 24.19 -49.51 -6.56
N ALA B 321 23.01 -49.15 -6.04
CA ALA B 321 22.27 -50.01 -5.12
C ALA B 321 23.15 -50.45 -3.94
N ASN B 322 24.19 -49.67 -3.65
CA ASN B 322 25.09 -49.99 -2.55
C ASN B 322 25.51 -48.76 -1.76
N SER B 323 24.92 -47.60 -2.02
CA SER B 323 25.35 -46.38 -1.37
C SER B 323 24.81 -46.30 0.05
N GLY B 324 25.53 -45.57 0.90
CA GLY B 324 25.09 -45.36 2.26
C GLY B 324 24.05 -44.25 2.34
N LEU B 325 23.05 -44.47 3.19
CA LEU B 325 21.94 -43.52 3.31
C LEU B 325 22.46 -42.17 3.78
N HIS B 326 22.03 -41.11 3.11
CA HIS B 326 22.32 -39.74 3.51
C HIS B 326 21.10 -39.11 4.16
N ILE B 327 21.34 -38.18 5.09
CA ILE B 327 20.29 -37.56 5.87
C ILE B 327 20.45 -36.04 5.81
N ILE B 328 19.33 -35.34 5.61
CA ILE B 328 19.28 -33.88 5.64
C ILE B 328 18.17 -33.48 6.59
N ILE B 329 18.49 -32.58 7.52
CA ILE B 329 17.55 -32.14 8.54
C ILE B 329 17.23 -30.67 8.28
N PHE B 330 15.94 -30.36 8.14
CA PHE B 330 15.47 -29.01 7.93
C PHE B 330 14.78 -28.53 9.20
N ASP B 331 15.20 -27.38 9.70
CA ASP B 331 14.64 -26.79 10.91
C ASP B 331 13.84 -25.54 10.54
N GLU B 332 12.64 -25.41 11.08
CA GLU B 332 11.76 -24.27 10.78
C GLU B 332 11.51 -24.27 9.27
N ILE B 333 10.83 -25.29 8.76
CA ILE B 333 10.62 -25.39 7.32
C ILE B 333 9.64 -24.34 6.82
N ASP B 334 8.81 -23.77 7.69
CA ASP B 334 7.79 -22.83 7.26
C ASP B 334 8.33 -21.42 7.04
N ALA B 335 9.60 -21.16 7.35
CA ALA B 335 10.19 -19.85 7.16
C ALA B 335 10.71 -19.62 5.74
N ILE B 336 10.84 -20.67 4.93
CA ILE B 336 11.32 -20.53 3.56
C ILE B 336 10.31 -21.15 2.61
N CYS B 337 9.90 -22.38 2.89
CA CYS B 337 8.97 -23.12 2.03
C CYS B 337 7.53 -22.70 2.39
N LYS B 338 7.12 -21.57 1.84
CA LYS B 338 5.78 -21.06 2.04
C LYS B 338 4.90 -21.40 0.84
N GLN B 339 3.62 -21.01 0.93
CA GLN B 339 2.69 -21.27 -0.16
C GLN B 339 3.16 -20.56 -1.43
N ARG B 340 3.04 -21.22 -2.59
CA ARG B 340 3.51 -20.66 -3.90
C ARG B 340 2.45 -19.80 -4.58
N GLY B 341 2.79 -18.57 -4.91
CA GLY B 341 1.88 -17.57 -5.46
C GLY B 341 1.16 -16.77 -4.40
N SER B 342 1.90 -16.00 -3.62
CA SER B 342 1.35 -15.12 -2.59
C SER B 342 1.96 -13.73 -2.67
N MET B 343 2.09 -13.21 -3.90
CA MET B 343 2.54 -11.83 -4.13
C MET B 343 4.01 -11.66 -3.75
N ALA B 344 4.72 -10.82 -4.49
CA ALA B 344 6.12 -10.55 -4.22
C ALA B 344 6.27 -9.81 -2.89
N GLY B 345 7.52 -9.59 -2.49
CA GLY B 345 7.78 -8.97 -1.20
C GLY B 345 7.56 -9.95 -0.08
N SER B 346 6.29 -10.35 0.12
CA SER B 346 5.99 -11.45 1.05
C SER B 346 6.40 -12.78 0.45
N THR B 347 6.40 -12.89 -0.88
CA THR B 347 6.82 -14.10 -1.58
C THR B 347 7.68 -13.73 -2.78
N GLY B 348 8.61 -12.79 -2.60
CA GLY B 348 9.45 -12.33 -3.68
C GLY B 348 10.53 -13.33 -4.05
N VAL B 349 11.38 -13.67 -3.09
CA VAL B 349 12.46 -14.62 -3.30
C VAL B 349 12.13 -16.00 -2.72
N HIS B 350 10.85 -16.28 -2.53
CA HIS B 350 10.41 -17.56 -1.98
C HIS B 350 9.83 -18.50 -3.02
N ASP B 351 9.52 -18.01 -4.22
CA ASP B 351 9.04 -18.90 -5.28
C ASP B 351 10.19 -19.71 -5.86
N THR B 352 11.34 -19.06 -6.09
CA THR B 352 12.46 -19.75 -6.72
C THR B 352 12.97 -20.88 -5.83
N VAL B 353 13.08 -20.62 -4.52
CA VAL B 353 13.58 -21.63 -3.60
C VAL B 353 12.66 -22.84 -3.59
N VAL B 354 11.35 -22.60 -3.51
CA VAL B 354 10.39 -23.69 -3.47
C VAL B 354 10.44 -24.49 -4.77
N ASN B 355 10.51 -23.80 -5.91
CA ASN B 355 10.56 -24.49 -7.18
C ASN B 355 11.82 -25.36 -7.27
N GLN B 356 12.97 -24.81 -6.87
CA GLN B 356 14.21 -25.57 -6.92
C GLN B 356 14.13 -26.80 -6.02
N LEU B 357 13.60 -26.64 -4.81
CA LEU B 357 13.51 -27.77 -3.88
C LEU B 357 12.59 -28.84 -4.43
N LEU B 358 11.43 -28.48 -4.95
CA LEU B 358 10.47 -29.47 -5.47
C LEU B 358 11.17 -30.17 -6.64
N SER B 359 11.82 -29.45 -7.57
CA SER B 359 12.46 -30.11 -8.70
C SER B 359 13.55 -31.07 -8.25
N LYS B 360 14.34 -30.67 -7.26
CA LYS B 360 15.48 -31.49 -6.86
C LYS B 360 15.07 -32.74 -6.09
N ILE B 361 14.09 -32.64 -5.19
CA ILE B 361 13.75 -33.81 -4.38
C ILE B 361 13.29 -34.95 -5.26
N ASP B 362 12.54 -34.67 -6.33
CA ASP B 362 12.08 -35.70 -7.25
C ASP B 362 11.92 -35.06 -8.62
N GLY B 363 12.90 -35.26 -9.49
CA GLY B 363 12.89 -34.68 -10.82
C GLY B 363 12.98 -35.71 -11.92
N VAL B 364 13.55 -35.32 -13.06
CA VAL B 364 13.68 -36.25 -14.18
C VAL B 364 14.56 -37.43 -13.79
N GLU B 365 15.69 -37.15 -13.15
CA GLU B 365 16.54 -38.19 -12.60
C GLU B 365 15.96 -38.69 -11.28
N GLN B 366 16.47 -39.83 -10.82
CA GLN B 366 15.95 -40.50 -9.63
C GLN B 366 17.06 -40.71 -8.62
N LEU B 367 16.74 -40.46 -7.35
CA LEU B 367 17.63 -40.74 -6.24
C LEU B 367 16.95 -41.74 -5.31
N ASN B 368 17.73 -42.71 -4.82
CA ASN B 368 17.18 -43.78 -3.99
C ASN B 368 18.04 -44.01 -2.74
N ASN B 369 18.80 -43.01 -2.32
CA ASN B 369 19.66 -43.13 -1.14
C ASN B 369 19.60 -41.86 -0.31
N ILE B 370 18.41 -41.29 -0.14
CA ILE B 370 18.25 -40.03 0.57
C ILE B 370 17.06 -40.11 1.52
N LEU B 371 17.05 -39.20 2.50
CA LEU B 371 15.96 -39.11 3.46
C LEU B 371 15.94 -37.69 4.02
N VAL B 372 14.76 -37.07 4.02
CA VAL B 372 14.59 -35.69 4.45
C VAL B 372 13.66 -35.66 5.64
N ILE B 373 14.07 -34.94 6.69
CA ILE B 373 13.30 -34.81 7.91
C ILE B 373 12.98 -33.33 8.11
N GLY B 374 11.71 -33.01 8.30
CA GLY B 374 11.28 -31.64 8.53
C GLY B 374 10.52 -31.54 9.84
N MET B 375 10.74 -30.45 10.55
CA MET B 375 10.08 -30.19 11.83
C MET B 375 9.44 -28.82 11.76
N THR B 376 8.14 -28.74 12.04
CA THR B 376 7.41 -27.50 11.91
C THR B 376 6.39 -27.36 13.04
N ASN B 377 5.98 -26.11 13.28
CA ASN B 377 5.02 -25.78 14.33
C ASN B 377 3.64 -25.45 13.80
N ARG B 378 3.55 -24.82 12.63
CA ARG B 378 2.28 -24.45 12.01
C ARG B 378 2.10 -25.27 10.74
N PRO B 379 1.46 -26.44 10.81
CA PRO B 379 1.39 -27.36 9.66
C PRO B 379 0.25 -27.04 8.68
N ASP B 380 0.07 -25.77 8.37
CA ASP B 380 -0.95 -25.34 7.42
C ASP B 380 -0.40 -24.47 6.30
N LEU B 381 0.58 -23.62 6.60
CA LEU B 381 1.11 -22.71 5.58
C LEU B 381 2.01 -23.40 4.57
N ILE B 382 2.42 -24.65 4.82
CA ILE B 382 3.32 -25.33 3.91
C ILE B 382 2.63 -25.55 2.57
N ASP B 383 3.41 -25.53 1.50
CA ASP B 383 2.86 -25.71 0.16
C ASP B 383 2.23 -27.09 0.03
N GLU B 384 1.13 -27.16 -0.73
CA GLU B 384 0.40 -28.42 -0.85
C GLU B 384 1.09 -29.40 -1.79
N ALA B 385 2.04 -28.98 -2.62
CA ALA B 385 2.65 -29.85 -3.65
C ALA B 385 3.94 -30.41 -3.10
N LEU B 386 4.30 -30.07 -1.89
CA LEU B 386 5.44 -30.69 -1.21
C LEU B 386 5.01 -31.72 -0.19
N LEU B 387 3.72 -32.08 -0.16
CA LEU B 387 3.19 -32.99 0.84
C LEU B 387 2.58 -34.25 0.24
N ARG B 388 2.60 -34.37 -1.08
CA ARG B 388 1.97 -35.52 -1.77
C ARG B 388 2.87 -36.72 -1.60
N PRO B 389 2.34 -37.96 -1.61
CA PRO B 389 3.22 -39.14 -1.51
C PRO B 389 4.35 -39.11 -2.52
N GLY B 390 5.58 -39.12 -2.02
CA GLY B 390 6.75 -38.97 -2.86
C GLY B 390 7.64 -37.85 -2.36
N ARG B 391 7.07 -36.85 -1.75
CA ARG B 391 7.85 -35.77 -1.16
C ARG B 391 7.23 -35.50 0.21
N LEU B 392 7.93 -35.75 1.31
CA LEU B 392 7.48 -35.53 2.68
C LEU B 392 6.13 -36.22 2.92
N GLU B 393 6.17 -37.55 2.80
CA GLU B 393 4.96 -38.36 2.81
C GLU B 393 4.41 -38.56 4.23
N VAL B 394 5.20 -39.19 5.10
CA VAL B 394 4.74 -39.50 6.44
C VAL B 394 4.71 -38.24 7.29
N LYS B 395 3.61 -38.01 7.99
CA LYS B 395 3.44 -36.84 8.84
C LYS B 395 2.90 -37.26 10.19
N MET B 396 3.59 -36.86 11.26
CA MET B 396 3.28 -37.28 12.61
C MET B 396 3.09 -36.07 13.51
N GLU B 397 2.31 -36.27 14.57
CA GLU B 397 2.00 -35.25 15.57
C GLU B 397 2.57 -35.66 16.91
N ILE B 398 3.25 -34.73 17.58
CA ILE B 398 3.80 -34.94 18.91
C ILE B 398 3.05 -34.04 19.88
N GLY B 399 2.31 -34.65 20.81
CA GLY B 399 1.46 -33.91 21.73
C GLY B 399 1.97 -33.94 23.16
N LEU B 400 1.18 -33.31 24.03
CA LEU B 400 1.53 -33.25 25.44
C LEU B 400 1.50 -34.65 26.05
N PRO B 401 2.33 -34.91 27.04
CA PRO B 401 2.37 -36.25 27.64
C PRO B 401 1.25 -36.45 28.65
N ASP B 402 0.96 -37.72 28.90
CA ASP B 402 0.00 -38.13 29.92
C ASP B 402 0.75 -38.59 31.16
N GLU B 403 0.02 -39.16 32.12
CA GLU B 403 0.62 -39.51 33.41
C GLU B 403 1.84 -40.40 33.24
N LYS B 404 1.71 -41.47 32.43
CA LYS B 404 2.84 -42.37 32.23
C LYS B 404 4.01 -41.63 31.60
N GLY B 405 3.73 -40.72 30.67
CA GLY B 405 4.80 -39.95 30.07
C GLY B 405 5.56 -39.11 31.08
N ARG B 406 4.83 -38.44 31.97
CA ARG B 406 5.48 -37.65 33.01
C ARG B 406 6.31 -38.54 33.93
N LEU B 407 5.78 -39.70 34.31
CA LEU B 407 6.52 -40.60 35.16
C LEU B 407 7.82 -41.05 34.49
N GLN B 408 7.74 -41.42 33.21
CA GLN B 408 8.94 -41.87 32.50
C GLN B 408 9.96 -40.74 32.37
N ILE B 409 9.50 -39.52 32.07
CA ILE B 409 10.42 -38.39 31.95
C ILE B 409 11.14 -38.16 33.26
N LEU B 410 10.40 -38.14 34.37
CA LEU B 410 11.02 -37.92 35.67
C LEU B 410 11.99 -39.04 36.01
N HIS B 411 11.63 -40.28 35.68
CA HIS B 411 12.53 -41.40 35.93
C HIS B 411 13.82 -41.25 35.14
N ILE B 412 13.72 -40.82 33.88
CA ILE B 412 14.91 -40.72 33.04
C ILE B 412 15.83 -39.60 33.53
N HIS B 413 15.25 -38.43 33.84
CA HIS B 413 16.10 -37.29 34.19
C HIS B 413 16.82 -37.50 35.52
N THR B 414 16.14 -38.11 36.49
CA THR B 414 16.76 -38.38 37.78
C THR B 414 17.43 -39.76 37.79
N ALA B 415 18.38 -39.92 36.87
CA ALA B 415 19.14 -41.16 36.73
C ALA B 415 20.53 -41.06 37.35
N ARG B 416 21.29 -40.02 36.98
CA ARG B 416 22.63 -39.84 37.54
C ARG B 416 22.57 -39.62 39.05
N MET B 417 21.60 -38.83 39.51
CA MET B 417 21.51 -38.53 40.94
C MET B 417 21.35 -39.80 41.76
N ARG B 418 20.45 -40.68 41.34
CA ARG B 418 20.25 -41.93 42.07
C ARG B 418 21.49 -42.80 42.04
N GLY B 419 22.26 -42.73 40.95
CA GLY B 419 23.44 -43.58 40.84
C GLY B 419 24.47 -43.31 41.92
N HIS B 420 24.70 -42.05 42.24
CA HIS B 420 25.69 -41.66 43.24
C HIS B 420 25.07 -41.45 44.62
N GLN B 421 23.83 -41.88 44.83
CA GLN B 421 23.20 -41.84 46.15
C GLN B 421 23.13 -40.41 46.69
N LEU B 422 22.90 -39.46 45.80
CA LEU B 422 22.75 -38.06 46.16
C LEU B 422 21.28 -37.64 46.35
N LEU B 423 20.34 -38.56 46.17
CA LEU B 423 18.92 -38.25 46.21
C LEU B 423 18.33 -38.80 47.52
N SER B 424 17.58 -37.94 48.22
CA SER B 424 16.95 -38.37 49.46
C SER B 424 15.95 -39.49 49.20
N ALA B 425 15.88 -40.44 50.13
CA ALA B 425 14.98 -41.58 49.97
C ALA B 425 13.53 -41.20 50.13
N ASP B 426 13.22 -40.12 50.85
CA ASP B 426 11.83 -39.75 51.10
C ASP B 426 11.11 -39.42 49.79
N VAL B 427 11.77 -38.69 48.89
CA VAL B 427 11.11 -38.26 47.67
C VAL B 427 10.62 -39.46 46.87
N ASP B 428 9.41 -39.36 46.35
CA ASP B 428 8.81 -40.41 45.53
C ASP B 428 8.40 -39.83 44.19
N ILE B 429 8.75 -40.53 43.11
CA ILE B 429 8.47 -40.02 41.77
C ILE B 429 6.97 -40.01 41.50
N LYS B 430 6.25 -40.99 42.02
CA LYS B 430 4.83 -41.12 41.71
C LYS B 430 4.05 -39.90 42.16
N GLU B 431 4.35 -39.39 43.35
CA GLU B 431 3.65 -38.20 43.83
C GLU B 431 3.89 -37.01 42.92
N LEU B 432 5.14 -36.82 42.49
CA LEU B 432 5.45 -35.73 41.57
C LEU B 432 4.70 -35.88 40.26
N ALA B 433 4.65 -37.11 39.73
CA ALA B 433 3.93 -37.35 38.48
C ALA B 433 2.45 -37.03 38.64
N VAL B 434 1.87 -37.40 39.78
CA VAL B 434 0.46 -37.11 40.03
C VAL B 434 0.24 -35.61 40.09
N GLU B 435 1.11 -34.89 40.79
CA GLU B 435 0.91 -33.46 40.99
C GLU B 435 1.03 -32.69 39.68
N THR B 436 2.08 -32.97 38.91
CA THR B 436 2.33 -32.22 37.68
C THR B 436 1.30 -32.59 36.62
N LYS B 437 0.48 -31.62 36.22
CA LYS B 437 -0.54 -31.81 35.20
C LYS B 437 -0.28 -30.84 34.06
N ASN B 438 -0.34 -31.37 32.84
CA ASN B 438 -0.14 -30.61 31.60
C ASN B 438 1.28 -30.08 31.45
N PHE B 439 2.21 -30.53 32.28
CA PHE B 439 3.60 -30.13 32.11
C PHE B 439 4.21 -30.75 30.86
N SER B 440 5.11 -30.01 30.23
CA SER B 440 5.83 -30.50 29.08
C SER B 440 7.15 -31.13 29.55
N GLY B 441 8.03 -31.47 28.62
CA GLY B 441 9.31 -32.04 28.97
C GLY B 441 10.29 -31.00 29.47
N ALA B 442 10.39 -29.89 28.73
CA ALA B 442 11.28 -28.80 29.13
C ALA B 442 10.92 -28.29 30.51
N GLU B 443 9.62 -28.22 30.82
CA GLU B 443 9.21 -27.72 32.13
C GLU B 443 9.62 -28.69 33.24
N LEU B 444 9.50 -29.99 32.99
CA LEU B 444 9.97 -30.97 33.99
C LEU B 444 11.47 -30.85 34.21
N GLU B 445 12.23 -30.70 33.12
CA GLU B 445 13.68 -30.52 33.27
C GLU B 445 13.99 -29.26 34.07
N GLY B 446 13.28 -28.18 33.79
CA GLY B 446 13.49 -26.95 34.55
C GLY B 446 13.15 -27.12 36.03
N LEU B 447 12.09 -27.87 36.33
CA LEU B 447 11.74 -28.15 37.71
C LEU B 447 12.87 -28.88 38.41
N VAL B 448 13.42 -29.91 37.77
CA VAL B 448 14.51 -30.66 38.39
C VAL B 448 15.73 -29.76 38.59
N ARG B 449 16.04 -28.93 37.59
CA ARG B 449 17.17 -28.03 37.72
C ARG B 449 16.98 -27.05 38.87
N ALA B 450 15.77 -26.51 39.01
CA ALA B 450 15.50 -25.58 40.10
C ALA B 450 15.61 -26.26 41.45
N ALA B 451 15.12 -27.49 41.56
CA ALA B 451 15.26 -28.22 42.81
C ALA B 451 16.73 -28.42 43.17
N GLN B 452 17.54 -28.82 42.18
CA GLN B 452 18.96 -28.98 42.43
C GLN B 452 19.60 -27.68 42.86
N SER B 453 19.24 -26.58 42.19
CA SER B 453 19.84 -25.29 42.53
C SER B 453 19.48 -24.88 43.95
N THR B 454 18.22 -25.09 44.36
CA THR B 454 17.82 -24.79 45.72
C THR B 454 18.63 -25.62 46.71
N ALA B 455 18.79 -26.92 46.42
CA ALA B 455 19.55 -27.78 47.32
C ALA B 455 20.98 -27.29 47.47
N MET B 456 21.62 -26.94 46.34
CA MET B 456 22.99 -26.44 46.41
C MET B 456 23.05 -25.14 47.19
N ASN B 457 22.12 -24.21 46.93
CA ASN B 457 22.16 -22.92 47.61
C ASN B 457 21.95 -23.07 49.11
N ARG B 458 21.20 -24.09 49.53
CA ARG B 458 20.97 -24.26 50.97
C ARG B 458 22.30 -24.39 51.72
N HIS B 459 23.26 -25.11 51.14
CA HIS B 459 24.57 -25.28 51.76
C HIS B 459 25.58 -24.23 51.34
N ILE B 460 25.26 -23.40 50.34
CA ILE B 460 26.13 -22.27 50.00
C ILE B 460 26.02 -21.15 51.03
N LYS B 461 25.23 -21.34 52.08
CA LYS B 461 25.14 -20.40 53.19
C LYS B 461 25.48 -21.04 54.53
N ALA B 462 25.87 -22.30 54.55
CA ALA B 462 26.10 -23.01 55.81
C ALA B 462 27.48 -23.65 55.92
N SER B 463 28.00 -24.23 54.84
CA SER B 463 29.24 -24.99 54.90
C SER B 463 30.37 -24.34 54.10
N THR B 464 30.17 -24.10 52.80
CA THR B 464 31.23 -23.52 51.99
C THR B 464 31.31 -22.01 52.13
N LYS B 465 30.19 -21.37 52.49
CA LYS B 465 30.20 -19.92 52.67
C LYS B 465 31.14 -19.52 53.80
N VAL B 466 31.07 -20.24 54.94
CA VAL B 466 31.96 -19.98 56.06
C VAL B 466 33.33 -20.62 55.88
N GLU B 467 33.52 -21.42 54.84
CA GLU B 467 34.79 -22.08 54.56
C GLU B 467 35.14 -23.09 55.65
N VAL B 468 34.12 -23.79 56.14
CA VAL B 468 34.31 -24.86 57.11
C VAL B 468 34.26 -26.18 56.37
N ASP B 469 34.66 -27.25 57.05
CA ASP B 469 34.75 -28.58 56.44
C ASP B 469 33.61 -28.83 55.46
N MET B 470 33.97 -29.21 54.24
CA MET B 470 33.01 -29.37 53.17
C MET B 470 32.14 -30.62 53.33
N GLU B 471 32.44 -31.47 54.31
CA GLU B 471 31.66 -32.68 54.51
C GLU B 471 30.17 -32.36 54.63
N LYS B 472 29.84 -31.27 55.32
CA LYS B 472 28.45 -30.81 55.34
C LYS B 472 27.97 -30.50 53.93
N ALA B 473 28.80 -29.81 53.15
CA ALA B 473 28.47 -29.57 51.75
C ALA B 473 28.57 -30.85 50.92
N GLU B 474 29.34 -31.83 51.37
CA GLU B 474 29.39 -33.11 50.65
C GLU B 474 28.09 -33.89 50.80
N SER B 475 27.43 -33.77 51.96
CA SER B 475 26.16 -34.45 52.14
C SER B 475 25.17 -34.07 51.05
N LEU B 476 24.77 -32.80 51.01
CA LEU B 476 24.03 -32.21 49.89
C LEU B 476 22.92 -33.15 49.41
N GLN B 477 21.99 -33.44 50.32
CA GLN B 477 20.86 -34.31 50.02
C GLN B 477 19.65 -33.45 49.65
N VAL B 478 19.10 -33.71 48.47
CA VAL B 478 17.91 -32.99 48.01
C VAL B 478 16.67 -33.70 48.55
N THR B 479 15.79 -32.95 49.20
CA THR B 479 14.64 -33.50 49.90
C THR B 479 13.35 -33.00 49.27
N ARG B 480 12.25 -33.64 49.67
CA ARG B 480 10.94 -33.29 49.11
C ARG B 480 10.60 -31.82 49.31
N GLY B 481 11.10 -31.22 50.40
CA GLY B 481 10.82 -29.81 50.63
C GLY B 481 11.31 -28.94 49.49
N ASP B 482 12.50 -29.23 48.96
CA ASP B 482 13.02 -28.46 47.84
C ASP B 482 12.13 -28.59 46.61
N PHE B 483 11.70 -29.82 46.32
CA PHE B 483 10.81 -30.03 45.17
C PHE B 483 9.51 -29.26 45.33
N LEU B 484 8.91 -29.31 46.52
CA LEU B 484 7.65 -28.61 46.74
C LEU B 484 7.85 -27.10 46.62
N ALA B 485 8.93 -26.57 47.19
CA ALA B 485 9.19 -25.14 47.09
C ALA B 485 9.36 -24.71 45.64
N SER B 486 10.13 -25.49 44.87
CA SER B 486 10.33 -25.15 43.46
C SER B 486 9.02 -25.23 42.69
N LEU B 487 8.20 -26.25 42.97
CA LEU B 487 6.92 -26.38 42.30
C LEU B 487 6.04 -25.17 42.58
N GLU B 488 6.00 -24.72 43.85
CA GLU B 488 5.11 -23.64 44.23
C GLU B 488 5.61 -22.28 43.76
N ASN B 489 6.93 -22.09 43.64
CA ASN B 489 7.50 -20.75 43.49
C ASN B 489 7.82 -20.38 42.05
N ASP B 490 8.70 -21.14 41.40
CA ASP B 490 9.39 -20.64 40.20
C ASP B 490 9.22 -21.58 39.01
N ILE B 491 8.00 -22.04 38.75
CA ILE B 491 7.67 -22.71 37.50
C ILE B 491 6.25 -22.36 37.13
N LYS B 492 6.06 -21.89 35.90
CA LYS B 492 4.76 -21.44 35.40
C LYS B 492 4.43 -22.18 34.12
N PRO B 493 3.70 -23.29 34.20
CA PRO B 493 3.35 -24.03 32.98
C PRO B 493 2.50 -23.17 32.05
N ALA B 494 2.65 -23.42 30.75
CA ALA B 494 1.90 -22.67 29.75
C ALA B 494 0.46 -23.16 29.65
N PHE B 495 0.27 -24.46 29.48
CA PHE B 495 -1.08 -25.05 29.39
C PHE B 495 -1.57 -25.49 30.76
N GLY B 496 -1.55 -24.58 31.72
CA GLY B 496 -1.93 -24.90 33.09
C GLY B 496 -2.51 -23.72 33.81
N THR B 497 -2.90 -23.94 35.06
CA THR B 497 -3.50 -22.90 35.87
C THR B 497 -2.48 -21.82 36.20
N ASN B 498 -2.94 -20.80 36.92
CA ASN B 498 -2.06 -19.70 37.33
C ASN B 498 -2.71 -19.02 38.54
N GLN B 499 -2.07 -19.13 39.70
CA GLN B 499 -2.63 -18.61 40.94
C GLN B 499 -2.19 -17.16 41.20
N GLU B 500 -2.40 -16.31 40.22
CA GLU B 500 -2.22 -14.86 40.39
C GLU B 500 -3.39 -14.05 39.85
N ASP B 501 -4.01 -14.49 38.75
CA ASP B 501 -5.15 -13.77 38.22
C ASP B 501 -6.34 -13.87 39.17
N TYR B 502 -6.58 -15.05 39.74
CA TYR B 502 -7.72 -15.23 40.62
C TYR B 502 -7.58 -14.37 41.87
N ALA B 503 -6.38 -14.29 42.43
CA ALA B 503 -6.15 -13.39 43.55
C ALA B 503 -6.10 -11.94 43.10
N SER B 504 -5.82 -11.69 41.83
CA SER B 504 -5.80 -10.31 41.32
C SER B 504 -7.20 -9.75 41.14
N TYR B 505 -8.18 -10.60 40.84
CA TYR B 505 -9.55 -10.17 40.59
C TYR B 505 -10.42 -10.23 41.83
N ILE B 506 -10.23 -11.22 42.70
CA ILE B 506 -10.95 -11.29 43.97
C ILE B 506 -10.10 -10.53 44.98
N MET B 507 -10.27 -9.20 45.01
CA MET B 507 -9.39 -8.37 45.83
C MET B 507 -9.71 -8.53 47.32
N ASN B 508 -10.99 -8.49 47.69
CA ASN B 508 -11.39 -8.47 49.09
C ASN B 508 -12.25 -9.68 49.45
N GLY B 509 -12.05 -10.79 48.75
CA GLY B 509 -12.72 -12.03 49.11
C GLY B 509 -14.19 -12.03 48.75
N ILE B 510 -14.84 -13.11 49.16
CA ILE B 510 -16.27 -13.32 48.90
C ILE B 510 -16.98 -13.37 50.24
N ILE B 511 -17.94 -12.45 50.44
CA ILE B 511 -18.71 -12.38 51.68
C ILE B 511 -20.09 -12.95 51.43
N LYS B 512 -20.70 -13.49 52.49
CA LYS B 512 -22.03 -14.09 52.41
C LYS B 512 -23.02 -13.07 52.98
N TRP B 513 -23.48 -12.16 52.13
CA TRP B 513 -24.39 -11.10 52.54
C TRP B 513 -25.85 -11.46 52.33
N GLY B 514 -26.14 -12.68 51.92
CA GLY B 514 -27.52 -13.08 51.70
C GLY B 514 -27.59 -14.47 51.08
N ASP B 515 -28.79 -14.79 50.60
CA ASP B 515 -29.07 -16.08 50.00
C ASP B 515 -28.59 -16.17 48.56
N PRO B 516 -28.74 -15.12 47.74
CA PRO B 516 -28.44 -15.25 46.31
C PRO B 516 -27.04 -15.77 46.01
N VAL B 517 -26.05 -15.42 46.82
CA VAL B 517 -24.69 -15.91 46.60
C VAL B 517 -24.68 -17.43 46.56
N THR B 518 -25.37 -18.06 47.51
CA THR B 518 -25.41 -19.52 47.58
C THR B 518 -26.05 -20.09 46.32
N ARG B 519 -27.15 -19.49 45.86
CA ARG B 519 -27.82 -19.97 44.67
C ARG B 519 -26.91 -19.90 43.45
N VAL B 520 -26.21 -18.78 43.30
CA VAL B 520 -25.31 -18.63 42.16
C VAL B 520 -24.21 -19.68 42.20
N LEU B 521 -23.59 -19.86 43.37
CA LEU B 521 -22.52 -20.82 43.48
C LEU B 521 -23.00 -22.24 43.20
N ASP B 522 -24.18 -22.59 43.72
CA ASP B 522 -24.73 -23.92 43.47
C ASP B 522 -24.99 -24.15 41.99
N ASP B 523 -25.55 -23.16 41.30
CA ASP B 523 -25.81 -23.33 39.87
C ASP B 523 -24.50 -23.51 39.10
N GLY B 524 -23.49 -22.71 39.44
CA GLY B 524 -22.19 -22.90 38.80
C GLY B 524 -21.63 -24.28 39.03
N GLU B 525 -21.75 -24.78 40.26
CA GLU B 525 -21.28 -26.13 40.57
C GLU B 525 -21.99 -27.17 39.72
N LEU B 526 -23.31 -27.02 39.57
CA LEU B 526 -24.06 -27.98 38.78
C LEU B 526 -23.62 -27.96 37.31
N LEU B 527 -23.40 -26.77 36.75
CA LEU B 527 -22.94 -26.69 35.38
C LEU B 527 -21.56 -27.34 35.22
N VAL B 528 -20.66 -27.10 36.17
CA VAL B 528 -19.34 -27.72 36.10
C VAL B 528 -19.47 -29.24 36.12
N GLN B 529 -20.30 -29.75 37.03
CA GLN B 529 -20.48 -31.20 37.12
C GLN B 529 -21.05 -31.76 35.82
N GLN B 530 -22.00 -31.04 35.22
CA GLN B 530 -22.55 -31.49 33.94
C GLN B 530 -21.44 -31.59 32.89
N THR B 531 -20.63 -30.55 32.74
CA THR B 531 -19.61 -30.59 31.71
C THR B 531 -18.53 -31.62 32.01
N LYS B 532 -18.37 -32.03 33.26
CA LYS B 532 -17.37 -33.05 33.56
C LYS B 532 -17.77 -34.43 33.04
N ASN B 533 -19.01 -34.85 33.27
CA ASN B 533 -19.46 -36.21 32.94
C ASN B 533 -20.65 -36.15 31.97
N SER B 534 -20.35 -36.33 30.69
CA SER B 534 -21.34 -36.38 29.62
C SER B 534 -20.65 -36.72 28.32
N ASP B 535 -21.45 -37.21 27.37
CA ASP B 535 -20.93 -37.60 26.06
C ASP B 535 -21.63 -36.93 24.89
N ARG B 536 -22.89 -36.52 25.04
CA ARG B 536 -23.64 -35.88 23.98
C ARG B 536 -23.65 -34.35 24.11
N THR B 537 -23.00 -33.80 25.12
CA THR B 537 -22.94 -32.36 25.36
C THR B 537 -21.51 -31.96 25.69
N PRO B 538 -20.61 -32.00 24.69
CA PRO B 538 -19.21 -31.68 24.96
C PRO B 538 -18.91 -30.19 25.10
N LEU B 539 -19.83 -29.31 24.71
CA LEU B 539 -19.63 -27.87 24.81
C LEU B 539 -20.77 -27.25 25.58
N VAL B 540 -20.45 -26.42 26.57
CA VAL B 540 -21.44 -25.74 27.40
C VAL B 540 -21.07 -24.27 27.48
N SER B 541 -22.10 -23.43 27.66
CA SER B 541 -21.91 -22.00 27.81
C SER B 541 -22.88 -21.47 28.85
N VAL B 542 -22.47 -20.38 29.51
CA VAL B 542 -23.34 -19.73 30.49
C VAL B 542 -22.95 -18.26 30.56
N LEU B 543 -23.93 -17.41 30.85
CA LEU B 543 -23.74 -15.97 30.88
C LEU B 543 -24.30 -15.41 32.18
N LEU B 544 -23.50 -14.58 32.84
CA LEU B 544 -23.90 -13.92 34.09
C LEU B 544 -24.24 -12.47 33.78
N GLU B 545 -25.44 -12.04 34.15
CA GLU B 545 -25.92 -10.69 33.87
C GLU B 545 -26.58 -10.10 35.11
N GLY B 546 -26.47 -8.78 35.24
CA GLY B 546 -27.05 -8.08 36.37
C GLY B 546 -26.78 -6.59 36.33
N PRO B 547 -27.24 -5.87 37.35
CA PRO B 547 -27.05 -4.41 37.38
C PRO B 547 -25.58 -4.06 37.55
N PRO B 548 -25.17 -2.85 37.18
CA PRO B 548 -23.76 -2.47 37.34
C PRO B 548 -23.36 -2.39 38.79
N HIS B 549 -22.06 -2.57 39.03
CA HIS B 549 -21.48 -2.52 40.37
C HIS B 549 -22.04 -3.61 41.28
N SER B 550 -22.51 -4.71 40.68
CA SER B 550 -23.08 -5.81 41.45
C SER B 550 -22.07 -6.92 41.72
N GLY B 551 -20.86 -6.83 41.17
CA GLY B 551 -19.86 -7.84 41.43
C GLY B 551 -20.05 -9.12 40.63
N LYS B 552 -19.92 -9.02 39.30
CA LYS B 552 -20.16 -10.13 38.37
C LYS B 552 -18.84 -10.65 37.80
N THR B 553 -17.67 -10.13 38.18
CA THR B 553 -16.34 -10.60 37.71
C THR B 553 -15.64 -11.31 38.86
N ALA B 554 -16.10 -11.16 40.09
CA ALA B 554 -15.58 -11.92 41.22
C ALA B 554 -16.23 -13.29 41.31
N LEU B 555 -17.55 -13.36 41.16
CA LEU B 555 -18.24 -14.64 41.27
C LEU B 555 -17.84 -15.58 40.14
N ALA B 556 -17.71 -15.06 38.92
CA ALA B 556 -17.26 -15.89 37.81
C ALA B 556 -15.86 -16.43 38.07
N ALA B 557 -14.96 -15.58 38.56
CA ALA B 557 -13.61 -16.04 38.87
C ALA B 557 -13.61 -17.11 39.95
N LYS B 558 -14.45 -16.92 40.97
CA LYS B 558 -14.54 -17.93 42.03
C LYS B 558 -15.06 -19.25 41.50
N ILE B 559 -16.08 -19.20 40.65
CA ILE B 559 -16.63 -20.43 40.07
C ILE B 559 -15.57 -21.12 39.23
N ALA B 560 -14.82 -20.37 38.45
CA ALA B 560 -13.74 -20.97 37.65
C ALA B 560 -12.68 -21.60 38.55
N GLU B 561 -12.30 -20.90 39.63
CA GLU B 561 -11.25 -21.42 40.51
C GLU B 561 -11.69 -22.70 41.19
N GLU B 562 -12.93 -22.76 41.65
CA GLU B 562 -13.41 -23.89 42.44
C GLU B 562 -13.74 -25.12 41.59
N SER B 563 -13.34 -25.15 40.33
CA SER B 563 -13.64 -26.27 39.45
C SER B 563 -12.54 -27.32 39.41
N ASN B 564 -11.33 -26.97 39.83
CA ASN B 564 -10.19 -27.90 39.83
C ASN B 564 -9.87 -28.41 38.42
N PHE B 565 -10.15 -27.59 37.41
CA PHE B 565 -9.80 -27.93 36.05
C PHE B 565 -8.29 -27.76 35.83
N PRO B 566 -7.72 -28.46 34.85
CA PRO B 566 -6.28 -28.32 34.59
C PRO B 566 -5.90 -27.20 33.63
N PHE B 567 -6.86 -26.44 33.12
CA PHE B 567 -6.57 -25.30 32.24
C PHE B 567 -7.59 -24.21 32.51
N ILE B 568 -7.10 -22.99 32.73
CA ILE B 568 -7.99 -21.86 33.00
C ILE B 568 -7.32 -20.60 32.46
N LYS B 569 -8.12 -19.77 31.78
CA LYS B 569 -7.63 -18.49 31.25
C LYS B 569 -8.75 -17.47 31.38
N ILE B 570 -8.36 -16.20 31.44
CA ILE B 570 -9.30 -15.09 31.56
C ILE B 570 -8.96 -14.07 30.48
N CYS B 571 -9.90 -13.83 29.56
CA CYS B 571 -9.68 -12.94 28.44
C CYS B 571 -10.33 -11.59 28.74
N SER B 572 -9.65 -10.80 29.57
CA SER B 572 -10.15 -9.49 29.94
C SER B 572 -9.82 -8.46 28.87
N PRO B 573 -10.56 -7.35 28.81
CA PRO B 573 -10.31 -6.33 27.79
C PRO B 573 -9.31 -5.26 28.18
N ASP B 574 -8.77 -5.28 29.40
CA ASP B 574 -7.83 -4.27 29.86
C ASP B 574 -6.39 -4.58 29.45
N LYS B 575 -6.14 -5.75 28.87
CA LYS B 575 -4.84 -6.06 28.29
C LYS B 575 -4.77 -5.72 26.80
N MET B 576 -5.81 -5.12 26.24
CA MET B 576 -5.91 -4.83 24.82
C MET B 576 -6.22 -3.36 24.59
N ILE B 577 -5.51 -2.48 25.28
CA ILE B 577 -5.75 -1.05 25.14
C ILE B 577 -5.08 -0.55 23.87
N GLY B 578 -5.83 0.16 23.03
CA GLY B 578 -5.30 0.69 21.81
C GLY B 578 -5.20 -0.29 20.67
N PHE B 579 -5.70 -1.51 20.83
CA PHE B 579 -5.65 -2.50 19.77
C PHE B 579 -6.62 -2.15 18.65
N SER B 580 -6.29 -2.64 17.45
CA SER B 580 -7.22 -2.61 16.33
C SER B 580 -8.02 -3.90 16.30
N GLU B 581 -9.08 -3.91 15.48
CA GLU B 581 -10.00 -5.04 15.49
C GLU B 581 -9.29 -6.35 15.16
N THR B 582 -8.43 -6.33 14.16
CA THR B 582 -7.77 -7.57 13.72
C THR B 582 -6.93 -8.16 14.85
N ALA B 583 -6.23 -7.30 15.61
CA ALA B 583 -5.43 -7.79 16.72
C ALA B 583 -6.31 -8.45 17.77
N LYS B 584 -7.47 -7.85 18.06
CA LYS B 584 -8.39 -8.43 19.02
C LYS B 584 -8.85 -9.81 18.57
N CYS B 585 -9.27 -9.93 17.30
CA CYS B 585 -9.70 -11.22 16.80
C CYS B 585 -8.59 -12.26 16.91
N GLN B 586 -7.36 -11.87 16.53
CA GLN B 586 -6.26 -12.82 16.57
C GLN B 586 -5.97 -13.28 17.99
N ALA B 587 -6.02 -12.35 18.95
CA ALA B 587 -5.74 -12.72 20.34
C ALA B 587 -6.80 -13.67 20.89
N MET B 588 -8.08 -13.37 20.62
CA MET B 588 -9.13 -14.27 21.06
C MET B 588 -8.97 -15.65 20.44
N LYS B 589 -8.65 -15.70 19.14
CA LYS B 589 -8.46 -17.00 18.50
C LYS B 589 -7.30 -17.73 19.12
N LYS B 590 -6.21 -17.03 19.45
CA LYS B 590 -5.07 -17.67 20.08
C LYS B 590 -5.48 -18.31 21.41
N ILE B 591 -6.20 -17.57 22.24
CA ILE B 591 -6.58 -18.12 23.55
C ILE B 591 -7.45 -19.35 23.37
N PHE B 592 -8.46 -19.27 22.51
CA PHE B 592 -9.36 -20.42 22.35
C PHE B 592 -8.61 -21.61 21.76
N ASP B 593 -7.73 -21.37 20.78
CA ASP B 593 -6.98 -22.45 20.17
C ASP B 593 -6.09 -23.14 21.19
N ASP B 594 -5.43 -22.36 22.05
CA ASP B 594 -4.67 -22.96 23.14
C ASP B 594 -5.57 -23.79 24.03
N ALA B 595 -6.79 -23.31 24.29
CA ALA B 595 -7.71 -24.08 25.11
C ALA B 595 -8.06 -25.42 24.45
N TYR B 596 -8.09 -25.46 23.11
CA TYR B 596 -8.48 -26.70 22.44
C TYR B 596 -7.46 -27.81 22.62
N LYS B 597 -6.20 -27.48 22.89
CA LYS B 597 -5.14 -28.49 22.90
C LYS B 597 -5.07 -29.28 24.20
N SER B 598 -5.86 -28.94 25.22
CA SER B 598 -5.88 -29.69 26.46
C SER B 598 -7.01 -30.72 26.41
N GLN B 599 -7.27 -31.38 27.54
CA GLN B 599 -8.34 -32.36 27.63
C GLN B 599 -9.44 -31.95 28.59
N LEU B 600 -9.28 -30.85 29.31
CA LEU B 600 -10.34 -30.30 30.15
C LEU B 600 -9.98 -28.86 30.46
N SER B 601 -10.85 -27.92 30.08
CA SER B 601 -10.49 -26.51 30.13
C SER B 601 -11.71 -25.68 30.51
N CYS B 602 -11.47 -24.38 30.70
CA CYS B 602 -12.53 -23.43 31.02
C CYS B 602 -12.03 -22.03 30.71
N VAL B 603 -12.72 -21.31 29.84
CA VAL B 603 -12.32 -19.98 29.42
C VAL B 603 -13.36 -18.98 29.88
N VAL B 604 -12.91 -17.84 30.40
CA VAL B 604 -13.78 -16.79 30.91
C VAL B 604 -13.69 -15.60 29.98
N VAL B 605 -14.84 -15.11 29.53
CA VAL B 605 -14.93 -13.91 28.69
C VAL B 605 -15.57 -12.82 29.55
N ASP B 606 -14.81 -11.75 29.76
CA ASP B 606 -15.22 -10.69 30.71
C ASP B 606 -15.55 -9.40 30.01
N ASP B 607 -16.65 -8.77 30.40
CA ASP B 607 -17.05 -7.45 29.91
C ASP B 607 -17.26 -7.48 28.38
N ILE B 608 -18.28 -8.23 27.99
CA ILE B 608 -18.55 -8.42 26.56
C ILE B 608 -18.78 -7.08 25.88
N GLU B 609 -19.57 -6.21 26.50
CA GLU B 609 -19.93 -4.96 25.83
C GLU B 609 -18.71 -4.09 25.56
N ARG B 610 -17.67 -4.19 26.38
CA ARG B 610 -16.44 -3.45 26.14
C ARG B 610 -15.60 -4.08 25.03
N LEU B 611 -15.82 -5.36 24.74
CA LEU B 611 -15.12 -5.99 23.63
C LEU B 611 -15.69 -5.57 22.28
N LEU B 612 -16.97 -5.20 22.25
CA LEU B 612 -17.62 -4.78 21.01
C LEU B 612 -17.53 -3.28 20.76
N ASP B 613 -17.02 -2.51 21.71
CA ASP B 613 -16.95 -1.05 21.59
C ASP B 613 -18.35 -0.47 21.36
N TYR B 614 -19.23 -0.73 22.32
CA TYR B 614 -20.62 -0.28 22.22
C TYR B 614 -20.78 1.09 22.85
N VAL B 615 -21.63 1.92 22.24
CA VAL B 615 -21.93 3.26 22.74
C VAL B 615 -23.37 3.59 22.35
N PRO B 616 -24.24 3.94 23.30
CA PRO B 616 -25.67 4.08 22.95
C PRO B 616 -25.92 5.07 21.83
N ILE B 617 -25.18 6.17 21.77
CA ILE B 617 -25.29 7.07 20.62
C ILE B 617 -24.93 6.29 19.37
N GLY B 618 -25.64 6.57 18.28
CA GLY B 618 -25.47 5.81 17.07
C GLY B 618 -26.62 4.85 16.84
N PRO B 619 -26.42 3.56 17.19
CA PRO B 619 -25.29 2.95 17.89
C PRO B 619 -24.08 2.71 17.00
N ARG B 620 -22.93 2.43 17.62
CA ARG B 620 -21.71 2.03 16.92
C ARG B 620 -21.07 0.87 17.64
N PHE B 621 -20.41 0.00 16.89
CA PHE B 621 -19.69 -1.12 17.46
C PHE B 621 -18.87 -1.78 16.34
N SER B 622 -18.12 -2.82 16.71
CA SER B 622 -17.27 -3.54 15.78
C SER B 622 -18.00 -4.81 15.34
N ASN B 623 -18.42 -4.84 14.08
CA ASN B 623 -19.12 -6.01 13.56
C ASN B 623 -18.20 -7.22 13.51
N LEU B 624 -16.93 -7.00 13.18
CA LEU B 624 -16.01 -8.12 12.98
C LEU B 624 -15.86 -8.94 14.26
N VAL B 625 -15.66 -8.28 15.39
CA VAL B 625 -15.48 -8.99 16.65
C VAL B 625 -16.76 -9.72 17.03
N LEU B 626 -17.91 -9.08 16.81
CA LEU B 626 -19.18 -9.72 17.11
C LEU B 626 -19.35 -11.01 16.30
N GLN B 627 -19.04 -10.95 15.01
CA GLN B 627 -19.17 -12.14 14.18
C GLN B 627 -18.19 -13.22 14.59
N ALA B 628 -16.95 -12.85 14.92
CA ALA B 628 -15.99 -13.84 15.39
C ALA B 628 -16.48 -14.52 16.66
N LEU B 629 -17.00 -13.74 17.60
CA LEU B 629 -17.50 -14.32 18.85
C LEU B 629 -18.70 -15.23 18.60
N LEU B 630 -19.61 -14.81 17.71
CA LEU B 630 -20.77 -15.65 17.41
C LEU B 630 -20.35 -16.96 16.77
N VAL B 631 -19.32 -16.93 15.93
CA VAL B 631 -18.83 -18.16 15.33
C VAL B 631 -18.16 -19.05 16.39
N LEU B 632 -17.41 -18.44 17.31
CA LEU B 632 -16.64 -19.22 18.27
C LEU B 632 -17.53 -19.82 19.35
N LEU B 633 -18.65 -19.17 19.69
CA LEU B 633 -19.48 -19.66 20.79
C LEU B 633 -20.14 -21.01 20.49
N LYS B 634 -20.13 -21.47 19.25
CA LYS B 634 -20.86 -22.70 18.86
C LYS B 634 -19.98 -23.61 18.02
N LYS B 635 -18.70 -23.72 18.33
CA LYS B 635 -17.77 -24.59 17.60
C LYS B 635 -17.31 -25.70 18.54
N ALA B 636 -17.53 -26.94 18.12
CA ALA B 636 -17.15 -28.07 18.95
C ALA B 636 -15.64 -28.23 18.98
N PRO B 637 -15.06 -28.62 20.11
CA PRO B 637 -13.61 -28.75 20.20
C PRO B 637 -13.11 -29.96 19.44
N PRO B 638 -11.85 -29.97 19.02
CA PRO B 638 -11.33 -31.09 18.24
C PRO B 638 -11.42 -32.41 19.00
N GLN B 639 -11.66 -33.50 18.24
CA GLN B 639 -11.78 -34.84 18.81
C GLN B 639 -12.73 -34.83 20.00
N GLY B 640 -12.60 -35.84 20.87
CA GLY B 640 -13.46 -35.95 22.04
C GLY B 640 -12.89 -35.28 23.28
N ARG B 641 -12.83 -33.96 23.27
CA ARG B 641 -12.39 -33.17 24.41
C ARG B 641 -13.53 -32.27 24.87
N LYS B 642 -13.32 -31.58 25.99
CA LYS B 642 -14.37 -30.84 26.65
C LYS B 642 -13.97 -29.39 26.89
N LEU B 643 -14.97 -28.53 27.06
CA LEU B 643 -14.78 -27.10 27.20
C LEU B 643 -15.94 -26.52 28.01
N LEU B 644 -15.77 -25.29 28.47
CA LEU B 644 -16.81 -24.60 29.22
C LEU B 644 -16.55 -23.11 29.14
N ILE B 645 -17.53 -22.34 28.69
CA ILE B 645 -17.39 -20.91 28.47
C ILE B 645 -18.32 -20.16 29.41
N ILE B 646 -17.77 -19.15 30.09
CA ILE B 646 -18.51 -18.28 30.99
C ILE B 646 -18.37 -16.84 30.50
N GLY B 647 -19.49 -16.14 30.39
CA GLY B 647 -19.51 -14.77 29.97
C GLY B 647 -19.80 -13.81 31.11
N THR B 648 -19.85 -12.50 30.84
CA THR B 648 -20.19 -11.48 31.85
C THR B 648 -20.61 -10.20 31.14
N THR B 649 -21.78 -9.62 31.40
CA THR B 649 -22.32 -8.45 30.72
C THR B 649 -23.13 -7.63 31.72
N SER B 650 -23.58 -6.47 31.26
CA SER B 650 -24.42 -5.60 32.06
C SER B 650 -25.59 -5.03 31.28
N ARG B 651 -25.77 -5.40 30.00
CA ARG B 651 -26.78 -4.82 29.12
C ARG B 651 -27.49 -5.92 28.36
N LYS B 652 -28.03 -6.90 29.08
CA LYS B 652 -28.65 -8.07 28.46
C LYS B 652 -29.56 -7.70 27.30
N ASP B 653 -30.26 -6.56 27.41
CA ASP B 653 -31.20 -6.18 26.35
C ASP B 653 -30.49 -6.00 25.02
N VAL B 654 -29.38 -5.26 25.00
CA VAL B 654 -28.68 -5.04 23.75
C VAL B 654 -28.13 -6.35 23.21
N LEU B 655 -27.64 -7.22 24.10
CA LEU B 655 -27.18 -8.53 23.68
C LEU B 655 -28.30 -9.29 22.99
N GLN B 656 -29.53 -9.17 23.51
CA GLN B 656 -30.67 -9.79 22.86
C GLN B 656 -30.92 -9.17 21.49
N GLU B 657 -30.79 -7.85 21.37
CA GLU B 657 -31.06 -7.18 20.11
C GLU B 657 -30.11 -7.63 19.00
N MET B 658 -28.90 -8.09 19.35
CA MET B 658 -27.92 -8.51 18.37
C MET B 658 -28.04 -9.98 17.99
N GLU B 659 -29.04 -10.69 18.52
CA GLU B 659 -29.23 -12.11 18.23
C GLU B 659 -28.05 -12.93 18.72
N MET B 660 -27.72 -12.79 20.01
CA MET B 660 -26.66 -13.56 20.64
C MET B 660 -27.15 -14.46 21.75
N LEU B 661 -28.30 -14.17 22.36
CA LEU B 661 -28.80 -15.00 23.44
C LEU B 661 -29.30 -16.36 22.96
N ASN B 662 -29.42 -16.56 21.64
CA ASN B 662 -29.70 -17.88 21.11
C ASN B 662 -28.49 -18.80 21.16
N ALA B 663 -27.30 -18.26 21.42
CA ALA B 663 -26.09 -19.07 21.48
C ALA B 663 -25.81 -19.57 22.89
N PHE B 664 -25.94 -18.71 23.89
CA PHE B 664 -25.69 -19.11 25.27
C PHE B 664 -26.76 -20.10 25.73
N SER B 665 -26.32 -21.16 26.42
CA SER B 665 -27.24 -22.21 26.83
C SER B 665 -28.18 -21.73 27.93
N THR B 666 -27.64 -21.06 28.95
CA THR B 666 -28.44 -20.63 30.09
C THR B 666 -27.82 -19.37 30.68
N THR B 667 -28.59 -18.70 31.53
CA THR B 667 -28.18 -17.44 32.13
C THR B 667 -28.50 -17.46 33.62
N ILE B 668 -27.78 -16.62 34.36
CA ILE B 668 -27.97 -16.46 35.79
C ILE B 668 -28.13 -14.99 36.09
N HIS B 669 -28.77 -14.69 37.22
CA HIS B 669 -29.08 -13.33 37.62
C HIS B 669 -28.46 -13.04 38.98
N VAL B 670 -27.66 -11.98 39.05
CA VAL B 670 -27.02 -11.53 40.28
C VAL B 670 -27.74 -10.25 40.75
N PRO B 671 -28.40 -10.25 41.90
CA PRO B 671 -29.15 -9.08 42.32
C PRO B 671 -28.33 -8.14 43.20
N ASN B 672 -28.93 -6.99 43.50
CA ASN B 672 -28.37 -6.02 44.44
C ASN B 672 -29.00 -6.21 45.81
N ILE B 673 -28.42 -5.54 46.82
CA ILE B 673 -28.94 -5.58 48.21
C ILE B 673 -30.28 -4.88 48.14
N ALA B 674 -31.39 -5.62 48.14
CA ALA B 674 -32.74 -5.06 47.98
C ALA B 674 -33.53 -5.00 49.29
N THR B 675 -32.96 -5.38 50.43
CA THR B 675 -33.69 -5.43 51.72
C THR B 675 -32.91 -4.68 52.79
N GLY B 676 -33.59 -3.95 53.65
CA GLY B 676 -32.93 -3.19 54.71
C GLY B 676 -32.22 -4.13 55.64
N GLU B 677 -32.82 -5.27 55.96
CA GLU B 677 -32.22 -6.21 56.92
C GLU B 677 -30.89 -6.66 56.38
N GLN B 678 -30.80 -6.89 55.07
CA GLN B 678 -29.57 -7.39 54.44
C GLN B 678 -28.43 -6.38 54.61
N LEU B 679 -28.67 -5.08 54.43
CA LEU B 679 -27.57 -4.08 54.45
C LEU B 679 -26.91 -4.09 55.83
N LEU B 680 -27.65 -4.37 56.91
CA LEU B 680 -27.08 -4.40 58.25
C LEU B 680 -26.19 -5.61 58.45
N GLU B 681 -26.63 -6.79 58.00
CA GLU B 681 -25.83 -7.99 58.17
C GLU B 681 -24.51 -7.89 57.42
N ALA B 682 -24.55 -7.41 56.18
CA ALA B 682 -23.32 -7.27 55.41
C ALA B 682 -22.40 -6.26 56.04
N LEU B 683 -22.94 -5.13 56.52
CA LEU B 683 -22.12 -4.12 57.15
C LEU B 683 -21.45 -4.67 58.40
N GLU B 684 -22.19 -5.43 59.20
CA GLU B 684 -21.61 -6.03 60.40
C GLU B 684 -20.49 -7.00 60.04
N LEU B 685 -20.78 -7.94 59.12
CA LEU B 685 -19.78 -8.95 58.76
C LEU B 685 -18.55 -8.31 58.13
N LEU B 686 -18.71 -7.18 57.46
CA LEU B 686 -17.58 -6.52 56.82
C LEU B 686 -16.58 -5.95 57.82
N GLY B 687 -16.98 -5.82 59.08
CA GLY B 687 -16.06 -5.35 60.11
C GLY B 687 -15.81 -3.85 60.04
N ASN B 688 -16.84 -3.05 60.28
CA ASN B 688 -16.70 -1.60 60.28
C ASN B 688 -17.78 -1.01 61.17
N PHE B 689 -17.60 0.26 61.53
CA PHE B 689 -18.49 0.94 62.46
C PHE B 689 -18.51 0.22 63.80
N LYS B 690 -19.34 0.68 64.73
CA LYS B 690 -19.30 0.16 66.10
C LYS B 690 -20.71 -0.10 66.60
N ASP B 691 -20.80 -0.75 67.75
CA ASP B 691 -22.06 -1.22 68.30
C ASP B 691 -23.13 -0.13 68.31
N LYS B 692 -22.86 0.97 69.01
CA LYS B 692 -23.87 2.03 69.12
C LYS B 692 -24.19 2.62 67.76
N GLU B 693 -23.17 2.83 66.93
CA GLU B 693 -23.40 3.35 65.59
C GLU B 693 -24.24 2.39 64.77
N ARG B 694 -23.98 1.09 64.91
CA ARG B 694 -24.78 0.09 64.21
C ARG B 694 -26.22 0.13 64.69
N THR B 695 -26.45 0.31 65.99
CA THR B 695 -27.81 0.41 66.49
C THR B 695 -28.52 1.61 65.91
N THR B 696 -27.83 2.76 65.86
CA THR B 696 -28.45 3.94 65.26
C THR B 696 -28.78 3.71 63.79
N ILE B 697 -27.86 3.10 63.06
CA ILE B 697 -28.11 2.85 61.63
C ILE B 697 -29.29 1.90 61.45
N ALA B 698 -29.37 0.86 62.28
CA ALA B 698 -30.47 -0.08 62.18
C ALA B 698 -31.80 0.60 62.49
N GLN B 699 -31.81 1.46 63.51
CA GLN B 699 -33.04 2.19 63.83
C GLN B 699 -33.44 3.11 62.69
N GLN B 700 -32.47 3.74 62.04
CA GLN B 700 -32.79 4.72 61.00
C GLN B 700 -33.22 4.06 59.70
N VAL B 701 -32.63 2.92 59.35
CA VAL B 701 -32.80 2.39 58.00
C VAL B 701 -33.90 1.35 57.89
N LYS B 702 -34.20 0.63 58.99
CA LYS B 702 -35.15 -0.48 58.90
C LYS B 702 -36.50 -0.03 58.38
N GLY B 703 -36.85 1.24 58.56
CA GLY B 703 -38.18 1.70 58.17
C GLY B 703 -38.43 1.57 56.67
N LYS B 704 -37.45 1.95 55.86
CA LYS B 704 -37.60 2.00 54.41
C LYS B 704 -36.75 0.93 53.75
N LYS B 705 -36.84 0.83 52.40
CA LYS B 705 -36.09 -0.17 51.58
C LYS B 705 -34.84 0.48 50.98
N VAL B 706 -33.86 -0.30 50.50
CA VAL B 706 -32.56 0.21 49.95
C VAL B 706 -32.31 -0.41 48.60
N TRP B 707 -31.45 0.18 47.77
CA TRP B 707 -31.03 -0.42 46.50
C TRP B 707 -29.62 0.05 46.22
N ILE B 708 -28.63 -0.81 46.49
CA ILE B 708 -27.23 -0.40 46.44
C ILE B 708 -26.38 -1.61 46.07
N GLY B 709 -25.35 -1.38 45.26
CA GLY B 709 -24.41 -2.44 44.93
C GLY B 709 -23.30 -2.57 45.96
N ILE B 710 -22.63 -3.72 45.93
CA ILE B 710 -21.62 -4.02 46.93
C ILE B 710 -20.40 -3.13 46.76
N LYS B 711 -19.91 -2.98 45.52
CA LYS B 711 -18.72 -2.17 45.29
C LYS B 711 -18.97 -0.72 45.69
N LYS B 712 -20.12 -0.17 45.31
CA LYS B 712 -20.45 1.18 45.73
C LYS B 712 -20.63 1.27 47.23
N LEU B 713 -21.08 0.19 47.87
CA LEU B 713 -21.17 0.19 49.34
C LEU B 713 -19.78 0.32 49.96
N LEU B 714 -18.81 -0.44 49.44
CA LEU B 714 -17.45 -0.32 49.93
C LEU B 714 -16.92 1.10 49.73
N MET B 715 -17.17 1.65 48.54
CA MET B 715 -16.68 3.00 48.24
C MET B 715 -17.32 4.02 49.19
N LEU B 716 -18.61 3.91 49.45
CA LEU B 716 -19.29 4.84 50.34
C LEU B 716 -18.76 4.72 51.76
N ILE B 717 -18.54 3.49 52.24
CA ILE B 717 -17.99 3.32 53.58
C ILE B 717 -16.63 3.99 53.69
N GLU B 718 -15.76 3.76 52.70
CA GLU B 718 -14.45 4.38 52.74
C GLU B 718 -14.54 5.90 52.66
N MET B 719 -15.46 6.42 51.84
CA MET B 719 -15.62 7.87 51.73
C MET B 719 -16.06 8.47 53.05
N SER B 720 -16.99 7.80 53.74
CA SER B 720 -17.52 8.36 54.99
C SER B 720 -16.52 8.21 56.14
N LEU B 721 -15.65 7.21 56.10
CA LEU B 721 -14.77 6.97 57.23
C LEU B 721 -13.72 8.07 57.43
N GLN B 722 -13.53 8.97 56.46
CA GLN B 722 -12.47 9.96 56.55
C GLN B 722 -12.82 11.17 57.40
N MET B 723 -14.10 11.35 57.75
CA MET B 723 -14.48 12.50 58.55
C MET B 723 -14.12 12.28 60.01
N ASP B 724 -14.38 13.28 60.85
CA ASP B 724 -14.11 13.17 62.27
C ASP B 724 -15.06 12.14 62.89
N PRO B 725 -14.70 11.59 64.06
CA PRO B 725 -15.56 10.57 64.67
C PRO B 725 -16.95 11.08 65.01
N GLU B 726 -17.15 12.40 65.09
CA GLU B 726 -18.45 12.93 65.47
C GLU B 726 -19.48 12.77 64.36
N TYR B 727 -19.10 13.06 63.13
CA TYR B 727 -20.05 13.18 62.02
C TYR B 727 -20.02 11.99 61.07
N ARG B 728 -19.35 10.89 61.44
CA ARG B 728 -19.22 9.78 60.51
C ARG B 728 -20.57 9.21 60.10
N VAL B 729 -21.43 8.93 61.09
CA VAL B 729 -22.72 8.33 60.80
C VAL B 729 -23.57 9.25 59.95
N ARG B 730 -23.57 10.55 60.27
CA ARG B 730 -24.39 11.49 59.52
C ARG B 730 -23.98 11.52 58.04
N LYS B 731 -22.67 11.59 57.78
CA LYS B 731 -22.22 11.62 56.40
C LYS B 731 -22.50 10.30 55.68
N PHE B 732 -22.31 9.18 56.37
CA PHE B 732 -22.60 7.89 55.73
C PHE B 732 -24.06 7.80 55.34
N LEU B 733 -24.96 8.19 56.26
CA LEU B 733 -26.38 8.11 55.95
C LEU B 733 -26.76 9.10 54.85
N ALA B 734 -26.15 10.29 54.84
CA ALA B 734 -26.42 11.25 53.78
C ALA B 734 -26.03 10.68 52.42
N LEU B 735 -24.84 10.08 52.32
CA LEU B 735 -24.42 9.50 51.06
C LEU B 735 -25.31 8.32 50.66
N LEU B 736 -25.70 7.49 51.63
CA LEU B 736 -26.57 6.37 51.31
C LEU B 736 -27.91 6.85 50.76
N ARG B 737 -28.48 7.89 51.37
CA ARG B 737 -29.74 8.44 50.88
C ARG B 737 -29.57 9.03 49.49
N GLU B 738 -28.49 9.81 49.28
CA GLU B 738 -28.28 10.44 47.98
C GLU B 738 -28.11 9.38 46.89
N GLU B 739 -27.34 8.34 47.17
CA GLU B 739 -27.12 7.24 46.22
C GLU B 739 -28.15 6.13 46.36
N GLY B 740 -29.13 6.28 47.25
CA GLY B 740 -30.13 5.24 47.42
C GLY B 740 -30.91 4.97 46.15
N ALA B 741 -31.31 6.03 45.45
CA ALA B 741 -32.09 5.89 44.22
C ALA B 741 -33.28 4.97 44.45
N SER B 742 -33.64 4.18 43.46
CA SER B 742 -34.74 3.22 43.58
C SER B 742 -34.76 2.36 42.33
N PRO B 743 -35.41 1.18 42.40
CA PRO B 743 -35.48 0.26 41.26
C PRO B 743 -35.90 0.92 39.96
N ASN C 207 20.67 -42.06 -43.70
CA ASN C 207 20.06 -42.50 -44.96
C ASN C 207 18.80 -43.32 -44.69
N ARG C 208 18.97 -44.54 -44.17
CA ARG C 208 17.86 -45.41 -43.83
C ARG C 208 17.52 -45.40 -42.35
N GLN C 209 18.20 -44.56 -41.57
CA GLN C 209 18.00 -44.57 -40.12
C GLN C 209 16.60 -44.11 -39.76
N SER C 210 16.00 -44.79 -38.78
CA SER C 210 14.69 -44.44 -38.24
C SER C 210 14.88 -43.81 -36.88
N ILE C 211 14.24 -42.65 -36.67
CA ILE C 211 14.39 -41.94 -35.40
C ILE C 211 13.92 -42.82 -34.24
N ILE C 212 12.80 -43.52 -34.43
CA ILE C 212 12.32 -44.44 -33.40
C ILE C 212 13.36 -45.51 -33.15
N ASN C 213 13.64 -45.77 -31.88
CA ASN C 213 14.62 -46.79 -31.54
C ASN C 213 14.14 -48.16 -32.04
N PRO C 214 15.04 -49.01 -32.52
CA PRO C 214 14.59 -50.31 -33.06
C PRO C 214 13.85 -51.16 -32.04
N ASP C 215 14.14 -51.01 -30.76
CA ASP C 215 13.54 -51.83 -29.71
C ASP C 215 12.78 -50.91 -28.74
N TRP C 216 11.48 -50.75 -29.01
CA TRP C 216 10.62 -49.97 -28.10
C TRP C 216 9.19 -50.42 -28.33
N ASN C 217 8.56 -50.96 -27.29
CA ASN C 217 7.16 -51.37 -27.33
C ASN C 217 6.37 -50.54 -26.34
N PHE C 218 5.16 -50.13 -26.74
CA PHE C 218 4.36 -49.27 -25.87
C PHE C 218 4.08 -49.93 -24.53
N GLU C 219 3.91 -51.26 -24.52
CA GLU C 219 3.62 -51.95 -23.27
C GLU C 219 4.75 -51.75 -22.26
N LYS C 220 5.99 -51.88 -22.71
CA LYS C 220 7.14 -51.71 -21.82
C LYS C 220 7.27 -50.28 -21.32
N MET C 221 6.61 -49.32 -21.98
CA MET C 221 6.73 -47.92 -21.57
C MET C 221 6.33 -47.73 -20.11
N GLY C 222 5.37 -48.53 -19.62
CA GLY C 222 4.97 -48.46 -18.24
C GLY C 222 3.97 -47.37 -17.91
N ILE C 223 3.35 -46.75 -18.91
CA ILE C 223 2.37 -45.69 -18.70
C ILE C 223 0.98 -46.29 -18.81
N GLY C 224 0.18 -46.14 -17.74
CA GLY C 224 -1.17 -46.63 -17.70
C GLY C 224 -2.15 -45.49 -17.94
N GLY C 225 -3.25 -45.79 -18.62
CA GLY C 225 -4.14 -44.73 -19.02
C GLY C 225 -3.44 -43.85 -20.03
N LEU C 226 -3.98 -42.64 -20.20
CA LEU C 226 -3.35 -41.63 -21.06
C LEU C 226 -3.09 -42.18 -22.45
N ASP C 227 -4.03 -42.98 -22.96
CA ASP C 227 -3.88 -43.51 -24.32
C ASP C 227 -4.08 -42.41 -25.35
N LYS C 228 -5.14 -41.61 -25.20
CA LYS C 228 -5.45 -40.61 -26.20
C LYS C 228 -4.41 -39.49 -26.22
N GLU C 229 -3.93 -39.07 -25.05
CA GLU C 229 -2.92 -38.03 -25.00
C GLU C 229 -1.67 -38.44 -25.77
N PHE C 230 -1.16 -39.65 -25.49
CA PHE C 230 0.02 -40.12 -26.19
C PHE C 230 -0.25 -40.30 -27.67
N SER C 231 -1.44 -40.81 -28.02
CA SER C 231 -1.76 -40.98 -29.44
C SER C 231 -1.72 -39.65 -30.16
N ASP C 232 -2.34 -38.62 -29.58
CA ASP C 232 -2.34 -37.30 -30.21
C ASP C 232 -0.93 -36.73 -30.30
N ILE C 233 -0.14 -36.87 -29.24
CA ILE C 233 1.22 -36.35 -29.27
C ILE C 233 2.03 -37.02 -30.37
N PHE C 234 1.92 -38.35 -30.48
CA PHE C 234 2.65 -39.05 -31.52
C PHE C 234 2.18 -38.62 -32.91
N ARG C 235 0.87 -38.47 -33.09
CA ARG C 235 0.35 -38.09 -34.40
C ARG C 235 0.83 -36.71 -34.81
N ARG C 236 0.85 -35.76 -33.87
CA ARG C 236 1.16 -34.38 -34.22
C ARG C 236 2.63 -34.01 -34.08
N ALA C 237 3.47 -34.89 -33.51
CA ALA C 237 4.86 -34.55 -33.26
C ALA C 237 5.83 -35.39 -34.07
N PHE C 238 5.74 -36.71 -34.00
CA PHE C 238 6.70 -37.61 -34.64
C PHE C 238 6.19 -38.20 -35.94
N ALA C 239 4.98 -37.85 -36.37
CA ALA C 239 4.42 -38.43 -37.59
C ALA C 239 5.27 -38.08 -38.80
N SER C 240 5.72 -36.83 -38.89
CA SER C 240 6.45 -36.34 -40.05
C SER C 240 7.95 -36.60 -39.95
N ARG C 241 8.37 -37.53 -39.09
CA ARG C 241 9.76 -37.94 -39.01
C ARG C 241 9.94 -39.44 -39.25
N VAL C 242 8.90 -40.12 -39.72
CA VAL C 242 8.99 -41.53 -40.06
C VAL C 242 8.61 -41.80 -41.52
N PHE C 243 7.89 -40.89 -42.17
CA PHE C 243 7.48 -41.09 -43.54
C PHE C 243 8.69 -40.98 -44.48
N PRO C 244 8.64 -41.59 -45.67
CA PRO C 244 9.77 -41.51 -46.57
C PRO C 244 10.09 -40.07 -46.91
N PRO C 245 11.37 -39.78 -47.21
CA PRO C 245 11.77 -38.36 -47.30
C PRO C 245 11.25 -37.64 -48.53
N GLU C 246 11.26 -38.29 -49.70
CA GLU C 246 10.91 -37.58 -50.93
C GLU C 246 9.46 -37.11 -50.90
N ILE C 247 8.54 -37.94 -50.40
CA ILE C 247 7.13 -37.58 -50.42
C ILE C 247 6.88 -36.37 -49.52
N VAL C 248 7.49 -36.35 -48.33
CA VAL C 248 7.36 -35.17 -47.47
C VAL C 248 8.04 -33.97 -48.10
N GLU C 249 9.10 -34.23 -48.88
CA GLU C 249 9.78 -33.14 -49.59
C GLU C 249 8.85 -32.47 -50.59
N GLN C 250 8.09 -33.28 -51.35
CA GLN C 250 7.13 -32.72 -52.28
C GLN C 250 6.20 -31.75 -51.57
N MET C 251 5.77 -32.13 -50.36
CA MET C 251 4.92 -31.27 -49.55
C MET C 251 5.74 -30.21 -48.84
N GLY C 252 5.12 -29.06 -48.59
CA GLY C 252 5.80 -28.01 -47.88
C GLY C 252 5.66 -28.21 -46.38
N CYS C 253 6.68 -28.79 -45.76
CA CYS C 253 6.60 -29.24 -44.38
C CYS C 253 7.61 -28.52 -43.50
N LYS C 254 7.25 -28.37 -42.23
CA LYS C 254 8.13 -27.75 -41.24
C LYS C 254 7.78 -28.36 -39.89
N HIS C 255 8.64 -29.27 -39.41
CA HIS C 255 8.32 -30.03 -38.22
C HIS C 255 7.99 -29.11 -37.05
N VAL C 256 7.30 -29.67 -36.06
CA VAL C 256 6.90 -28.92 -34.87
C VAL C 256 8.08 -28.82 -33.92
N LYS C 257 8.10 -27.76 -33.13
CA LYS C 257 9.20 -27.46 -32.23
C LYS C 257 8.69 -27.05 -30.85
N GLY C 258 7.76 -27.84 -30.31
CA GLY C 258 7.25 -27.53 -28.99
C GLY C 258 6.16 -28.46 -28.47
N ILE C 259 6.25 -28.81 -27.20
CA ILE C 259 5.22 -29.57 -26.50
C ILE C 259 5.10 -29.02 -25.10
N LEU C 260 3.86 -28.86 -24.62
CA LEU C 260 3.61 -28.34 -23.28
C LEU C 260 2.63 -29.26 -22.56
N LEU C 261 2.92 -29.53 -21.29
CA LEU C 261 2.09 -30.40 -20.45
C LEU C 261 1.77 -29.67 -19.15
N TYR C 262 0.51 -29.69 -18.73
CA TYR C 262 0.06 -29.03 -17.48
C TYR C 262 -1.06 -29.85 -16.84
N GLY C 263 -1.35 -29.68 -15.54
CA GLY C 263 -2.38 -30.46 -14.83
C GLY C 263 -2.15 -30.53 -13.33
N PRO C 264 -3.07 -31.06 -12.51
CA PRO C 264 -2.91 -31.02 -11.06
C PRO C 264 -1.72 -31.85 -10.58
N PRO C 265 -1.16 -31.64 -9.37
CA PRO C 265 0.07 -32.34 -8.95
C PRO C 265 -0.06 -33.82 -8.59
N GLY C 266 0.63 -34.71 -9.31
CA GLY C 266 0.61 -36.15 -9.04
C GLY C 266 -0.10 -36.91 -10.14
N CYS C 267 0.01 -36.53 -11.41
CA CYS C 267 -0.76 -37.19 -12.46
C CYS C 267 0.10 -37.81 -13.55
N GLY C 268 1.42 -37.69 -13.46
CA GLY C 268 2.30 -38.36 -14.41
C GLY C 268 2.76 -37.50 -15.57
N LYS C 269 3.30 -36.31 -15.30
CA LYS C 269 3.83 -35.38 -16.33
C LYS C 269 5.31 -35.67 -16.52
N THR C 270 6.12 -35.66 -15.46
CA THR C 270 7.59 -35.87 -15.52
C THR C 270 7.89 -37.29 -15.95
N LEU C 271 7.07 -38.28 -15.64
CA LEU C 271 7.27 -39.64 -16.13
C LEU C 271 7.14 -39.71 -17.64
N LEU C 272 6.14 -39.03 -18.20
CA LEU C 272 5.94 -39.06 -19.64
C LEU C 272 7.13 -38.41 -20.37
N ALA C 273 7.63 -37.30 -19.85
CA ALA C 273 8.80 -36.67 -20.46
C ALA C 273 10.01 -37.58 -20.40
N ARG C 274 10.24 -38.24 -19.25
CA ARG C 274 11.36 -39.16 -19.14
C ARG C 274 11.25 -40.27 -20.16
N GLN C 275 10.06 -40.87 -20.29
CA GLN C 275 9.91 -42.02 -21.17
C GLN C 275 10.00 -41.61 -22.64
N ILE C 276 9.42 -40.47 -23.01
CA ILE C 276 9.51 -40.01 -24.40
C ILE C 276 10.95 -39.66 -24.73
N GLY C 277 11.70 -39.12 -23.78
CA GLY C 277 13.11 -38.90 -24.02
C GLY C 277 13.87 -40.21 -24.20
N LYS C 278 13.51 -41.23 -23.41
CA LYS C 278 14.15 -42.53 -23.55
C LYS C 278 13.82 -43.19 -24.89
N MET C 279 12.65 -42.90 -25.45
CA MET C 279 12.22 -43.59 -26.66
C MET C 279 13.18 -43.33 -27.82
N LEU C 280 13.60 -42.08 -28.00
CA LEU C 280 14.45 -41.74 -29.13
C LEU C 280 15.80 -42.44 -29.06
N ASN C 281 16.37 -42.71 -30.23
CA ASN C 281 17.63 -43.44 -30.31
C ASN C 281 18.79 -42.52 -30.01
N ALA C 282 19.59 -42.89 -29.01
CA ALA C 282 20.78 -42.14 -28.64
C ALA C 282 20.45 -40.68 -28.38
N ARG C 283 21.47 -39.82 -28.30
CA ARG C 283 21.29 -38.39 -28.09
C ARG C 283 20.52 -38.14 -26.79
N GLU C 284 21.14 -38.52 -25.68
CA GLU C 284 20.48 -38.34 -24.39
C GLU C 284 20.16 -36.87 -24.17
N PRO C 285 19.00 -36.55 -23.61
CA PRO C 285 18.56 -35.15 -23.54
C PRO C 285 19.27 -34.37 -22.44
N LYS C 286 19.18 -33.06 -22.56
CA LYS C 286 19.60 -32.15 -21.50
C LYS C 286 18.45 -31.96 -20.52
N VAL C 287 18.73 -31.26 -19.41
CA VAL C 287 17.73 -30.99 -18.39
C VAL C 287 18.07 -29.67 -17.71
N VAL C 288 17.05 -28.97 -17.27
CA VAL C 288 17.19 -27.72 -16.52
C VAL C 288 16.27 -27.85 -15.31
N ASN C 289 16.82 -28.27 -14.18
CA ASN C 289 16.04 -28.50 -12.96
C ASN C 289 15.70 -27.13 -12.35
N GLY C 290 14.54 -26.61 -12.71
CA GLY C 290 14.08 -25.35 -12.18
C GLY C 290 14.97 -24.20 -12.59
N PRO C 291 15.01 -23.14 -11.78
CA PRO C 291 15.91 -22.02 -12.09
C PRO C 291 17.36 -22.38 -11.85
N GLU C 292 17.94 -23.15 -12.76
CA GLU C 292 19.32 -23.60 -12.66
C GLU C 292 20.27 -22.77 -13.50
N ILE C 293 19.81 -21.65 -14.05
CA ILE C 293 20.60 -20.86 -14.99
C ILE C 293 20.81 -19.43 -14.52
N LEU C 294 20.20 -19.03 -13.41
CA LEU C 294 20.34 -17.66 -12.93
C LEU C 294 21.69 -17.46 -12.27
N ASN C 295 22.34 -16.34 -12.59
CA ASN C 295 23.63 -15.97 -12.02
C ASN C 295 23.58 -14.51 -11.60
N LYS C 296 24.55 -14.12 -10.78
CA LYS C 296 24.57 -12.76 -10.23
C LYS C 296 25.32 -11.77 -11.11
N TYR C 297 26.35 -12.21 -11.82
CA TYR C 297 27.08 -11.31 -12.71
C TYR C 297 26.23 -10.93 -13.91
N VAL C 298 26.37 -9.68 -14.35
CA VAL C 298 25.56 -9.19 -15.45
C VAL C 298 25.89 -9.95 -16.72
N GLY C 299 24.86 -10.50 -17.37
CA GLY C 299 24.99 -11.09 -18.67
C GLY C 299 25.36 -12.56 -18.70
N GLU C 300 25.59 -13.19 -17.54
CA GLU C 300 25.92 -14.61 -17.53
C GLU C 300 24.71 -15.49 -17.77
N SER C 301 23.52 -15.05 -17.34
CA SER C 301 22.31 -15.83 -17.59
C SER C 301 22.06 -15.98 -19.08
N GLU C 302 22.24 -14.90 -19.84
CA GLU C 302 22.05 -14.98 -21.28
C GLU C 302 23.05 -15.93 -21.93
N ALA C 303 24.29 -15.91 -21.48
CA ALA C 303 25.28 -16.86 -21.99
C ALA C 303 24.86 -18.29 -21.68
N ASN C 304 24.37 -18.53 -20.46
CA ASN C 304 23.93 -19.87 -20.10
C ASN C 304 22.79 -20.32 -20.99
N ILE C 305 21.83 -19.44 -21.25
CA ILE C 305 20.71 -19.81 -22.10
C ILE C 305 21.19 -20.10 -23.52
N ARG C 306 22.08 -19.25 -24.04
CA ARG C 306 22.54 -19.42 -25.42
C ARG C 306 23.35 -20.70 -25.59
N LYS C 307 24.09 -21.11 -24.55
CA LYS C 307 24.92 -22.30 -24.68
C LYS C 307 24.11 -23.53 -25.07
N LEU C 308 22.85 -23.61 -24.62
CA LEU C 308 22.09 -24.83 -24.81
C LEU C 308 21.90 -25.18 -26.28
N PHE C 309 21.82 -24.18 -27.16
CA PHE C 309 21.52 -24.40 -28.57
C PHE C 309 22.77 -24.49 -29.45
N ALA C 310 23.96 -24.37 -28.86
CA ALA C 310 25.18 -24.23 -29.67
C ALA C 310 25.47 -25.50 -30.46
N ASP C 311 25.41 -26.67 -29.82
CA ASP C 311 25.71 -27.91 -30.51
C ASP C 311 24.71 -28.15 -31.64
N ALA C 312 23.43 -27.90 -31.39
CA ALA C 312 22.42 -28.06 -32.43
C ALA C 312 22.68 -27.12 -33.59
N GLU C 313 23.04 -25.87 -33.29
CA GLU C 313 23.35 -24.91 -34.36
C GLU C 313 24.50 -25.41 -35.21
N GLU C 314 25.58 -25.88 -34.56
CA GLU C 314 26.74 -26.35 -35.30
C GLU C 314 26.39 -27.56 -36.16
N GLU C 315 25.64 -28.51 -35.59
CA GLU C 315 25.28 -29.71 -36.36
C GLU C 315 24.43 -29.34 -37.57
N GLN C 316 23.47 -28.44 -37.38
CA GLN C 316 22.64 -27.99 -38.49
C GLN C 316 23.49 -27.33 -39.57
N ARG C 317 24.40 -26.45 -39.16
CA ARG C 317 25.25 -25.77 -40.13
C ARG C 317 26.13 -26.77 -40.88
N ARG C 318 26.51 -27.86 -40.23
CA ARG C 318 27.42 -28.81 -40.86
C ARG C 318 26.69 -29.75 -41.82
N LEU C 319 25.73 -30.52 -41.30
CA LEU C 319 25.15 -31.62 -42.06
C LEU C 319 23.83 -31.27 -42.74
N GLY C 320 23.43 -30.01 -42.72
CA GLY C 320 22.23 -29.61 -43.46
C GLY C 320 21.01 -30.37 -43.01
N ALA C 321 20.30 -30.98 -43.97
CA ALA C 321 19.03 -31.64 -43.73
C ALA C 321 19.18 -33.13 -43.44
N ASN C 322 20.35 -33.56 -42.95
CA ASN C 322 20.58 -34.94 -42.59
C ASN C 322 20.97 -35.09 -41.12
N SER C 323 20.60 -34.13 -40.29
CA SER C 323 20.98 -34.15 -38.88
C SER C 323 20.18 -35.21 -38.13
N GLY C 324 20.44 -35.31 -36.83
CA GLY C 324 19.72 -36.23 -35.98
C GLY C 324 18.55 -35.57 -35.29
N LEU C 325 18.60 -35.46 -33.97
CA LEU C 325 17.53 -34.81 -33.22
C LEU C 325 17.99 -34.52 -31.80
N HIS C 326 17.81 -33.29 -31.34
CA HIS C 326 18.20 -32.87 -30.00
C HIS C 326 16.95 -32.51 -29.20
N ILE C 327 16.95 -32.88 -27.92
CA ILE C 327 15.80 -32.69 -27.04
C ILE C 327 16.25 -31.88 -25.83
N ILE C 328 15.48 -30.84 -25.50
CA ILE C 328 15.72 -30.03 -24.31
C ILE C 328 14.46 -30.10 -23.46
N ILE C 329 14.63 -30.47 -22.19
CA ILE C 329 13.52 -30.71 -21.29
C ILE C 329 13.58 -29.67 -20.18
N PHE C 330 12.75 -28.64 -20.27
CA PHE C 330 12.58 -27.71 -19.18
C PHE C 330 11.80 -28.37 -18.05
N ASP C 331 12.00 -27.86 -16.84
CA ASP C 331 11.26 -28.34 -15.67
C ASP C 331 10.85 -27.14 -14.83
N GLU C 332 9.61 -27.12 -14.39
CA GLU C 332 9.09 -25.95 -13.68
C GLU C 332 9.35 -24.72 -14.56
N ILE C 333 8.81 -24.67 -15.79
CA ILE C 333 9.08 -23.57 -16.71
C ILE C 333 8.54 -22.26 -16.18
N ASP C 334 7.57 -22.37 -15.27
CA ASP C 334 6.83 -21.19 -14.76
C ASP C 334 7.67 -20.36 -13.83
N ALA C 335 8.93 -20.71 -13.63
CA ALA C 335 9.78 -19.99 -12.69
C ALA C 335 10.75 -19.02 -13.37
N ILE C 336 10.97 -19.15 -14.68
CA ILE C 336 11.90 -18.30 -15.40
C ILE C 336 11.32 -17.74 -16.69
N CYS C 337 10.05 -18.01 -17.00
CA CYS C 337 9.42 -17.55 -18.23
C CYS C 337 8.06 -16.96 -17.94
N LYS C 338 7.99 -16.10 -16.92
CA LYS C 338 6.74 -15.46 -16.53
C LYS C 338 6.39 -14.33 -17.51
N GLN C 339 5.17 -13.82 -17.36
CA GLN C 339 4.72 -12.72 -18.21
C GLN C 339 5.65 -11.53 -18.07
N ARG C 340 5.99 -10.93 -19.20
CA ARG C 340 6.91 -9.79 -19.20
C ARG C 340 6.26 -8.57 -18.56
N GLY C 341 7.08 -7.79 -17.86
CA GLY C 341 6.62 -6.56 -17.25
C GLY C 341 5.56 -6.77 -16.19
N SER C 342 5.78 -7.73 -15.30
CA SER C 342 4.83 -8.07 -14.26
C SER C 342 5.33 -7.78 -12.86
N MET C 343 6.50 -8.32 -12.49
CA MET C 343 7.01 -8.20 -11.14
C MET C 343 7.69 -6.84 -10.95
N ALA C 344 7.88 -6.49 -9.67
CA ALA C 344 8.59 -5.25 -9.35
C ALA C 344 9.98 -5.26 -9.97
N GLY C 345 10.69 -6.38 -9.83
CA GLY C 345 11.94 -6.59 -10.52
C GLY C 345 12.92 -5.44 -10.40
N SER C 346 13.41 -5.20 -9.18
CA SER C 346 14.53 -4.28 -9.02
C SER C 346 15.67 -4.68 -9.95
N THR C 347 15.87 -5.98 -10.15
CA THR C 347 16.74 -6.50 -11.18
C THR C 347 15.88 -6.98 -12.35
N GLY C 348 16.25 -6.55 -13.56
CA GLY C 348 15.47 -6.86 -14.74
C GLY C 348 15.97 -8.07 -15.49
N VAL C 349 16.51 -9.05 -14.77
CA VAL C 349 17.10 -10.21 -15.43
C VAL C 349 16.03 -11.02 -16.14
N HIS C 350 14.84 -11.15 -15.55
CA HIS C 350 13.80 -12.02 -16.10
C HIS C 350 13.38 -11.59 -17.49
N ASP C 351 13.21 -10.28 -17.71
CA ASP C 351 12.80 -9.80 -19.02
C ASP C 351 13.84 -10.14 -20.07
N THR C 352 15.13 -9.93 -19.77
CA THR C 352 16.17 -10.26 -20.72
C THR C 352 16.23 -11.76 -20.99
N VAL C 353 16.01 -12.57 -19.96
CA VAL C 353 16.00 -14.02 -20.15
C VAL C 353 14.88 -14.42 -21.11
N VAL C 354 13.68 -13.87 -20.89
CA VAL C 354 12.56 -14.19 -21.76
C VAL C 354 12.86 -13.75 -23.19
N ASN C 355 13.40 -12.54 -23.36
CA ASN C 355 13.69 -12.05 -24.70
C ASN C 355 14.71 -12.94 -25.40
N GLN C 356 15.78 -13.33 -24.69
CA GLN C 356 16.80 -14.18 -25.30
C GLN C 356 16.20 -15.52 -25.71
N LEU C 357 15.39 -16.12 -24.84
CA LEU C 357 14.80 -17.42 -25.17
C LEU C 357 13.91 -17.31 -26.40
N LEU C 358 12.95 -16.39 -26.43
CA LEU C 358 12.10 -16.23 -27.62
C LEU C 358 13.01 -16.01 -28.82
N SER C 359 13.93 -15.02 -28.81
CA SER C 359 14.68 -14.73 -30.02
C SER C 359 15.50 -15.93 -30.48
N LYS C 360 15.86 -16.83 -29.58
CA LYS C 360 16.65 -17.99 -29.98
C LYS C 360 15.77 -19.10 -30.55
N ILE C 361 14.58 -19.32 -29.98
CA ILE C 361 13.76 -20.44 -30.45
C ILE C 361 13.39 -20.25 -31.92
N ASP C 362 12.96 -19.05 -32.29
CA ASP C 362 12.47 -18.77 -33.64
C ASP C 362 12.87 -17.35 -34.01
N GLY C 363 13.89 -17.22 -34.85
CA GLY C 363 14.40 -15.91 -35.22
C GLY C 363 14.85 -15.80 -36.67
N VAL C 364 15.80 -14.91 -36.93
CA VAL C 364 16.25 -14.68 -38.30
C VAL C 364 16.87 -15.95 -38.87
N GLU C 365 17.74 -16.59 -38.10
CA GLU C 365 18.35 -17.85 -38.51
C GLU C 365 17.44 -19.00 -38.09
N GLN C 366 17.23 -19.95 -38.99
CA GLN C 366 16.28 -21.03 -38.78
C GLN C 366 16.98 -22.30 -38.32
N LEU C 367 16.22 -23.14 -37.62
CA LEU C 367 16.66 -24.46 -37.20
C LEU C 367 15.54 -25.46 -37.48
N ASN C 368 15.93 -26.72 -37.68
CA ASN C 368 14.95 -27.76 -37.98
C ASN C 368 15.24 -29.08 -37.27
N ASN C 369 16.03 -29.06 -36.20
CA ASN C 369 16.42 -30.30 -35.52
C ASN C 369 16.39 -30.12 -34.01
N ILE C 370 15.33 -29.50 -33.49
CA ILE C 370 15.17 -29.36 -32.04
C ILE C 370 13.73 -29.68 -31.67
N LEU C 371 13.54 -29.99 -30.38
CA LEU C 371 12.23 -30.28 -29.83
C LEU C 371 12.25 -29.92 -28.35
N VAL C 372 11.43 -28.96 -27.95
CA VAL C 372 11.43 -28.43 -26.59
C VAL C 372 10.16 -28.90 -25.88
N ILE C 373 10.33 -29.44 -24.68
CA ILE C 373 9.22 -29.96 -23.88
C ILE C 373 9.16 -29.17 -22.57
N GLY C 374 7.97 -28.71 -22.24
CA GLY C 374 7.78 -27.91 -21.03
C GLY C 374 6.74 -28.51 -20.12
N MET C 375 7.02 -28.45 -18.82
CA MET C 375 6.12 -28.93 -17.78
C MET C 375 5.91 -27.82 -16.76
N THR C 376 4.67 -27.61 -16.31
CA THR C 376 4.31 -26.56 -15.32
C THR C 376 2.95 -26.81 -14.70
N ASN C 377 2.70 -26.33 -13.47
CA ASN C 377 1.42 -26.57 -12.73
C ASN C 377 0.59 -25.29 -12.63
N ARG C 378 1.00 -24.19 -13.26
CA ARG C 378 0.23 -22.91 -13.30
C ARG C 378 0.23 -22.39 -14.74
N PRO C 379 -0.65 -22.87 -15.64
CA PRO C 379 -0.59 -22.48 -17.04
C PRO C 379 -1.28 -21.17 -17.37
N ASP C 380 -1.09 -20.12 -16.57
CA ASP C 380 -1.60 -18.78 -16.80
C ASP C 380 -0.51 -17.73 -16.78
N LEU C 381 0.51 -17.90 -15.93
CA LEU C 381 1.60 -16.93 -15.85
C LEU C 381 2.53 -17.02 -17.07
N ILE C 382 2.45 -18.10 -17.84
CA ILE C 382 3.33 -18.25 -18.99
C ILE C 382 3.04 -17.16 -20.00
N ASP C 383 4.10 -16.58 -20.57
CA ASP C 383 3.93 -15.49 -21.52
C ASP C 383 3.21 -15.97 -22.78
N GLU C 384 2.41 -15.08 -23.36
CA GLU C 384 1.62 -15.44 -24.54
C GLU C 384 2.45 -15.50 -25.81
N ALA C 385 3.54 -14.78 -25.93
CA ALA C 385 4.35 -14.80 -27.15
C ALA C 385 5.17 -16.08 -27.21
N LEU C 386 5.13 -16.92 -26.18
CA LEU C 386 5.77 -18.23 -26.22
C LEU C 386 4.80 -19.35 -26.50
N LEU C 387 3.51 -19.06 -26.67
CA LEU C 387 2.48 -20.06 -26.85
C LEU C 387 1.72 -19.85 -28.15
N ARG C 388 2.44 -19.46 -29.21
CA ARG C 388 1.86 -19.27 -30.56
C ARG C 388 2.34 -20.43 -31.40
N PRO C 389 1.59 -20.88 -32.42
CA PRO C 389 1.95 -22.10 -33.16
C PRO C 389 3.41 -22.19 -33.58
N GLY C 390 4.06 -21.05 -33.74
CA GLY C 390 5.46 -21.07 -34.18
C GLY C 390 6.39 -21.69 -33.15
N ARG C 391 6.30 -21.33 -31.87
CA ARG C 391 7.30 -21.73 -30.85
C ARG C 391 6.83 -22.91 -29.99
N LEU C 392 5.65 -22.89 -29.39
CA LEU C 392 5.15 -24.05 -28.62
C LEU C 392 3.73 -24.32 -29.11
N GLU C 393 3.58 -25.33 -29.95
CA GLU C 393 2.31 -25.58 -30.64
C GLU C 393 1.42 -26.53 -29.85
N VAL C 394 1.92 -27.74 -29.58
CA VAL C 394 1.10 -28.81 -29.01
C VAL C 394 0.98 -28.66 -27.51
N LYS C 395 -0.15 -28.15 -27.05
CA LYS C 395 -0.45 -28.07 -25.61
C LYS C 395 -1.40 -29.19 -25.24
N MET C 396 -1.10 -29.89 -24.14
CA MET C 396 -1.93 -31.00 -23.70
C MET C 396 -2.23 -30.85 -22.21
N GLU C 397 -3.28 -31.55 -21.78
CA GLU C 397 -3.72 -31.54 -20.39
C GLU C 397 -3.76 -32.96 -19.87
N ILE C 398 -3.19 -33.16 -18.68
CA ILE C 398 -3.18 -34.47 -18.03
C ILE C 398 -4.15 -34.41 -16.87
N GLY C 399 -5.28 -35.11 -17.00
CA GLY C 399 -6.32 -35.09 -15.99
C GLY C 399 -6.27 -36.30 -15.07
N LEU C 400 -7.21 -36.32 -14.14
CA LEU C 400 -7.32 -37.44 -13.21
C LEU C 400 -7.78 -38.70 -13.95
N PRO C 401 -7.32 -39.87 -13.52
CA PRO C 401 -7.71 -41.11 -14.21
C PRO C 401 -9.16 -41.47 -13.92
N ASP C 402 -9.74 -42.23 -14.85
CA ASP C 402 -11.08 -42.77 -14.68
C ASP C 402 -10.98 -44.17 -14.06
N GLU C 403 -12.09 -44.89 -14.01
CA GLU C 403 -12.10 -46.21 -13.38
C GLU C 403 -11.20 -47.17 -14.13
N LYS C 404 -11.31 -47.21 -15.46
CA LYS C 404 -10.48 -48.10 -16.25
C LYS C 404 -9.00 -47.74 -16.11
N GLY C 405 -8.70 -46.44 -16.05
CA GLY C 405 -7.32 -46.03 -15.80
C GLY C 405 -6.81 -46.51 -14.45
N ARG C 406 -7.66 -46.45 -13.43
CA ARG C 406 -7.26 -46.96 -12.12
C ARG C 406 -6.97 -48.47 -12.20
N LEU C 407 -7.83 -49.21 -12.90
CA LEU C 407 -7.58 -50.63 -13.06
C LEU C 407 -6.26 -50.89 -13.77
N GLN C 408 -5.98 -50.14 -14.83
CA GLN C 408 -4.74 -50.34 -15.57
C GLN C 408 -3.53 -50.03 -14.70
N ILE C 409 -3.58 -48.94 -13.93
CA ILE C 409 -2.45 -48.58 -13.08
C ILE C 409 -2.23 -49.66 -12.03
N LEU C 410 -3.31 -50.11 -11.38
CA LEU C 410 -3.18 -51.15 -10.36
C LEU C 410 -2.60 -52.43 -10.96
N HIS C 411 -3.04 -52.79 -12.17
CA HIS C 411 -2.49 -53.99 -12.81
C HIS C 411 -1.02 -53.82 -13.13
N ILE C 412 -0.62 -52.63 -13.59
CA ILE C 412 0.78 -52.41 -13.94
C ILE C 412 1.66 -52.52 -12.71
N HIS C 413 1.29 -51.82 -11.63
CA HIS C 413 2.15 -51.80 -10.44
C HIS C 413 2.24 -53.18 -9.81
N THR C 414 1.12 -53.92 -9.77
CA THR C 414 1.10 -55.24 -9.15
C THR C 414 1.34 -56.32 -10.21
N ALA C 415 2.58 -56.32 -10.71
CA ALA C 415 3.00 -57.27 -11.73
C ALA C 415 4.17 -58.15 -11.27
N ARG C 416 5.22 -57.55 -10.71
CA ARG C 416 6.37 -58.34 -10.29
C ARG C 416 5.98 -59.32 -9.20
N MET C 417 5.19 -58.87 -8.23
CA MET C 417 4.77 -59.74 -7.13
C MET C 417 3.97 -60.93 -7.66
N ARG C 418 3.07 -60.68 -8.60
CA ARG C 418 2.31 -61.78 -9.20
C ARG C 418 3.24 -62.74 -9.93
N GLY C 419 4.23 -62.20 -10.65
CA GLY C 419 5.15 -63.07 -11.37
C GLY C 419 5.96 -63.97 -10.44
N HIS C 420 6.40 -63.43 -9.32
CA HIS C 420 7.19 -64.19 -8.35
C HIS C 420 6.34 -64.88 -7.30
N GLN C 421 5.01 -64.83 -7.43
CA GLN C 421 4.10 -65.54 -6.53
C GLN C 421 4.26 -65.07 -5.08
N LEU C 422 4.67 -63.82 -4.88
CA LEU C 422 4.69 -63.23 -3.55
C LEU C 422 3.33 -62.70 -3.12
N LEU C 423 2.34 -62.71 -4.00
CA LEU C 423 1.02 -62.15 -3.72
C LEU C 423 0.02 -63.26 -3.43
N SER C 424 -0.82 -63.04 -2.44
CA SER C 424 -1.84 -64.01 -2.07
C SER C 424 -2.97 -64.02 -3.10
N ALA C 425 -3.75 -65.09 -3.06
CA ALA C 425 -4.94 -65.23 -3.91
C ALA C 425 -6.18 -64.63 -3.28
N ASP C 426 -6.06 -64.09 -2.06
CA ASP C 426 -7.22 -63.51 -1.39
C ASP C 426 -7.65 -62.20 -2.04
N VAL C 427 -6.70 -61.41 -2.53
CA VAL C 427 -6.96 -60.06 -3.03
C VAL C 427 -7.37 -60.14 -4.49
N ASP C 428 -8.38 -59.34 -4.86
CA ASP C 428 -8.82 -59.20 -6.23
C ASP C 428 -8.78 -57.73 -6.63
N ILE C 429 -8.26 -57.45 -7.82
CA ILE C 429 -7.98 -56.07 -8.21
C ILE C 429 -9.26 -55.28 -8.41
N LYS C 430 -10.30 -55.92 -8.96
CA LYS C 430 -11.51 -55.19 -9.31
C LYS C 430 -12.15 -54.54 -8.09
N GLU C 431 -12.15 -55.25 -6.96
CA GLU C 431 -12.71 -54.68 -5.73
C GLU C 431 -11.96 -53.42 -5.33
N LEU C 432 -10.63 -53.45 -5.39
CA LEU C 432 -9.85 -52.26 -5.07
C LEU C 432 -10.16 -51.12 -6.05
N ALA C 433 -10.27 -51.45 -7.35
CA ALA C 433 -10.54 -50.42 -8.33
C ALA C 433 -11.88 -49.74 -8.08
N VAL C 434 -12.91 -50.53 -7.77
CA VAL C 434 -14.22 -49.97 -7.51
C VAL C 434 -14.23 -49.18 -6.21
N GLU C 435 -13.57 -49.70 -5.17
CA GLU C 435 -13.63 -49.06 -3.86
C GLU C 435 -13.00 -47.67 -3.89
N THR C 436 -11.87 -47.53 -4.56
CA THR C 436 -11.14 -46.26 -4.59
C THR C 436 -11.63 -45.41 -5.76
N LYS C 437 -11.91 -44.14 -5.47
CA LYS C 437 -12.43 -43.22 -6.46
C LYS C 437 -11.66 -41.91 -6.41
N ASN C 438 -11.40 -41.34 -7.59
CA ASN C 438 -10.70 -40.06 -7.71
C ASN C 438 -9.30 -40.11 -7.10
N PHE C 439 -8.63 -41.25 -7.22
CA PHE C 439 -7.24 -41.38 -6.83
C PHE C 439 -6.34 -41.05 -8.01
N SER C 440 -5.18 -40.49 -7.70
CA SER C 440 -4.14 -40.24 -8.69
C SER C 440 -3.06 -41.31 -8.58
N GLY C 441 -2.28 -41.46 -9.65
CA GLY C 441 -1.30 -42.53 -9.70
C GLY C 441 -0.37 -42.53 -8.50
N ALA C 442 0.02 -41.34 -8.03
CA ALA C 442 0.89 -41.27 -6.86
C ALA C 442 0.24 -41.92 -5.66
N GLU C 443 -1.05 -41.66 -5.43
CA GLU C 443 -1.73 -42.25 -4.29
C GLU C 443 -1.89 -43.75 -4.43
N LEU C 444 -2.12 -44.25 -5.65
CA LEU C 444 -2.19 -45.70 -5.84
C LEU C 444 -0.86 -46.36 -5.52
N GLU C 445 0.24 -45.77 -6.00
CA GLU C 445 1.55 -46.31 -5.68
C GLU C 445 1.81 -46.27 -4.18
N GLY C 446 1.43 -45.16 -3.54
CA GLY C 446 1.59 -45.07 -2.09
C GLY C 446 0.80 -46.13 -1.35
N LEU C 447 -0.42 -46.40 -1.81
CA LEU C 447 -1.24 -47.44 -1.19
C LEU C 447 -0.55 -48.79 -1.30
N VAL C 448 -0.04 -49.13 -2.49
CA VAL C 448 0.63 -50.41 -2.66
C VAL C 448 1.86 -50.48 -1.76
N ARG C 449 2.63 -49.39 -1.72
CA ARG C 449 3.85 -49.38 -0.90
C ARG C 449 3.52 -49.54 0.58
N ALA C 450 2.49 -48.86 1.06
CA ALA C 450 2.11 -48.98 2.47
C ALA C 450 1.64 -50.38 2.79
N ALA C 451 0.85 -51.00 1.90
CA ALA C 451 0.43 -52.38 2.13
C ALA C 451 1.64 -53.31 2.21
N GLN C 452 2.59 -53.15 1.29
CA GLN C 452 3.79 -53.99 1.33
C GLN C 452 4.56 -53.79 2.63
N SER C 453 4.71 -52.54 3.07
CA SER C 453 5.43 -52.29 4.31
C SER C 453 4.73 -52.93 5.50
N THR C 454 3.40 -52.81 5.55
CA THR C 454 2.66 -53.42 6.65
C THR C 454 2.83 -54.93 6.65
N ALA C 455 2.78 -55.55 5.48
CA ALA C 455 3.00 -56.99 5.42
C ALA C 455 4.41 -57.36 5.87
N MET C 456 5.41 -56.59 5.43
CA MET C 456 6.78 -56.91 5.79
C MET C 456 7.02 -56.79 7.28
N ASN C 457 6.43 -55.77 7.92
CA ASN C 457 6.72 -55.53 9.33
C ASN C 457 6.29 -56.68 10.23
N ARG C 458 5.43 -57.57 9.74
CA ARG C 458 4.90 -58.63 10.59
C ARG C 458 6.00 -59.51 11.17
N HIS C 459 7.14 -59.63 10.47
CA HIS C 459 8.20 -60.52 10.93
C HIS C 459 9.11 -59.84 11.94
N ILE C 460 9.61 -58.65 11.60
CA ILE C 460 10.59 -57.97 12.45
C ILE C 460 9.86 -57.40 13.66
N LYS C 461 10.35 -57.74 14.86
CA LYS C 461 9.64 -57.43 16.10
C LYS C 461 10.43 -56.52 17.03
N ALA C 462 11.66 -56.89 17.36
CA ALA C 462 12.37 -56.24 18.45
C ALA C 462 12.59 -54.76 18.17
N SER C 463 12.34 -53.93 19.19
CA SER C 463 12.68 -52.52 19.15
C SER C 463 13.99 -52.20 19.86
N THR C 464 14.37 -53.02 20.85
CA THR C 464 15.68 -52.95 21.49
C THR C 464 16.49 -54.15 21.04
N LYS C 465 17.67 -53.90 20.47
CA LYS C 465 18.50 -54.96 19.89
C LYS C 465 17.71 -55.70 18.81
N VAL C 466 17.45 -54.97 17.73
CA VAL C 466 16.62 -55.45 16.63
C VAL C 466 17.00 -56.86 16.27
N GLU C 467 16.00 -57.74 16.13
CA GLU C 467 16.18 -59.17 15.87
C GLU C 467 15.36 -59.51 14.64
N VAL C 468 15.97 -59.38 13.47
CA VAL C 468 15.27 -59.64 12.22
C VAL C 468 15.16 -61.14 12.00
N ASP C 469 13.97 -61.60 11.64
CA ASP C 469 13.73 -63.01 11.37
C ASP C 469 13.96 -63.32 9.90
N MET C 470 14.59 -64.45 9.64
CA MET C 470 14.88 -64.90 8.27
C MET C 470 14.15 -66.19 7.91
N GLU C 471 14.06 -67.14 8.83
CA GLU C 471 13.34 -68.38 8.55
C GLU C 471 11.88 -68.10 8.25
N LYS C 472 11.24 -67.24 9.04
CA LYS C 472 9.85 -66.88 8.81
C LYS C 472 9.67 -66.17 7.47
N ALA C 473 10.72 -65.51 6.99
CA ALA C 473 10.61 -64.72 5.76
C ALA C 473 10.27 -65.60 4.55
N GLU C 474 10.64 -66.88 4.59
CA GLU C 474 10.41 -67.73 3.44
C GLU C 474 8.93 -67.78 3.06
N SER C 475 8.05 -67.75 4.06
CA SER C 475 6.61 -67.74 3.82
C SER C 475 6.10 -66.32 4.01
N LEU C 476 6.02 -65.57 2.91
CA LEU C 476 5.56 -64.19 2.94
C LEU C 476 4.50 -63.99 1.87
N GLN C 477 3.37 -63.39 2.25
CA GLN C 477 2.30 -63.12 1.31
C GLN C 477 1.41 -62.02 1.89
N VAL C 478 0.83 -61.22 0.99
CA VAL C 478 0.07 -60.04 1.36
C VAL C 478 -1.41 -60.39 1.41
N THR C 479 -2.07 -60.02 2.49
CA THR C 479 -3.47 -60.32 2.71
C THR C 479 -4.35 -59.09 2.50
N ARG C 480 -5.64 -59.34 2.23
CA ARG C 480 -6.58 -58.25 2.03
C ARG C 480 -6.65 -57.34 3.25
N GLY C 481 -6.42 -57.89 4.44
CA GLY C 481 -6.43 -57.06 5.63
C GLY C 481 -5.41 -55.94 5.56
N ASP C 482 -4.25 -56.22 4.97
CA ASP C 482 -3.23 -55.18 4.79
C ASP C 482 -3.80 -54.02 3.98
N PHE C 483 -4.40 -54.32 2.83
CA PHE C 483 -4.93 -53.26 1.98
C PHE C 483 -6.05 -52.50 2.68
N LEU C 484 -6.95 -53.22 3.35
CA LEU C 484 -8.05 -52.54 4.04
C LEU C 484 -7.53 -51.61 5.13
N ALA C 485 -6.58 -52.08 5.93
CA ALA C 485 -6.01 -51.23 6.98
C ALA C 485 -5.30 -50.02 6.38
N SER C 486 -4.56 -50.23 5.28
CA SER C 486 -3.87 -49.12 4.64
C SER C 486 -4.86 -48.07 4.15
N LEU C 487 -5.96 -48.51 3.54
CA LEU C 487 -6.98 -47.56 3.12
C LEU C 487 -7.59 -46.83 4.30
N GLU C 488 -7.84 -47.56 5.40
CA GLU C 488 -8.51 -46.95 6.55
C GLU C 488 -7.64 -45.92 7.24
N ASN C 489 -6.33 -46.16 7.31
CA ASN C 489 -5.46 -45.42 8.22
C ASN C 489 -4.53 -44.43 7.53
N ASP C 490 -3.82 -44.85 6.48
CA ASP C 490 -2.65 -44.09 6.03
C ASP C 490 -2.99 -43.09 4.91
N ILE C 491 -3.45 -43.58 3.77
CA ILE C 491 -3.57 -42.76 2.57
C ILE C 491 -4.86 -41.95 2.62
N LYS C 492 -4.72 -40.64 2.56
CA LYS C 492 -5.86 -39.71 2.54
C LYS C 492 -5.83 -38.92 1.23
N PRO C 493 -6.77 -39.12 0.32
CA PRO C 493 -6.71 -38.42 -0.97
C PRO C 493 -7.01 -36.93 -0.81
N ALA C 494 -6.80 -36.19 -1.89
CA ALA C 494 -6.99 -34.75 -1.92
C ALA C 494 -8.27 -34.33 -2.62
N PHE C 495 -8.61 -34.96 -3.74
CA PHE C 495 -9.83 -34.67 -4.48
C PHE C 495 -10.96 -35.64 -4.16
N GLY C 496 -10.75 -36.55 -3.22
CA GLY C 496 -11.74 -37.53 -2.85
C GLY C 496 -12.62 -37.07 -1.71
N THR C 497 -13.27 -38.04 -1.06
CA THR C 497 -14.19 -37.80 0.04
C THR C 497 -13.57 -38.27 1.33
N ASN C 498 -13.66 -37.44 2.37
CA ASN C 498 -13.08 -37.73 3.68
C ASN C 498 -14.19 -38.03 4.68
N GLN C 499 -14.11 -39.18 5.34
CA GLN C 499 -15.12 -39.57 6.31
C GLN C 499 -15.12 -38.68 7.54
N GLU C 500 -14.03 -37.96 7.81
CA GLU C 500 -13.94 -37.18 9.03
C GLU C 500 -14.97 -36.05 9.05
N ASP C 501 -15.22 -35.44 7.89
CA ASP C 501 -16.12 -34.28 7.86
C ASP C 501 -17.52 -34.66 8.29
N TYR C 502 -18.02 -35.80 7.83
CA TYR C 502 -19.38 -36.22 8.15
C TYR C 502 -19.52 -36.75 9.57
N ALA C 503 -18.42 -36.92 10.30
CA ALA C 503 -18.48 -37.33 11.70
C ALA C 503 -18.48 -36.15 12.65
N SER C 504 -18.15 -34.95 12.17
CA SER C 504 -18.18 -33.76 13.03
C SER C 504 -19.56 -33.14 13.05
N TYR C 505 -20.28 -33.19 11.93
CA TYR C 505 -21.60 -32.59 11.82
C TYR C 505 -22.70 -33.53 12.30
N ILE C 506 -22.74 -34.74 11.77
CA ILE C 506 -23.71 -35.75 12.21
C ILE C 506 -23.09 -36.42 13.43
N MET C 507 -23.30 -35.83 14.60
CA MET C 507 -22.64 -36.27 15.82
C MET C 507 -23.42 -37.37 16.53
N ASN C 508 -24.67 -37.10 16.87
CA ASN C 508 -25.50 -38.04 17.61
C ASN C 508 -26.42 -38.86 16.71
N GLY C 509 -26.27 -38.73 15.39
CA GLY C 509 -27.04 -39.54 14.46
C GLY C 509 -28.44 -38.99 14.23
N ILE C 510 -29.14 -39.65 13.30
CA ILE C 510 -30.47 -39.25 12.89
C ILE C 510 -31.47 -40.29 13.38
N ILE C 511 -32.55 -39.83 14.01
CA ILE C 511 -33.63 -40.69 14.48
C ILE C 511 -34.91 -40.29 13.77
N LYS C 512 -35.86 -41.22 13.72
CA LYS C 512 -37.12 -41.03 13.02
C LYS C 512 -38.18 -40.68 14.06
N TRP C 513 -38.32 -39.38 14.36
CA TRP C 513 -39.28 -38.91 15.34
C TRP C 513 -40.62 -38.54 14.72
N GLY C 514 -40.80 -38.75 13.42
CA GLY C 514 -42.07 -38.43 12.79
C GLY C 514 -42.00 -38.61 11.29
N ASP C 515 -42.97 -38.02 10.61
CA ASP C 515 -43.09 -38.13 9.16
C ASP C 515 -42.16 -37.19 8.42
N PRO C 516 -41.98 -35.94 8.86
CA PRO C 516 -41.25 -34.96 8.04
C PRO C 516 -39.87 -35.42 7.60
N VAL C 517 -39.15 -36.17 8.45
CA VAL C 517 -37.81 -36.60 8.09
C VAL C 517 -37.83 -37.39 6.78
N THR C 518 -38.80 -38.29 6.65
CA THR C 518 -38.90 -39.11 5.45
C THR C 518 -39.13 -38.25 4.22
N ARG C 519 -40.03 -37.27 4.32
CA ARG C 519 -40.31 -36.41 3.17
C ARG C 519 -39.07 -35.62 2.77
N VAL C 520 -38.34 -35.10 3.75
CA VAL C 520 -37.13 -34.33 3.47
C VAL C 520 -36.12 -35.20 2.73
N LEU C 521 -35.86 -36.39 3.26
CA LEU C 521 -34.86 -37.25 2.65
C LEU C 521 -35.30 -37.71 1.26
N ASP C 522 -36.61 -37.95 1.07
CA ASP C 522 -37.10 -38.38 -0.23
C ASP C 522 -36.95 -37.27 -1.27
N ASP C 523 -37.26 -36.02 -0.87
CA ASP C 523 -37.05 -34.91 -1.80
C ASP C 523 -35.59 -34.76 -2.17
N GLY C 524 -34.69 -34.92 -1.18
CA GLY C 524 -33.27 -34.90 -1.49
C GLY C 524 -32.88 -35.98 -2.49
N GLU C 525 -33.38 -37.19 -2.28
CA GLU C 525 -33.10 -38.27 -3.22
C GLU C 525 -33.60 -37.95 -4.61
N LEU C 526 -34.81 -37.38 -4.70
CA LEU C 526 -35.37 -37.04 -6.00
C LEU C 526 -34.49 -36.01 -6.72
N LEU C 527 -34.04 -34.99 -5.99
CA LEU C 527 -33.19 -33.97 -6.63
C LEU C 527 -31.86 -34.56 -7.06
N VAL C 528 -31.28 -35.44 -6.27
CA VAL C 528 -30.02 -36.08 -6.66
C VAL C 528 -30.22 -36.89 -7.94
N GLN C 529 -31.29 -37.68 -8.00
CA GLN C 529 -31.56 -38.45 -9.20
C GLN C 529 -31.74 -37.53 -10.40
N GLN C 530 -32.46 -36.42 -10.22
CA GLN C 530 -32.68 -35.50 -11.33
C GLN C 530 -31.36 -34.95 -11.85
N THR C 531 -30.48 -34.51 -10.94
CA THR C 531 -29.24 -33.89 -11.40
C THR C 531 -28.32 -34.91 -12.05
N LYS C 532 -28.42 -36.18 -11.65
CA LYS C 532 -27.52 -37.17 -12.23
C LYS C 532 -27.90 -37.59 -13.65
N ASN C 533 -29.19 -37.60 -13.98
CA ASN C 533 -29.68 -38.27 -15.19
C ASN C 533 -30.51 -37.32 -16.05
N SER C 534 -29.99 -36.14 -16.34
CA SER C 534 -30.72 -35.22 -17.20
C SER C 534 -29.76 -34.27 -17.90
N ASP C 535 -30.06 -33.96 -19.16
CA ASP C 535 -29.42 -32.88 -19.88
C ASP C 535 -30.39 -31.70 -19.95
N ARG C 536 -29.92 -30.60 -20.54
CA ARG C 536 -30.64 -29.32 -20.58
C ARG C 536 -30.74 -28.69 -19.21
N THR C 537 -30.13 -29.27 -18.17
CA THR C 537 -30.16 -28.73 -16.82
C THR C 537 -29.00 -29.32 -16.03
N PRO C 538 -27.78 -28.87 -16.26
CA PRO C 538 -26.62 -29.43 -15.55
C PRO C 538 -26.27 -28.76 -14.23
N LEU C 539 -27.12 -27.86 -13.73
CA LEU C 539 -26.87 -27.18 -12.46
C LEU C 539 -28.20 -26.95 -11.76
N VAL C 540 -28.33 -27.46 -10.55
CA VAL C 540 -29.54 -27.31 -9.76
C VAL C 540 -29.16 -26.95 -8.33
N SER C 541 -29.99 -26.13 -7.69
CA SER C 541 -29.74 -25.67 -6.34
C SER C 541 -31.02 -25.79 -5.51
N VAL C 542 -30.85 -26.06 -4.22
CA VAL C 542 -31.96 -26.20 -3.29
C VAL C 542 -31.61 -25.44 -2.01
N LEU C 543 -32.64 -25.06 -1.27
CA LEU C 543 -32.48 -24.27 -0.05
C LEU C 543 -33.27 -24.93 1.08
N LEU C 544 -32.55 -25.33 2.14
CA LEU C 544 -33.19 -25.81 3.35
C LEU C 544 -33.36 -24.66 4.33
N GLU C 545 -34.58 -24.44 4.78
CA GLU C 545 -34.88 -23.32 5.67
C GLU C 545 -35.81 -23.77 6.78
N GLY C 546 -35.73 -23.08 7.91
CA GLY C 546 -36.55 -23.37 9.06
C GLY C 546 -36.09 -22.61 10.29
N PRO C 547 -36.82 -22.75 11.38
CA PRO C 547 -36.46 -22.04 12.62
C PRO C 547 -35.19 -22.62 13.21
N PRO C 548 -34.51 -21.87 14.08
CA PRO C 548 -33.24 -22.35 14.63
C PRO C 548 -33.43 -23.54 15.55
N HIS C 549 -32.34 -24.31 15.70
CA HIS C 549 -32.31 -25.48 16.58
C HIS C 549 -33.26 -26.56 16.08
N SER C 550 -33.37 -26.71 14.76
CA SER C 550 -34.23 -27.71 14.16
C SER C 550 -33.47 -28.85 13.49
N GLY C 551 -32.16 -28.71 13.31
CA GLY C 551 -31.36 -29.77 12.71
C GLY C 551 -31.32 -29.69 11.20
N LYS C 552 -31.06 -28.50 10.67
CA LYS C 552 -30.99 -28.31 9.23
C LYS C 552 -29.57 -28.44 8.69
N THR C 553 -28.56 -28.29 9.53
CA THR C 553 -27.17 -28.51 9.12
C THR C 553 -26.76 -29.97 9.19
N ALA C 554 -27.58 -30.83 9.81
CA ALA C 554 -27.27 -32.25 9.93
C ALA C 554 -28.05 -33.11 8.94
N LEU C 555 -29.05 -32.54 8.28
CA LEU C 555 -29.79 -33.28 7.25
C LEU C 555 -29.16 -33.10 5.87
N ALA C 556 -28.64 -31.91 5.58
CA ALA C 556 -27.94 -31.68 4.32
C ALA C 556 -26.73 -32.58 4.19
N ALA C 557 -25.98 -32.74 5.29
CA ALA C 557 -24.84 -33.65 5.28
C ALA C 557 -25.30 -35.08 5.00
N LYS C 558 -26.42 -35.49 5.59
CA LYS C 558 -26.93 -36.83 5.34
C LYS C 558 -27.29 -37.02 3.88
N ILE C 559 -27.97 -36.04 3.28
CA ILE C 559 -28.31 -36.15 1.86
C ILE C 559 -27.04 -36.26 1.03
N ALA C 560 -26.07 -35.39 1.29
CA ALA C 560 -24.84 -35.39 0.51
C ALA C 560 -24.13 -36.73 0.62
N GLU C 561 -24.03 -37.27 1.83
CA GLU C 561 -23.39 -38.56 2.02
C GLU C 561 -24.14 -39.66 1.28
N GLU C 562 -25.47 -39.66 1.36
CA GLU C 562 -26.25 -40.71 0.71
C GLU C 562 -26.23 -40.61 -0.81
N SER C 563 -25.89 -39.45 -1.36
CA SER C 563 -25.83 -39.32 -2.82
C SER C 563 -24.77 -40.23 -3.44
N ASN C 564 -23.70 -40.54 -2.71
CA ASN C 564 -22.60 -41.36 -3.20
C ASN C 564 -21.86 -40.70 -4.37
N PHE C 565 -21.90 -39.38 -4.46
CA PHE C 565 -21.18 -38.69 -5.51
C PHE C 565 -19.67 -38.76 -5.24
N PRO C 566 -18.84 -38.68 -6.27
CA PRO C 566 -17.38 -38.80 -6.05
C PRO C 566 -16.81 -37.67 -5.21
N PHE C 567 -17.05 -36.42 -5.59
CA PHE C 567 -16.43 -35.27 -4.93
C PHE C 567 -17.48 -34.57 -4.07
N ILE C 568 -17.23 -34.54 -2.77
CA ILE C 568 -18.12 -33.89 -1.81
C ILE C 568 -17.27 -33.05 -0.87
N LYS C 569 -17.71 -31.82 -0.61
CA LYS C 569 -16.92 -30.89 0.19
C LYS C 569 -17.86 -29.85 0.78
N ILE C 570 -17.93 -29.80 2.11
CA ILE C 570 -18.78 -28.86 2.82
C ILE C 570 -17.98 -27.60 3.12
N CYS C 571 -18.51 -26.45 2.69
CA CYS C 571 -17.90 -25.15 2.96
C CYS C 571 -18.66 -24.47 4.08
N SER C 572 -17.96 -24.14 5.15
CA SER C 572 -18.57 -23.60 6.36
C SER C 572 -17.73 -22.45 6.88
N PRO C 573 -18.32 -21.54 7.66
CA PRO C 573 -17.55 -20.44 8.24
C PRO C 573 -16.70 -20.84 9.44
N ASP C 574 -16.69 -22.12 9.82
CA ASP C 574 -15.89 -22.55 10.96
C ASP C 574 -14.41 -22.38 10.72
N LYS C 575 -13.98 -22.21 9.46
CA LYS C 575 -12.57 -22.12 9.11
C LYS C 575 -12.19 -20.77 8.53
N MET C 576 -12.94 -19.72 8.86
CA MET C 576 -12.64 -18.38 8.36
C MET C 576 -12.81 -17.33 9.46
N ILE C 577 -12.52 -17.71 10.71
CA ILE C 577 -12.68 -16.78 11.82
C ILE C 577 -11.69 -15.63 11.68
N GLY C 578 -12.22 -14.42 11.51
CA GLY C 578 -11.39 -13.23 11.42
C GLY C 578 -10.91 -12.88 10.03
N PHE C 579 -11.41 -13.53 8.98
CA PHE C 579 -10.99 -13.22 7.63
C PHE C 579 -11.57 -11.87 7.18
N SER C 580 -10.88 -11.25 6.24
CA SER C 580 -11.33 -9.99 5.66
C SER C 580 -12.39 -10.28 4.60
N GLU C 581 -12.77 -9.27 3.83
CA GLU C 581 -13.85 -9.43 2.86
C GLU C 581 -13.36 -10.09 1.56
N THR C 582 -12.14 -9.79 1.13
CA THR C 582 -11.62 -10.39 -0.11
C THR C 582 -11.20 -11.84 0.09
N ALA C 583 -10.71 -12.18 1.28
CA ALA C 583 -10.26 -13.54 1.53
C ALA C 583 -11.40 -14.54 1.41
N LYS C 584 -12.58 -14.17 1.90
CA LYS C 584 -13.74 -15.05 1.81
C LYS C 584 -14.09 -15.33 0.35
N CYS C 585 -14.10 -14.28 -0.47
CA CYS C 585 -14.41 -14.46 -1.89
C CYS C 585 -13.37 -15.35 -2.55
N GLN C 586 -12.09 -15.12 -2.26
CA GLN C 586 -11.05 -15.94 -2.87
C GLN C 586 -11.19 -17.40 -2.46
N ALA C 587 -11.48 -17.66 -1.18
CA ALA C 587 -11.62 -19.05 -0.72
C ALA C 587 -12.82 -19.73 -1.38
N MET C 588 -13.95 -19.04 -1.46
CA MET C 588 -15.12 -19.62 -2.11
C MET C 588 -14.82 -19.92 -3.57
N LYS C 589 -14.15 -18.99 -4.27
CA LYS C 589 -13.81 -19.24 -5.66
C LYS C 589 -12.89 -20.42 -5.79
N LYS C 590 -11.93 -20.57 -4.87
CA LYS C 590 -11.02 -21.72 -4.91
C LYS C 590 -11.79 -23.02 -4.76
N ILE C 591 -12.72 -23.07 -3.81
CA ILE C 591 -13.49 -24.30 -3.59
C ILE C 591 -14.29 -24.65 -4.84
N PHE C 592 -14.96 -23.65 -5.44
CA PHE C 592 -15.75 -23.93 -6.63
C PHE C 592 -14.87 -24.35 -7.80
N ASP C 593 -13.71 -23.70 -7.95
CA ASP C 593 -12.80 -24.08 -9.04
C ASP C 593 -12.34 -25.53 -8.87
N ASP C 594 -12.05 -25.94 -7.64
CA ASP C 594 -11.73 -27.34 -7.40
C ASP C 594 -12.91 -28.23 -7.78
N ALA C 595 -14.12 -27.82 -7.42
CA ALA C 595 -15.31 -28.62 -7.72
C ALA C 595 -15.58 -28.73 -9.21
N TYR C 596 -15.07 -27.81 -10.03
CA TYR C 596 -15.28 -27.88 -11.47
C TYR C 596 -14.45 -28.97 -12.14
N LYS C 597 -13.50 -29.59 -11.44
CA LYS C 597 -12.56 -30.50 -12.09
C LYS C 597 -13.05 -31.94 -12.15
N SER C 598 -14.03 -32.33 -11.34
CA SER C 598 -14.55 -33.68 -11.37
C SER C 598 -15.73 -33.76 -12.34
N GLN C 599 -16.34 -34.94 -12.44
CA GLN C 599 -17.46 -35.16 -13.34
C GLN C 599 -18.81 -35.01 -12.64
N LEU C 600 -18.90 -35.38 -11.36
CA LEU C 600 -20.08 -35.14 -10.55
C LEU C 600 -19.63 -34.55 -9.23
N SER C 601 -20.35 -33.53 -8.76
CA SER C 601 -19.94 -32.81 -7.56
C SER C 601 -21.16 -32.28 -6.83
N CYS C 602 -21.10 -32.31 -5.50
CA CYS C 602 -22.11 -31.72 -4.63
C CYS C 602 -21.41 -30.86 -3.61
N VAL C 603 -21.83 -29.60 -3.51
CA VAL C 603 -21.24 -28.65 -2.58
C VAL C 603 -22.32 -28.15 -1.63
N VAL C 604 -21.92 -27.84 -0.40
CA VAL C 604 -22.84 -27.43 0.66
C VAL C 604 -22.39 -26.07 1.17
N VAL C 605 -23.32 -25.11 1.16
CA VAL C 605 -23.10 -23.80 1.76
C VAL C 605 -23.90 -23.77 3.05
N ASP C 606 -23.22 -23.47 4.16
CA ASP C 606 -23.76 -23.64 5.50
C ASP C 606 -23.82 -22.29 6.19
N ASP C 607 -24.95 -21.99 6.80
CA ASP C 607 -25.13 -20.75 7.57
C ASP C 607 -24.87 -19.53 6.71
N ILE C 608 -25.74 -19.35 5.70
CA ILE C 608 -25.58 -18.22 4.79
C ILE C 608 -25.59 -16.90 5.55
N GLU C 609 -26.49 -16.78 6.53
CA GLU C 609 -26.60 -15.52 7.27
C GLU C 609 -25.29 -15.16 7.95
N ARG C 610 -24.54 -16.15 8.44
CA ARG C 610 -23.26 -15.89 9.07
C ARG C 610 -22.15 -15.67 8.05
N LEU C 611 -22.37 -16.05 6.78
CA LEU C 611 -21.37 -15.86 5.75
C LEU C 611 -21.37 -14.43 5.21
N LEU C 612 -22.47 -13.71 5.36
CA LEU C 612 -22.56 -12.32 4.92
C LEU C 612 -22.27 -11.32 6.02
N ASP C 613 -21.98 -11.77 7.24
CA ASP C 613 -21.75 -10.89 8.39
C ASP C 613 -22.98 -10.02 8.64
N TYR C 614 -24.12 -10.67 8.79
CA TYR C 614 -25.38 -9.98 8.97
C TYR C 614 -25.62 -9.65 10.45
N VAL C 615 -26.44 -8.62 10.67
CA VAL C 615 -26.82 -8.22 12.03
C VAL C 615 -28.07 -7.34 11.90
N PRO C 616 -29.10 -7.55 12.73
CA PRO C 616 -30.36 -6.83 12.49
C PRO C 616 -30.23 -5.32 12.50
N ILE C 617 -29.34 -4.77 13.32
CA ILE C 617 -29.19 -3.32 13.36
C ILE C 617 -28.57 -2.83 12.05
N GLY C 618 -28.94 -1.62 11.65
CA GLY C 618 -28.55 -1.03 10.39
C GLY C 618 -29.58 -1.17 9.28
N PRO C 619 -29.74 -2.36 8.69
CA PRO C 619 -28.96 -3.61 8.81
C PRO C 619 -27.53 -3.44 8.30
N ARG C 620 -26.60 -4.26 8.75
CA ARG C 620 -25.21 -4.20 8.30
C ARG C 620 -24.78 -5.56 7.80
N PHE C 621 -24.19 -5.60 6.61
CA PHE C 621 -23.71 -6.84 6.01
C PHE C 621 -22.63 -6.50 4.99
N SER C 622 -22.21 -7.50 4.22
CA SER C 622 -21.17 -7.34 3.22
C SER C 622 -21.78 -7.44 1.83
N ASN C 623 -21.43 -6.50 0.96
CA ASN C 623 -21.97 -6.49 -0.40
C ASN C 623 -21.17 -7.38 -1.33
N LEU C 624 -19.84 -7.40 -1.16
CA LEU C 624 -18.99 -8.15 -2.09
C LEU C 624 -19.30 -9.64 -2.06
N VAL C 625 -19.43 -10.21 -0.86
CA VAL C 625 -19.69 -11.63 -0.74
C VAL C 625 -21.07 -11.96 -1.30
N LEU C 626 -22.06 -11.10 -1.05
CA LEU C 626 -23.39 -11.34 -1.59
C LEU C 626 -23.38 -11.33 -3.11
N GLN C 627 -22.68 -10.36 -3.71
CA GLN C 627 -22.60 -10.33 -5.17
C GLN C 627 -21.90 -11.56 -5.71
N ALA C 628 -20.80 -11.97 -5.07
CA ALA C 628 -20.09 -13.15 -5.50
C ALA C 628 -20.99 -14.37 -5.46
N LEU C 629 -21.75 -14.52 -4.37
CA LEU C 629 -22.68 -15.64 -4.26
C LEU C 629 -23.73 -15.58 -5.36
N LEU C 630 -24.29 -14.39 -5.62
CA LEU C 630 -25.36 -14.27 -6.59
C LEU C 630 -24.88 -14.62 -8.00
N VAL C 631 -23.64 -14.23 -8.34
CA VAL C 631 -23.13 -14.53 -9.67
C VAL C 631 -22.58 -15.93 -9.80
N LEU C 632 -22.35 -16.63 -8.69
CA LEU C 632 -21.78 -17.97 -8.71
C LEU C 632 -22.83 -19.08 -8.69
N LEU C 633 -24.11 -18.73 -8.66
CA LEU C 633 -25.19 -19.71 -8.70
C LEU C 633 -25.77 -19.89 -10.10
N LYS C 634 -25.25 -19.17 -11.10
CA LYS C 634 -25.74 -19.27 -12.47
C LYS C 634 -24.66 -19.65 -13.46
N LYS C 635 -23.40 -19.69 -13.05
CA LYS C 635 -22.31 -20.05 -13.95
C LYS C 635 -22.30 -21.56 -14.14
N ALA C 636 -22.73 -22.01 -15.32
CA ALA C 636 -22.70 -23.43 -15.61
C ALA C 636 -21.25 -23.90 -15.74
N PRO C 637 -20.97 -25.15 -15.36
CA PRO C 637 -19.58 -25.62 -15.41
C PRO C 637 -19.13 -25.84 -16.84
N PRO C 638 -17.90 -26.30 -17.04
CA PRO C 638 -17.46 -26.65 -18.40
C PRO C 638 -18.39 -27.70 -19.00
N GLN C 639 -18.66 -27.55 -20.29
CA GLN C 639 -19.63 -28.42 -20.95
C GLN C 639 -19.27 -29.88 -20.76
N GLY C 640 -20.27 -30.68 -20.37
CA GLY C 640 -20.09 -32.09 -20.16
C GLY C 640 -19.97 -32.51 -18.71
N ARG C 641 -20.18 -31.60 -17.75
CA ARG C 641 -20.04 -31.92 -16.34
C ARG C 641 -21.23 -31.36 -15.57
N LYS C 642 -21.54 -32.01 -14.44
CA LYS C 642 -22.69 -31.69 -13.62
C LYS C 642 -22.24 -31.00 -12.33
N LEU C 643 -23.23 -30.60 -11.52
CA LEU C 643 -22.95 -29.94 -10.24
C LEU C 643 -24.25 -29.79 -9.49
N LEU C 644 -24.17 -29.89 -8.17
CA LEU C 644 -25.33 -29.65 -7.30
C LEU C 644 -24.89 -28.85 -6.09
N ILE C 645 -25.77 -27.98 -5.61
CA ILE C 645 -25.50 -27.10 -4.48
C ILE C 645 -26.65 -27.19 -3.50
N ILE C 646 -26.33 -27.31 -2.22
CA ILE C 646 -27.32 -27.31 -1.14
C ILE C 646 -26.96 -26.22 -0.15
N GLY C 647 -27.90 -25.32 0.10
CA GLY C 647 -27.68 -24.20 1.01
C GLY C 647 -28.58 -24.28 2.22
N THR C 648 -28.05 -23.89 3.37
CA THR C 648 -28.80 -23.89 4.62
C THR C 648 -28.82 -22.51 5.24
N THR C 649 -29.98 -22.11 5.75
CA THR C 649 -30.15 -20.81 6.40
C THR C 649 -31.22 -20.93 7.47
N SER C 650 -31.44 -19.83 8.19
CA SER C 650 -32.43 -19.81 9.26
C SER C 650 -33.33 -18.58 9.25
N ARG C 651 -33.16 -17.65 8.30
CA ARG C 651 -33.98 -16.44 8.22
C ARG C 651 -34.38 -16.27 6.75
N LYS C 652 -35.55 -16.80 6.40
CA LYS C 652 -36.00 -16.74 5.01
C LYS C 652 -36.31 -15.31 4.58
N ASP C 653 -36.92 -14.52 5.46
CA ASP C 653 -37.37 -13.19 5.07
C ASP C 653 -36.20 -12.30 4.67
N VAL C 654 -35.10 -12.35 5.42
CA VAL C 654 -33.95 -11.50 5.11
C VAL C 654 -33.42 -11.83 3.72
N LEU C 655 -33.28 -13.13 3.42
CA LEU C 655 -32.83 -13.52 2.08
C LEU C 655 -33.83 -13.08 1.02
N GLN C 656 -35.13 -13.15 1.35
CA GLN C 656 -36.15 -12.72 0.39
C GLN C 656 -36.00 -11.24 0.05
N GLU C 657 -35.73 -10.41 1.06
CA GLU C 657 -35.64 -8.97 0.81
C GLU C 657 -34.49 -8.63 -0.13
N MET C 658 -33.45 -9.45 -0.15
CA MET C 658 -32.28 -9.19 -0.99
C MET C 658 -32.47 -9.64 -2.43
N GLU C 659 -33.61 -10.23 -2.76
CA GLU C 659 -33.86 -10.76 -4.11
C GLU C 659 -32.95 -11.95 -4.40
N MET C 660 -32.77 -12.81 -3.40
CA MET C 660 -31.90 -13.98 -3.52
C MET C 660 -32.66 -15.28 -3.73
N LEU C 661 -33.95 -15.33 -3.40
CA LEU C 661 -34.73 -16.54 -3.62
C LEU C 661 -34.94 -16.83 -5.10
N ASN C 662 -34.78 -15.82 -5.96
CA ASN C 662 -34.88 -16.06 -7.40
C ASN C 662 -33.77 -16.98 -7.87
N ALA C 663 -32.56 -16.81 -7.33
CA ALA C 663 -31.43 -17.62 -7.78
C ALA C 663 -31.66 -19.09 -7.50
N PHE C 664 -32.17 -19.43 -6.32
CA PHE C 664 -32.39 -20.83 -5.97
C PHE C 664 -33.54 -21.41 -6.78
N SER C 665 -33.50 -22.73 -6.95
CA SER C 665 -34.45 -23.42 -7.82
C SER C 665 -35.66 -23.99 -7.07
N THR C 666 -35.59 -24.13 -5.77
CA THR C 666 -36.69 -24.69 -4.99
C THR C 666 -36.47 -24.38 -3.52
N THR C 667 -37.30 -24.96 -2.66
CA THR C 667 -37.22 -24.71 -1.23
C THR C 667 -37.79 -25.91 -0.48
N ILE C 668 -37.24 -26.16 0.71
CA ILE C 668 -37.68 -27.25 1.57
C ILE C 668 -37.81 -26.72 2.99
N HIS C 669 -38.77 -27.27 3.74
CA HIS C 669 -39.09 -26.78 5.08
C HIS C 669 -38.81 -27.86 6.10
N VAL C 670 -38.13 -27.49 7.18
CA VAL C 670 -37.77 -28.40 8.27
C VAL C 670 -38.49 -27.92 9.53
N PRO C 671 -39.55 -28.63 9.98
CA PRO C 671 -40.34 -28.12 11.10
C PRO C 671 -39.79 -28.48 12.47
N ASN C 672 -40.53 -28.14 13.52
CA ASN C 672 -40.22 -28.50 14.90
C ASN C 672 -41.17 -29.57 15.38
N ILE C 673 -40.86 -30.14 16.57
CA ILE C 673 -41.71 -31.17 17.23
C ILE C 673 -42.89 -30.40 17.76
N ALA C 674 -44.01 -30.34 17.05
CA ALA C 674 -45.15 -29.47 17.43
C ALA C 674 -46.32 -30.20 18.08
N THR C 675 -46.22 -31.50 18.36
CA THR C 675 -47.33 -32.29 18.92
C THR C 675 -46.87 -33.08 20.14
N GLY C 676 -47.75 -33.27 21.10
CA GLY C 676 -47.40 -34.03 22.30
C GLY C 676 -47.05 -35.44 21.91
N GLU C 677 -47.77 -36.04 20.97
CA GLU C 677 -47.55 -37.46 20.59
C GLU C 677 -46.15 -37.61 20.00
N GLN C 678 -45.69 -36.64 19.21
CA GLN C 678 -44.34 -36.64 18.59
C GLN C 678 -43.26 -36.59 19.67
N LEU C 679 -43.46 -35.83 20.75
CA LEU C 679 -42.43 -35.67 21.80
C LEU C 679 -42.21 -37.03 22.48
N LEU C 680 -43.24 -37.82 22.76
CA LEU C 680 -43.14 -39.11 23.40
C LEU C 680 -42.37 -40.10 22.54
N GLU C 681 -42.60 -40.07 21.22
CA GLU C 681 -41.86 -40.95 20.33
C GLU C 681 -40.37 -40.66 20.36
N ALA C 682 -40.00 -39.38 20.35
CA ALA C 682 -38.59 -39.03 20.44
C ALA C 682 -37.98 -39.47 21.76
N LEU C 683 -38.71 -39.27 22.86
CA LEU C 683 -38.21 -39.70 24.17
C LEU C 683 -37.99 -41.21 24.19
N GLU C 684 -38.94 -41.98 23.65
CA GLU C 684 -38.79 -43.43 23.61
C GLU C 684 -37.60 -43.84 22.75
N LEU C 685 -37.45 -43.21 21.59
CA LEU C 685 -36.34 -43.56 20.71
C LEU C 685 -34.99 -43.27 21.35
N LEU C 686 -34.86 -42.12 22.01
CA LEU C 686 -33.60 -41.79 22.66
C LEU C 686 -33.29 -42.78 23.78
N GLY C 687 -34.29 -43.11 24.59
CA GLY C 687 -34.10 -44.09 25.65
C GLY C 687 -33.46 -43.54 26.90
N ASN C 688 -34.08 -42.51 27.50
CA ASN C 688 -33.60 -41.93 28.74
C ASN C 688 -34.59 -42.11 29.89
N PHE C 689 -35.85 -41.72 29.68
CA PHE C 689 -36.91 -41.92 30.66
C PHE C 689 -37.74 -43.14 30.27
N LYS C 690 -38.23 -43.84 31.28
CA LYS C 690 -39.02 -45.04 31.03
C LYS C 690 -39.81 -45.39 32.29
N ASP C 691 -40.80 -46.26 32.12
CA ASP C 691 -41.59 -46.77 33.23
C ASP C 691 -42.48 -45.67 33.84
N LYS C 692 -42.50 -45.58 35.17
CA LYS C 692 -43.41 -44.66 35.84
C LYS C 692 -43.17 -43.22 35.37
N GLU C 693 -41.91 -42.85 35.18
CA GLU C 693 -41.61 -41.48 34.77
C GLU C 693 -42.21 -41.16 33.41
N ARG C 694 -42.16 -42.11 32.48
CA ARG C 694 -42.78 -41.90 31.18
C ARG C 694 -44.28 -41.67 31.32
N THR C 695 -44.94 -42.46 32.16
CA THR C 695 -46.38 -42.27 32.36
C THR C 695 -46.67 -40.91 32.96
N THR C 696 -45.87 -40.47 33.93
CA THR C 696 -46.09 -39.16 34.52
C THR C 696 -45.91 -38.05 33.49
N ILE C 697 -44.87 -38.14 32.67
CA ILE C 697 -44.65 -37.13 31.65
C ILE C 697 -45.80 -37.13 30.64
N ALA C 698 -46.25 -38.31 30.24
CA ALA C 698 -47.35 -38.39 29.30
C ALA C 698 -48.61 -37.76 29.87
N GLN C 699 -48.92 -38.04 31.13
CA GLN C 699 -50.10 -37.45 31.75
C GLN C 699 -49.97 -35.93 31.84
N GLN C 700 -48.79 -35.43 32.21
CA GLN C 700 -48.62 -33.99 32.39
C GLN C 700 -48.68 -33.25 31.06
N VAL C 701 -48.10 -33.83 30.00
CA VAL C 701 -47.96 -33.10 28.75
C VAL C 701 -49.15 -33.33 27.81
N LYS C 702 -49.80 -34.49 27.90
CA LYS C 702 -50.91 -34.77 27.01
C LYS C 702 -52.05 -33.78 27.24
N GLY C 703 -52.73 -33.43 26.16
CA GLY C 703 -53.75 -32.40 26.21
C GLY C 703 -53.22 -30.99 26.15
N LYS C 704 -52.05 -30.80 25.55
CA LYS C 704 -51.42 -29.50 25.44
C LYS C 704 -50.71 -29.39 24.10
N LYS C 705 -50.17 -28.21 23.78
CA LYS C 705 -49.40 -27.99 22.53
C LYS C 705 -47.93 -27.76 22.93
N VAL C 706 -46.98 -28.27 22.14
CA VAL C 706 -45.54 -28.11 22.41
C VAL C 706 -44.91 -27.44 21.20
N TRP C 707 -43.75 -26.80 21.37
CA TRP C 707 -43.00 -26.17 20.29
C TRP C 707 -41.53 -26.16 20.72
N ILE C 708 -40.76 -27.13 20.24
CA ILE C 708 -39.38 -27.29 20.67
C ILE C 708 -38.62 -28.01 19.56
N GLY C 709 -37.36 -27.60 19.37
CA GLY C 709 -36.51 -28.23 18.39
C GLY C 709 -35.73 -29.40 18.98
N ILE C 710 -35.19 -30.22 18.09
CA ILE C 710 -34.51 -31.44 18.53
C ILE C 710 -33.13 -31.17 19.13
N LYS C 711 -32.49 -30.07 18.77
CA LYS C 711 -31.20 -29.76 19.39
C LYS C 711 -31.38 -29.23 20.81
N LYS C 712 -32.49 -28.56 21.09
CA LYS C 712 -32.78 -28.11 22.44
C LYS C 712 -33.24 -29.25 23.33
N LEU C 713 -33.90 -30.26 22.75
CA LEU C 713 -34.37 -31.39 23.54
C LEU C 713 -33.22 -32.14 24.18
N LEU C 714 -32.14 -32.36 23.41
CA LEU C 714 -30.99 -33.07 23.96
C LEU C 714 -30.35 -32.29 25.10
N MET C 715 -30.21 -30.97 24.94
CA MET C 715 -29.65 -30.16 26.01
C MET C 715 -30.52 -30.22 27.26
N LEU C 716 -31.83 -30.14 27.08
CA LEU C 716 -32.73 -30.22 28.24
C LEU C 716 -32.63 -31.58 28.93
N ILE C 717 -32.55 -32.65 28.14
CA ILE C 717 -32.46 -33.99 28.73
C ILE C 717 -31.16 -34.15 29.50
N GLU C 718 -30.04 -33.68 28.93
CA GLU C 718 -28.76 -33.83 29.59
C GLU C 718 -28.58 -32.90 30.77
N MET C 719 -29.29 -31.77 30.80
CA MET C 719 -29.17 -30.84 31.90
C MET C 719 -30.03 -31.23 33.11
N SER C 720 -31.05 -32.05 32.90
CA SER C 720 -31.96 -32.45 33.96
C SER C 720 -31.58 -33.76 34.63
N LEU C 721 -30.48 -34.38 34.22
CA LEU C 721 -30.05 -35.67 34.77
C LEU C 721 -28.97 -35.52 35.83
N GLN C 722 -28.72 -34.30 36.31
CA GLN C 722 -27.68 -34.08 37.30
C GLN C 722 -28.20 -34.09 38.73
N MET C 723 -29.51 -33.98 38.94
CA MET C 723 -30.07 -33.96 40.27
C MET C 723 -30.18 -35.39 40.81
N ASP C 724 -30.69 -35.51 42.03
CA ASP C 724 -30.88 -36.82 42.63
C ASP C 724 -31.98 -37.58 41.89
N PRO C 725 -31.96 -38.91 41.95
CA PRO C 725 -32.92 -39.68 41.14
C PRO C 725 -34.33 -39.72 41.73
N GLU C 726 -34.84 -38.56 42.11
CA GLU C 726 -36.24 -38.44 42.50
C GLU C 726 -36.90 -37.13 42.07
N TYR C 727 -36.12 -36.13 41.65
CA TYR C 727 -36.66 -34.85 41.18
C TYR C 727 -36.42 -34.64 39.70
N ARG C 728 -35.88 -35.64 39.00
CA ARG C 728 -35.54 -35.46 37.59
C ARG C 728 -36.77 -35.14 36.76
N VAL C 729 -37.88 -35.85 36.99
CA VAL C 729 -39.10 -35.60 36.23
C VAL C 729 -39.61 -34.20 36.48
N ARG C 730 -39.63 -33.78 37.74
CA ARG C 730 -40.12 -32.44 38.07
C ARG C 730 -39.26 -31.37 37.41
N LYS C 731 -37.94 -31.52 37.46
CA LYS C 731 -37.07 -30.52 36.84
C LYS C 731 -37.23 -30.51 35.33
N PHE C 732 -37.39 -31.68 34.72
CA PHE C 732 -37.59 -31.71 33.26
C PHE C 732 -38.88 -31.01 32.88
N LEU C 733 -39.97 -31.27 33.62
CA LEU C 733 -41.22 -30.58 33.33
C LEU C 733 -41.08 -29.08 33.54
N ALA C 734 -40.39 -28.66 34.60
CA ALA C 734 -40.22 -27.24 34.86
C ALA C 734 -39.44 -26.58 33.74
N LEU C 735 -38.37 -27.22 33.26
CA LEU C 735 -37.59 -26.65 32.17
C LEU C 735 -38.41 -26.59 30.88
N LEU C 736 -39.16 -27.64 30.58
CA LEU C 736 -39.95 -27.66 29.36
C LEU C 736 -41.02 -26.57 29.38
N ARG C 737 -41.64 -26.35 30.54
CA ARG C 737 -42.69 -25.34 30.63
C ARG C 737 -42.12 -23.93 30.65
N GLU C 738 -41.01 -23.72 31.37
CA GLU C 738 -40.48 -22.38 31.54
C GLU C 738 -39.99 -21.79 30.22
N GLU C 739 -39.40 -22.63 29.36
CA GLU C 739 -38.87 -22.15 28.09
C GLU C 739 -39.92 -21.44 27.25
N GLY C 740 -41.19 -21.61 27.56
CA GLY C 740 -42.22 -20.86 26.86
C GLY C 740 -42.39 -21.27 25.41
N ALA C 741 -42.91 -22.48 25.19
CA ALA C 741 -43.18 -22.96 23.85
C ALA C 741 -43.80 -21.87 22.98
N SER C 742 -44.92 -21.30 23.44
CA SER C 742 -45.59 -20.16 22.82
C SER C 742 -45.64 -20.32 21.29
N PRO C 743 -46.33 -21.35 20.79
CA PRO C 743 -46.42 -21.59 19.34
C PRO C 743 -47.05 -20.40 18.60
N ARG D 208 27.68 0.21 -64.45
CA ARG D 208 26.37 0.63 -63.97
C ARG D 208 25.89 -0.28 -62.84
N GLN D 209 26.52 -0.15 -61.68
CA GLN D 209 26.16 -0.95 -60.52
C GLN D 209 24.80 -0.52 -60.00
N SER D 210 23.94 -1.50 -59.72
CA SER D 210 22.60 -1.25 -59.18
C SER D 210 22.53 -1.85 -57.78
N ILE D 211 22.04 -1.05 -56.83
CA ILE D 211 21.97 -1.51 -55.45
C ILE D 211 21.01 -2.69 -55.32
N ILE D 212 20.01 -2.77 -56.20
CA ILE D 212 19.03 -3.84 -56.16
C ILE D 212 19.54 -5.01 -56.99
N ASN D 213 19.29 -6.22 -56.50
CA ASN D 213 19.74 -7.41 -57.21
C ASN D 213 19.07 -7.48 -58.59
N PRO D 214 19.82 -7.84 -59.64
CA PRO D 214 19.20 -7.87 -60.98
C PRO D 214 18.05 -8.86 -61.08
N ASP D 215 18.13 -9.99 -60.39
CA ASP D 215 17.12 -11.04 -60.48
C ASP D 215 16.27 -10.99 -59.21
N TRP D 216 15.12 -10.33 -59.30
CA TRP D 216 14.24 -10.18 -58.15
C TRP D 216 12.82 -9.93 -58.63
N ASN D 217 11.85 -10.27 -57.80
CA ASN D 217 10.45 -10.10 -58.12
C ASN D 217 9.63 -10.23 -56.85
N PHE D 218 8.66 -9.34 -56.67
CA PHE D 218 7.87 -9.33 -55.44
C PHE D 218 7.18 -10.67 -55.20
N GLU D 219 6.88 -11.41 -56.27
CA GLU D 219 6.28 -12.73 -56.11
C GLU D 219 7.27 -13.72 -55.49
N LYS D 220 8.55 -13.57 -55.81
CA LYS D 220 9.54 -14.57 -55.39
C LYS D 220 9.67 -14.63 -53.87
N MET D 221 9.64 -13.47 -53.21
CA MET D 221 9.92 -13.45 -51.77
C MET D 221 8.94 -14.33 -51.00
N GLY D 222 7.66 -14.26 -51.36
CA GLY D 222 6.67 -15.11 -50.72
C GLY D 222 6.05 -14.49 -49.48
N ILE D 223 5.57 -13.26 -49.61
CA ILE D 223 4.88 -12.56 -48.53
C ILE D 223 3.61 -11.97 -49.11
N GLY D 224 2.48 -12.16 -48.40
CA GLY D 224 1.20 -11.74 -48.88
C GLY D 224 0.44 -10.95 -47.85
N GLY D 225 -0.54 -10.18 -48.33
CA GLY D 225 -1.40 -9.39 -47.47
C GLY D 225 -0.78 -8.12 -46.93
N LEU D 226 0.40 -7.75 -47.38
CA LEU D 226 1.11 -6.57 -46.89
C LEU D 226 1.68 -5.77 -48.07
N ASP D 227 0.84 -5.54 -49.08
CA ASP D 227 1.30 -4.82 -50.27
C ASP D 227 1.54 -3.35 -49.95
N LYS D 228 0.59 -2.71 -49.27
CA LYS D 228 0.70 -1.28 -48.99
C LYS D 228 1.91 -0.98 -48.12
N GLU D 229 2.16 -1.83 -47.12
CA GLU D 229 3.30 -1.60 -46.23
C GLU D 229 4.61 -1.65 -47.02
N PHE D 230 4.75 -2.64 -47.89
CA PHE D 230 5.97 -2.74 -48.69
C PHE D 230 6.10 -1.55 -49.64
N SER D 231 5.00 -1.12 -50.25
CA SER D 231 5.05 0.03 -51.14
C SER D 231 5.52 1.27 -50.39
N ASP D 232 4.97 1.50 -49.20
CA ASP D 232 5.35 2.66 -48.41
C ASP D 232 6.82 2.59 -48.01
N ILE D 233 7.26 1.42 -47.55
CA ILE D 233 8.65 1.26 -47.13
C ILE D 233 9.59 1.54 -48.30
N PHE D 234 9.27 0.96 -49.46
CA PHE D 234 10.10 1.19 -50.64
C PHE D 234 10.16 2.67 -50.97
N ARG D 235 8.99 3.31 -51.07
CA ARG D 235 8.95 4.73 -51.42
C ARG D 235 9.81 5.56 -50.47
N ARG D 236 9.70 5.31 -49.17
CA ARG D 236 10.33 6.17 -48.19
C ARG D 236 11.75 5.78 -47.83
N ALA D 237 12.26 4.64 -48.29
CA ALA D 237 13.61 4.25 -47.90
C ALA D 237 14.46 3.66 -49.01
N PHE D 238 13.98 3.62 -50.27
CA PHE D 238 14.81 3.11 -51.35
C PHE D 238 14.64 3.89 -52.65
N ALA D 239 13.84 4.96 -52.66
CA ALA D 239 13.67 5.75 -53.87
C ALA D 239 14.87 6.65 -54.10
N SER D 240 15.48 7.18 -53.04
CA SER D 240 16.59 8.11 -53.19
C SER D 240 17.82 7.41 -53.76
N ARG D 241 18.01 6.13 -53.46
CA ARG D 241 19.25 5.45 -53.84
C ARG D 241 19.21 4.98 -55.29
N VAL D 242 18.04 4.57 -55.79
CA VAL D 242 17.96 4.03 -57.14
C VAL D 242 17.87 5.14 -58.18
N PHE D 243 17.45 6.35 -57.80
CA PHE D 243 17.34 7.44 -58.75
C PHE D 243 18.73 7.77 -59.30
N PRO D 244 18.81 8.26 -60.53
CA PRO D 244 20.13 8.55 -61.12
C PRO D 244 21.00 9.37 -60.18
N PRO D 245 22.24 8.96 -59.97
CA PRO D 245 23.05 9.59 -58.91
C PRO D 245 23.27 11.08 -59.10
N GLU D 246 23.40 11.54 -60.35
CA GLU D 246 23.79 12.93 -60.57
C GLU D 246 22.74 13.89 -60.03
N ILE D 247 21.47 13.65 -60.35
CA ILE D 247 20.42 14.56 -59.90
C ILE D 247 20.31 14.53 -58.38
N VAL D 248 20.46 13.36 -57.77
CA VAL D 248 20.40 13.26 -56.32
C VAL D 248 21.52 14.06 -55.69
N GLU D 249 22.74 13.96 -56.23
CA GLU D 249 23.85 14.74 -55.71
C GLU D 249 23.57 16.23 -55.87
N GLN D 250 23.05 16.64 -57.03
CA GLN D 250 22.77 18.05 -57.25
C GLN D 250 21.74 18.57 -56.25
N MET D 251 20.69 17.80 -56.01
CA MET D 251 19.64 18.23 -55.09
C MET D 251 20.19 18.41 -53.69
N GLY D 252 20.97 17.45 -53.20
CA GLY D 252 21.44 17.46 -51.84
C GLY D 252 20.44 16.80 -50.92
N CYS D 253 20.86 15.73 -50.24
CA CYS D 253 19.95 14.97 -49.40
C CYS D 253 20.76 14.17 -48.39
N LYS D 254 20.05 13.66 -47.39
CA LYS D 254 20.61 12.76 -46.38
C LYS D 254 19.73 11.52 -46.34
N HIS D 255 20.26 10.40 -46.81
CA HIS D 255 19.47 9.18 -46.93
C HIS D 255 18.89 8.80 -45.58
N VAL D 256 17.62 8.37 -45.58
CA VAL D 256 17.00 7.90 -44.36
C VAL D 256 17.79 6.72 -43.82
N LYS D 257 17.94 6.67 -42.50
CA LYS D 257 18.74 5.66 -41.82
C LYS D 257 17.99 5.08 -40.64
N GLY D 258 16.73 4.70 -40.86
CA GLY D 258 15.94 4.11 -39.79
C GLY D 258 14.61 3.55 -40.21
N ILE D 259 14.24 2.42 -39.61
CA ILE D 259 12.94 1.78 -39.84
C ILE D 259 12.51 1.11 -38.54
N LEU D 260 11.21 1.13 -38.28
CA LEU D 260 10.64 0.51 -37.10
C LEU D 260 9.43 -0.33 -37.49
N LEU D 261 9.24 -1.44 -36.78
CA LEU D 261 8.15 -2.36 -37.06
C LEU D 261 7.61 -2.88 -35.73
N TYR D 262 6.30 -2.71 -35.50
CA TYR D 262 5.67 -3.15 -34.27
C TYR D 262 4.31 -3.74 -34.59
N GLY D 263 3.83 -4.62 -33.71
CA GLY D 263 2.54 -5.23 -33.86
C GLY D 263 2.35 -6.43 -32.96
N PRO D 264 1.21 -7.11 -33.10
CA PRO D 264 0.96 -8.29 -32.28
C PRO D 264 1.80 -9.47 -32.74
N PRO D 265 2.02 -10.48 -31.88
CA PRO D 265 2.90 -11.55 -32.24
C PRO D 265 2.35 -12.42 -33.36
N GLY D 266 3.18 -12.80 -34.34
CA GLY D 266 2.79 -13.74 -35.41
C GLY D 266 2.17 -13.04 -36.59
N CYS D 267 2.83 -12.04 -37.18
CA CYS D 267 2.28 -11.28 -38.30
C CYS D 267 3.22 -11.34 -39.50
N GLY D 268 4.53 -11.40 -39.24
CA GLY D 268 5.49 -11.53 -40.33
C GLY D 268 6.60 -10.49 -40.34
N LYS D 269 6.86 -9.90 -39.17
CA LYS D 269 7.94 -8.91 -38.99
C LYS D 269 9.26 -9.55 -39.39
N THR D 270 9.65 -10.68 -38.84
CA THR D 270 10.98 -11.27 -39.12
C THR D 270 10.97 -11.80 -40.53
N LEU D 271 9.82 -11.99 -41.17
CA LEU D 271 9.80 -12.32 -42.59
C LEU D 271 10.17 -11.11 -43.44
N LEU D 272 9.63 -9.94 -43.10
CA LEU D 272 10.00 -8.72 -43.82
C LEU D 272 11.49 -8.46 -43.70
N ALA D 273 12.03 -8.60 -42.48
CA ALA D 273 13.45 -8.34 -42.28
C ALA D 273 14.31 -9.29 -43.12
N ARG D 274 13.98 -10.58 -43.08
CA ARG D 274 14.76 -11.56 -43.83
C ARG D 274 14.68 -11.30 -45.33
N GLN D 275 13.48 -11.01 -45.84
CA GLN D 275 13.32 -10.77 -47.27
C GLN D 275 14.07 -9.51 -47.70
N ILE D 276 14.01 -8.45 -46.90
CA ILE D 276 14.75 -7.23 -47.24
C ILE D 276 16.24 -7.52 -47.25
N GLY D 277 16.73 -8.28 -46.26
CA GLY D 277 18.13 -8.65 -46.25
C GLY D 277 18.52 -9.42 -47.50
N LYS D 278 17.65 -10.32 -47.96
CA LYS D 278 17.96 -11.12 -49.14
C LYS D 278 17.92 -10.28 -50.41
N MET D 279 17.03 -9.29 -50.48
CA MET D 279 16.81 -8.56 -51.73
C MET D 279 18.00 -7.70 -52.09
N LEU D 280 18.43 -6.83 -51.19
CA LEU D 280 19.49 -5.84 -51.51
C LEU D 280 20.77 -6.54 -51.97
N ASN D 281 21.37 -6.08 -53.06
CA ASN D 281 22.67 -6.62 -53.53
C ASN D 281 23.69 -5.89 -52.65
N ALA D 282 24.06 -6.47 -51.51
CA ALA D 282 24.95 -5.80 -50.53
C ALA D 282 25.68 -6.82 -49.66
N ARG D 283 26.61 -6.36 -48.82
CA ARG D 283 27.36 -7.24 -47.88
C ARG D 283 26.33 -7.87 -46.94
N GLU D 284 26.52 -9.12 -46.51
CA GLU D 284 25.49 -9.84 -45.72
C GLU D 284 25.16 -9.06 -44.45
N PRO D 285 23.89 -8.99 -44.00
CA PRO D 285 23.54 -8.15 -42.89
C PRO D 285 24.04 -8.59 -41.53
N LYS D 286 24.46 -7.67 -40.65
CA LYS D 286 24.77 -8.06 -39.28
C LYS D 286 23.48 -8.13 -38.48
N VAL D 287 23.39 -9.13 -37.60
CA VAL D 287 22.17 -9.41 -36.85
C VAL D 287 22.49 -9.43 -35.36
N VAL D 288 21.58 -8.87 -34.57
CA VAL D 288 21.69 -8.87 -33.11
C VAL D 288 20.45 -9.56 -32.55
N ASN D 289 20.66 -10.63 -31.79
CA ASN D 289 19.57 -11.43 -31.25
C ASN D 289 19.28 -10.99 -29.83
N GLY D 290 18.52 -9.90 -29.71
CA GLY D 290 18.12 -9.39 -28.43
C GLY D 290 19.32 -8.97 -27.60
N PRO D 291 19.26 -9.17 -26.28
CA PRO D 291 20.39 -8.77 -25.42
C PRO D 291 21.58 -9.70 -25.55
N GLU D 292 22.22 -9.66 -26.72
CA GLU D 292 23.40 -10.46 -27.02
C GLU D 292 24.68 -9.67 -26.88
N ILE D 293 24.62 -8.43 -26.39
CA ILE D 293 25.77 -7.54 -26.36
C ILE D 293 26.01 -7.03 -24.94
N LEU D 294 25.63 -7.83 -23.94
CA LEU D 294 25.84 -7.48 -22.55
C LEU D 294 26.93 -8.36 -21.95
N ASN D 295 27.94 -7.73 -21.37
CA ASN D 295 29.04 -8.42 -20.70
C ASN D 295 29.08 -8.01 -19.24
N LYS D 296 30.04 -8.57 -18.50
CA LYS D 296 30.17 -8.31 -17.07
C LYS D 296 31.25 -7.29 -16.74
N TYR D 297 32.37 -7.30 -17.46
CA TYR D 297 33.43 -6.34 -17.20
C TYR D 297 32.96 -4.92 -17.55
N VAL D 298 33.41 -3.95 -16.77
CA VAL D 298 32.95 -2.58 -16.93
C VAL D 298 33.41 -2.04 -18.28
N GLY D 299 32.47 -1.49 -19.04
CA GLY D 299 32.78 -0.84 -20.30
C GLY D 299 32.91 -1.76 -21.49
N GLU D 300 32.75 -3.08 -21.32
CA GLU D 300 32.85 -3.97 -22.45
C GLU D 300 31.61 -3.89 -23.34
N SER D 301 30.45 -3.56 -22.77
CA SER D 301 29.25 -3.43 -23.58
C SER D 301 29.41 -2.29 -24.59
N GLU D 302 30.00 -1.18 -24.17
CA GLU D 302 30.23 -0.07 -25.09
C GLU D 302 31.17 -0.49 -26.22
N ALA D 303 32.21 -1.25 -25.91
CA ALA D 303 33.10 -1.74 -26.96
C ALA D 303 32.35 -2.66 -27.92
N ASN D 304 31.51 -3.54 -27.38
CA ASN D 304 30.75 -4.46 -28.23
C ASN D 304 29.84 -3.70 -29.17
N ILE D 305 29.15 -2.68 -28.67
CA ILE D 305 28.24 -1.92 -29.52
C ILE D 305 29.02 -1.09 -30.54
N ARG D 306 30.17 -0.54 -30.14
CA ARG D 306 30.97 0.26 -31.06
C ARG D 306 31.58 -0.60 -32.16
N LYS D 307 31.82 -1.88 -31.90
CA LYS D 307 32.43 -2.74 -32.92
C LYS D 307 31.53 -2.96 -34.12
N LEU D 308 30.25 -2.59 -34.05
CA LEU D 308 29.32 -2.89 -35.13
C LEU D 308 29.51 -1.95 -36.32
N PHE D 309 29.89 -0.69 -36.09
CA PHE D 309 29.89 0.33 -37.13
C PHE D 309 31.26 0.51 -37.78
N ALA D 310 32.25 -0.32 -37.44
CA ALA D 310 33.61 -0.08 -37.92
C ALA D 310 33.70 -0.10 -39.43
N ASP D 311 33.13 -1.14 -40.05
CA ASP D 311 33.30 -1.32 -41.49
C ASP D 311 32.70 -0.17 -42.27
N ALA D 312 31.50 0.28 -41.88
CA ALA D 312 30.86 1.38 -42.59
C ALA D 312 31.69 2.66 -42.49
N GLU D 313 32.21 2.94 -41.30
CA GLU D 313 33.05 4.12 -41.12
C GLU D 313 34.30 4.04 -42.00
N GLU D 314 34.95 2.88 -42.03
CA GLU D 314 36.15 2.74 -42.83
C GLU D 314 35.85 2.91 -44.31
N GLU D 315 34.76 2.31 -44.79
CA GLU D 315 34.40 2.46 -46.20
C GLU D 315 34.08 3.91 -46.53
N GLN D 316 33.36 4.60 -45.65
CA GLN D 316 33.07 6.01 -45.90
C GLN D 316 34.35 6.82 -45.98
N ARG D 317 35.30 6.55 -45.08
CA ARG D 317 36.55 7.31 -45.09
C ARG D 317 37.34 7.05 -46.36
N ARG D 318 37.53 5.78 -46.71
CA ARG D 318 38.39 5.45 -47.85
C ARG D 318 37.82 6.01 -49.14
N LEU D 319 36.67 5.51 -49.57
CA LEU D 319 36.12 5.89 -50.87
C LEU D 319 35.35 7.20 -50.80
N GLY D 320 34.26 7.22 -50.04
CA GLY D 320 33.47 8.42 -49.89
C GLY D 320 32.31 8.50 -50.85
N ALA D 321 31.09 8.35 -50.34
CA ALA D 321 29.87 8.48 -51.13
C ALA D 321 29.81 7.49 -52.29
N ASN D 322 30.60 6.41 -52.22
CA ASN D 322 30.59 5.39 -53.27
C ASN D 322 30.66 3.99 -52.67
N SER D 323 30.10 3.80 -51.48
CA SER D 323 30.14 2.51 -50.79
C SER D 323 28.74 1.95 -50.67
N GLY D 324 28.63 0.63 -50.77
CA GLY D 324 27.35 -0.02 -50.62
C GLY D 324 26.84 0.05 -49.20
N LEU D 325 25.54 -0.22 -49.05
CA LEU D 325 24.90 -0.12 -47.75
C LEU D 325 25.42 -1.19 -46.79
N HIS D 326 25.40 -0.86 -45.51
CA HIS D 326 25.63 -1.82 -44.44
C HIS D 326 24.35 -1.91 -43.61
N ILE D 327 23.83 -3.13 -43.48
CA ILE D 327 22.53 -3.37 -42.88
C ILE D 327 22.72 -4.01 -41.51
N ILE D 328 22.14 -3.39 -40.48
CA ILE D 328 22.18 -3.90 -39.12
C ILE D 328 20.75 -4.17 -38.68
N ILE D 329 20.49 -5.40 -38.23
CA ILE D 329 19.14 -5.86 -37.91
C ILE D 329 19.13 -6.19 -36.42
N PHE D 330 18.55 -5.30 -35.62
CA PHE D 330 18.28 -5.62 -34.23
C PHE D 330 17.04 -6.49 -34.14
N ASP D 331 17.00 -7.35 -33.12
CA ASP D 331 15.79 -8.12 -32.82
C ASP D 331 15.43 -7.91 -31.36
N GLU D 332 14.16 -7.70 -31.08
CA GLU D 332 13.74 -7.37 -29.71
C GLU D 332 14.56 -6.14 -29.30
N ILE D 333 14.39 -4.99 -29.96
CA ILE D 333 15.17 -3.80 -29.59
C ILE D 333 14.77 -3.29 -28.21
N ASP D 334 13.53 -3.53 -27.80
CA ASP D 334 13.08 -3.05 -26.49
C ASP D 334 13.87 -3.66 -25.34
N ALA D 335 14.50 -4.82 -25.56
CA ALA D 335 15.21 -5.48 -24.47
C ALA D 335 16.36 -4.64 -23.96
N ILE D 336 17.14 -4.06 -24.86
CA ILE D 336 18.31 -3.28 -24.47
C ILE D 336 17.97 -1.80 -24.32
N CYS D 337 17.25 -1.24 -25.28
CA CYS D 337 16.94 0.20 -25.29
C CYS D 337 15.63 0.42 -24.54
N LYS D 338 15.73 0.90 -23.31
CA LYS D 338 14.57 1.22 -22.49
C LYS D 338 14.71 2.65 -21.98
N GLN D 339 13.58 3.31 -21.69
CA GLN D 339 13.60 4.74 -21.29
C GLN D 339 14.74 4.94 -20.30
N ARG D 340 15.54 5.99 -20.46
CA ARG D 340 16.67 6.24 -19.58
C ARG D 340 16.18 6.71 -18.22
N GLY D 341 16.92 6.32 -17.18
CA GLY D 341 16.56 6.69 -15.83
C GLY D 341 15.48 5.85 -15.21
N SER D 342 14.99 4.83 -15.90
CA SER D 342 14.04 3.92 -15.27
C SER D 342 14.76 3.07 -14.22
N MET D 343 13.96 2.48 -13.33
CA MET D 343 14.50 1.73 -12.20
C MET D 343 15.03 0.39 -12.71
N ALA D 344 16.12 0.47 -13.46
CA ALA D 344 16.75 -0.73 -14.02
C ALA D 344 17.27 -1.65 -12.91
N GLY D 345 17.71 -1.07 -11.80
CA GLY D 345 18.35 -1.83 -10.74
C GLY D 345 19.71 -1.27 -10.37
N SER D 346 20.77 -2.04 -10.62
CA SER D 346 22.11 -1.69 -10.18
C SER D 346 23.06 -1.77 -11.37
N THR D 347 24.25 -1.17 -11.18
CA THR D 347 25.35 -1.23 -12.14
C THR D 347 25.12 -0.31 -13.33
N GLY D 348 23.94 0.29 -13.41
CA GLY D 348 23.69 1.29 -14.46
C GLY D 348 24.26 0.94 -15.82
N VAL D 349 24.15 -0.33 -16.22
CA VAL D 349 24.69 -0.79 -17.49
C VAL D 349 23.66 -0.65 -18.62
N HIS D 350 22.60 0.11 -18.40
CA HIS D 350 21.58 0.35 -19.40
C HIS D 350 21.66 1.75 -19.99
N ASP D 351 21.79 2.75 -19.13
CA ASP D 351 21.86 4.13 -19.58
C ASP D 351 23.08 4.36 -20.45
N THR D 352 24.22 3.80 -20.07
CA THR D 352 25.43 3.97 -20.87
C THR D 352 25.25 3.36 -22.25
N VAL D 353 24.64 2.20 -22.35
CA VAL D 353 24.43 1.55 -23.64
C VAL D 353 23.54 2.41 -24.52
N VAL D 354 22.43 2.91 -23.95
CA VAL D 354 21.50 3.73 -24.73
C VAL D 354 22.19 5.00 -25.20
N ASN D 355 22.96 5.65 -24.32
CA ASN D 355 23.64 6.88 -24.70
C ASN D 355 24.65 6.62 -25.81
N GLN D 356 25.41 5.52 -25.71
CA GLN D 356 26.37 5.21 -26.75
C GLN D 356 25.66 4.97 -28.09
N LEU D 357 24.54 4.25 -28.06
CA LEU D 357 23.79 4.01 -29.30
C LEU D 357 23.31 5.33 -29.90
N LEU D 358 22.74 6.19 -29.08
CA LEU D 358 22.24 7.47 -29.58
C LEU D 358 23.37 8.31 -30.17
N SER D 359 24.51 8.37 -29.47
CA SER D 359 25.63 9.15 -29.98
C SER D 359 26.14 8.60 -31.29
N LYS D 360 26.24 7.27 -31.40
CA LYS D 360 26.80 6.68 -32.62
C LYS D 360 25.86 6.87 -33.81
N ILE D 361 24.54 6.75 -33.59
CA ILE D 361 23.63 6.82 -34.72
C ILE D 361 23.71 8.19 -35.40
N ASP D 362 23.83 9.26 -34.62
CA ASP D 362 23.94 10.61 -35.17
C ASP D 362 24.76 11.45 -34.19
N GLY D 363 26.05 11.61 -34.50
CA GLY D 363 26.95 12.35 -33.64
C GLY D 363 27.74 13.40 -34.37
N VAL D 364 28.88 13.80 -33.81
CA VAL D 364 29.71 14.82 -34.44
C VAL D 364 30.20 14.34 -35.80
N GLU D 365 30.71 13.11 -35.85
CA GLU D 365 31.03 12.50 -37.12
C GLU D 365 29.75 12.23 -37.91
N GLN D 366 29.91 11.86 -39.17
CA GLN D 366 28.77 11.64 -40.05
C GLN D 366 28.95 10.35 -40.83
N LEU D 367 27.83 9.66 -41.05
CA LEU D 367 27.79 8.47 -41.87
C LEU D 367 26.57 8.53 -42.77
N ASN D 368 26.68 7.92 -43.96
CA ASN D 368 25.58 7.95 -44.92
C ASN D 368 25.41 6.62 -45.64
N ASN D 369 25.89 5.52 -45.07
CA ASN D 369 25.80 4.21 -45.71
C ASN D 369 25.45 3.13 -44.69
N ILE D 370 24.59 3.46 -43.73
CA ILE D 370 24.14 2.50 -42.72
C ILE D 370 22.62 2.51 -42.67
N LEU D 371 22.03 1.32 -42.55
CA LEU D 371 20.59 1.17 -42.40
C LEU D 371 20.33 0.21 -41.23
N VAL D 372 19.59 0.69 -40.23
CA VAL D 372 19.30 -0.07 -39.02
C VAL D 372 17.81 -0.39 -39.00
N ILE D 373 17.48 -1.66 -38.75
CA ILE D 373 16.10 -2.13 -38.73
C ILE D 373 15.82 -2.73 -37.36
N GLY D 374 14.79 -2.22 -36.70
CA GLY D 374 14.40 -2.71 -35.39
C GLY D 374 13.05 -3.41 -35.40
N MET D 375 12.78 -4.22 -34.39
CA MET D 375 11.55 -4.99 -34.30
C MET D 375 11.20 -5.19 -32.83
N THR D 376 9.93 -5.04 -32.49
CA THR D 376 9.50 -5.15 -31.10
C THR D 376 8.02 -5.46 -31.06
N ASN D 377 7.47 -5.69 -29.85
CA ASN D 377 6.04 -5.97 -29.65
C ASN D 377 5.44 -5.02 -28.62
N ARG D 378 6.22 -4.13 -28.00
CA ARG D 378 5.70 -3.16 -27.02
C ARG D 378 6.25 -1.79 -27.37
N PRO D 379 5.67 -1.13 -28.39
CA PRO D 379 6.23 0.13 -28.90
C PRO D 379 5.90 1.37 -28.04
N ASP D 380 6.08 1.24 -26.73
CA ASP D 380 5.88 2.36 -25.82
C ASP D 380 6.92 2.45 -24.72
N LEU D 381 7.91 1.56 -24.69
CA LEU D 381 9.01 1.64 -23.73
C LEU D 381 10.30 2.10 -24.39
N ILE D 382 10.24 2.58 -25.62
CA ILE D 382 11.42 3.04 -26.34
C ILE D 382 11.63 4.52 -26.03
N ASP D 383 12.87 4.88 -25.68
CA ASP D 383 13.17 6.26 -25.36
C ASP D 383 12.81 7.17 -26.53
N GLU D 384 12.13 8.28 -26.23
CA GLU D 384 11.66 9.17 -27.30
C GLU D 384 12.82 9.75 -28.10
N ALA D 385 14.01 9.83 -27.49
CA ALA D 385 15.15 10.39 -28.20
C ALA D 385 15.57 9.54 -29.40
N LEU D 386 15.13 8.28 -29.44
CA LEU D 386 15.52 7.37 -30.52
C LEU D 386 14.51 7.36 -31.66
N LEU D 387 13.39 8.06 -31.53
CA LEU D 387 12.32 8.00 -32.52
C LEU D 387 12.09 9.33 -33.23
N ARG D 388 12.87 10.37 -32.92
CA ARG D 388 12.67 11.63 -33.62
C ARG D 388 13.21 11.53 -35.05
N PRO D 389 12.71 12.36 -35.96
CA PRO D 389 13.19 12.29 -37.34
C PRO D 389 14.71 12.45 -37.40
N GLY D 390 15.34 11.64 -38.24
CA GLY D 390 16.78 11.60 -38.36
C GLY D 390 17.43 10.43 -37.64
N ARG D 391 16.76 9.73 -36.72
CA ARG D 391 17.31 8.54 -36.01
C ARG D 391 16.54 7.27 -36.40
N LEU D 392 15.20 7.24 -36.37
CA LEU D 392 14.44 6.09 -36.86
C LEU D 392 13.35 6.49 -37.83
N GLU D 393 12.66 7.60 -37.58
CA GLU D 393 11.71 8.16 -38.55
C GLU D 393 10.60 7.18 -38.91
N VAL D 394 10.77 6.43 -40.00
CA VAL D 394 9.72 5.57 -40.53
C VAL D 394 9.23 4.63 -39.44
N LYS D 395 7.94 4.70 -39.13
CA LYS D 395 7.31 3.90 -38.07
C LYS D 395 6.07 3.23 -38.65
N MET D 396 6.25 2.04 -39.20
CA MET D 396 5.13 1.30 -39.78
C MET D 396 4.46 0.44 -38.71
N GLU D 397 3.21 0.05 -39.00
CA GLU D 397 2.43 -0.77 -38.10
C GLU D 397 1.90 -1.98 -38.87
N ILE D 398 2.07 -3.16 -38.29
CA ILE D 398 1.64 -4.41 -38.90
C ILE D 398 0.47 -4.97 -38.09
N GLY D 399 -0.63 -5.28 -38.77
CA GLY D 399 -1.84 -5.76 -38.11
C GLY D 399 -2.32 -7.06 -38.71
N LEU D 400 -3.44 -7.54 -38.17
CA LEU D 400 -4.02 -8.79 -38.63
C LEU D 400 -4.58 -8.62 -40.05
N PRO D 401 -4.66 -9.70 -40.82
CA PRO D 401 -5.12 -9.61 -42.20
C PRO D 401 -6.65 -9.62 -42.26
N ASP D 402 -7.17 -9.45 -43.47
CA ASP D 402 -8.60 -9.48 -43.75
C ASP D 402 -8.89 -10.64 -44.72
N GLU D 403 -10.13 -10.68 -45.21
CA GLU D 403 -10.56 -11.81 -46.03
C GLU D 403 -9.62 -12.02 -47.23
N LYS D 404 -9.39 -10.97 -48.00
CA LYS D 404 -8.51 -11.11 -49.15
C LYS D 404 -7.10 -11.49 -48.72
N GLY D 405 -6.61 -10.91 -47.63
CA GLY D 405 -5.32 -11.30 -47.12
C GLY D 405 -5.27 -12.76 -46.70
N ARG D 406 -6.33 -13.23 -46.05
CA ARG D 406 -6.38 -14.63 -45.65
C ARG D 406 -6.33 -15.53 -46.88
N LEU D 407 -7.09 -15.20 -47.92
CA LEU D 407 -7.04 -15.98 -49.15
C LEU D 407 -5.63 -15.96 -49.75
N GLN D 408 -4.98 -14.79 -49.71
CA GLN D 408 -3.63 -14.69 -50.26
C GLN D 408 -2.68 -15.62 -49.53
N ILE D 409 -2.70 -15.60 -48.20
CA ILE D 409 -1.81 -16.47 -47.43
C ILE D 409 -2.12 -17.94 -47.72
N LEU D 410 -3.40 -18.29 -47.73
CA LEU D 410 -3.77 -19.69 -47.98
C LEU D 410 -3.26 -20.14 -49.33
N HIS D 411 -3.42 -19.30 -50.36
CA HIS D 411 -2.92 -19.65 -51.68
C HIS D 411 -1.40 -19.79 -51.67
N ILE D 412 -0.71 -18.89 -50.98
CA ILE D 412 0.76 -18.94 -50.95
C ILE D 412 1.23 -20.24 -50.34
N HIS D 413 0.63 -20.65 -49.22
CA HIS D 413 1.13 -21.83 -48.51
C HIS D 413 0.73 -23.13 -49.18
N THR D 414 -0.44 -23.17 -49.82
CA THR D 414 -0.89 -24.38 -50.51
C THR D 414 -0.54 -24.27 -52.00
N ALA D 415 0.76 -24.28 -52.27
CA ALA D 415 1.28 -24.19 -53.62
C ALA D 415 2.09 -25.42 -54.01
N ARG D 416 3.04 -25.85 -53.18
CA ARG D 416 3.84 -27.01 -53.50
C ARG D 416 3.01 -28.28 -53.60
N MET D 417 1.87 -28.35 -52.90
CA MET D 417 1.01 -29.53 -53.00
C MET D 417 0.38 -29.65 -54.37
N ARG D 418 -0.12 -28.53 -54.92
CA ARG D 418 -0.79 -28.59 -56.22
C ARG D 418 0.15 -29.03 -57.33
N GLY D 419 1.45 -28.82 -57.17
CA GLY D 419 2.39 -29.18 -58.21
C GLY D 419 2.39 -30.67 -58.51
N HIS D 420 2.38 -31.50 -57.47
CA HIS D 420 2.41 -32.95 -57.61
C HIS D 420 1.05 -33.59 -57.43
N GLN D 421 -0.02 -32.79 -57.40
CA GLN D 421 -1.40 -33.28 -57.34
C GLN D 421 -1.71 -34.02 -56.05
N LEU D 422 -0.94 -33.80 -54.98
CA LEU D 422 -1.26 -34.42 -53.71
C LEU D 422 -2.59 -33.92 -53.17
N LEU D 423 -2.85 -32.62 -53.31
CA LEU D 423 -4.10 -32.06 -52.83
C LEU D 423 -5.27 -32.63 -53.61
N SER D 424 -6.40 -32.83 -52.92
CA SER D 424 -7.59 -33.39 -53.55
C SER D 424 -8.36 -32.29 -54.27
N ALA D 425 -9.57 -32.61 -54.72
CA ALA D 425 -10.39 -31.70 -55.51
C ALA D 425 -11.47 -31.00 -54.70
N ASP D 426 -12.11 -31.71 -53.76
CA ASP D 426 -13.23 -31.13 -53.01
C ASP D 426 -12.82 -29.98 -52.12
N VAL D 427 -11.52 -29.77 -51.87
CA VAL D 427 -11.08 -28.66 -51.05
C VAL D 427 -11.32 -27.35 -51.79
N ASP D 428 -11.96 -26.39 -51.12
CA ASP D 428 -12.26 -25.09 -51.70
C ASP D 428 -11.68 -24.03 -50.77
N ILE D 429 -10.70 -23.27 -51.27
CA ILE D 429 -10.02 -22.28 -50.44
C ILE D 429 -10.99 -21.20 -50.00
N LYS D 430 -12.06 -20.96 -50.76
CA LYS D 430 -13.00 -19.91 -50.39
C LYS D 430 -13.67 -20.22 -49.06
N GLU D 431 -14.11 -21.47 -48.86
CA GLU D 431 -14.74 -21.84 -47.60
C GLU D 431 -13.77 -21.67 -46.44
N LEU D 432 -12.52 -22.09 -46.62
CA LEU D 432 -11.52 -21.93 -45.57
C LEU D 432 -11.32 -20.47 -45.23
N ALA D 433 -11.23 -19.61 -46.26
CA ALA D 433 -11.01 -18.19 -46.02
C ALA D 433 -12.18 -17.57 -45.27
N VAL D 434 -13.42 -17.91 -45.66
CA VAL D 434 -14.57 -17.30 -45.02
C VAL D 434 -14.73 -17.81 -43.58
N GLU D 435 -14.46 -19.09 -43.35
CA GLU D 435 -14.63 -19.63 -42.01
C GLU D 435 -13.62 -19.03 -41.03
N THR D 436 -12.34 -19.02 -41.40
CA THR D 436 -11.29 -18.59 -40.48
C THR D 436 -11.40 -17.08 -40.25
N LYS D 437 -11.80 -16.70 -39.04
CA LYS D 437 -11.92 -15.30 -38.64
C LYS D 437 -10.96 -15.01 -37.50
N ASN D 438 -10.19 -13.93 -37.63
CA ASN D 438 -9.22 -13.45 -36.66
C ASN D 438 -7.92 -14.23 -36.69
N PHE D 439 -7.76 -15.21 -37.60
CA PHE D 439 -6.50 -15.93 -37.71
C PHE D 439 -5.41 -15.02 -38.25
N SER D 440 -4.18 -15.33 -37.89
CA SER D 440 -2.99 -14.70 -38.44
C SER D 440 -2.27 -15.69 -39.35
N GLY D 441 -1.13 -15.27 -39.88
CA GLY D 441 -0.38 -16.14 -40.77
C GLY D 441 0.08 -17.42 -40.08
N ALA D 442 0.59 -17.30 -38.85
CA ALA D 442 1.03 -18.47 -38.12
C ALA D 442 -0.11 -19.44 -37.91
N GLU D 443 -1.30 -18.93 -37.58
CA GLU D 443 -2.46 -19.80 -37.39
C GLU D 443 -2.81 -20.54 -38.67
N LEU D 444 -2.77 -19.86 -39.81
CA LEU D 444 -3.08 -20.52 -41.08
C LEU D 444 -2.06 -21.61 -41.40
N GLU D 445 -0.77 -21.31 -41.19
CA GLU D 445 0.25 -22.33 -41.44
C GLU D 445 0.06 -23.52 -40.51
N GLY D 446 -0.26 -23.28 -39.24
CA GLY D 446 -0.52 -24.37 -38.32
C GLY D 446 -1.72 -25.19 -38.73
N LEU D 447 -2.77 -24.54 -39.21
CA LEU D 447 -3.94 -25.26 -39.70
C LEU D 447 -3.56 -26.19 -40.84
N VAL D 448 -2.82 -25.67 -41.82
CA VAL D 448 -2.43 -26.50 -42.95
C VAL D 448 -1.57 -27.66 -42.49
N ARG D 449 -0.62 -27.39 -41.59
CA ARG D 449 0.27 -28.44 -41.11
C ARG D 449 -0.50 -29.52 -40.35
N ALA D 450 -1.46 -29.12 -39.51
CA ALA D 450 -2.23 -30.09 -38.74
C ALA D 450 -3.09 -30.95 -39.65
N ALA D 451 -3.74 -30.34 -40.65
CA ALA D 451 -4.51 -31.13 -41.61
C ALA D 451 -3.61 -32.10 -42.35
N GLN D 452 -2.41 -31.64 -42.75
CA GLN D 452 -1.47 -32.50 -43.45
C GLN D 452 -1.08 -33.69 -42.58
N SER D 453 -0.77 -33.44 -41.31
CA SER D 453 -0.37 -34.52 -40.42
C SER D 453 -1.50 -35.51 -40.19
N THR D 454 -2.72 -35.01 -40.01
CA THR D 454 -3.86 -35.90 -39.81
C THR D 454 -4.09 -36.77 -41.04
N ALA D 455 -3.93 -36.20 -42.24
CA ALA D 455 -4.06 -37.00 -43.46
C ALA D 455 -2.95 -38.04 -43.53
N MET D 456 -1.73 -37.68 -43.14
CA MET D 456 -0.61 -38.61 -43.24
C MET D 456 -0.74 -39.75 -42.25
N ASN D 457 -1.34 -39.51 -41.08
CA ASN D 457 -1.34 -40.52 -40.03
C ASN D 457 -2.12 -41.78 -40.38
N ARG D 458 -2.94 -41.76 -41.43
CA ARG D 458 -3.78 -42.92 -41.73
C ARG D 458 -3.00 -44.12 -42.22
N HIS D 459 -1.74 -43.96 -42.63
CA HIS D 459 -0.94 -45.04 -43.15
C HIS D 459 0.08 -45.55 -42.14
N ILE D 460 -0.12 -45.29 -40.86
CA ILE D 460 0.82 -45.65 -39.80
C ILE D 460 0.13 -46.60 -38.83
N LYS D 461 0.79 -47.70 -38.49
CA LYS D 461 0.34 -48.64 -37.49
C LYS D 461 1.28 -48.53 -36.29
N ALA D 462 0.72 -48.25 -35.12
CA ALA D 462 1.53 -47.98 -33.94
C ALA D 462 1.08 -48.83 -32.74
N SER D 463 1.64 -48.54 -31.58
CA SER D 463 1.43 -49.20 -30.29
C SER D 463 2.17 -50.54 -30.19
N THR D 464 2.75 -51.05 -31.27
CA THR D 464 3.59 -52.24 -31.20
C THR D 464 4.54 -52.19 -32.40
N LYS D 465 5.78 -51.78 -32.15
CA LYS D 465 6.82 -51.79 -33.19
C LYS D 465 6.34 -51.06 -34.44
N VAL D 466 6.11 -49.75 -34.27
CA VAL D 466 5.46 -48.95 -35.29
C VAL D 466 6.01 -49.31 -36.67
N GLU D 467 5.11 -49.45 -37.64
CA GLU D 467 5.45 -49.74 -39.02
C GLU D 467 4.73 -48.74 -39.92
N VAL D 468 5.07 -48.78 -41.21
CA VAL D 468 4.44 -47.92 -42.20
C VAL D 468 4.29 -48.68 -43.50
N ASP D 469 3.07 -48.73 -44.03
CA ASP D 469 2.85 -49.34 -45.33
C ASP D 469 3.52 -48.51 -46.41
N MET D 470 4.53 -49.10 -47.05
CA MET D 470 5.33 -48.40 -48.05
C MET D 470 4.79 -48.60 -49.47
N GLU D 471 3.58 -49.15 -49.60
CA GLU D 471 2.94 -49.33 -50.90
C GLU D 471 1.70 -48.46 -51.04
N LYS D 472 0.83 -48.42 -50.02
CA LYS D 472 -0.29 -47.50 -50.04
C LYS D 472 0.17 -46.05 -49.89
N ALA D 473 1.43 -45.82 -49.51
CA ALA D 473 1.93 -44.46 -49.37
C ALA D 473 1.97 -43.72 -50.68
N GLU D 474 1.85 -44.43 -51.81
CA GLU D 474 1.81 -43.81 -53.14
C GLU D 474 0.38 -43.54 -53.58
N SER D 475 -0.53 -43.33 -52.62
CA SER D 475 -1.92 -43.01 -52.92
C SER D 475 -2.42 -41.86 -52.05
N LEU D 476 -1.52 -41.01 -51.56
CA LEU D 476 -1.89 -40.00 -50.59
C LEU D 476 -2.77 -38.93 -51.23
N GLN D 477 -3.80 -38.51 -50.49
CA GLN D 477 -4.64 -37.38 -50.86
C GLN D 477 -5.01 -36.63 -49.59
N VAL D 478 -5.55 -35.43 -49.75
CA VAL D 478 -5.95 -34.57 -48.63
C VAL D 478 -7.40 -34.16 -48.87
N THR D 479 -8.30 -34.62 -48.01
CA THR D 479 -9.73 -34.40 -48.17
C THR D 479 -10.20 -33.26 -47.26
N ARG D 480 -11.43 -32.82 -47.51
CA ARG D 480 -12.00 -31.72 -46.73
C ARG D 480 -12.29 -32.13 -45.29
N GLY D 481 -12.64 -33.40 -45.06
CA GLY D 481 -12.93 -33.83 -43.70
C GLY D 481 -11.74 -33.65 -42.77
N ASP D 482 -10.53 -33.90 -43.29
CA ASP D 482 -9.34 -33.67 -42.48
C ASP D 482 -9.23 -32.21 -42.07
N PHE D 483 -9.46 -31.29 -43.00
CA PHE D 483 -9.41 -29.87 -42.67
C PHE D 483 -10.46 -29.52 -41.63
N LEU D 484 -11.69 -30.02 -41.80
CA LEU D 484 -12.74 -29.69 -40.84
C LEU D 484 -12.39 -30.20 -39.45
N ALA D 485 -11.93 -31.45 -39.36
CA ALA D 485 -11.56 -32.01 -38.06
C ALA D 485 -10.41 -31.24 -37.43
N SER D 486 -9.39 -30.90 -38.23
CA SER D 486 -8.25 -30.18 -37.69
C SER D 486 -8.68 -28.80 -37.18
N LEU D 487 -9.55 -28.12 -37.92
CA LEU D 487 -10.04 -26.82 -37.48
C LEU D 487 -10.83 -26.96 -36.18
N GLU D 488 -11.63 -28.02 -36.07
CA GLU D 488 -12.49 -28.18 -34.90
C GLU D 488 -11.74 -28.68 -33.67
N ASN D 489 -10.55 -29.28 -33.84
CA ASN D 489 -9.86 -29.95 -32.74
C ASN D 489 -8.62 -29.20 -32.27
N ASP D 490 -7.66 -28.95 -33.17
CA ASP D 490 -6.33 -28.54 -32.72
C ASP D 490 -6.16 -27.02 -32.70
N ILE D 491 -6.31 -26.37 -33.85
CA ILE D 491 -6.00 -24.95 -33.96
C ILE D 491 -7.15 -24.15 -33.38
N LYS D 492 -6.84 -23.27 -32.43
CA LYS D 492 -7.82 -22.39 -31.82
C LYS D 492 -7.19 -21.00 -31.74
N PRO D 493 -7.87 -19.97 -32.25
CA PRO D 493 -7.28 -18.62 -32.23
C PRO D 493 -7.13 -18.10 -30.81
N ALA D 494 -6.51 -16.93 -30.70
CA ALA D 494 -6.21 -16.28 -29.43
C ALA D 494 -6.70 -14.85 -29.45
N PHE D 495 -7.92 -14.63 -29.92
CA PHE D 495 -8.44 -13.28 -30.05
C PHE D 495 -9.94 -13.35 -30.30
N GLY D 496 -10.68 -12.42 -29.68
CA GLY D 496 -12.08 -12.23 -29.98
C GLY D 496 -12.98 -13.33 -29.41
N THR D 497 -14.26 -13.22 -29.79
CA THR D 497 -15.27 -14.18 -29.36
C THR D 497 -15.34 -15.32 -30.35
N ASN D 498 -15.58 -16.54 -29.87
CA ASN D 498 -15.60 -17.75 -30.73
C ASN D 498 -16.87 -18.59 -30.54
N GLN D 499 -16.95 -19.72 -31.24
CA GLN D 499 -18.15 -20.58 -31.21
C GLN D 499 -18.42 -21.06 -29.79
N GLU D 500 -17.40 -21.38 -29.01
CA GLU D 500 -17.61 -21.94 -27.65
C GLU D 500 -18.34 -20.90 -26.81
N ASP D 501 -17.91 -19.65 -26.90
CA ASP D 501 -18.54 -18.55 -26.14
C ASP D 501 -19.98 -18.43 -26.63
N TYR D 502 -20.18 -18.46 -27.95
CA TYR D 502 -21.55 -18.28 -28.48
C TYR D 502 -22.44 -19.39 -27.94
N ALA D 503 -21.99 -20.64 -27.91
CA ALA D 503 -22.78 -21.80 -27.43
C ALA D 503 -23.10 -21.70 -25.96
N SER D 504 -22.15 -21.28 -25.12
CA SER D 504 -22.37 -21.27 -23.64
C SER D 504 -23.55 -20.38 -23.27
N TYR D 505 -23.92 -19.39 -24.08
CA TYR D 505 -24.99 -18.42 -23.82
C TYR D 505 -26.32 -18.91 -24.38
N ILE D 506 -26.40 -19.06 -25.71
CA ILE D 506 -27.59 -19.62 -26.35
C ILE D 506 -27.41 -21.13 -26.36
N MET D 507 -28.11 -21.82 -25.46
CA MET D 507 -27.88 -23.23 -25.20
C MET D 507 -28.79 -24.12 -26.03
N ASN D 508 -30.11 -23.97 -25.86
CA ASN D 508 -31.09 -24.84 -26.49
C ASN D 508 -31.73 -24.22 -27.72
N GLY D 509 -31.05 -23.26 -28.36
CA GLY D 509 -31.59 -22.65 -29.55
C GLY D 509 -32.71 -21.67 -29.24
N ILE D 510 -33.36 -21.22 -30.30
CA ILE D 510 -34.48 -20.27 -30.21
C ILE D 510 -35.67 -20.92 -30.91
N ILE D 511 -36.72 -21.18 -30.15
CA ILE D 511 -37.95 -21.78 -30.67
C ILE D 511 -39.00 -20.69 -30.81
N LYS D 512 -39.70 -20.68 -31.94
CA LYS D 512 -40.76 -19.71 -32.19
C LYS D 512 -42.01 -20.16 -31.45
N TRP D 513 -42.16 -19.71 -30.21
CA TRP D 513 -43.32 -20.10 -29.40
C TRP D 513 -44.48 -19.13 -29.51
N GLY D 514 -44.26 -17.92 -30.03
CA GLY D 514 -45.33 -16.96 -30.18
C GLY D 514 -44.89 -15.82 -31.07
N ASP D 515 -45.84 -14.90 -31.30
CA ASP D 515 -45.54 -13.75 -32.15
C ASP D 515 -44.39 -12.91 -31.64
N PRO D 516 -44.34 -12.53 -30.36
CA PRO D 516 -43.37 -11.48 -29.95
C PRO D 516 -41.95 -11.77 -30.39
N VAL D 517 -41.49 -13.02 -30.28
CA VAL D 517 -40.14 -13.35 -30.71
C VAL D 517 -39.85 -12.72 -32.06
N THR D 518 -40.66 -13.06 -33.07
CA THR D 518 -40.41 -12.53 -34.41
C THR D 518 -40.25 -11.02 -34.36
N ARG D 519 -41.22 -10.33 -33.76
CA ARG D 519 -41.15 -8.87 -33.69
C ARG D 519 -39.79 -8.43 -33.20
N VAL D 520 -39.39 -8.94 -32.03
CA VAL D 520 -38.12 -8.49 -31.45
C VAL D 520 -37.01 -8.67 -32.46
N LEU D 521 -36.89 -9.86 -33.02
CA LEU D 521 -35.81 -10.13 -33.97
C LEU D 521 -35.85 -9.10 -35.09
N ASP D 522 -37.03 -8.90 -35.69
CA ASP D 522 -37.12 -7.97 -36.80
C ASP D 522 -36.60 -6.60 -36.39
N ASP D 523 -37.03 -6.10 -35.23
CA ASP D 523 -36.56 -4.80 -34.80
C ASP D 523 -35.05 -4.77 -34.72
N GLY D 524 -34.46 -5.79 -34.10
CA GLY D 524 -33.01 -5.85 -34.05
C GLY D 524 -32.40 -5.72 -35.42
N GLU D 525 -32.91 -6.48 -36.39
CA GLU D 525 -32.38 -6.37 -37.74
C GLU D 525 -32.40 -4.92 -38.20
N LEU D 526 -33.55 -4.25 -38.10
CA LEU D 526 -33.62 -2.87 -38.53
C LEU D 526 -32.49 -2.08 -37.90
N LEU D 527 -32.34 -2.19 -36.58
CA LEU D 527 -31.31 -1.40 -35.90
C LEU D 527 -29.95 -1.61 -36.56
N VAL D 528 -29.54 -2.87 -36.73
CA VAL D 528 -28.19 -3.09 -37.26
C VAL D 528 -28.09 -2.45 -38.63
N GLN D 529 -29.10 -2.64 -39.48
CA GLN D 529 -29.04 -2.05 -40.81
C GLN D 529 -28.75 -0.56 -40.71
N GLN D 530 -29.47 0.15 -39.83
CA GLN D 530 -29.25 1.58 -39.71
C GLN D 530 -27.78 1.88 -39.41
N THR D 531 -27.23 1.23 -38.38
CA THR D 531 -25.87 1.58 -37.97
C THR D 531 -24.86 1.19 -39.04
N LYS D 532 -25.27 0.43 -40.05
CA LYS D 532 -24.35 0.10 -41.13
C LYS D 532 -24.47 1.09 -42.28
N ASN D 533 -25.67 1.65 -42.49
CA ASN D 533 -25.91 2.47 -43.67
C ASN D 533 -25.76 3.97 -43.39
N SER D 534 -26.53 4.49 -42.44
CA SER D 534 -26.55 5.92 -42.20
C SER D 534 -25.20 6.41 -41.67
N ASP D 535 -25.01 7.72 -41.74
CA ASP D 535 -23.74 8.34 -41.35
C ASP D 535 -23.95 9.48 -40.36
N ARG D 536 -25.12 10.11 -40.39
CA ARG D 536 -25.39 11.20 -39.46
C ARG D 536 -25.37 10.74 -38.01
N THR D 537 -25.54 9.45 -37.76
CA THR D 537 -25.53 8.89 -36.41
C THR D 537 -24.57 7.69 -36.40
N PRO D 538 -23.26 7.94 -36.28
CA PRO D 538 -22.31 6.83 -36.24
C PRO D 538 -22.48 5.93 -35.02
N LEU D 539 -23.14 6.42 -33.97
CA LEU D 539 -23.30 5.68 -32.72
C LEU D 539 -24.78 5.44 -32.45
N VAL D 540 -25.14 4.17 -32.20
CA VAL D 540 -26.50 3.79 -31.87
C VAL D 540 -26.47 2.87 -30.66
N SER D 541 -27.59 2.84 -29.93
CA SER D 541 -27.70 2.02 -28.75
C SER D 541 -29.15 1.56 -28.59
N VAL D 542 -29.32 0.47 -27.83
CA VAL D 542 -30.65 -0.08 -27.60
C VAL D 542 -30.60 -0.87 -26.30
N LEU D 543 -31.72 -0.90 -25.58
CA LEU D 543 -31.82 -1.58 -24.30
C LEU D 543 -32.93 -2.61 -24.36
N LEU D 544 -32.67 -3.82 -23.84
CA LEU D 544 -33.65 -4.89 -23.76
C LEU D 544 -34.13 -5.02 -22.32
N GLU D 545 -35.44 -4.96 -22.14
CA GLU D 545 -36.05 -4.96 -20.82
C GLU D 545 -37.16 -6.00 -20.77
N GLY D 546 -37.30 -6.65 -19.62
CA GLY D 546 -38.32 -7.65 -19.44
C GLY D 546 -38.40 -8.18 -18.03
N PRO D 547 -39.36 -9.06 -17.78
CA PRO D 547 -39.49 -9.68 -16.47
C PRO D 547 -38.37 -10.68 -16.22
N PRO D 548 -38.14 -11.06 -14.97
CA PRO D 548 -37.08 -12.04 -14.69
C PRO D 548 -37.38 -13.39 -15.30
N HIS D 549 -36.32 -14.09 -15.69
CA HIS D 549 -36.42 -15.41 -16.32
C HIS D 549 -37.27 -15.36 -17.58
N SER D 550 -36.95 -14.43 -18.47
CA SER D 550 -37.65 -14.30 -19.75
C SER D 550 -36.73 -14.51 -20.95
N GLY D 551 -35.47 -14.84 -20.71
CA GLY D 551 -34.54 -15.12 -21.80
C GLY D 551 -34.22 -13.87 -22.60
N LYS D 552 -33.48 -12.95 -21.99
CA LYS D 552 -33.10 -11.69 -22.62
C LYS D 552 -31.61 -11.61 -22.92
N THR D 553 -30.86 -12.70 -22.71
CA THR D 553 -29.47 -12.76 -23.13
C THR D 553 -29.27 -13.64 -24.35
N ALA D 554 -30.09 -14.68 -24.50
CA ALA D 554 -30.06 -15.48 -25.73
C ALA D 554 -30.50 -14.65 -26.92
N LEU D 555 -31.51 -13.81 -26.76
CA LEU D 555 -31.96 -12.98 -27.86
C LEU D 555 -30.88 -11.97 -28.27
N ALA D 556 -30.21 -11.37 -27.30
CA ALA D 556 -29.12 -10.45 -27.62
C ALA D 556 -27.99 -11.20 -28.34
N ALA D 557 -27.66 -12.39 -27.85
CA ALA D 557 -26.63 -13.18 -28.52
C ALA D 557 -27.02 -13.51 -29.96
N LYS D 558 -28.29 -13.85 -30.18
CA LYS D 558 -28.75 -14.16 -31.53
C LYS D 558 -28.68 -12.95 -32.44
N ILE D 559 -29.11 -11.78 -31.93
CA ILE D 559 -29.04 -10.57 -32.74
C ILE D 559 -27.59 -10.26 -33.10
N ALA D 560 -26.68 -10.41 -32.17
CA ALA D 560 -25.27 -10.17 -32.47
C ALA D 560 -24.74 -11.18 -33.48
N GLU D 561 -25.15 -12.44 -33.36
CA GLU D 561 -24.66 -13.47 -34.27
C GLU D 561 -25.17 -13.27 -35.69
N GLU D 562 -26.37 -12.75 -35.85
CA GLU D 562 -26.97 -12.54 -37.17
C GLU D 562 -26.58 -11.20 -37.78
N SER D 563 -25.44 -10.65 -37.40
CA SER D 563 -24.99 -9.35 -37.90
C SER D 563 -23.80 -9.44 -38.84
N ASN D 564 -22.97 -10.47 -38.71
CA ASN D 564 -21.82 -10.66 -39.59
C ASN D 564 -20.84 -9.49 -39.51
N PHE D 565 -20.75 -8.85 -38.36
CA PHE D 565 -19.76 -7.79 -38.17
C PHE D 565 -18.37 -8.37 -38.00
N PRO D 566 -17.33 -7.57 -38.28
CA PRO D 566 -15.96 -8.09 -38.11
C PRO D 566 -15.61 -8.39 -36.66
N PHE D 567 -15.84 -7.43 -35.76
CA PHE D 567 -15.45 -7.53 -34.37
C PHE D 567 -16.69 -7.58 -33.50
N ILE D 568 -16.81 -8.62 -32.69
CA ILE D 568 -17.93 -8.79 -31.77
C ILE D 568 -17.39 -9.23 -30.42
N LYS D 569 -17.91 -8.63 -29.35
CA LYS D 569 -17.46 -8.93 -28.00
C LYS D 569 -18.63 -8.92 -27.04
N ILE D 570 -18.51 -9.69 -25.96
CA ILE D 570 -19.52 -9.77 -24.91
C ILE D 570 -18.84 -9.52 -23.58
N CYS D 571 -19.41 -8.62 -22.77
CA CYS D 571 -18.86 -8.23 -21.48
C CYS D 571 -19.84 -8.67 -20.39
N SER D 572 -19.63 -9.87 -19.86
CA SER D 572 -20.46 -10.40 -18.79
C SER D 572 -19.77 -10.22 -17.45
N PRO D 573 -20.52 -10.22 -16.35
CA PRO D 573 -19.93 -9.97 -15.04
C PRO D 573 -19.29 -11.18 -14.39
N ASP D 574 -19.57 -12.40 -14.88
CA ASP D 574 -19.06 -13.60 -14.24
C ASP D 574 -17.61 -13.89 -14.57
N LYS D 575 -17.00 -13.14 -15.49
CA LYS D 575 -15.57 -13.24 -15.76
C LYS D 575 -14.75 -12.29 -14.89
N MET D 576 -15.39 -11.56 -13.98
CA MET D 576 -14.72 -10.62 -13.09
C MET D 576 -15.21 -10.81 -11.66
N ILE D 577 -15.26 -12.07 -11.22
CA ILE D 577 -15.71 -12.38 -9.87
C ILE D 577 -14.64 -11.98 -8.87
N GLY D 578 -15.04 -11.27 -7.83
CA GLY D 578 -14.11 -10.83 -6.80
C GLY D 578 -13.33 -9.59 -7.11
N PHE D 579 -13.70 -8.84 -8.15
CA PHE D 579 -13.02 -7.62 -8.51
C PHE D 579 -13.58 -6.43 -7.73
N SER D 580 -12.72 -5.43 -7.51
CA SER D 580 -13.12 -4.18 -6.92
C SER D 580 -13.60 -3.23 -8.02
N GLU D 581 -13.81 -1.96 -7.68
CA GLU D 581 -14.34 -1.02 -8.66
C GLU D 581 -13.32 -0.69 -9.74
N THR D 582 -12.07 -0.45 -9.35
CA THR D 582 -11.06 -0.03 -10.31
C THR D 582 -10.83 -1.10 -11.37
N ALA D 583 -10.78 -2.37 -10.95
CA ALA D 583 -10.55 -3.44 -11.91
C ALA D 583 -11.68 -3.50 -12.93
N LYS D 584 -12.93 -3.39 -12.48
CA LYS D 584 -14.06 -3.40 -13.40
C LYS D 584 -13.96 -2.24 -14.37
N CYS D 585 -13.67 -1.05 -13.87
CA CYS D 585 -13.57 0.11 -14.75
C CYS D 585 -12.49 -0.09 -15.81
N GLN D 586 -11.33 -0.58 -15.39
CA GLN D 586 -10.22 -0.76 -16.33
C GLN D 586 -10.53 -1.84 -17.36
N ALA D 587 -11.18 -2.93 -16.95
CA ALA D 587 -11.55 -3.97 -17.89
C ALA D 587 -12.51 -3.44 -18.95
N MET D 588 -13.54 -2.71 -18.51
CA MET D 588 -14.50 -2.15 -19.46
C MET D 588 -13.81 -1.18 -20.40
N LYS D 589 -12.92 -0.33 -19.87
CA LYS D 589 -12.22 0.63 -20.71
C LYS D 589 -11.37 -0.08 -21.75
N LYS D 590 -10.66 -1.14 -21.35
CA LYS D 590 -9.84 -1.87 -22.31
C LYS D 590 -10.70 -2.49 -23.41
N ILE D 591 -11.83 -3.09 -23.03
CA ILE D 591 -12.71 -3.70 -24.03
C ILE D 591 -13.17 -2.63 -25.02
N PHE D 592 -13.59 -1.48 -24.51
CA PHE D 592 -14.12 -0.45 -25.40
C PHE D 592 -13.02 0.12 -26.31
N ASP D 593 -11.80 0.27 -25.80
CA ASP D 593 -10.71 0.74 -26.65
C ASP D 593 -10.43 -0.27 -27.77
N ASP D 594 -10.33 -1.56 -27.41
CA ASP D 594 -10.10 -2.57 -28.43
C ASP D 594 -11.21 -2.56 -29.47
N ALA D 595 -12.45 -2.29 -29.04
CA ALA D 595 -13.54 -2.15 -30.00
C ALA D 595 -13.32 -0.93 -30.90
N TYR D 596 -12.86 0.18 -30.31
CA TYR D 596 -12.59 1.37 -31.11
C TYR D 596 -11.57 1.10 -32.20
N LYS D 597 -10.61 0.20 -31.93
CA LYS D 597 -9.53 -0.02 -32.89
C LYS D 597 -10.04 -0.41 -34.27
N SER D 598 -11.16 -1.13 -34.35
CA SER D 598 -11.63 -1.69 -35.61
C SER D 598 -12.42 -0.65 -36.40
N GLN D 599 -13.09 -1.10 -37.47
CA GLN D 599 -13.82 -0.20 -38.37
C GLN D 599 -15.27 -0.03 -37.95
N LEU D 600 -16.03 -1.13 -37.94
CA LEU D 600 -17.41 -1.11 -37.46
C LEU D 600 -17.60 -2.30 -36.53
N SER D 601 -18.24 -2.05 -35.38
CA SER D 601 -18.26 -3.06 -34.33
C SER D 601 -19.55 -3.01 -33.54
N CYS D 602 -19.80 -4.12 -32.81
CA CYS D 602 -20.92 -4.24 -31.90
C CYS D 602 -20.43 -4.77 -30.57
N VAL D 603 -21.08 -4.34 -29.49
CA VAL D 603 -20.71 -4.73 -28.13
C VAL D 603 -21.97 -5.00 -27.34
N VAL D 604 -21.85 -5.89 -26.35
CA VAL D 604 -22.98 -6.35 -25.54
C VAL D 604 -22.65 -6.15 -24.07
N VAL D 605 -23.66 -5.75 -23.29
CA VAL D 605 -23.52 -5.56 -21.86
C VAL D 605 -24.74 -6.18 -21.19
N ASP D 606 -24.59 -7.35 -20.62
CA ASP D 606 -25.70 -8.13 -20.09
C ASP D 606 -25.77 -8.01 -18.57
N ASP D 607 -26.99 -7.90 -18.06
CA ASP D 607 -27.25 -7.87 -16.62
C ASP D 607 -26.51 -6.70 -15.97
N ILE D 608 -26.93 -5.50 -16.36
CA ILE D 608 -26.31 -4.29 -15.82
C ILE D 608 -26.44 -4.24 -14.31
N GLU D 609 -27.60 -4.64 -13.78
CA GLU D 609 -27.85 -4.48 -12.35
C GLU D 609 -26.81 -5.23 -11.51
N ARG D 610 -26.19 -6.26 -12.07
CA ARG D 610 -25.09 -6.94 -11.37
C ARG D 610 -23.73 -6.32 -11.66
N LEU D 611 -23.58 -5.62 -12.79
CA LEU D 611 -22.32 -4.95 -13.09
C LEU D 611 -22.02 -3.90 -12.03
N LEU D 612 -22.98 -3.02 -11.77
CA LEU D 612 -22.94 -2.11 -10.63
C LEU D 612 -23.78 -2.73 -9.52
N ASP D 613 -23.16 -2.96 -8.36
CA ASP D 613 -23.73 -3.85 -7.36
C ASP D 613 -24.96 -3.24 -6.69
N TYR D 614 -26.14 -3.53 -7.23
CA TYR D 614 -27.38 -3.04 -6.66
C TYR D 614 -27.93 -4.03 -5.64
N VAL D 615 -28.67 -3.51 -4.67
CA VAL D 615 -29.31 -4.32 -3.64
C VAL D 615 -30.44 -3.50 -3.01
N PRO D 616 -31.67 -4.01 -2.98
CA PRO D 616 -32.78 -3.14 -2.53
C PRO D 616 -32.57 -2.53 -1.16
N ILE D 617 -32.01 -3.28 -0.21
CA ILE D 617 -31.69 -2.70 1.08
C ILE D 617 -30.69 -1.58 0.89
N GLY D 618 -30.87 -0.49 1.63
CA GLY D 618 -30.09 0.70 1.40
C GLY D 618 -30.88 1.78 0.70
N PRO D 619 -30.71 1.91 -0.63
CA PRO D 619 -29.94 1.06 -1.55
C PRO D 619 -28.44 1.37 -1.57
N ARG D 620 -27.65 0.44 -2.10
CA ARG D 620 -26.21 0.61 -2.26
C ARG D 620 -25.81 0.25 -3.68
N PHE D 621 -24.74 0.85 -4.16
CA PHE D 621 -24.17 0.52 -5.46
C PHE D 621 -22.79 1.16 -5.55
N SER D 622 -22.16 1.02 -6.70
CA SER D 622 -20.84 1.59 -6.98
C SER D 622 -21.03 2.78 -7.90
N ASN D 623 -20.84 3.99 -7.35
CA ASN D 623 -21.04 5.20 -8.13
C ASN D 623 -20.03 5.31 -9.26
N LEU D 624 -18.79 4.87 -9.03
CA LEU D 624 -17.74 5.06 -10.02
C LEU D 624 -18.05 4.32 -11.31
N VAL D 625 -18.53 3.07 -11.20
CA VAL D 625 -18.85 2.29 -12.40
C VAL D 625 -20.02 2.93 -13.14
N LEU D 626 -21.01 3.44 -12.41
CA LEU D 626 -22.13 4.12 -13.06
C LEU D 626 -21.65 5.34 -13.83
N GLN D 627 -20.76 6.12 -13.23
CA GLN D 627 -20.22 7.30 -13.92
C GLN D 627 -19.46 6.89 -15.17
N ALA D 628 -18.67 5.82 -15.07
CA ALA D 628 -17.92 5.34 -16.24
C ALA D 628 -18.88 4.93 -17.36
N LEU D 629 -19.95 4.20 -17.01
CA LEU D 629 -20.91 3.78 -18.03
C LEU D 629 -21.60 4.98 -18.66
N LEU D 630 -22.01 5.95 -17.84
CA LEU D 630 -22.70 7.12 -18.38
C LEU D 630 -21.78 7.93 -19.28
N VAL D 631 -20.48 7.98 -18.98
CA VAL D 631 -19.55 8.66 -19.86
C VAL D 631 -19.38 7.89 -21.16
N LEU D 632 -19.27 6.56 -21.08
CA LEU D 632 -18.97 5.77 -22.26
C LEU D 632 -20.16 5.68 -23.21
N LEU D 633 -21.38 5.80 -22.70
CA LEU D 633 -22.54 5.69 -23.57
C LEU D 633 -22.70 6.89 -24.50
N LYS D 634 -21.91 7.96 -24.32
CA LYS D 634 -22.08 9.18 -25.09
C LYS D 634 -20.77 9.62 -25.76
N LYS D 635 -19.82 8.72 -25.95
CA LYS D 635 -18.53 9.05 -26.54
C LYS D 635 -18.47 8.46 -27.94
N ALA D 636 -18.42 9.33 -28.95
CA ALA D 636 -18.35 8.87 -30.32
C ALA D 636 -16.95 8.35 -30.64
N PRO D 637 -16.83 7.40 -31.56
CA PRO D 637 -15.51 6.89 -31.93
C PRO D 637 -14.81 7.84 -32.87
N PRO D 638 -13.55 7.55 -33.23
CA PRO D 638 -12.84 8.40 -34.18
C PRO D 638 -13.60 8.52 -35.50
N GLN D 639 -13.12 9.45 -36.34
CA GLN D 639 -13.82 9.76 -37.57
C GLN D 639 -13.95 8.55 -38.46
N GLY D 640 -15.15 8.35 -39.01
CA GLY D 640 -15.37 7.30 -39.99
C GLY D 640 -15.47 5.90 -39.42
N ARG D 641 -15.98 5.75 -38.20
CA ARG D 641 -16.14 4.45 -37.58
C ARG D 641 -17.49 4.37 -36.91
N LYS D 642 -18.02 3.15 -36.80
CA LYS D 642 -19.40 2.93 -36.38
C LYS D 642 -19.46 1.88 -35.28
N LEU D 643 -20.29 2.14 -34.27
CA LEU D 643 -20.36 1.33 -33.07
C LEU D 643 -21.81 1.10 -32.69
N LEU D 644 -22.12 -0.14 -32.30
CA LEU D 644 -23.44 -0.50 -31.79
C LEU D 644 -23.27 -1.07 -30.38
N ILE D 645 -24.19 -0.73 -29.49
CA ILE D 645 -24.17 -1.22 -28.12
C ILE D 645 -25.54 -1.78 -27.78
N ILE D 646 -25.57 -3.00 -27.25
CA ILE D 646 -26.79 -3.63 -26.76
C ILE D 646 -26.63 -3.85 -25.27
N GLY D 647 -27.68 -3.60 -24.51
CA GLY D 647 -27.65 -3.78 -23.07
C GLY D 647 -28.91 -4.45 -22.58
N THR D 648 -28.75 -5.28 -21.56
CA THR D 648 -29.88 -6.02 -20.98
C THR D 648 -29.99 -5.73 -19.49
N THR D 649 -31.22 -5.69 -19.01
CA THR D 649 -31.49 -5.48 -17.59
C THR D 649 -32.89 -6.00 -17.28
N SER D 650 -33.19 -6.17 -16.00
CA SER D 650 -34.51 -6.68 -15.54
C SER D 650 -35.26 -5.62 -14.74
N ARG D 651 -34.62 -4.50 -14.37
CA ARG D 651 -35.23 -3.49 -13.50
C ARG D 651 -35.22 -2.15 -14.24
N LYS D 652 -36.28 -1.90 -15.01
CA LYS D 652 -36.37 -0.63 -15.73
C LYS D 652 -36.50 0.55 -14.78
N ASP D 653 -37.28 0.39 -13.71
CA ASP D 653 -37.59 1.52 -12.83
C ASP D 653 -36.33 2.07 -12.17
N VAL D 654 -35.45 1.19 -11.68
CA VAL D 654 -34.26 1.66 -10.99
C VAL D 654 -33.39 2.47 -11.93
N LEU D 655 -33.20 1.98 -13.16
CA LEU D 655 -32.43 2.73 -14.14
C LEU D 655 -33.10 4.07 -14.43
N GLN D 656 -34.42 4.07 -14.57
CA GLN D 656 -35.14 5.32 -14.78
C GLN D 656 -34.87 6.32 -13.66
N GLU D 657 -34.73 5.81 -12.43
CA GLU D 657 -34.52 6.70 -11.29
C GLU D 657 -33.10 7.25 -11.25
N MET D 658 -32.14 6.55 -11.84
CA MET D 658 -30.74 7.00 -11.87
C MET D 658 -30.45 7.93 -13.04
N GLU D 659 -31.47 8.32 -13.81
CA GLU D 659 -31.27 9.17 -14.99
C GLU D 659 -30.35 8.48 -16.00
N MET D 660 -30.52 7.17 -16.14
CA MET D 660 -29.77 6.38 -17.12
C MET D 660 -30.61 5.96 -18.31
N LEU D 661 -31.92 6.16 -18.28
CA LEU D 661 -32.80 5.72 -19.35
C LEU D 661 -32.86 6.69 -20.52
N ASN D 662 -32.37 7.92 -20.36
CA ASN D 662 -32.32 8.87 -21.46
C ASN D 662 -31.01 8.81 -22.24
N ALA D 663 -30.04 8.03 -21.77
CA ALA D 663 -28.81 7.83 -22.54
C ALA D 663 -29.04 6.89 -23.71
N PHE D 664 -29.81 5.83 -23.49
CA PHE D 664 -30.13 4.90 -24.56
C PHE D 664 -31.06 5.56 -25.57
N SER D 665 -30.89 5.18 -26.84
CA SER D 665 -31.70 5.77 -27.91
C SER D 665 -33.12 5.19 -27.91
N THR D 666 -33.26 3.89 -27.63
CA THR D 666 -34.55 3.25 -27.68
C THR D 666 -34.52 1.99 -26.84
N THR D 667 -35.69 1.39 -26.65
CA THR D 667 -35.83 0.20 -25.83
C THR D 667 -36.76 -0.79 -26.53
N ILE D 668 -36.67 -2.05 -26.12
CA ILE D 668 -37.47 -3.14 -26.66
C ILE D 668 -38.01 -3.96 -25.51
N HIS D 669 -39.24 -4.49 -25.62
CA HIS D 669 -39.85 -5.32 -24.55
C HIS D 669 -39.75 -6.80 -24.90
N VAL D 670 -39.25 -7.67 -24.01
CA VAL D 670 -39.17 -9.15 -24.19
C VAL D 670 -40.30 -9.71 -23.34
N PRO D 671 -41.51 -10.03 -23.86
CA PRO D 671 -42.63 -10.42 -23.01
C PRO D 671 -42.65 -11.88 -22.58
N ASN D 672 -43.48 -12.22 -21.57
CA ASN D 672 -43.56 -13.59 -20.99
C ASN D 672 -44.76 -14.35 -21.56
N ILE D 673 -44.84 -15.65 -21.36
CA ILE D 673 -45.96 -16.48 -21.77
C ILE D 673 -47.19 -16.09 -20.96
N ALA D 674 -48.28 -15.77 -21.64
CA ALA D 674 -49.45 -15.23 -20.97
C ALA D 674 -50.77 -15.81 -21.47
N THR D 675 -50.75 -16.85 -22.29
CA THR D 675 -51.97 -17.47 -22.79
C THR D 675 -51.80 -18.97 -22.86
N GLY D 676 -52.90 -19.68 -22.63
CA GLY D 676 -52.85 -21.14 -22.68
C GLY D 676 -52.42 -21.65 -24.04
N GLU D 677 -52.85 -20.98 -25.11
CA GLU D 677 -52.47 -21.40 -26.45
C GLU D 677 -50.96 -21.34 -26.63
N GLN D 678 -50.33 -20.27 -26.13
CA GLN D 678 -48.88 -20.18 -26.21
C GLN D 678 -48.21 -21.30 -25.43
N LEU D 679 -48.74 -21.62 -24.24
CA LEU D 679 -48.16 -22.69 -23.44
C LEU D 679 -48.25 -24.02 -24.20
N LEU D 680 -49.40 -24.31 -24.80
CA LEU D 680 -49.55 -25.55 -25.55
C LEU D 680 -48.63 -25.59 -26.75
N GLU D 681 -48.50 -24.46 -27.46
CA GLU D 681 -47.60 -24.43 -28.62
C GLU D 681 -46.15 -24.67 -28.18
N ALA D 682 -45.73 -24.05 -27.07
CA ALA D 682 -44.39 -24.28 -26.58
C ALA D 682 -44.17 -25.73 -26.19
N LEU D 683 -45.16 -26.33 -25.51
CA LEU D 683 -45.03 -27.74 -25.14
C LEU D 683 -44.92 -28.62 -26.38
N GLU D 684 -45.74 -28.34 -27.40
CA GLU D 684 -45.70 -29.14 -28.62
C GLU D 684 -44.33 -29.02 -29.31
N LEU D 685 -43.82 -27.79 -29.42
CA LEU D 685 -42.52 -27.61 -30.07
C LEU D 685 -41.40 -28.27 -29.28
N LEU D 686 -41.46 -28.19 -27.94
CA LEU D 686 -40.46 -28.86 -27.14
C LEU D 686 -40.47 -30.36 -27.36
N GLY D 687 -41.66 -30.95 -27.44
CA GLY D 687 -41.78 -32.38 -27.71
C GLY D 687 -41.47 -33.24 -26.51
N ASN D 688 -42.25 -33.09 -25.44
CA ASN D 688 -42.06 -33.86 -24.22
C ASN D 688 -43.25 -34.75 -23.89
N PHE D 689 -44.46 -34.20 -23.88
CA PHE D 689 -45.66 -34.95 -23.51
C PHE D 689 -46.34 -35.48 -24.76
N LYS D 690 -46.91 -36.68 -24.64
CA LYS D 690 -47.58 -37.33 -25.76
C LYS D 690 -48.94 -36.68 -25.97
N ASP D 691 -49.74 -37.27 -26.87
CA ASP D 691 -51.00 -36.64 -27.26
C ASP D 691 -51.97 -36.57 -26.08
N LYS D 692 -52.20 -37.69 -25.41
CA LYS D 692 -53.24 -37.74 -24.37
C LYS D 692 -52.94 -36.76 -23.24
N GLU D 693 -51.68 -36.68 -22.83
CA GLU D 693 -51.31 -35.73 -21.80
C GLU D 693 -51.54 -34.29 -22.27
N ARG D 694 -51.29 -34.03 -23.56
CA ARG D 694 -51.58 -32.71 -24.11
C ARG D 694 -53.06 -32.40 -24.04
N THR D 695 -53.92 -33.38 -24.36
CA THR D 695 -55.35 -33.16 -24.24
C THR D 695 -55.74 -32.85 -22.81
N THR D 696 -55.20 -33.61 -21.85
CA THR D 696 -55.55 -33.39 -20.46
C THR D 696 -55.10 -32.00 -20.00
N ILE D 697 -53.89 -31.60 -20.36
CA ILE D 697 -53.39 -30.28 -19.97
C ILE D 697 -54.25 -29.18 -20.61
N ALA D 698 -54.62 -29.37 -21.87
CA ALA D 698 -55.48 -28.39 -22.53
C ALA D 698 -56.82 -28.27 -21.81
N GLN D 699 -57.40 -29.41 -21.41
CA GLN D 699 -58.66 -29.38 -20.68
C GLN D 699 -58.51 -28.63 -19.36
N GLN D 700 -57.41 -28.87 -18.65
CA GLN D 700 -57.25 -28.32 -17.29
C GLN D 700 -56.60 -26.94 -17.27
N VAL D 701 -56.24 -26.38 -18.43
CA VAL D 701 -55.56 -25.10 -18.50
C VAL D 701 -56.42 -24.02 -19.13
N LYS D 702 -57.26 -24.40 -20.11
CA LYS D 702 -57.99 -23.40 -20.88
C LYS D 702 -58.86 -22.51 -20.00
N GLY D 703 -59.35 -23.05 -18.88
CA GLY D 703 -60.23 -22.30 -18.02
C GLY D 703 -59.57 -21.22 -17.19
N LYS D 704 -58.24 -21.08 -17.27
CA LYS D 704 -57.53 -20.08 -16.49
C LYS D 704 -56.36 -19.57 -17.31
N LYS D 705 -55.88 -18.38 -16.96
CA LYS D 705 -54.75 -17.75 -17.62
C LYS D 705 -53.46 -18.09 -16.90
N VAL D 706 -52.34 -17.82 -17.57
CA VAL D 706 -51.02 -18.24 -17.09
C VAL D 706 -50.06 -17.06 -17.15
N TRP D 707 -48.97 -17.14 -16.38
CA TRP D 707 -47.91 -16.09 -16.37
C TRP D 707 -46.62 -16.78 -15.94
N ILE D 708 -45.75 -17.11 -16.88
CA ILE D 708 -44.53 -17.86 -16.62
C ILE D 708 -43.51 -17.56 -17.71
N GLY D 709 -42.24 -17.71 -17.37
CA GLY D 709 -41.16 -17.55 -18.32
C GLY D 709 -40.69 -18.88 -18.88
N ILE D 710 -39.91 -18.79 -19.97
CA ILE D 710 -39.51 -20.00 -20.69
C ILE D 710 -38.51 -20.82 -19.88
N LYS D 711 -37.54 -20.16 -19.24
CA LYS D 711 -36.57 -20.89 -18.43
C LYS D 711 -37.25 -21.65 -17.31
N LYS D 712 -38.19 -21.01 -16.62
CA LYS D 712 -38.93 -21.68 -15.56
C LYS D 712 -39.74 -22.85 -16.13
N LEU D 713 -40.26 -22.70 -17.35
CA LEU D 713 -41.00 -23.80 -17.97
C LEU D 713 -40.11 -25.01 -18.20
N LEU D 714 -38.90 -24.77 -18.73
CA LEU D 714 -37.96 -25.87 -18.91
C LEU D 714 -37.65 -26.53 -17.58
N MET D 715 -37.40 -25.72 -16.55
CA MET D 715 -37.07 -26.29 -15.24
C MET D 715 -38.22 -27.14 -14.71
N LEU D 716 -39.46 -26.64 -14.83
CA LEU D 716 -40.61 -27.40 -14.34
C LEU D 716 -40.77 -28.71 -15.09
N ILE D 717 -40.62 -28.69 -16.41
CA ILE D 717 -40.77 -29.91 -17.19
C ILE D 717 -39.72 -30.94 -16.77
N GLU D 718 -38.46 -30.49 -16.65
CA GLU D 718 -37.39 -31.41 -16.29
C GLU D 718 -37.54 -31.92 -14.87
N MET D 719 -38.13 -31.13 -13.98
CA MET D 719 -38.35 -31.57 -12.61
C MET D 719 -39.51 -32.56 -12.51
N SER D 720 -40.55 -32.37 -13.34
CA SER D 720 -41.69 -33.26 -13.30
C SER D 720 -41.42 -34.60 -13.97
N LEU D 721 -40.54 -34.61 -14.99
CA LEU D 721 -40.32 -35.86 -15.72
C LEU D 721 -39.75 -36.98 -14.85
N GLN D 722 -39.18 -36.65 -13.69
CA GLN D 722 -38.51 -37.68 -12.89
C GLN D 722 -39.50 -38.70 -12.33
N MET D 723 -40.69 -38.27 -11.92
CA MET D 723 -41.65 -39.18 -11.35
C MET D 723 -42.00 -40.28 -12.35
N ASP D 724 -42.66 -41.32 -11.84
CA ASP D 724 -43.01 -42.46 -12.67
C ASP D 724 -44.07 -42.08 -13.69
N PRO D 725 -44.23 -42.87 -14.75
CA PRO D 725 -45.07 -42.42 -15.89
C PRO D 725 -46.49 -42.08 -15.51
N GLU D 726 -47.06 -42.73 -14.50
CA GLU D 726 -48.49 -42.58 -14.26
C GLU D 726 -48.85 -41.19 -13.74
N TYR D 727 -48.10 -40.67 -12.77
CA TYR D 727 -48.50 -39.46 -12.06
C TYR D 727 -47.76 -38.21 -12.52
N ARG D 728 -47.07 -38.24 -13.66
CA ARG D 728 -46.27 -37.11 -14.09
C ARG D 728 -47.13 -35.86 -14.31
N VAL D 729 -48.26 -36.01 -15.02
CA VAL D 729 -49.09 -34.86 -15.36
C VAL D 729 -49.61 -34.19 -14.09
N ARG D 730 -49.96 -34.99 -13.09
CA ARG D 730 -50.46 -34.44 -11.84
C ARG D 730 -49.40 -33.55 -11.19
N LYS D 731 -48.16 -34.02 -11.14
CA LYS D 731 -47.08 -33.24 -10.55
C LYS D 731 -46.85 -31.96 -11.35
N PHE D 732 -46.86 -32.06 -12.68
CA PHE D 732 -46.66 -30.87 -13.50
C PHE D 732 -47.75 -29.83 -13.23
N LEU D 733 -49.01 -30.27 -13.18
CA LEU D 733 -50.11 -29.35 -12.93
C LEU D 733 -50.00 -28.75 -11.54
N ALA D 734 -49.62 -29.55 -10.55
CA ALA D 734 -49.46 -29.04 -9.20
C ALA D 734 -48.40 -27.95 -9.14
N LEU D 735 -47.26 -28.18 -9.79
CA LEU D 735 -46.20 -27.17 -9.82
C LEU D 735 -46.68 -25.90 -10.50
N LEU D 736 -47.35 -26.05 -11.65
CA LEU D 736 -47.82 -24.87 -12.37
C LEU D 736 -48.80 -24.07 -11.53
N ARG D 737 -49.72 -24.76 -10.85
CA ARG D 737 -50.66 -24.07 -9.97
C ARG D 737 -49.94 -23.40 -8.81
N GLU D 738 -48.82 -23.95 -8.34
CA GLU D 738 -48.02 -23.33 -7.25
C GLU D 738 -47.54 -21.95 -7.68
N GLU D 739 -46.89 -21.84 -8.85
CA GLU D 739 -46.33 -20.55 -9.35
C GLU D 739 -47.44 -19.79 -10.08
N GLY D 740 -48.43 -19.27 -9.35
CA GLY D 740 -49.56 -18.52 -9.94
C GLY D 740 -49.58 -17.07 -9.48
N ALA D 741 -49.55 -16.11 -10.41
CA ALA D 741 -49.57 -14.67 -10.10
C ALA D 741 -49.74 -13.88 -11.39
N SER D 742 -49.88 -12.56 -11.35
CA SER D 742 -49.93 -11.69 -12.55
C SER D 742 -49.52 -10.27 -12.12
N PRO D 743 -49.12 -9.35 -13.03
CA PRO D 743 -48.65 -8.03 -12.61
C PRO D 743 -49.65 -7.35 -11.66
N GLN E 209 42.39 41.63 -31.70
CA GLN E 209 42.86 40.58 -30.74
C GLN E 209 41.68 39.67 -30.42
N SER E 210 40.44 40.19 -30.48
CA SER E 210 39.21 39.43 -30.13
C SER E 210 39.30 38.02 -30.72
N ILE E 211 39.12 37.02 -29.86
CA ILE E 211 39.18 35.60 -30.31
C ILE E 211 38.21 35.51 -31.49
N ILE E 212 37.04 36.15 -31.38
CA ILE E 212 36.02 36.14 -32.46
C ILE E 212 36.72 36.33 -33.81
N ASN E 213 36.73 35.31 -34.66
CA ASN E 213 37.36 35.37 -36.01
C ASN E 213 36.73 36.52 -36.80
N PRO E 214 37.46 37.27 -37.64
CA PRO E 214 36.92 38.46 -38.33
C PRO E 214 35.68 38.29 -39.23
N ASP E 215 35.63 37.30 -40.14
CA ASP E 215 34.52 37.18 -41.14
C ASP E 215 33.79 35.83 -41.04
N TRP E 216 32.46 35.81 -41.24
CA TRP E 216 31.59 34.61 -41.18
C TRP E 216 30.15 35.11 -40.98
N ASN E 217 29.13 34.27 -41.21
CA ASN E 217 27.71 34.70 -41.09
C ASN E 217 26.85 33.54 -40.57
N PHE E 218 25.91 33.80 -39.66
CA PHE E 218 25.06 32.75 -39.05
C PHE E 218 24.31 31.97 -40.14
N GLU E 219 23.53 32.62 -41.00
CA GLU E 219 22.74 31.95 -42.01
C GLU E 219 23.61 31.01 -42.84
N LYS E 220 24.83 31.42 -43.14
CA LYS E 220 25.70 30.63 -44.01
C LYS E 220 26.07 29.31 -43.35
N MET E 221 26.46 29.33 -42.09
CA MET E 221 26.89 28.10 -41.43
C MET E 221 25.77 27.07 -41.38
N GLY E 222 24.52 27.51 -41.32
CA GLY E 222 23.36 26.63 -41.36
C GLY E 222 22.48 26.71 -40.15
N ILE E 223 22.93 27.35 -39.06
CA ILE E 223 22.12 27.42 -37.86
C ILE E 223 20.82 28.19 -38.15
N GLY E 224 19.78 27.87 -37.38
CA GLY E 224 18.47 28.44 -37.59
C GLY E 224 18.27 29.76 -36.87
N GLY E 225 17.01 30.06 -36.58
CA GLY E 225 16.65 31.30 -35.94
C GLY E 225 16.87 31.29 -34.44
N LEU E 226 18.12 31.31 -34.01
CA LEU E 226 18.50 31.35 -32.60
C LEU E 226 19.45 32.50 -32.33
N ASP E 227 19.25 33.62 -33.03
CA ASP E 227 20.15 34.77 -32.87
C ASP E 227 20.11 35.29 -31.45
N LYS E 228 18.93 35.37 -30.85
CA LYS E 228 18.81 35.87 -29.48
C LYS E 228 19.58 34.99 -28.51
N GLU E 229 19.57 33.67 -28.73
CA GLU E 229 20.28 32.77 -27.84
C GLU E 229 21.78 33.03 -27.90
N PHE E 230 22.36 33.21 -29.09
CA PHE E 230 23.77 33.52 -29.18
C PHE E 230 24.07 34.88 -28.57
N SER E 231 23.19 35.86 -28.78
CA SER E 231 23.38 37.17 -28.18
C SER E 231 23.43 37.07 -26.66
N ASP E 232 22.51 36.30 -26.07
CA ASP E 232 22.53 36.11 -24.62
C ASP E 232 23.78 35.37 -24.18
N ILE E 233 24.19 34.36 -24.95
CA ILE E 233 25.41 33.62 -24.63
C ILE E 233 26.59 34.57 -24.53
N PHE E 234 26.74 35.44 -25.53
CA PHE E 234 27.84 36.40 -25.49
C PHE E 234 27.63 37.48 -24.44
N ARG E 235 26.38 37.74 -24.06
CA ARG E 235 26.12 38.69 -22.98
C ARG E 235 26.64 38.16 -21.65
N ARG E 236 26.35 36.89 -21.35
CA ARG E 236 26.70 36.36 -20.04
C ARG E 236 28.20 36.09 -19.93
N ALA E 237 28.81 35.55 -20.98
CA ALA E 237 30.23 35.23 -21.00
C ALA E 237 30.86 35.86 -22.23
N PHE E 238 32.16 35.63 -22.41
CA PHE E 238 32.93 36.18 -23.53
C PHE E 238 33.02 37.69 -23.48
N ALA E 239 32.77 38.30 -22.32
CA ALA E 239 32.88 39.74 -22.15
C ALA E 239 34.20 40.15 -21.53
N SER E 240 34.53 39.60 -20.36
CA SER E 240 35.81 39.90 -19.74
C SER E 240 36.97 39.41 -20.60
N ARG E 241 36.77 38.30 -21.32
CA ARG E 241 37.82 37.76 -22.18
C ARG E 241 38.16 38.68 -23.33
N VAL E 242 37.34 39.68 -23.61
CA VAL E 242 37.54 40.58 -24.74
C VAL E 242 38.25 41.87 -24.32
N PHE E 243 37.82 42.46 -23.20
CA PHE E 243 38.37 43.73 -22.78
C PHE E 243 39.78 43.57 -22.23
N PRO E 244 40.52 44.68 -22.13
CA PRO E 244 41.89 44.61 -21.61
C PRO E 244 41.92 43.99 -20.23
N PRO E 245 42.88 43.10 -19.96
CA PRO E 245 42.96 42.50 -18.61
C PRO E 245 43.31 43.49 -17.51
N GLU E 246 43.72 44.71 -17.87
CA GLU E 246 44.19 45.65 -16.85
C GLU E 246 43.05 46.11 -15.95
N ILE E 247 41.93 46.53 -16.54
CA ILE E 247 40.87 47.17 -15.76
C ILE E 247 40.09 46.15 -14.95
N VAL E 248 39.98 44.91 -15.45
CA VAL E 248 39.19 43.90 -14.73
C VAL E 248 39.80 43.64 -13.35
N GLU E 249 41.13 43.67 -13.26
CA GLU E 249 41.77 43.52 -11.95
C GLU E 249 41.37 44.64 -11.02
N GLN E 250 41.34 45.88 -11.53
CA GLN E 250 40.84 46.99 -10.72
C GLN E 250 39.41 46.72 -10.26
N MET E 251 38.57 46.17 -11.14
CA MET E 251 37.25 45.74 -10.73
C MET E 251 37.34 44.53 -9.81
N GLY E 252 38.34 43.67 -10.01
CA GLY E 252 38.58 42.55 -9.12
C GLY E 252 37.58 41.41 -9.25
N CYS E 253 37.57 40.75 -10.40
CA CYS E 253 36.65 39.66 -10.63
C CYS E 253 37.31 38.61 -11.53
N LYS E 254 36.84 37.37 -11.41
CA LYS E 254 37.35 36.26 -12.20
C LYS E 254 36.41 35.99 -13.38
N HIS E 255 36.73 34.96 -14.14
CA HIS E 255 36.02 34.62 -15.36
C HIS E 255 35.19 33.36 -15.18
N VAL E 256 34.01 33.35 -15.81
CA VAL E 256 33.15 32.17 -15.78
C VAL E 256 33.78 31.06 -16.62
N LYS E 257 33.74 29.84 -16.10
CA LYS E 257 34.33 28.68 -16.76
C LYS E 257 33.36 27.51 -16.74
N GLY E 258 32.11 27.75 -17.12
CA GLY E 258 31.12 26.70 -17.18
C GLY E 258 29.86 27.12 -17.91
N ILE E 259 29.33 26.24 -18.80
CA ILE E 259 28.11 26.51 -19.55
C ILE E 259 27.33 25.21 -19.70
N LEU E 260 26.01 25.29 -19.54
CA LEU E 260 25.13 24.15 -19.72
C LEU E 260 23.99 24.53 -20.65
N LEU E 261 23.65 23.61 -21.56
CA LEU E 261 22.65 23.83 -22.61
C LEU E 261 21.73 22.64 -22.68
N TYR E 262 20.44 22.84 -22.39
CA TYR E 262 19.45 21.77 -22.34
C TYR E 262 18.21 22.17 -23.12
N GLY E 263 17.55 21.20 -23.75
CA GLY E 263 16.36 21.45 -24.50
C GLY E 263 15.66 20.19 -24.94
N PRO E 264 14.50 20.34 -25.60
CA PRO E 264 13.77 19.17 -26.05
C PRO E 264 14.56 18.40 -27.09
N PRO E 265 14.27 17.11 -27.26
CA PRO E 265 14.96 16.34 -28.31
C PRO E 265 14.79 16.96 -29.70
N GLY E 266 15.89 17.47 -30.23
CA GLY E 266 15.96 18.04 -31.55
C GLY E 266 15.82 19.55 -31.58
N CYS E 267 16.90 20.28 -31.31
CA CYS E 267 16.87 21.73 -31.48
C CYS E 267 18.08 22.29 -32.23
N GLY E 268 19.17 21.53 -32.33
CA GLY E 268 20.38 22.11 -32.90
C GLY E 268 21.51 22.30 -31.91
N LYS E 269 21.71 21.32 -31.04
CA LYS E 269 22.84 21.34 -30.11
C LYS E 269 24.12 20.89 -30.81
N THR E 270 24.10 19.71 -31.42
CA THR E 270 25.28 19.19 -32.11
C THR E 270 25.71 20.10 -33.25
N LEU E 271 24.75 20.69 -33.95
CA LEU E 271 25.04 21.67 -34.99
C LEU E 271 25.94 22.77 -34.47
N LEU E 272 25.51 23.39 -33.37
CA LEU E 272 26.32 24.38 -32.68
C LEU E 272 27.69 23.82 -32.39
N ALA E 273 27.74 22.65 -31.74
CA ALA E 273 29.03 22.09 -31.37
C ALA E 273 29.98 22.13 -32.56
N ARG E 274 29.60 21.47 -33.66
CA ARG E 274 30.49 21.34 -34.81
C ARG E 274 30.86 22.70 -35.41
N GLN E 275 29.86 23.51 -35.74
CA GLN E 275 30.16 24.73 -36.48
C GLN E 275 30.91 25.73 -35.60
N ILE E 276 30.65 25.73 -34.30
CA ILE E 276 31.39 26.60 -33.39
C ILE E 276 32.83 26.15 -33.31
N GLY E 277 33.05 24.84 -33.22
CA GLY E 277 34.40 24.31 -33.29
C GLY E 277 35.09 24.85 -34.53
N LYS E 278 34.34 24.93 -35.63
CA LYS E 278 34.86 25.61 -36.82
C LYS E 278 35.28 27.04 -36.51
N MET E 279 34.35 27.85 -36.02
CA MET E 279 34.51 29.31 -35.98
C MET E 279 35.80 29.80 -35.33
N LEU E 280 36.01 29.48 -34.05
CA LEU E 280 37.05 30.12 -33.26
C LEU E 280 38.43 29.94 -33.89
N ASN E 281 39.27 30.97 -33.75
CA ASN E 281 40.64 30.94 -34.24
C ASN E 281 41.62 30.39 -33.20
N ALA E 282 41.12 29.84 -32.11
CA ALA E 282 41.96 29.27 -31.08
C ALA E 282 42.16 27.78 -31.35
N ARG E 283 42.77 27.07 -30.39
CA ARG E 283 43.02 25.65 -30.56
C ARG E 283 41.71 24.90 -30.74
N GLU E 284 41.74 23.85 -31.55
CA GLU E 284 40.53 23.10 -31.85
C GLU E 284 39.96 22.49 -30.57
N PRO E 285 38.67 22.62 -30.31
CA PRO E 285 38.10 22.01 -29.09
C PRO E 285 38.16 20.50 -29.12
N LYS E 286 38.31 19.96 -27.90
CA LYS E 286 38.30 18.52 -27.73
C LYS E 286 36.88 18.05 -27.42
N VAL E 287 36.41 16.95 -28.25
CA VAL E 287 35.02 16.44 -28.08
C VAL E 287 35.03 15.04 -27.46
N VAL E 288 34.35 14.84 -26.34
CA VAL E 288 34.21 13.56 -25.66
C VAL E 288 32.82 13.03 -26.00
N ASN E 289 32.77 11.92 -26.76
CA ASN E 289 31.51 11.40 -27.27
C ASN E 289 30.95 10.39 -26.27
N GLY E 290 30.13 10.89 -25.35
CA GLY E 290 29.42 10.03 -24.43
C GLY E 290 30.35 9.21 -23.56
N PRO E 291 29.88 8.03 -23.11
CA PRO E 291 30.73 7.18 -22.27
C PRO E 291 31.84 6.51 -23.06
N GLU E 292 32.79 7.32 -23.55
CA GLU E 292 33.96 6.82 -24.26
C GLU E 292 35.19 6.77 -23.38
N ILE E 293 35.04 6.99 -22.07
CA ILE E 293 36.16 7.06 -21.16
C ILE E 293 36.18 5.94 -20.13
N LEU E 294 35.12 5.15 -20.03
CA LEU E 294 35.09 4.04 -19.09
C LEU E 294 35.86 2.86 -19.68
N ASN E 295 36.81 2.35 -18.91
CA ASN E 295 37.70 1.29 -19.39
C ASN E 295 37.77 0.17 -18.36
N LYS E 296 38.11 -1.02 -18.84
CA LYS E 296 38.14 -2.20 -17.98
C LYS E 296 39.16 -2.05 -16.86
N TYR E 297 40.44 -1.90 -17.21
CA TYR E 297 41.49 -1.87 -16.21
C TYR E 297 41.32 -0.70 -15.25
N VAL E 298 41.63 -0.93 -13.98
CA VAL E 298 41.47 0.10 -12.96
C VAL E 298 42.48 1.22 -13.21
N GLY E 299 42.03 2.46 -13.03
CA GLY E 299 42.88 3.62 -13.14
C GLY E 299 42.88 4.29 -14.49
N GLU E 300 42.40 3.60 -15.54
CA GLU E 300 42.40 4.19 -16.87
C GLU E 300 41.46 5.38 -16.97
N SER E 301 40.33 5.34 -16.27
CA SER E 301 39.37 6.44 -16.33
C SER E 301 39.99 7.74 -15.82
N GLU E 302 40.66 7.67 -14.67
CA GLU E 302 41.34 8.86 -14.15
C GLU E 302 42.47 9.30 -15.06
N ALA E 303 43.16 8.36 -15.69
CA ALA E 303 44.21 8.71 -16.64
C ALA E 303 43.63 9.52 -17.80
N ASN E 304 42.50 9.08 -18.35
CA ASN E 304 41.86 9.83 -19.44
C ASN E 304 41.40 11.20 -18.96
N ILE E 305 40.82 11.25 -17.76
CA ILE E 305 40.34 12.52 -17.23
C ILE E 305 41.50 13.51 -17.12
N ARG E 306 42.64 13.04 -16.57
CA ARG E 306 43.80 13.90 -16.47
C ARG E 306 44.33 14.31 -17.84
N LYS E 307 44.39 13.36 -18.78
CA LYS E 307 44.91 13.67 -20.11
C LYS E 307 44.05 14.71 -20.81
N LEU E 308 42.76 14.79 -20.47
CA LEU E 308 41.90 15.78 -21.11
C LEU E 308 42.43 17.20 -20.90
N PHE E 309 42.94 17.50 -19.70
CA PHE E 309 43.32 18.86 -19.30
C PHE E 309 44.83 19.07 -19.30
N ALA E 310 45.55 18.53 -20.27
CA ALA E 310 47.01 18.57 -20.22
C ALA E 310 47.57 19.88 -20.79
N ASP E 311 47.22 20.18 -22.05
CA ASP E 311 47.85 21.29 -22.75
C ASP E 311 47.56 22.62 -22.06
N ALA E 312 46.33 22.81 -21.58
CA ALA E 312 46.00 24.06 -20.91
C ALA E 312 46.94 24.32 -19.73
N GLU E 313 47.08 23.33 -18.84
CA GLU E 313 47.91 23.54 -17.66
C GLU E 313 49.38 23.68 -18.03
N GLU E 314 49.85 22.87 -18.99
CA GLU E 314 51.27 22.97 -19.34
C GLU E 314 51.59 24.33 -19.96
N GLU E 315 50.68 24.85 -20.81
CA GLU E 315 50.89 26.15 -21.42
C GLU E 315 50.81 27.26 -20.39
N GLN E 316 49.84 27.19 -19.47
CA GLN E 316 49.74 28.21 -18.44
C GLN E 316 50.98 28.21 -17.56
N ARG E 317 51.58 27.03 -17.32
CA ARG E 317 52.85 26.99 -16.60
C ARG E 317 53.96 27.62 -17.44
N ARG E 318 54.01 27.31 -18.74
CA ARG E 318 55.04 27.89 -19.60
C ARG E 318 54.92 29.41 -19.63
N LEU E 319 53.71 29.92 -19.77
CA LEU E 319 53.46 31.36 -19.71
C LEU E 319 52.21 31.59 -18.89
N GLY E 320 52.27 32.53 -17.96
CA GLY E 320 51.21 32.75 -16.98
C GLY E 320 50.40 34.00 -17.29
N ALA E 321 49.09 33.87 -17.16
CA ALA E 321 48.12 34.96 -17.22
C ALA E 321 47.98 35.57 -18.60
N ASN E 322 48.63 35.01 -19.62
CA ASN E 322 48.48 35.51 -20.99
C ASN E 322 48.40 34.35 -21.99
N SER E 323 47.89 33.21 -21.55
CA SER E 323 47.76 32.06 -22.43
C SER E 323 46.56 32.23 -23.36
N GLY E 324 46.47 31.36 -24.35
CA GLY E 324 45.36 31.38 -25.27
C GLY E 324 44.08 30.89 -24.61
N LEU E 325 43.15 30.36 -25.40
CA LEU E 325 41.89 29.84 -24.88
C LEU E 325 41.69 28.41 -25.37
N HIS E 326 41.15 27.57 -24.48
CA HIS E 326 40.87 26.18 -24.78
C HIS E 326 39.42 25.88 -24.46
N ILE E 327 38.81 25.04 -25.29
CA ILE E 327 37.40 24.68 -25.17
C ILE E 327 37.30 23.16 -25.06
N ILE E 328 36.56 22.69 -24.07
CA ILE E 328 36.29 21.27 -23.88
C ILE E 328 34.79 21.06 -24.03
N ILE E 329 34.41 20.18 -24.95
CA ILE E 329 33.01 19.89 -25.25
C ILE E 329 32.70 18.50 -24.75
N PHE E 330 31.69 18.40 -23.88
CA PHE E 330 31.21 17.13 -23.36
C PHE E 330 29.84 16.85 -23.97
N ASP E 331 29.73 15.72 -24.65
CA ASP E 331 28.48 15.31 -25.28
C ASP E 331 27.80 14.25 -24.41
N GLU E 332 26.53 14.49 -24.08
CA GLU E 332 25.77 13.60 -23.21
C GLU E 332 26.44 13.48 -21.84
N ILE E 333 26.54 14.64 -21.17
CA ILE E 333 27.22 14.68 -19.88
C ILE E 333 26.53 13.78 -18.86
N ASP E 334 25.20 13.63 -18.99
CA ASP E 334 24.47 12.80 -18.04
C ASP E 334 24.85 11.33 -18.11
N ALA E 335 25.55 10.90 -19.16
CA ALA E 335 25.94 9.50 -19.26
C ALA E 335 26.90 9.11 -18.15
N ILE E 336 27.85 9.97 -17.82
CA ILE E 336 28.88 9.66 -16.84
C ILE E 336 28.59 10.31 -15.49
N CYS E 337 28.01 11.50 -15.49
CA CYS E 337 27.75 12.23 -14.26
C CYS E 337 26.33 11.96 -13.79
N LYS E 338 26.20 11.42 -12.58
CA LYS E 338 24.91 11.16 -11.96
C LYS E 338 25.04 11.43 -10.47
N GLN E 339 24.02 11.07 -9.70
CA GLN E 339 24.06 11.30 -8.26
C GLN E 339 25.14 10.43 -7.64
N ARG E 340 25.93 11.05 -6.75
CA ARG E 340 27.14 10.40 -6.26
C ARG E 340 26.83 9.13 -5.47
N GLY E 341 25.81 9.17 -4.61
CA GLY E 341 25.57 8.07 -3.70
C GLY E 341 24.45 7.12 -4.07
N SER E 342 23.66 7.46 -5.09
CA SER E 342 22.49 6.65 -5.41
C SER E 342 22.87 5.27 -5.92
N MET E 343 23.78 5.20 -6.89
CA MET E 343 24.12 3.92 -7.49
C MET E 343 24.65 2.96 -6.43
N ALA E 344 24.09 1.75 -6.40
CA ALA E 344 24.45 0.74 -5.42
C ALA E 344 25.40 -0.32 -6.00
N GLY E 345 25.91 -0.11 -7.20
CA GLY E 345 26.84 -1.07 -7.77
C GLY E 345 28.11 -1.17 -6.97
N SER E 346 28.70 -2.38 -6.96
CA SER E 346 29.92 -2.59 -6.19
C SER E 346 31.04 -1.71 -6.68
N THR E 347 31.21 -1.61 -7.99
CA THR E 347 32.29 -0.80 -8.56
C THR E 347 32.03 0.68 -8.32
N GLY E 348 33.07 1.39 -7.90
CA GLY E 348 33.02 2.82 -7.63
C GLY E 348 33.53 3.71 -8.73
N VAL E 349 33.48 3.26 -9.99
CA VAL E 349 34.06 4.00 -11.10
C VAL E 349 33.42 5.38 -11.20
N HIS E 350 32.09 5.44 -11.13
CA HIS E 350 31.38 6.69 -11.37
C HIS E 350 31.71 7.74 -10.31
N ASP E 351 31.69 7.36 -9.04
CA ASP E 351 31.99 8.32 -7.98
C ASP E 351 33.40 8.86 -8.11
N THR E 352 34.37 7.97 -8.41
CA THR E 352 35.73 8.43 -8.60
C THR E 352 35.83 9.39 -9.79
N VAL E 353 35.11 9.09 -10.87
CA VAL E 353 35.14 9.97 -12.04
C VAL E 353 34.61 11.35 -11.69
N VAL E 354 33.48 11.40 -10.97
CA VAL E 354 32.90 12.69 -10.61
C VAL E 354 33.85 13.46 -9.69
N ASN E 355 34.45 12.76 -8.71
CA ASN E 355 35.36 13.43 -7.79
C ASN E 355 36.57 13.99 -8.54
N GLN E 356 37.13 13.21 -9.47
CA GLN E 356 38.26 13.69 -10.25
C GLN E 356 37.88 14.90 -11.09
N LEU E 357 36.69 14.86 -11.71
CA LEU E 357 36.26 16.00 -12.52
C LEU E 357 36.10 17.24 -11.67
N LEU E 358 35.50 17.11 -10.49
CA LEU E 358 35.33 18.26 -9.62
C LEU E 358 36.67 18.81 -9.14
N SER E 359 37.61 17.91 -8.84
CA SER E 359 38.94 18.37 -8.42
C SER E 359 39.63 19.11 -9.56
N LYS E 360 39.52 18.60 -10.79
CA LYS E 360 40.24 19.20 -11.91
C LYS E 360 39.63 20.53 -12.32
N ILE E 361 38.29 20.64 -12.32
CA ILE E 361 37.66 21.86 -12.79
C ILE E 361 38.03 23.03 -11.87
N ASP E 362 38.11 22.78 -10.56
CA ASP E 362 38.51 23.81 -9.60
C ASP E 362 39.27 23.11 -8.47
N GLY E 363 40.60 23.11 -8.59
CA GLY E 363 41.46 22.51 -7.59
C GLY E 363 42.38 23.52 -6.94
N VAL E 364 43.46 23.04 -6.32
CA VAL E 364 44.41 23.95 -5.68
C VAL E 364 45.05 24.85 -6.73
N GLU E 365 45.45 24.28 -7.87
CA GLU E 365 46.00 25.06 -8.96
C GLU E 365 44.87 25.73 -9.74
N GLN E 366 45.10 26.98 -10.14
CA GLN E 366 44.07 27.80 -10.76
C GLN E 366 44.28 27.82 -12.27
N LEU E 367 43.28 27.34 -13.01
CA LEU E 367 43.27 27.43 -14.46
C LEU E 367 42.30 28.53 -14.87
N ASN E 368 42.78 29.48 -15.67
CA ASN E 368 41.97 30.59 -16.14
C ASN E 368 42.11 30.74 -17.66
N ASN E 369 42.19 29.60 -18.36
CA ASN E 369 42.25 29.60 -19.82
C ASN E 369 41.40 28.50 -20.42
N ILE E 370 40.45 27.95 -19.67
CA ILE E 370 39.62 26.83 -20.11
C ILE E 370 38.16 27.19 -19.92
N LEU E 371 37.35 26.93 -20.93
CA LEU E 371 35.90 27.08 -20.87
C LEU E 371 35.27 25.74 -21.23
N VAL E 372 34.36 25.26 -20.37
CA VAL E 372 33.76 23.94 -20.51
C VAL E 372 32.28 24.12 -20.84
N ILE E 373 31.83 23.43 -21.88
CA ILE E 373 30.45 23.47 -22.34
C ILE E 373 29.88 22.06 -22.26
N GLY E 374 28.69 21.94 -21.68
CA GLY E 374 28.05 20.64 -21.56
C GLY E 374 26.62 20.65 -22.07
N MET E 375 26.29 19.72 -22.96
CA MET E 375 24.95 19.58 -23.50
C MET E 375 24.37 18.25 -23.06
N THR E 376 23.05 18.24 -22.89
CA THR E 376 22.35 17.05 -22.40
C THR E 376 20.99 16.99 -23.07
N ASN E 377 20.10 16.10 -22.60
CA ASN E 377 18.70 15.94 -23.10
C ASN E 377 17.71 15.92 -21.93
N ARG E 378 18.13 15.80 -20.67
CA ARG E 378 17.23 15.89 -19.52
C ARG E 378 18.04 16.26 -18.28
N PRO E 379 18.08 17.54 -17.89
CA PRO E 379 18.98 17.95 -16.80
C PRO E 379 18.68 17.29 -15.47
N ASP E 380 17.46 16.81 -15.25
CA ASP E 380 17.08 16.31 -13.93
C ASP E 380 18.06 15.24 -13.45
N LEU E 381 18.58 14.41 -14.35
CA LEU E 381 19.51 13.37 -13.98
C LEU E 381 20.93 13.91 -13.88
N ILE E 382 21.12 14.99 -13.12
CA ILE E 382 22.43 15.59 -12.94
C ILE E 382 22.60 15.93 -11.46
N ASP E 383 23.71 15.50 -10.88
CA ASP E 383 23.97 15.77 -9.47
C ASP E 383 24.09 17.27 -9.22
N GLU E 384 23.59 17.70 -8.06
CA GLU E 384 23.55 19.13 -7.76
C GLU E 384 24.96 19.71 -7.63
N ALA E 385 25.89 18.95 -7.04
CA ALA E 385 27.22 19.50 -6.78
C ALA E 385 27.89 20.00 -8.05
N LEU E 386 27.67 19.31 -9.17
CA LEU E 386 28.24 19.76 -10.43
C LEU E 386 27.62 21.07 -10.91
N LEU E 387 26.43 21.41 -10.40
CA LEU E 387 25.74 22.64 -10.80
C LEU E 387 25.89 23.75 -9.78
N ARG E 388 26.76 23.59 -8.78
CA ARG E 388 26.96 24.61 -7.79
C ARG E 388 27.54 25.87 -8.44
N PRO E 389 27.14 27.06 -8.00
CA PRO E 389 27.72 28.28 -8.58
C PRO E 389 29.23 28.30 -8.45
N GLY E 390 29.89 28.83 -9.48
CA GLY E 390 31.33 28.78 -9.58
C GLY E 390 31.88 27.64 -10.40
N ARG E 391 31.04 26.64 -10.72
CA ARG E 391 31.44 25.51 -11.54
C ARG E 391 30.66 25.42 -12.84
N LEU E 392 29.34 25.39 -12.76
CA LEU E 392 28.48 25.37 -13.95
C LEU E 392 27.28 26.28 -13.72
N GLU E 393 27.54 27.48 -13.20
CA GLU E 393 26.46 28.35 -12.74
C GLU E 393 25.46 28.63 -13.86
N VAL E 394 25.95 28.99 -15.04
CA VAL E 394 25.09 29.51 -16.10
C VAL E 394 24.47 28.33 -16.84
N LYS E 395 23.21 28.51 -17.23
CA LYS E 395 22.51 27.51 -18.03
C LYS E 395 21.43 28.21 -18.84
N MET E 396 21.41 27.94 -20.15
CA MET E 396 20.44 28.52 -21.07
C MET E 396 19.43 27.47 -21.48
N GLU E 397 18.44 27.86 -22.28
CA GLU E 397 17.41 26.91 -22.76
C GLU E 397 17.16 27.14 -24.26
N ILE E 398 17.37 26.12 -25.07
CA ILE E 398 17.17 26.18 -26.51
C ILE E 398 15.81 25.58 -26.82
N GLY E 399 14.77 26.43 -26.85
CA GLY E 399 13.42 25.98 -27.02
C GLY E 399 13.01 25.84 -28.47
N LEU E 400 11.72 25.57 -28.65
CA LEU E 400 11.19 25.39 -30.00
C LEU E 400 11.19 26.72 -30.76
N PRO E 401 11.29 26.67 -32.08
CA PRO E 401 11.18 27.89 -32.89
C PRO E 401 9.72 28.27 -33.10
N ASP E 402 9.53 29.32 -33.89
CA ASP E 402 8.19 29.81 -34.21
C ASP E 402 8.03 29.97 -35.72
N GLU E 403 6.92 30.56 -36.15
CA GLU E 403 6.73 30.82 -37.57
C GLU E 403 7.89 31.63 -38.13
N LYS E 404 8.28 32.69 -37.42
CA LYS E 404 9.48 33.44 -37.79
C LYS E 404 10.64 32.49 -38.03
N GLY E 405 11.03 31.76 -36.98
CA GLY E 405 12.16 30.84 -37.12
C GLY E 405 11.94 29.82 -38.22
N ARG E 406 10.70 29.32 -38.35
CA ARG E 406 10.39 28.37 -39.40
C ARG E 406 10.75 28.94 -40.77
N LEU E 407 10.59 30.25 -40.95
CA LEU E 407 10.91 30.85 -42.24
C LEU E 407 12.38 30.62 -42.61
N GLN E 408 13.30 30.98 -41.70
CA GLN E 408 14.71 30.80 -42.02
C GLN E 408 15.07 29.33 -42.10
N ILE E 409 14.46 28.48 -41.27
CA ILE E 409 14.75 27.06 -41.36
C ILE E 409 14.42 26.53 -42.75
N LEU E 410 13.21 26.83 -43.23
CA LEU E 410 12.80 26.36 -44.54
C LEU E 410 13.67 26.97 -45.64
N HIS E 411 14.00 28.25 -45.53
CA HIS E 411 14.85 28.88 -46.53
C HIS E 411 16.22 28.22 -46.60
N ILE E 412 16.82 27.94 -45.43
CA ILE E 412 18.12 27.29 -45.39
C ILE E 412 18.04 25.91 -46.03
N HIS E 413 16.97 25.16 -45.72
CA HIS E 413 16.88 23.79 -46.18
C HIS E 413 16.40 23.66 -47.62
N THR E 414 15.89 24.74 -48.23
CA THR E 414 15.43 24.71 -49.61
C THR E 414 16.18 25.68 -50.51
N ALA E 415 17.24 26.33 -50.01
CA ALA E 415 18.03 27.20 -50.86
C ALA E 415 18.62 26.44 -52.05
N ARG E 416 19.16 25.24 -51.80
CA ARG E 416 19.68 24.44 -52.91
C ARG E 416 18.57 24.04 -53.86
N MET E 417 17.39 23.70 -53.32
CA MET E 417 16.25 23.39 -54.17
C MET E 417 15.95 24.52 -55.13
N ARG E 418 15.86 25.75 -54.61
CA ARG E 418 15.50 26.89 -55.44
C ARG E 418 16.62 27.26 -56.40
N GLY E 419 17.87 27.10 -55.98
CA GLY E 419 18.99 27.55 -56.80
C GLY E 419 19.08 26.81 -58.12
N HIS E 420 18.81 25.51 -58.12
CA HIS E 420 18.94 24.68 -59.30
C HIS E 420 17.68 24.66 -60.15
N GLN E 421 16.66 25.46 -59.79
CA GLN E 421 15.44 25.57 -60.58
C GLN E 421 14.70 24.24 -60.63
N LEU E 422 14.66 23.53 -59.50
CA LEU E 422 13.94 22.27 -59.36
C LEU E 422 12.76 22.43 -58.40
N LEU E 423 12.17 23.62 -58.37
CA LEU E 423 11.07 23.94 -57.47
C LEU E 423 9.94 24.55 -58.27
N SER E 424 8.74 24.00 -58.13
CA SER E 424 7.59 24.48 -58.89
C SER E 424 7.13 25.84 -58.37
N ALA E 425 6.48 26.60 -59.26
CA ALA E 425 6.07 27.95 -58.91
C ALA E 425 4.99 27.96 -57.84
N ASP E 426 4.07 26.98 -57.89
CA ASP E 426 2.92 27.00 -56.98
C ASP E 426 3.36 26.99 -55.52
N VAL E 427 4.56 26.47 -55.23
CA VAL E 427 5.01 26.38 -53.85
C VAL E 427 5.10 27.78 -53.24
N ASP E 428 4.94 27.85 -51.92
CA ASP E 428 5.00 29.12 -51.20
C ASP E 428 5.63 28.87 -49.83
N ILE E 429 6.72 29.56 -49.54
CA ILE E 429 7.41 29.39 -48.27
C ILE E 429 6.52 29.85 -47.11
N LYS E 430 5.88 31.02 -47.27
CA LYS E 430 5.14 31.61 -46.15
C LYS E 430 3.98 30.72 -45.74
N GLU E 431 3.25 30.16 -46.71
CA GLU E 431 2.10 29.33 -46.36
C GLU E 431 2.54 28.07 -45.63
N LEU E 432 3.60 27.41 -46.12
CA LEU E 432 4.10 26.23 -45.45
C LEU E 432 4.57 26.55 -44.04
N ALA E 433 5.28 27.67 -43.86
CA ALA E 433 5.72 28.05 -42.53
C ALA E 433 4.53 28.30 -41.62
N VAL E 434 3.48 28.94 -42.13
CA VAL E 434 2.31 29.24 -41.31
C VAL E 434 1.62 27.94 -40.88
N GLU E 435 1.45 27.01 -41.83
CA GLU E 435 0.72 25.78 -41.50
C GLU E 435 1.45 24.96 -40.45
N THR E 436 2.77 24.86 -40.55
CA THR E 436 3.55 24.07 -39.59
C THR E 436 3.70 24.84 -38.29
N LYS E 437 3.20 24.26 -37.20
CA LYS E 437 3.28 24.86 -35.88
C LYS E 437 3.71 23.79 -34.88
N ASN E 438 4.36 24.24 -33.81
CA ASN E 438 4.93 23.34 -32.81
C ASN E 438 5.85 22.32 -33.47
N PHE E 439 6.75 22.84 -34.32
CA PHE E 439 7.67 22.01 -35.10
C PHE E 439 9.10 22.36 -34.73
N SER E 440 9.95 21.34 -34.68
CA SER E 440 11.38 21.52 -34.48
C SER E 440 12.11 21.43 -35.82
N GLY E 441 13.35 21.92 -35.82
CA GLY E 441 14.11 21.94 -37.06
C GLY E 441 14.25 20.57 -37.69
N ALA E 442 14.49 19.55 -36.87
CA ALA E 442 14.56 18.18 -37.39
C ALA E 442 13.25 17.80 -38.06
N GLU E 443 12.12 18.22 -37.50
CA GLU E 443 10.82 17.91 -38.10
C GLU E 443 10.67 18.59 -39.45
N LEU E 444 11.11 19.84 -39.58
CA LEU E 444 11.05 20.52 -40.86
C LEU E 444 11.95 19.83 -41.89
N GLU E 445 13.14 19.42 -41.48
CA GLU E 445 14.02 18.67 -42.38
C GLU E 445 13.35 17.38 -42.84
N GLY E 446 12.71 16.68 -41.91
CA GLY E 446 11.99 15.46 -42.27
C GLY E 446 10.87 15.73 -43.25
N LEU E 447 10.14 16.83 -43.04
CA LEU E 447 9.08 17.20 -43.98
C LEU E 447 9.64 17.45 -45.38
N VAL E 448 10.76 18.18 -45.45
CA VAL E 448 11.37 18.47 -46.75
C VAL E 448 11.81 17.18 -47.43
N ARG E 449 12.45 16.28 -46.66
CA ARG E 449 12.91 15.02 -47.23
C ARG E 449 11.73 14.18 -47.72
N ALA E 450 10.64 14.15 -46.95
CA ALA E 450 9.47 13.40 -47.36
C ALA E 450 8.87 13.96 -48.63
N ALA E 451 8.81 15.30 -48.74
CA ALA E 451 8.31 15.92 -49.96
C ALA E 451 9.17 15.54 -51.16
N GLN E 452 10.49 15.59 -51.00
CA GLN E 452 11.37 15.20 -52.09
C GLN E 452 11.15 13.74 -52.50
N SER E 453 11.04 12.85 -51.51
CA SER E 453 10.86 11.44 -51.81
C SER E 453 9.54 11.21 -52.54
N THR E 454 8.48 11.88 -52.10
CA THR E 454 7.20 11.77 -52.78
C THR E 454 7.31 12.27 -54.22
N ALA E 455 8.05 13.36 -54.42
CA ALA E 455 8.23 13.87 -55.78
C ALA E 455 8.94 12.84 -56.66
N MET E 456 10.03 12.24 -56.15
CA MET E 456 10.75 11.26 -56.95
C MET E 456 9.93 10.00 -57.20
N ASN E 457 9.04 9.64 -56.29
CA ASN E 457 8.31 8.39 -56.42
C ASN E 457 7.48 8.31 -57.70
N ARG E 458 7.11 9.46 -58.27
CA ARG E 458 6.19 9.46 -59.41
C ARG E 458 6.81 8.76 -60.63
N HIS E 459 8.10 9.00 -60.88
CA HIS E 459 8.74 8.59 -62.12
C HIS E 459 9.37 7.21 -62.05
N ILE E 460 8.91 6.34 -61.16
CA ILE E 460 9.42 4.98 -61.06
C ILE E 460 8.26 4.01 -60.95
N LYS E 461 8.49 2.78 -61.39
CA LYS E 461 7.53 1.69 -61.30
C LYS E 461 8.09 0.62 -60.36
N ALA E 462 7.24 0.15 -59.44
CA ALA E 462 7.63 -0.84 -58.45
C ALA E 462 7.29 -2.26 -58.88
N SER E 463 7.33 -2.54 -60.17
CA SER E 463 6.92 -3.84 -60.71
C SER E 463 8.02 -4.88 -60.45
N THR E 464 7.92 -6.01 -61.16
CA THR E 464 8.87 -7.10 -60.98
C THR E 464 10.32 -6.59 -60.92
N LYS E 465 10.78 -5.97 -62.01
CA LYS E 465 12.11 -5.38 -62.08
C LYS E 465 11.92 -3.87 -62.04
N VAL E 466 11.90 -3.30 -60.83
CA VAL E 466 11.67 -1.88 -60.68
C VAL E 466 12.66 -1.13 -61.54
N GLU E 467 12.15 -0.39 -62.52
CA GLU E 467 12.98 0.32 -63.48
C GLU E 467 12.64 1.80 -63.44
N VAL E 468 13.63 2.62 -63.11
CA VAL E 468 13.52 4.05 -63.41
C VAL E 468 13.54 4.20 -64.92
N ASP E 469 12.45 4.73 -65.47
CA ASP E 469 12.19 4.65 -66.90
C ASP E 469 13.17 5.56 -67.66
N MET E 470 14.46 5.28 -67.49
CA MET E 470 15.53 6.06 -68.10
C MET E 470 15.22 7.56 -67.94
N GLU E 471 14.57 7.90 -66.83
CA GLU E 471 14.14 9.27 -66.56
C GLU E 471 13.56 9.91 -67.80
N LYS E 472 12.41 9.41 -68.27
CA LYS E 472 11.80 9.97 -69.48
C LYS E 472 11.64 11.48 -69.37
N ALA E 473 11.29 11.96 -68.19
CA ALA E 473 11.10 13.39 -67.95
C ALA E 473 12.15 13.85 -66.94
N GLU E 474 13.31 14.28 -67.46
CA GLU E 474 14.36 14.78 -66.58
C GLU E 474 13.87 15.99 -65.78
N SER E 475 13.07 16.85 -66.40
CA SER E 475 12.55 18.04 -65.73
C SER E 475 11.49 17.61 -64.74
N LEU E 476 11.88 17.45 -63.48
CA LEU E 476 10.97 17.06 -62.41
C LEU E 476 10.74 18.24 -61.48
N GLN E 477 9.48 18.47 -61.13
CA GLN E 477 9.08 19.59 -60.28
C GLN E 477 8.37 19.06 -59.05
N VAL E 478 8.37 19.89 -58.00
CA VAL E 478 7.72 19.57 -56.73
C VAL E 478 6.54 20.52 -56.58
N THR E 479 5.33 19.97 -56.56
CA THR E 479 4.12 20.76 -56.48
C THR E 479 3.72 20.98 -55.02
N ARG E 480 2.97 22.07 -54.78
CA ARG E 480 2.47 22.33 -53.44
C ARG E 480 1.51 21.24 -52.98
N GLY E 481 0.77 20.64 -53.92
CA GLY E 481 -0.05 19.50 -53.57
C GLY E 481 0.78 18.34 -53.04
N ASP E 482 1.95 18.13 -53.63
CA ASP E 482 2.87 17.11 -53.10
C ASP E 482 3.29 17.44 -51.68
N PHE E 483 3.60 18.72 -51.41
CA PHE E 483 3.95 19.13 -50.06
C PHE E 483 2.81 18.86 -49.09
N LEU E 484 1.58 19.19 -49.49
CA LEU E 484 0.44 18.99 -48.61
C LEU E 484 0.22 17.50 -48.33
N ALA E 485 0.32 16.67 -49.37
CA ALA E 485 0.14 15.24 -49.19
C ALA E 485 1.21 14.67 -48.26
N SER E 486 2.46 15.07 -48.46
CA SER E 486 3.54 14.58 -47.61
C SER E 486 3.34 15.03 -46.17
N LEU E 487 2.93 16.29 -45.97
CA LEU E 487 2.72 16.79 -44.61
C LEU E 487 1.60 16.02 -43.92
N GLU E 488 0.44 15.89 -44.56
CA GLU E 488 -0.69 15.26 -43.90
C GLU E 488 -0.44 13.78 -43.67
N ASN E 489 0.15 13.07 -44.65
CA ASN E 489 0.22 11.62 -44.57
C ASN E 489 1.26 11.16 -43.56
N ASP E 490 2.47 11.70 -43.63
CA ASP E 490 3.63 11.08 -43.00
C ASP E 490 4.01 11.70 -41.66
N ILE E 491 4.33 12.99 -41.65
CA ILE E 491 4.98 13.60 -40.50
C ILE E 491 3.93 14.20 -39.57
N LYS E 492 4.19 14.09 -38.27
CA LYS E 492 3.35 14.66 -37.23
C LYS E 492 4.24 15.27 -36.16
N PRO E 493 3.73 16.25 -35.41
CA PRO E 493 4.54 16.86 -34.35
C PRO E 493 4.49 16.03 -33.07
N ALA E 494 5.66 15.72 -32.53
CA ALA E 494 5.74 14.89 -31.34
C ALA E 494 5.37 15.63 -30.06
N PHE E 495 5.43 16.97 -30.07
CA PHE E 495 5.12 17.73 -28.87
C PHE E 495 3.67 17.48 -28.43
N GLY E 496 2.73 17.51 -29.38
CA GLY E 496 1.34 17.32 -29.08
C GLY E 496 0.42 18.21 -29.89
N THR E 497 -0.66 18.66 -29.30
CA THR E 497 -1.63 19.52 -29.96
C THR E 497 -2.01 20.66 -29.05
N ASN E 498 -2.47 21.76 -29.65
CA ASN E 498 -2.84 22.97 -28.93
C ASN E 498 -4.33 23.24 -28.98
N GLN E 499 -4.92 23.31 -30.17
CA GLN E 499 -6.34 23.63 -30.33
C GLN E 499 -7.14 22.34 -30.34
N GLU E 500 -8.02 22.18 -29.34
CA GLU E 500 -8.92 21.04 -29.34
C GLU E 500 -9.77 21.06 -30.60
N ASP E 501 -9.91 19.90 -31.24
CA ASP E 501 -10.61 19.83 -32.52
C ASP E 501 -12.04 20.33 -32.38
N TYR E 502 -12.31 21.49 -32.98
CA TYR E 502 -13.67 22.04 -32.97
C TYR E 502 -14.58 21.33 -33.95
N ALA E 503 -14.02 20.70 -35.00
CA ALA E 503 -14.84 19.88 -35.89
C ALA E 503 -15.30 18.60 -35.22
N SER E 504 -14.58 18.14 -34.20
CA SER E 504 -15.02 16.95 -33.47
C SER E 504 -16.20 17.25 -32.56
N TYR E 505 -16.26 18.46 -32.00
CA TYR E 505 -17.36 18.85 -31.13
C TYR E 505 -18.54 19.43 -31.90
N ILE E 506 -18.29 20.03 -33.06
CA ILE E 506 -19.34 20.53 -33.95
C ILE E 506 -19.37 19.59 -35.16
N MET E 507 -20.30 18.64 -35.17
CA MET E 507 -20.35 17.64 -36.23
C MET E 507 -21.11 18.14 -37.45
N ASN E 508 -22.35 18.59 -37.26
CA ASN E 508 -23.22 18.98 -38.36
C ASN E 508 -23.47 20.48 -38.38
N GLY E 509 -22.44 21.26 -38.06
CA GLY E 509 -22.56 22.70 -38.18
C GLY E 509 -23.61 23.29 -37.25
N ILE E 510 -24.04 24.51 -37.60
CA ILE E 510 -25.04 25.23 -36.83
C ILE E 510 -26.04 25.87 -37.78
N ILE E 511 -27.21 25.24 -37.92
CA ILE E 511 -28.28 25.79 -38.75
C ILE E 511 -29.04 26.83 -37.94
N LYS E 512 -29.87 27.62 -38.62
CA LYS E 512 -30.65 28.68 -37.99
C LYS E 512 -32.12 28.30 -38.04
N TRP E 513 -32.69 27.95 -36.88
CA TRP E 513 -34.09 27.57 -36.79
C TRP E 513 -34.95 28.62 -36.12
N GLY E 514 -34.40 29.79 -35.81
CA GLY E 514 -35.19 30.83 -35.18
C GLY E 514 -34.31 31.97 -34.68
N ASP E 515 -34.88 32.76 -33.78
CA ASP E 515 -34.23 33.93 -33.21
C ASP E 515 -33.24 33.59 -32.10
N PRO E 516 -33.57 32.65 -31.22
CA PRO E 516 -32.71 32.46 -30.03
C PRO E 516 -31.24 32.23 -30.34
N VAL E 517 -30.93 31.54 -31.44
CA VAL E 517 -29.53 31.29 -31.78
C VAL E 517 -28.79 32.61 -31.96
N THR E 518 -29.39 33.54 -32.69
CA THR E 518 -28.77 34.84 -32.89
C THR E 518 -28.58 35.57 -31.57
N ARG E 519 -29.57 35.52 -30.69
CA ARG E 519 -29.45 36.18 -29.40
C ARG E 519 -28.29 35.62 -28.60
N VAL E 520 -28.16 34.29 -28.57
CA VAL E 520 -27.09 33.67 -27.80
C VAL E 520 -25.73 34.06 -28.37
N LEU E 521 -25.60 34.01 -29.70
CA LEU E 521 -24.33 34.36 -30.31
C LEU E 521 -23.97 35.82 -30.05
N ASP E 522 -24.95 36.72 -30.15
CA ASP E 522 -24.70 38.13 -29.90
C ASP E 522 -24.28 38.37 -28.46
N ASP E 523 -24.94 37.71 -27.50
CA ASP E 523 -24.56 37.86 -26.10
C ASP E 523 -23.14 37.36 -25.87
N GLY E 524 -22.78 36.24 -26.48
CA GLY E 524 -21.41 35.75 -26.35
C GLY E 524 -20.40 36.72 -26.91
N GLU E 525 -20.70 37.29 -28.08
CA GLU E 525 -19.81 38.29 -28.68
C GLU E 525 -19.67 39.51 -27.76
N LEU E 526 -20.78 39.96 -27.19
CA LEU E 526 -20.73 41.11 -26.28
C LEU E 526 -19.86 40.79 -25.07
N LEU E 527 -19.99 39.59 -24.50
CA LEU E 527 -19.20 39.24 -23.33
C LEU E 527 -17.71 39.17 -23.67
N VAL E 528 -17.36 38.56 -24.80
CA VAL E 528 -15.94 38.47 -25.15
C VAL E 528 -15.37 39.85 -25.42
N GLN E 529 -16.14 40.72 -26.08
CA GLN E 529 -15.66 42.09 -26.28
C GLN E 529 -15.47 42.79 -24.95
N GLN E 530 -16.41 42.63 -24.02
CA GLN E 530 -16.30 43.28 -22.72
C GLN E 530 -15.02 42.86 -22.00
N THR E 531 -14.77 41.55 -21.94
CA THR E 531 -13.54 41.09 -21.29
C THR E 531 -12.31 41.52 -22.07
N LYS E 532 -12.44 41.79 -23.37
CA LYS E 532 -11.29 42.22 -24.16
C LYS E 532 -10.78 43.59 -23.70
N ASN E 533 -11.68 44.53 -23.44
CA ASN E 533 -11.29 45.91 -23.16
C ASN E 533 -11.64 46.33 -21.74
N SER E 534 -11.41 45.45 -20.77
CA SER E 534 -11.71 45.73 -19.37
C SER E 534 -10.44 46.15 -18.62
N ASP E 535 -10.64 46.90 -17.55
CA ASP E 535 -9.54 47.40 -16.73
C ASP E 535 -9.70 47.03 -15.25
N ARG E 536 -10.93 47.01 -14.75
CA ARG E 536 -11.20 46.69 -13.36
C ARG E 536 -11.69 45.27 -13.15
N THR E 537 -12.08 44.57 -14.21
CA THR E 537 -12.64 43.23 -14.13
C THR E 537 -11.87 42.33 -15.11
N PRO E 538 -10.65 41.93 -14.76
CA PRO E 538 -9.86 41.10 -15.67
C PRO E 538 -10.37 39.67 -15.80
N LEU E 539 -11.35 39.26 -14.99
CA LEU E 539 -11.88 37.91 -15.03
C LEU E 539 -13.39 37.96 -15.26
N VAL E 540 -13.87 37.18 -16.21
CA VAL E 540 -15.28 37.13 -16.56
C VAL E 540 -15.70 35.67 -16.70
N SER E 541 -16.89 35.34 -16.19
CA SER E 541 -17.42 33.99 -16.26
C SER E 541 -18.89 34.05 -16.65
N VAL E 542 -19.36 33.00 -17.32
CA VAL E 542 -20.74 32.91 -17.77
C VAL E 542 -21.13 31.45 -17.82
N LEU E 543 -22.41 31.18 -17.54
CA LEU E 543 -22.93 29.81 -17.47
C LEU E 543 -24.07 29.64 -18.45
N LEU E 544 -23.99 28.62 -19.30
CA LEU E 544 -25.03 28.29 -20.27
C LEU E 544 -25.92 27.20 -19.68
N GLU E 545 -27.22 27.47 -19.59
CA GLU E 545 -28.18 26.54 -19.00
C GLU E 545 -29.29 26.26 -19.98
N GLY E 546 -29.73 25.00 -20.01
CA GLY E 546 -30.82 24.60 -20.88
C GLY E 546 -31.22 23.15 -20.65
N PRO E 547 -32.29 22.71 -21.30
CA PRO E 547 -32.73 21.33 -21.14
C PRO E 547 -31.84 20.38 -21.91
N PRO E 548 -31.92 19.08 -21.63
CA PRO E 548 -31.03 18.13 -22.31
C PRO E 548 -31.32 18.06 -23.81
N HIS E 549 -30.27 17.76 -24.57
CA HIS E 549 -30.37 17.61 -26.03
C HIS E 549 -30.80 18.93 -26.67
N SER E 550 -30.01 19.98 -26.40
CA SER E 550 -30.24 21.29 -27.01
C SER E 550 -28.98 21.87 -27.63
N GLY E 551 -27.92 21.08 -27.76
CA GLY E 551 -26.70 21.58 -28.36
C GLY E 551 -26.02 22.66 -27.55
N LYS E 552 -26.10 22.60 -26.21
CA LYS E 552 -25.41 23.56 -25.37
C LYS E 552 -23.90 23.52 -25.65
N THR E 553 -23.33 22.33 -25.72
CA THR E 553 -21.90 22.19 -25.94
C THR E 553 -21.48 22.77 -27.27
N ALA E 554 -22.23 22.45 -28.33
CA ALA E 554 -21.90 22.96 -29.66
C ALA E 554 -21.88 24.49 -29.67
N LEU E 555 -22.88 25.11 -29.03
CA LEU E 555 -22.92 26.57 -28.98
C LEU E 555 -21.75 27.13 -28.19
N ALA E 556 -21.41 26.49 -27.07
CA ALA E 556 -20.24 26.95 -26.31
C ALA E 556 -18.98 26.90 -27.15
N ALA E 557 -18.77 25.79 -27.87
CA ALA E 557 -17.59 25.66 -28.71
C ALA E 557 -17.59 26.69 -29.82
N LYS E 558 -18.75 26.95 -30.43
CA LYS E 558 -18.83 27.96 -31.48
C LYS E 558 -18.44 29.33 -30.94
N ILE E 559 -18.97 29.70 -29.78
CA ILE E 559 -18.66 30.99 -29.19
C ILE E 559 -17.17 31.08 -28.89
N ALA E 560 -16.58 30.02 -28.33
CA ALA E 560 -15.16 30.04 -28.03
C ALA E 560 -14.33 30.19 -29.28
N GLU E 561 -14.70 29.49 -30.36
CA GLU E 561 -13.93 29.53 -31.58
C GLU E 561 -14.04 30.90 -32.26
N GLU E 562 -15.18 31.55 -32.16
CA GLU E 562 -15.36 32.83 -32.85
C GLU E 562 -14.27 33.82 -32.45
N SER E 563 -14.00 33.94 -31.16
CA SER E 563 -12.95 34.84 -30.69
C SER E 563 -11.58 34.32 -31.13
N ASN E 564 -10.66 35.27 -31.37
CA ASN E 564 -9.33 34.96 -31.87
C ASN E 564 -8.29 34.96 -30.75
N PHE E 565 -8.66 34.52 -29.56
CA PHE E 565 -7.71 34.54 -28.45
C PHE E 565 -6.52 33.64 -28.76
N PRO E 566 -5.29 34.03 -28.38
CA PRO E 566 -4.14 33.18 -28.69
C PRO E 566 -4.22 31.79 -28.10
N PHE E 567 -4.76 31.65 -26.90
CA PHE E 567 -4.75 30.38 -26.17
C PHE E 567 -6.20 29.93 -25.95
N ILE E 568 -6.51 28.72 -26.41
CA ILE E 568 -7.83 28.13 -26.23
C ILE E 568 -7.66 26.66 -25.89
N LYS E 569 -8.42 26.18 -24.91
CA LYS E 569 -8.44 24.77 -24.55
C LYS E 569 -9.81 24.43 -23.99
N ILE E 570 -10.19 23.17 -24.13
CA ILE E 570 -11.51 22.68 -23.71
C ILE E 570 -11.30 21.41 -22.90
N CYS E 571 -11.56 21.48 -21.60
CA CYS E 571 -11.49 20.32 -20.73
C CYS E 571 -12.85 19.64 -20.66
N SER E 572 -12.86 18.31 -20.82
CA SER E 572 -14.09 17.53 -20.83
C SER E 572 -13.89 16.26 -20.03
N PRO E 573 -14.95 15.72 -19.43
CA PRO E 573 -14.80 14.48 -18.67
C PRO E 573 -14.41 13.29 -19.51
N ASP E 574 -14.62 13.35 -20.83
CA ASP E 574 -14.36 12.18 -21.68
C ASP E 574 -12.92 11.71 -21.56
N LYS E 575 -12.00 12.60 -21.21
CA LYS E 575 -10.58 12.28 -21.13
C LYS E 575 -10.15 11.77 -19.76
N MET E 576 -11.06 11.74 -18.78
CA MET E 576 -10.72 11.32 -17.42
C MET E 576 -11.53 10.10 -16.99
N ILE E 577 -11.92 9.26 -17.95
CA ILE E 577 -12.73 8.09 -17.63
C ILE E 577 -11.97 7.19 -16.66
N GLY E 578 -12.62 6.84 -15.55
CA GLY E 578 -12.05 5.94 -14.57
C GLY E 578 -11.14 6.60 -13.56
N PHE E 579 -10.86 7.89 -13.70
CA PHE E 579 -9.98 8.57 -12.76
C PHE E 579 -10.62 8.68 -11.39
N SER E 580 -9.78 8.66 -10.36
CA SER E 580 -10.22 8.96 -9.01
C SER E 580 -10.33 10.47 -8.82
N GLU E 581 -10.78 10.89 -7.64
CA GLU E 581 -10.99 12.31 -7.39
C GLU E 581 -9.68 13.08 -7.47
N THR E 582 -8.60 12.51 -6.93
CA THR E 582 -7.33 13.22 -6.88
C THR E 582 -6.82 13.53 -8.28
N ALA E 583 -6.92 12.56 -9.20
CA ALA E 583 -6.49 12.79 -10.57
C ALA E 583 -7.32 13.89 -11.22
N LYS E 584 -8.63 13.89 -10.98
CA LYS E 584 -9.50 14.93 -11.53
C LYS E 584 -9.05 16.30 -11.07
N CYS E 585 -8.86 16.46 -9.75
CA CYS E 585 -8.45 17.76 -9.22
C CYS E 585 -7.09 18.18 -9.77
N GLN E 586 -6.14 17.25 -9.82
CA GLN E 586 -4.81 17.59 -10.31
C GLN E 586 -4.85 18.00 -11.78
N ALA E 587 -5.64 17.30 -12.59
CA ALA E 587 -5.75 17.66 -14.00
C ALA E 587 -6.36 19.04 -14.16
N MET E 588 -7.42 19.34 -13.40
CA MET E 588 -8.01 20.67 -13.47
C MET E 588 -6.99 21.74 -13.10
N LYS E 589 -6.25 21.50 -12.02
CA LYS E 589 -5.25 22.46 -11.58
C LYS E 589 -4.17 22.65 -12.64
N LYS E 590 -3.72 21.56 -13.27
CA LYS E 590 -2.69 21.67 -14.29
C LYS E 590 -3.17 22.47 -15.49
N ILE E 591 -4.40 22.22 -15.95
CA ILE E 591 -4.93 22.97 -17.08
C ILE E 591 -4.98 24.46 -16.76
N PHE E 592 -5.50 24.80 -15.56
CA PHE E 592 -5.59 26.21 -15.22
C PHE E 592 -4.20 26.84 -15.06
N ASP E 593 -3.26 26.10 -14.48
CA ASP E 593 -1.90 26.62 -14.35
C ASP E 593 -1.30 26.90 -15.72
N ASP E 594 -1.48 25.99 -16.68
CA ASP E 594 -0.98 26.24 -18.03
C ASP E 594 -1.64 27.47 -18.64
N ALA E 595 -2.96 27.61 -18.46
CA ALA E 595 -3.65 28.77 -19.02
C ALA E 595 -3.25 30.08 -18.36
N TYR E 596 -2.70 30.02 -17.14
CA TYR E 596 -2.33 31.24 -16.43
C TYR E 596 -1.12 31.96 -17.03
N LYS E 597 -0.41 31.34 -17.98
CA LYS E 597 0.84 31.89 -18.47
C LYS E 597 0.69 32.74 -19.72
N SER E 598 -0.52 33.00 -20.19
CA SER E 598 -0.75 33.73 -21.43
C SER E 598 -1.32 35.11 -21.13
N GLN E 599 -1.29 35.97 -22.16
CA GLN E 599 -1.83 37.32 -22.04
C GLN E 599 -3.33 37.38 -22.29
N LEU E 600 -3.91 36.33 -22.86
CA LEU E 600 -5.33 36.33 -23.18
C LEU E 600 -5.77 34.89 -23.45
N SER E 601 -6.81 34.41 -22.75
CA SER E 601 -7.19 33.01 -22.89
C SER E 601 -8.65 32.82 -22.51
N CYS E 602 -9.23 31.76 -23.07
CA CYS E 602 -10.60 31.35 -22.78
C CYS E 602 -10.63 29.85 -22.54
N VAL E 603 -11.40 29.43 -21.54
CA VAL E 603 -11.47 28.03 -21.14
C VAL E 603 -12.93 27.61 -21.06
N VAL E 604 -13.17 26.32 -21.30
CA VAL E 604 -14.51 25.74 -21.35
C VAL E 604 -14.57 24.58 -20.39
N VAL E 605 -15.61 24.56 -19.56
CA VAL E 605 -15.86 23.46 -18.62
C VAL E 605 -17.27 22.95 -18.94
N ASP E 606 -17.34 21.78 -19.61
CA ASP E 606 -18.64 21.23 -20.08
C ASP E 606 -19.15 20.13 -19.19
N ASP E 607 -20.47 19.95 -19.15
CA ASP E 607 -21.16 18.95 -18.31
C ASP E 607 -20.54 18.95 -16.93
N ILE E 608 -20.75 20.00 -16.16
CA ILE E 608 -20.31 20.03 -14.77
C ILE E 608 -20.94 18.89 -13.98
N GLU E 609 -22.21 18.61 -14.23
CA GLU E 609 -22.91 17.59 -13.44
C GLU E 609 -22.24 16.22 -13.54
N ARG E 610 -21.49 15.95 -14.61
CA ARG E 610 -20.76 14.70 -14.74
C ARG E 610 -19.32 14.81 -14.26
N LEU E 611 -18.87 16.02 -13.91
CA LEU E 611 -17.54 16.19 -13.33
C LEU E 611 -17.54 16.03 -11.82
N LEU E 612 -18.66 16.35 -11.17
CA LEU E 612 -18.81 16.19 -9.73
C LEU E 612 -19.33 14.82 -9.33
N ASP E 613 -19.70 13.98 -10.28
CA ASP E 613 -20.28 12.66 -10.01
C ASP E 613 -21.57 12.80 -9.18
N TYR E 614 -22.56 13.43 -9.78
CA TYR E 614 -23.85 13.65 -9.14
C TYR E 614 -24.80 12.51 -9.48
N VAL E 615 -25.44 11.95 -8.46
CA VAL E 615 -26.46 10.91 -8.64
C VAL E 615 -27.56 11.19 -7.62
N PRO E 616 -28.83 11.25 -8.03
CA PRO E 616 -29.87 11.81 -7.15
C PRO E 616 -30.34 10.88 -6.04
N ILE E 617 -29.66 9.76 -5.77
CA ILE E 617 -30.05 8.84 -4.71
C ILE E 617 -29.21 9.18 -3.49
N GLY E 618 -29.73 10.06 -2.64
CA GLY E 618 -29.13 10.37 -1.37
C GLY E 618 -28.88 11.85 -1.14
N PRO E 619 -28.31 12.57 -2.12
CA PRO E 619 -27.58 12.13 -3.31
C PRO E 619 -26.11 11.89 -3.00
N ARG E 620 -25.24 11.82 -4.00
CA ARG E 620 -23.81 11.68 -3.78
C ARG E 620 -23.04 12.60 -4.72
N PHE E 621 -21.86 13.01 -4.28
CA PHE E 621 -20.98 13.84 -5.10
C PHE E 621 -19.65 14.01 -4.37
N SER E 622 -18.59 14.21 -5.15
CA SER E 622 -17.26 14.39 -4.58
C SER E 622 -17.12 15.82 -4.07
N ASN E 623 -16.74 15.96 -2.80
CA ASN E 623 -16.62 17.28 -2.20
C ASN E 623 -15.34 17.99 -2.63
N LEU E 624 -14.25 17.23 -2.80
CA LEU E 624 -12.96 17.86 -3.10
C LEU E 624 -13.02 18.61 -4.42
N VAL E 625 -13.57 17.99 -5.46
CA VAL E 625 -13.64 18.64 -6.76
C VAL E 625 -14.55 19.85 -6.71
N LEU E 626 -15.66 19.76 -5.97
CA LEU E 626 -16.55 20.90 -5.85
C LEU E 626 -15.84 22.07 -5.19
N GLN E 627 -15.10 21.81 -4.11
CA GLN E 627 -14.38 22.89 -3.44
C GLN E 627 -13.31 23.48 -4.35
N ALA E 628 -12.59 22.63 -5.09
CA ALA E 628 -11.56 23.14 -5.99
C ALA E 628 -12.18 24.03 -7.06
N LEU E 629 -13.31 23.60 -7.65
CA LEU E 629 -13.96 24.39 -8.67
C LEU E 629 -14.49 25.71 -8.11
N LEU E 630 -15.02 25.68 -6.88
CA LEU E 630 -15.49 26.92 -6.28
C LEU E 630 -14.34 27.89 -6.03
N VAL E 631 -13.20 27.39 -5.57
CA VAL E 631 -12.08 28.27 -5.28
C VAL E 631 -11.48 28.84 -6.56
N LEU E 632 -11.28 27.99 -7.57
CA LEU E 632 -10.63 28.44 -8.79
C LEU E 632 -11.45 29.52 -9.49
N LEU E 633 -12.77 29.38 -9.49
CA LEU E 633 -13.63 30.30 -10.25
C LEU E 633 -13.52 31.73 -9.75
N LYS E 634 -13.02 31.95 -8.53
CA LYS E 634 -13.03 33.26 -7.92
C LYS E 634 -11.67 33.95 -7.92
N LYS E 635 -10.58 33.21 -7.89
CA LYS E 635 -9.26 33.83 -7.80
C LYS E 635 -8.95 34.61 -9.09
N ALA E 636 -8.03 35.58 -8.96
CA ALA E 636 -7.63 36.43 -10.07
C ALA E 636 -6.32 35.95 -10.69
N PRO E 637 -6.10 36.24 -11.96
CA PRO E 637 -4.86 35.81 -12.61
C PRO E 637 -3.70 36.70 -12.21
N PRO E 638 -2.49 36.39 -12.67
CA PRO E 638 -1.35 37.29 -12.38
C PRO E 638 -1.58 38.67 -12.96
N GLN E 639 -0.99 39.67 -12.30
CA GLN E 639 -1.22 41.06 -12.66
C GLN E 639 -1.10 41.28 -14.15
N GLY E 640 -1.97 42.12 -14.70
CA GLY E 640 -1.92 42.49 -16.10
C GLY E 640 -2.23 41.35 -17.05
N ARG E 641 -3.27 40.57 -16.77
CA ARG E 641 -3.68 39.49 -17.65
C ARG E 641 -5.20 39.35 -17.60
N LYS E 642 -5.75 38.69 -18.62
CA LYS E 642 -7.18 38.49 -18.75
C LYS E 642 -7.47 37.00 -18.93
N LEU E 643 -8.69 36.61 -18.60
CA LEU E 643 -9.10 35.21 -18.67
C LEU E 643 -10.62 35.14 -18.77
N LEU E 644 -11.10 34.20 -19.58
CA LEU E 644 -12.54 33.97 -19.74
C LEU E 644 -12.85 32.51 -19.43
N ILE E 645 -13.99 32.29 -18.77
CA ILE E 645 -14.45 30.95 -18.40
C ILE E 645 -15.89 30.79 -18.88
N ILE E 646 -16.16 29.68 -19.56
CA ILE E 646 -17.52 29.35 -20.01
C ILE E 646 -17.84 27.96 -19.52
N GLY E 647 -18.94 27.83 -18.77
CA GLY E 647 -19.36 26.56 -18.22
C GLY E 647 -20.69 26.11 -18.79
N THR E 648 -20.92 24.82 -18.89
CA THR E 648 -22.19 24.27 -19.39
C THR E 648 -22.80 23.45 -18.27
N THR E 649 -24.09 23.25 -18.30
CA THR E 649 -24.84 22.45 -17.34
C THR E 649 -26.20 22.12 -17.92
N SER E 650 -26.93 21.25 -17.23
CA SER E 650 -28.30 20.91 -17.59
C SER E 650 -29.24 20.81 -16.40
N ARG E 651 -28.78 21.13 -15.19
CA ARG E 651 -29.61 21.05 -13.98
C ARG E 651 -29.25 22.24 -13.11
N LYS E 652 -30.01 23.32 -13.24
CA LYS E 652 -29.72 24.55 -12.51
C LYS E 652 -30.11 24.46 -11.04
N ASP E 653 -31.18 23.72 -10.72
CA ASP E 653 -31.64 23.65 -9.34
C ASP E 653 -30.58 23.02 -8.43
N VAL E 654 -29.87 22.02 -8.92
CA VAL E 654 -28.84 21.37 -8.11
C VAL E 654 -27.74 22.36 -7.77
N LEU E 655 -27.28 23.13 -8.76
CA LEU E 655 -26.26 24.14 -8.50
C LEU E 655 -26.78 25.20 -7.53
N GLN E 656 -28.05 25.60 -7.70
CA GLN E 656 -28.63 26.57 -6.77
C GLN E 656 -28.60 26.04 -5.34
N GLU E 657 -28.94 24.76 -5.16
CA GLU E 657 -28.88 24.16 -3.84
C GLU E 657 -27.46 24.15 -3.30
N MET E 658 -26.49 23.77 -4.14
CA MET E 658 -25.10 23.72 -3.71
C MET E 658 -24.49 25.10 -3.52
N GLU E 659 -25.18 26.16 -3.91
CA GLU E 659 -24.69 27.53 -3.74
C GLU E 659 -23.46 27.79 -4.60
N MET E 660 -23.57 27.46 -5.89
CA MET E 660 -22.54 27.79 -6.88
C MET E 660 -23.00 28.80 -7.90
N LEU E 661 -24.32 28.98 -8.06
CA LEU E 661 -24.83 29.87 -9.10
C LEU E 661 -24.38 31.31 -8.87
N ASN E 662 -24.43 31.77 -7.62
CA ASN E 662 -24.05 33.15 -7.33
C ASN E 662 -22.61 33.43 -7.70
N ALA E 663 -21.75 32.40 -7.69
CA ALA E 663 -20.36 32.61 -8.07
C ALA E 663 -20.25 33.03 -9.52
N PHE E 664 -21.03 32.42 -10.41
CA PHE E 664 -21.00 32.79 -11.82
C PHE E 664 -21.54 34.20 -12.01
N SER E 665 -20.91 34.96 -12.90
CA SER E 665 -21.31 36.35 -13.11
C SER E 665 -22.71 36.42 -13.73
N THR E 666 -22.94 35.70 -14.82
CA THR E 666 -24.21 35.76 -15.53
C THR E 666 -24.51 34.41 -16.17
N THR E 667 -25.78 34.23 -16.53
CA THR E 667 -26.26 32.99 -17.12
C THR E 667 -27.05 33.29 -18.39
N ILE E 668 -26.98 32.35 -19.33
CA ILE E 668 -27.67 32.45 -20.62
C ILE E 668 -28.50 31.19 -20.82
N HIS E 669 -29.76 31.38 -21.20
CA HIS E 669 -30.69 30.27 -21.37
C HIS E 669 -30.72 29.80 -22.82
N VAL E 670 -30.86 28.50 -23.01
CA VAL E 670 -30.91 27.89 -24.33
C VAL E 670 -32.21 27.10 -24.47
N PRO E 671 -33.19 27.58 -25.26
CA PRO E 671 -34.45 26.84 -25.41
C PRO E 671 -34.43 25.88 -26.59
N ASN E 672 -35.20 24.80 -26.49
CA ASN E 672 -35.38 23.89 -27.60
C ASN E 672 -36.61 24.28 -28.42
N ILE E 673 -36.78 23.61 -29.56
CA ILE E 673 -37.86 23.94 -30.48
C ILE E 673 -39.19 23.84 -29.74
N ALA E 674 -40.04 24.86 -29.90
CA ALA E 674 -41.33 24.90 -29.24
C ALA E 674 -42.47 25.35 -30.14
N THR E 675 -42.20 25.65 -31.40
CA THR E 675 -43.22 26.11 -32.33
C THR E 675 -43.18 25.27 -33.60
N GLY E 676 -44.36 25.00 -34.16
CA GLY E 676 -44.43 24.19 -35.36
C GLY E 676 -43.77 24.80 -36.57
N GLU E 677 -43.95 26.12 -36.76
CA GLU E 677 -43.29 26.78 -37.88
C GLU E 677 -41.78 26.69 -37.75
N GLN E 678 -41.26 26.82 -36.54
CA GLN E 678 -39.82 26.66 -36.32
C GLN E 678 -39.38 25.24 -36.68
N LEU E 679 -40.18 24.24 -36.29
CA LEU E 679 -39.84 22.86 -36.64
C LEU E 679 -39.79 22.68 -38.15
N LEU E 680 -40.79 23.21 -38.86
CA LEU E 680 -40.79 23.07 -40.32
C LEU E 680 -39.62 23.80 -40.95
N GLU E 681 -39.27 24.98 -40.43
CA GLU E 681 -38.12 25.70 -40.96
C GLU E 681 -36.83 24.93 -40.74
N ALA E 682 -36.67 24.33 -39.55
CA ALA E 682 -35.49 23.52 -39.29
C ALA E 682 -35.45 22.30 -40.21
N LEU E 683 -36.61 21.67 -40.44
CA LEU E 683 -36.65 20.54 -41.36
C LEU E 683 -36.22 20.96 -42.76
N GLU E 684 -36.72 22.11 -43.23
CA GLU E 684 -36.32 22.61 -44.53
C GLU E 684 -34.83 22.87 -44.59
N LEU E 685 -34.27 23.51 -43.55
CA LEU E 685 -32.85 23.81 -43.56
C LEU E 685 -32.02 22.54 -43.58
N LEU E 686 -32.42 21.53 -42.82
CA LEU E 686 -31.74 20.24 -42.89
C LEU E 686 -31.85 19.64 -44.29
N GLY E 687 -33.03 19.76 -44.90
CA GLY E 687 -33.23 19.30 -46.27
C GLY E 687 -33.24 17.79 -46.40
N ASN E 688 -34.21 17.14 -45.77
CA ASN E 688 -34.31 15.68 -45.80
C ASN E 688 -35.69 15.18 -46.16
N PHE E 689 -36.62 16.06 -46.56
CA PHE E 689 -37.96 15.66 -46.95
C PHE E 689 -38.34 16.32 -48.26
N LYS E 690 -39.46 15.86 -48.83
CA LYS E 690 -39.94 16.32 -50.11
C LYS E 690 -41.12 17.27 -49.92
N ASP E 691 -41.54 17.88 -51.03
CA ASP E 691 -42.55 18.94 -50.96
C ASP E 691 -43.90 18.39 -50.50
N LYS E 692 -44.37 17.31 -51.13
CA LYS E 692 -45.67 16.75 -50.77
C LYS E 692 -45.67 16.24 -49.33
N GLU E 693 -44.62 15.52 -48.95
CA GLU E 693 -44.50 15.05 -47.58
C GLU E 693 -44.44 16.23 -46.61
N ARG E 694 -43.74 17.30 -47.00
CA ARG E 694 -43.69 18.49 -46.16
C ARG E 694 -45.08 19.10 -45.99
N THR E 695 -45.87 19.12 -47.07
CA THR E 695 -47.22 19.65 -46.97
C THR E 695 -48.06 18.80 -46.02
N THR E 696 -47.94 17.47 -46.12
CA THR E 696 -48.68 16.61 -45.20
C THR E 696 -48.27 16.85 -43.76
N ILE E 697 -46.97 16.98 -43.51
CA ILE E 697 -46.49 17.24 -42.15
C ILE E 697 -47.00 18.57 -41.65
N ALA E 698 -47.02 19.59 -42.51
CA ALA E 698 -47.54 20.90 -42.13
C ALA E 698 -49.02 20.80 -41.77
N GLN E 699 -49.79 20.05 -42.56
CA GLN E 699 -51.19 19.83 -42.21
C GLN E 699 -51.31 19.20 -40.83
N GLN E 700 -50.48 18.20 -40.55
CA GLN E 700 -50.60 17.47 -39.29
C GLN E 700 -50.21 18.33 -38.09
N VAL E 701 -49.13 19.09 -38.20
CA VAL E 701 -48.52 19.71 -37.02
C VAL E 701 -49.12 21.07 -36.66
N LYS E 702 -49.76 21.76 -37.60
CA LYS E 702 -50.19 23.13 -37.35
C LYS E 702 -51.21 23.23 -36.22
N GLY E 703 -51.85 22.12 -35.86
CA GLY E 703 -52.88 22.18 -34.82
C GLY E 703 -52.34 22.49 -33.44
N LYS E 704 -51.18 21.91 -33.10
CA LYS E 704 -50.73 21.91 -31.71
C LYS E 704 -49.30 22.40 -31.55
N LYS E 705 -48.76 22.25 -30.34
CA LYS E 705 -47.40 22.68 -30.00
C LYS E 705 -46.56 21.45 -29.68
N VAL E 706 -45.25 21.62 -29.76
CA VAL E 706 -44.30 20.52 -29.62
C VAL E 706 -43.18 20.93 -28.67
N TRP E 707 -42.55 19.92 -28.06
CA TRP E 707 -41.40 20.10 -27.16
C TRP E 707 -40.35 19.05 -27.52
N ILE E 708 -39.46 19.39 -28.45
CA ILE E 708 -38.48 18.45 -28.99
C ILE E 708 -37.13 19.14 -29.09
N GLY E 709 -36.06 18.38 -28.80
CA GLY E 709 -34.70 18.88 -28.95
C GLY E 709 -34.12 18.58 -30.33
N ILE E 710 -33.11 19.37 -30.71
CA ILE E 710 -32.57 19.28 -32.06
C ILE E 710 -31.87 17.94 -32.28
N LYS E 711 -31.04 17.52 -31.32
CA LYS E 711 -30.34 16.24 -31.47
C LYS E 711 -31.34 15.09 -31.55
N LYS E 712 -32.41 15.17 -30.75
CA LYS E 712 -33.44 14.12 -30.76
C LYS E 712 -34.19 14.23 -32.08
N LEU E 713 -34.27 15.40 -32.73
CA LEU E 713 -34.87 15.52 -34.05
C LEU E 713 -34.01 14.85 -35.12
N LEU E 714 -32.70 15.06 -35.06
CA LEU E 714 -31.80 14.40 -36.00
C LEU E 714 -31.90 12.89 -35.88
N MET E 715 -31.89 12.40 -34.63
CA MET E 715 -32.01 10.96 -34.42
C MET E 715 -33.32 10.42 -34.98
N LEU E 716 -34.42 11.14 -34.75
CA LEU E 716 -35.72 10.70 -35.23
C LEU E 716 -35.75 10.65 -36.75
N ILE E 717 -35.18 11.66 -37.42
CA ILE E 717 -35.16 11.66 -38.87
C ILE E 717 -34.36 10.47 -39.38
N GLU E 718 -33.18 10.23 -38.78
CA GLU E 718 -32.34 9.13 -39.24
C GLU E 718 -33.04 7.79 -39.02
N MET E 719 -33.78 7.65 -37.92
CA MET E 719 -34.52 6.42 -37.68
C MET E 719 -35.66 6.25 -38.69
N SER E 720 -36.41 7.32 -38.94
CA SER E 720 -37.56 7.23 -39.83
C SER E 720 -37.15 7.01 -41.27
N LEU E 721 -35.93 7.36 -41.65
CA LEU E 721 -35.47 7.16 -43.01
C LEU E 721 -35.06 5.71 -43.31
N GLN E 722 -35.47 4.75 -42.49
CA GLN E 722 -35.07 3.36 -42.65
C GLN E 722 -36.23 2.44 -43.08
N MET E 723 -37.27 3.00 -43.66
CA MET E 723 -38.42 2.23 -44.13
C MET E 723 -38.74 2.63 -45.57
N ASP E 724 -39.77 1.99 -46.13
CA ASP E 724 -40.15 2.23 -47.50
C ASP E 724 -40.75 3.63 -47.66
N PRO E 725 -40.72 4.19 -48.86
CA PRO E 725 -41.22 5.56 -49.06
C PRO E 725 -42.72 5.71 -48.89
N GLU E 726 -43.47 4.62 -48.71
CA GLU E 726 -44.90 4.69 -48.48
C GLU E 726 -45.26 4.74 -47.01
N TYR E 727 -44.28 4.64 -46.11
CA TYR E 727 -44.52 4.62 -44.67
C TYR E 727 -43.78 5.69 -43.90
N ARG E 728 -42.79 6.35 -44.51
CA ARG E 728 -41.87 7.20 -43.75
C ARG E 728 -42.63 8.28 -42.97
N VAL E 729 -43.57 8.95 -43.63
CA VAL E 729 -44.28 10.06 -42.99
C VAL E 729 -45.04 9.57 -41.77
N ARG E 730 -45.77 8.46 -41.91
CA ARG E 730 -46.56 7.95 -40.81
C ARG E 730 -45.68 7.55 -39.62
N LYS E 731 -44.58 6.86 -39.91
CA LYS E 731 -43.67 6.44 -38.83
C LYS E 731 -43.08 7.66 -38.12
N PHE E 732 -42.65 8.66 -38.88
CA PHE E 732 -42.08 9.85 -38.28
C PHE E 732 -43.11 10.55 -37.39
N LEU E 733 -44.29 10.70 -37.90
CA LEU E 733 -45.33 11.34 -37.09
C LEU E 733 -45.59 10.54 -35.82
N ALA E 734 -45.65 9.22 -35.95
CA ALA E 734 -45.92 8.38 -34.79
C ALA E 734 -44.83 8.54 -33.74
N LEU E 735 -43.57 8.40 -34.14
CA LEU E 735 -42.47 8.52 -33.19
C LEU E 735 -42.47 9.90 -32.54
N LEU E 736 -42.59 10.94 -33.35
CA LEU E 736 -42.50 12.29 -32.81
C LEU E 736 -43.62 12.57 -31.82
N ARG E 737 -44.86 12.21 -32.18
CA ARG E 737 -45.97 12.49 -31.28
C ARG E 737 -45.86 11.65 -30.01
N GLU E 738 -45.47 10.38 -30.14
CA GLU E 738 -45.38 9.52 -28.97
C GLU E 738 -44.31 10.01 -28.00
N GLU E 739 -43.15 10.43 -28.51
CA GLU E 739 -42.11 10.94 -27.62
C GLU E 739 -42.44 12.32 -27.09
N GLY E 740 -43.11 13.16 -27.88
CA GLY E 740 -43.33 14.53 -27.49
C GLY E 740 -44.56 14.74 -26.63
N ALA E 741 -44.35 14.82 -25.33
CA ALA E 741 -45.44 15.15 -24.39
C ALA E 741 -44.79 15.68 -23.13
N SER E 742 -44.71 17.00 -23.02
CA SER E 742 -44.06 17.64 -21.89
C SER E 742 -44.26 19.15 -21.97
N PRO E 743 -44.11 19.89 -20.86
CA PRO E 743 -44.29 21.35 -20.92
C PRO E 743 -43.23 22.05 -21.76
N ILE F 212 41.83 34.19 26.81
CA ILE F 212 40.71 35.09 27.07
C ILE F 212 40.58 36.08 25.92
N ASN F 213 39.46 36.01 25.20
CA ASN F 213 39.23 36.91 24.08
C ASN F 213 37.74 37.02 23.77
N PRO F 214 37.00 37.90 24.45
CA PRO F 214 35.60 38.14 24.12
C PRO F 214 35.41 39.14 22.98
N ASP F 215 36.18 38.95 21.91
CA ASP F 215 36.14 39.86 20.77
C ASP F 215 34.96 39.50 19.87
N TRP F 216 34.07 40.47 19.67
CA TRP F 216 32.84 40.28 18.90
C TRP F 216 32.62 41.43 17.93
N ASN F 217 33.65 41.80 17.19
CA ASN F 217 33.48 42.65 16.02
C ASN F 217 32.85 41.78 14.94
N PHE F 218 31.57 41.46 15.11
CA PHE F 218 30.99 40.30 14.44
C PHE F 218 30.75 40.54 12.95
N GLU F 219 30.29 41.74 12.59
CA GLU F 219 29.94 42.04 11.21
C GLU F 219 31.01 42.81 10.46
N LYS F 220 31.94 43.46 11.15
CA LYS F 220 32.92 44.30 10.48
C LYS F 220 33.77 43.47 9.52
N MET F 221 34.27 42.32 9.99
CA MET F 221 35.07 41.44 9.15
C MET F 221 34.68 39.96 9.23
N GLY F 222 34.04 39.51 10.31
CA GLY F 222 33.71 38.10 10.42
C GLY F 222 32.58 37.65 9.52
N ILE F 223 31.34 38.01 9.86
CA ILE F 223 30.19 37.67 9.03
C ILE F 223 28.98 38.45 9.53
N GLY F 224 28.03 38.69 8.63
CA GLY F 224 26.76 39.30 9.01
C GLY F 224 25.78 38.28 9.54
N GLY F 225 25.46 38.37 10.83
CA GLY F 225 24.56 37.41 11.48
C GLY F 225 23.82 38.02 12.64
N LEU F 226 23.69 37.26 13.72
CA LEU F 226 22.86 37.62 14.86
C LEU F 226 23.73 38.14 16.00
N ASP F 227 23.07 38.46 17.12
CA ASP F 227 23.72 38.96 18.32
C ASP F 227 23.36 38.11 19.53
N LYS F 228 23.26 36.79 19.33
CA LYS F 228 22.97 35.86 20.40
C LYS F 228 23.92 34.66 20.43
N GLU F 229 24.58 34.33 19.33
CA GLU F 229 25.45 33.16 19.32
C GLU F 229 26.70 33.37 20.16
N PHE F 230 27.18 34.60 20.28
CA PHE F 230 28.42 34.84 21.00
C PHE F 230 28.31 34.39 22.47
N SER F 231 27.25 34.83 23.15
CA SER F 231 27.09 34.49 24.56
C SER F 231 26.89 32.99 24.73
N ASP F 232 26.01 32.39 23.92
CA ASP F 232 25.75 30.97 24.04
C ASP F 232 27.02 30.16 23.81
N ILE F 233 27.82 30.54 22.83
CA ILE F 233 29.03 29.78 22.51
C ILE F 233 30.06 29.94 23.63
N PHE F 234 30.29 31.17 24.09
CA PHE F 234 31.42 31.41 24.96
C PHE F 234 31.12 31.14 26.44
N ARG F 235 29.86 31.24 26.85
CA ARG F 235 29.54 31.14 28.28
C ARG F 235 29.75 29.72 28.79
N ARG F 236 29.21 28.72 28.08
CA ARG F 236 29.11 27.37 28.62
C ARG F 236 30.11 26.40 28.00
N ALA F 237 30.56 26.65 26.77
CA ALA F 237 31.40 25.69 26.07
C ALA F 237 32.88 25.95 26.33
N PHE F 238 33.37 27.14 25.97
CA PHE F 238 34.80 27.46 26.04
C PHE F 238 35.05 28.28 27.30
N ALA F 239 34.99 27.61 28.44
CA ALA F 239 35.35 28.20 29.72
C ALA F 239 36.36 27.39 30.50
N SER F 240 36.28 26.03 30.38
CA SER F 240 37.18 25.16 31.12
C SER F 240 38.63 25.38 30.70
N ARG F 241 38.87 25.46 29.39
CA ARG F 241 40.24 25.47 28.88
C ARG F 241 41.00 26.72 29.30
N VAL F 242 40.31 27.77 29.74
CA VAL F 242 41.02 28.98 30.15
C VAL F 242 41.88 28.72 31.39
N PHE F 243 41.43 27.86 32.29
CA PHE F 243 42.17 27.59 33.51
C PHE F 243 43.44 26.81 33.21
N PRO F 244 44.43 26.86 34.11
CA PRO F 244 45.63 26.07 33.92
C PRO F 244 45.30 24.59 33.90
N PRO F 245 46.11 23.77 33.21
CA PRO F 245 45.77 22.35 33.04
C PRO F 245 45.48 21.60 34.33
N GLU F 246 46.42 21.63 35.28
CA GLU F 246 46.26 20.81 36.48
C GLU F 246 45.00 21.17 37.23
N ILE F 247 44.58 22.44 37.18
CA ILE F 247 43.37 22.86 37.90
C ILE F 247 42.15 22.13 37.35
N VAL F 248 41.97 22.19 36.03
CA VAL F 248 40.83 21.50 35.41
C VAL F 248 40.95 20.00 35.60
N GLU F 249 42.18 19.48 35.55
CA GLU F 249 42.40 18.07 35.81
C GLU F 249 41.87 17.67 37.18
N GLN F 250 42.25 18.42 38.21
CA GLN F 250 41.78 18.13 39.56
C GLN F 250 40.27 18.22 39.64
N MET F 251 39.70 19.30 39.11
CA MET F 251 38.24 19.43 39.12
C MET F 251 37.59 18.19 38.54
N GLY F 252 38.13 17.70 37.42
CA GLY F 252 37.68 16.47 36.84
C GLY F 252 36.65 16.60 35.73
N CYS F 253 36.55 17.77 35.09
CA CYS F 253 35.54 17.94 34.06
C CYS F 253 36.00 17.26 32.78
N LYS F 254 35.08 17.21 31.82
CA LYS F 254 35.34 16.70 30.49
C LYS F 254 35.31 17.87 29.50
N HIS F 255 36.43 18.08 28.81
CA HIS F 255 36.52 19.18 27.86
C HIS F 255 35.45 19.05 26.79
N VAL F 256 34.93 20.24 26.43
CA VAL F 256 33.97 20.22 25.30
C VAL F 256 34.73 20.03 24.00
N LYS F 257 34.53 18.92 23.32
CA LYS F 257 35.19 18.57 22.06
C LYS F 257 34.11 18.21 21.05
N GLY F 258 33.65 19.21 20.29
CA GLY F 258 32.63 19.00 19.29
C GLY F 258 31.65 20.15 19.20
N ILE F 259 31.39 20.62 17.99
CA ILE F 259 30.44 21.70 17.75
C ILE F 259 29.75 21.42 16.43
N LEU F 260 28.42 21.33 16.45
CA LEU F 260 27.63 21.07 15.26
C LEU F 260 27.03 22.39 14.77
N LEU F 261 27.27 22.71 13.50
CA LEU F 261 26.77 23.92 12.87
C LEU F 261 25.89 23.50 11.70
N TYR F 262 24.58 23.74 11.80
CA TYR F 262 23.65 23.30 10.79
C TYR F 262 22.80 24.46 10.29
N GLY F 263 22.39 24.36 9.02
CA GLY F 263 21.64 25.40 8.37
C GLY F 263 21.58 25.16 6.87
N PRO F 264 20.99 26.10 6.13
CA PRO F 264 20.88 25.95 4.68
C PRO F 264 22.17 26.34 3.99
N PRO F 265 22.40 25.86 2.77
CA PRO F 265 23.60 26.27 2.03
C PRO F 265 23.56 27.75 1.68
N GLY F 266 24.75 28.34 1.57
CA GLY F 266 24.85 29.76 1.30
C GLY F 266 24.66 30.65 2.51
N CYS F 267 24.50 30.07 3.69
CA CYS F 267 24.33 30.84 4.92
C CYS F 267 25.66 31.34 5.49
N GLY F 268 26.80 30.81 5.06
CA GLY F 268 28.13 31.27 5.54
C GLY F 268 28.66 30.50 6.74
N LYS F 269 28.17 29.28 6.90
CA LYS F 269 28.60 28.45 8.04
C LYS F 269 30.11 28.32 7.92
N THR F 270 30.65 28.15 6.71
CA THR F 270 32.10 27.89 6.54
C THR F 270 32.89 29.09 7.03
N LEU F 271 32.46 30.26 6.66
CA LEU F 271 33.20 31.47 7.05
C LEU F 271 33.19 31.56 8.57
N LEU F 272 32.03 31.34 9.16
CA LEU F 272 31.95 31.56 10.63
C LEU F 272 32.86 30.56 11.27
N ALA F 273 32.88 29.36 10.73
CA ALA F 273 33.66 28.26 11.31
C ALA F 273 35.12 28.62 11.28
N ARG F 274 35.53 29.12 10.16
CA ARG F 274 36.94 29.47 10.00
C ARG F 274 37.24 30.54 11.03
N GLN F 275 36.33 31.47 11.27
CA GLN F 275 36.60 32.61 12.20
C GLN F 275 36.83 32.05 13.59
N ILE F 276 36.12 31.00 13.97
CA ILE F 276 36.30 30.31 15.23
C ILE F 276 37.68 29.69 15.30
N GLY F 277 38.12 29.06 14.21
CA GLY F 277 39.46 28.48 14.20
C GLY F 277 40.55 29.53 14.30
N LYS F 278 40.34 30.70 13.69
CA LYS F 278 41.35 31.73 13.67
C LYS F 278 41.50 32.39 15.03
N MET F 279 40.38 32.68 15.70
CA MET F 279 40.47 33.41 16.97
C MET F 279 41.23 32.58 18.00
N LEU F 280 41.06 31.27 17.99
CA LEU F 280 41.90 30.41 18.82
C LEU F 280 43.35 30.50 18.36
N ASN F 281 44.27 30.60 19.33
CA ASN F 281 45.70 30.61 19.04
C ASN F 281 46.17 29.17 18.96
N ALA F 282 45.96 28.58 17.79
CA ALA F 282 46.22 27.15 17.57
C ALA F 282 46.73 26.95 16.16
N ARG F 283 46.84 25.70 15.75
CA ARG F 283 47.36 25.39 14.41
C ARG F 283 46.31 25.73 13.36
N GLU F 284 46.78 25.90 12.12
CA GLU F 284 45.87 26.21 11.02
C GLU F 284 44.98 25.01 10.74
N PRO F 285 43.78 25.25 10.22
CA PRO F 285 42.79 24.17 10.08
C PRO F 285 43.19 23.13 9.04
N LYS F 286 42.71 21.91 9.26
CA LYS F 286 42.70 20.85 8.28
C LYS F 286 41.25 20.46 8.01
N VAL F 287 40.90 20.28 6.75
CA VAL F 287 39.51 20.08 6.35
C VAL F 287 39.40 18.81 5.51
N VAL F 288 38.31 18.08 5.73
CA VAL F 288 37.95 16.91 4.94
C VAL F 288 36.65 17.24 4.20
N ASN F 289 36.65 16.99 2.89
CA ASN F 289 35.59 17.44 2.00
C ASN F 289 34.66 16.27 1.66
N GLY F 290 33.41 16.37 2.09
CA GLY F 290 32.36 15.50 1.63
C GLY F 290 32.72 14.03 1.65
N PRO F 291 32.09 13.24 0.76
CA PRO F 291 32.32 11.79 0.72
C PRO F 291 33.58 11.42 -0.07
N GLU F 292 34.71 11.97 0.34
CA GLU F 292 36.00 11.58 -0.23
C GLU F 292 36.60 10.36 0.44
N ILE F 293 35.99 9.89 1.54
CA ILE F 293 36.52 8.75 2.26
C ILE F 293 36.06 7.43 1.61
N LEU F 294 34.93 7.44 0.92
CA LEU F 294 34.43 6.23 0.28
C LEU F 294 35.26 5.89 -0.95
N ASN F 295 35.59 4.60 -1.09
CA ASN F 295 36.38 4.13 -2.22
C ASN F 295 36.01 2.68 -2.50
N LYS F 296 36.30 2.25 -3.73
CA LYS F 296 36.03 0.86 -4.11
C LYS F 296 36.89 -0.11 -3.32
N TYR F 297 38.06 0.33 -2.87
CA TYR F 297 38.93 -0.53 -2.09
C TYR F 297 38.35 -0.76 -0.70
N VAL F 298 38.85 -1.78 -0.02
CA VAL F 298 38.41 -2.14 1.32
C VAL F 298 39.57 -1.94 2.28
N GLY F 299 39.33 -1.21 3.37
CA GLY F 299 40.35 -0.92 4.34
C GLY F 299 41.13 0.36 4.09
N GLU F 300 41.03 0.94 2.89
CA GLU F 300 41.71 2.20 2.60
C GLU F 300 41.11 3.35 3.39
N SER F 301 39.78 3.35 3.58
CA SER F 301 39.12 4.44 4.27
C SER F 301 39.64 4.59 5.69
N GLU F 302 39.80 3.46 6.40
CA GLU F 302 40.27 3.52 7.78
C GLU F 302 41.64 4.16 7.88
N ALA F 303 42.58 3.74 7.03
CA ALA F 303 43.91 4.34 7.05
C ALA F 303 43.86 5.83 6.70
N ASN F 304 43.10 6.17 5.67
CA ASN F 304 43.02 7.56 5.24
C ASN F 304 42.51 8.44 6.37
N ILE F 305 41.46 8.01 7.06
CA ILE F 305 40.89 8.84 8.12
C ILE F 305 41.80 8.83 9.35
N ARG F 306 42.44 7.69 9.65
CA ARG F 306 43.30 7.59 10.82
C ARG F 306 44.52 8.48 10.71
N LYS F 307 45.06 8.66 9.50
CA LYS F 307 46.21 9.54 9.31
C LYS F 307 45.95 10.92 9.90
N LEU F 308 44.75 11.47 9.66
CA LEU F 308 44.43 12.82 10.09
C LEU F 308 44.67 12.98 11.59
N PHE F 309 43.97 12.17 12.40
CA PHE F 309 44.12 12.29 13.85
C PHE F 309 45.53 11.92 14.30
N ALA F 310 46.12 10.89 13.69
CA ALA F 310 47.47 10.48 14.09
C ALA F 310 48.44 11.64 14.00
N ASP F 311 48.28 12.50 12.98
CA ASP F 311 49.17 13.64 12.81
C ASP F 311 49.37 14.39 14.12
N ALA F 312 48.29 14.92 14.69
CA ALA F 312 48.40 15.68 15.94
C ALA F 312 48.53 14.78 17.16
N GLU F 313 48.12 13.51 17.05
CA GLU F 313 48.27 12.60 18.19
C GLU F 313 49.75 12.41 18.52
N GLU F 314 50.60 12.28 17.50
CA GLU F 314 52.03 12.17 17.76
C GLU F 314 52.56 13.42 18.45
N GLU F 315 52.12 14.60 18.02
CA GLU F 315 52.60 15.83 18.63
C GLU F 315 52.20 15.90 20.09
N GLN F 316 50.95 15.55 20.41
CA GLN F 316 50.54 15.56 21.80
C GLN F 316 51.31 14.50 22.59
N ARG F 317 51.60 13.36 21.95
CA ARG F 317 52.37 12.31 22.61
C ARG F 317 53.74 12.83 23.03
N ARG F 318 54.42 13.53 22.12
CA ARG F 318 55.75 14.04 22.47
C ARG F 318 55.66 15.17 23.48
N LEU F 319 54.66 16.04 23.35
CA LEU F 319 54.57 17.24 24.17
C LEU F 319 53.63 17.08 25.37
N GLY F 320 53.02 15.91 25.54
CA GLY F 320 52.18 15.67 26.70
C GLY F 320 50.95 16.57 26.71
N ALA F 321 50.47 16.84 27.92
CA ALA F 321 49.26 17.66 28.07
C ALA F 321 49.49 19.09 27.60
N ASN F 322 50.66 19.66 27.89
CA ASN F 322 50.95 21.04 27.54
C ASN F 322 51.16 21.13 26.03
N SER F 323 50.14 21.60 25.32
CA SER F 323 50.22 21.76 23.87
C SER F 323 49.09 22.67 23.42
N GLY F 324 49.20 23.14 22.18
CA GLY F 324 48.14 23.94 21.60
C GLY F 324 47.01 23.08 21.07
N LEU F 325 45.92 23.75 20.70
CA LEU F 325 44.76 23.06 20.16
C LEU F 325 44.97 22.75 18.68
N HIS F 326 44.10 21.89 18.15
CA HIS F 326 44.08 21.58 16.73
C HIS F 326 42.63 21.48 16.27
N ILE F 327 42.34 22.03 15.09
CA ILE F 327 40.98 22.12 14.57
C ILE F 327 40.88 21.27 13.31
N ILE F 328 39.88 20.40 13.26
CA ILE F 328 39.60 19.57 12.09
C ILE F 328 38.16 19.83 11.67
N ILE F 329 37.96 20.13 10.39
CA ILE F 329 36.65 20.49 9.85
C ILE F 329 36.19 19.38 8.92
N PHE F 330 35.20 18.60 9.37
CA PHE F 330 34.54 17.61 8.54
C PHE F 330 33.34 18.26 7.87
N ASP F 331 33.45 18.54 6.58
CA ASP F 331 32.38 19.21 5.85
C ASP F 331 31.54 18.21 5.10
N GLU F 332 30.23 18.45 5.07
CA GLU F 332 29.28 17.55 4.43
C GLU F 332 29.37 16.16 5.08
N ILE F 333 29.00 16.12 6.36
CA ILE F 333 29.18 14.93 7.17
C ILE F 333 27.94 14.03 7.20
N ASP F 334 26.76 14.58 6.93
CA ASP F 334 25.54 13.77 7.05
C ASP F 334 25.55 12.60 6.08
N ALA F 335 26.19 12.74 4.92
CA ALA F 335 26.16 11.68 3.92
C ALA F 335 26.79 10.40 4.43
N ILE F 336 28.02 10.48 4.96
CA ILE F 336 28.72 9.28 5.39
C ILE F 336 27.99 8.64 6.57
N CYS F 337 27.54 9.44 7.52
CA CYS F 337 26.87 8.93 8.72
C CYS F 337 25.40 8.73 8.39
N LYS F 338 25.02 7.48 8.14
CA LYS F 338 23.65 7.16 7.76
C LYS F 338 23.27 5.75 8.22
N THR F 347 26.42 -1.34 2.06
CA THR F 347 25.85 -0.36 2.99
C THR F 347 26.60 -0.38 4.33
N GLY F 348 27.36 -1.44 4.56
CA GLY F 348 28.07 -1.58 5.83
C GLY F 348 29.16 -0.55 6.04
N VAL F 349 29.57 0.14 4.97
CA VAL F 349 30.64 1.12 5.10
C VAL F 349 30.25 2.24 6.07
N HIS F 350 28.96 2.62 6.05
CA HIS F 350 28.52 3.75 6.88
C HIS F 350 28.84 3.50 8.35
N ASP F 351 28.40 2.35 8.88
CA ASP F 351 28.58 2.07 10.31
C ASP F 351 30.04 1.89 10.65
N THR F 352 30.81 1.20 9.79
CA THR F 352 32.23 1.03 10.04
C THR F 352 32.92 2.39 10.17
N VAL F 353 32.69 3.27 9.20
CA VAL F 353 33.32 4.58 9.22
C VAL F 353 32.85 5.37 10.44
N VAL F 354 31.57 5.30 10.75
CA VAL F 354 31.02 6.09 11.86
C VAL F 354 31.67 5.67 13.17
N ASN F 355 31.72 4.37 13.45
CA ASN F 355 32.27 3.93 14.73
C ASN F 355 33.78 4.13 14.76
N GLN F 356 34.46 3.95 13.63
CA GLN F 356 35.90 4.19 13.62
C GLN F 356 36.20 5.65 13.93
N LEU F 357 35.43 6.58 13.33
CA LEU F 357 35.65 7.99 13.61
C LEU F 357 35.31 8.31 15.05
N LEU F 358 34.23 7.75 15.58
CA LEU F 358 33.88 7.98 16.97
C LEU F 358 34.86 7.31 17.92
N SER F 359 35.72 6.44 17.40
CA SER F 359 36.78 5.89 18.25
C SER F 359 37.63 7.00 18.85
N LYS F 360 38.15 7.90 18.01
CA LYS F 360 39.01 8.97 18.50
C LYS F 360 38.25 9.88 19.47
N ILE F 361 37.00 10.20 19.15
CA ILE F 361 36.22 11.11 19.98
C ILE F 361 35.66 10.45 21.24
N ASP F 362 35.74 9.12 21.33
CA ASP F 362 35.14 8.42 22.46
C ASP F 362 35.92 8.63 23.75
N GLY F 363 37.20 8.94 23.65
CA GLY F 363 38.07 9.02 24.80
C GLY F 363 39.01 7.83 24.96
N VAL F 364 38.84 6.79 24.15
CA VAL F 364 39.80 5.68 24.17
C VAL F 364 41.19 6.20 23.82
N GLU F 365 41.29 7.01 22.76
CA GLU F 365 42.53 7.73 22.49
C GLU F 365 42.71 8.89 23.46
N GLN F 366 41.60 9.49 23.90
CA GLN F 366 41.59 10.44 25.01
C GLN F 366 42.31 11.74 24.66
N LEU F 367 42.65 11.95 23.39
CA LEU F 367 43.33 13.18 23.02
C LEU F 367 42.55 14.39 23.50
N ASN F 368 43.21 15.23 24.30
CA ASN F 368 42.59 16.41 24.88
C ASN F 368 42.57 17.60 23.92
N ASN F 369 43.04 17.43 22.69
CA ASN F 369 43.14 18.51 21.72
C ASN F 369 42.38 18.12 20.47
N ILE F 370 41.10 18.49 20.39
CA ILE F 370 40.30 18.23 19.20
C ILE F 370 39.06 19.12 19.23
N LEU F 371 38.71 19.67 18.07
CA LEU F 371 37.54 20.54 17.96
C LEU F 371 36.77 20.22 16.68
N VAL F 372 36.49 18.93 16.45
CA VAL F 372 35.74 18.55 15.25
C VAL F 372 34.51 19.41 15.13
N ILE F 373 34.33 20.02 13.95
CA ILE F 373 33.24 20.95 13.71
C ILE F 373 32.51 20.52 12.43
N GLY F 374 31.39 19.83 12.60
CA GLY F 374 30.71 19.26 11.45
C GLY F 374 29.87 20.30 10.72
N MET F 375 29.87 20.24 9.39
CA MET F 375 29.05 21.11 8.55
C MET F 375 28.07 20.19 7.83
N THR F 376 26.77 20.48 7.78
CA THR F 376 25.77 19.70 7.07
C THR F 376 24.53 20.55 6.87
N ASN F 377 23.73 20.18 5.86
CA ASN F 377 22.52 20.90 5.52
C ASN F 377 21.26 20.24 6.04
N ARG F 378 21.31 18.95 6.34
CA ARG F 378 20.13 18.19 6.76
C ARG F 378 20.26 17.79 8.22
N PRO F 379 19.65 18.53 9.16
CA PRO F 379 19.65 18.09 10.56
C PRO F 379 18.78 16.85 10.80
N ASP F 380 18.00 16.42 9.82
CA ASP F 380 17.15 15.25 9.96
C ASP F 380 17.84 13.96 9.55
N LEU F 381 19.05 14.04 8.97
CA LEU F 381 19.76 12.87 8.47
C LEU F 381 21.07 12.61 9.21
N ILE F 382 21.16 13.05 10.46
CA ILE F 382 22.37 12.90 11.27
C ILE F 382 22.15 11.78 12.28
N ASP F 383 23.18 10.97 12.49
CA ASP F 383 23.09 9.88 13.44
C ASP F 383 22.80 10.40 14.84
N GLU F 384 21.81 9.80 15.50
CA GLU F 384 21.50 10.20 16.87
C GLU F 384 22.64 9.88 17.82
N ALA F 385 23.25 8.70 17.67
CA ALA F 385 24.34 8.33 18.55
C ALA F 385 25.49 9.32 18.46
N LEU F 386 25.77 9.82 17.25
CA LEU F 386 26.80 10.83 17.07
C LEU F 386 26.49 12.10 17.85
N LEU F 387 25.22 12.34 18.18
CA LEU F 387 24.80 13.56 18.85
C LEU F 387 24.76 13.41 20.37
N ARG F 388 25.01 12.21 20.90
CA ARG F 388 24.87 11.97 22.31
C ARG F 388 25.88 12.81 23.10
N PRO F 389 25.57 13.10 24.37
CA PRO F 389 26.46 13.98 25.15
C PRO F 389 27.87 13.42 25.25
N GLY F 390 28.85 14.35 25.30
CA GLY F 390 30.29 14.02 25.35
C GLY F 390 30.90 13.80 23.98
N ARG F 391 30.14 13.91 22.89
CA ARG F 391 30.67 13.82 21.54
C ARG F 391 30.41 15.09 20.74
N LEU F 392 29.13 15.50 20.61
CA LEU F 392 28.75 16.76 19.97
C LEU F 392 27.65 17.35 20.84
N GLU F 393 28.05 18.21 21.76
CA GLU F 393 27.15 18.69 22.82
C GLU F 393 26.47 19.98 22.44
N VAL F 394 27.04 20.75 21.55
CA VAL F 394 26.54 22.07 21.18
C VAL F 394 26.14 22.03 19.71
N LYS F 395 24.88 22.37 19.44
CA LYS F 395 24.34 22.42 18.09
C LYS F 395 23.75 23.80 17.87
N MET F 396 24.13 24.44 16.77
CA MET F 396 23.72 25.81 16.50
C MET F 396 23.20 25.94 15.07
N GLU F 397 22.10 26.69 14.94
CA GLU F 397 21.47 26.95 13.66
C GLU F 397 21.97 28.29 13.14
N ILE F 398 22.51 28.29 11.92
CA ILE F 398 23.03 29.51 11.32
C ILE F 398 21.87 30.30 10.71
N GLY F 399 21.93 31.62 10.89
CA GLY F 399 20.82 32.47 10.52
C GLY F 399 20.73 32.72 9.02
N LEU F 400 19.66 33.41 8.64
CA LEU F 400 19.40 33.78 7.25
C LEU F 400 19.81 35.23 7.04
N PRO F 401 19.80 35.74 5.80
CA PRO F 401 20.31 37.11 5.53
C PRO F 401 19.33 38.23 5.91
N ASP F 402 19.39 38.62 7.18
CA ASP F 402 18.59 39.73 7.68
C ASP F 402 18.84 40.98 6.83
N GLU F 403 17.94 41.97 6.91
CA GLU F 403 18.02 43.12 6.03
C GLU F 403 19.34 43.87 6.22
N LYS F 404 19.66 44.24 7.45
CA LYS F 404 20.91 44.94 7.70
C LYS F 404 22.10 44.07 7.35
N GLY F 405 21.98 42.75 7.54
CA GLY F 405 23.01 41.85 7.04
C GLY F 405 23.16 41.94 5.53
N ARG F 406 22.04 42.07 4.82
CA ARG F 406 22.10 42.26 3.37
C ARG F 406 22.82 43.54 3.01
N LEU F 407 22.52 44.63 3.73
CA LEU F 407 23.21 45.89 3.47
C LEU F 407 24.71 45.76 3.71
N GLN F 408 25.08 45.09 4.81
CA GLN F 408 26.49 44.92 5.12
C GLN F 408 27.19 44.07 4.05
N ILE F 409 26.54 43.00 3.59
CA ILE F 409 27.12 42.17 2.54
C ILE F 409 27.33 42.98 1.27
N LEU F 410 26.31 43.75 0.89
CA LEU F 410 26.41 44.55 -0.33
C LEU F 410 27.52 45.59 -0.20
N HIS F 411 27.63 46.23 0.96
CA HIS F 411 28.70 47.20 1.17
C HIS F 411 30.07 46.54 1.10
N ILE F 412 30.20 45.34 1.69
CA ILE F 412 31.47 44.64 1.64
C ILE F 412 31.86 44.34 0.20
N HIS F 413 30.89 43.86 -0.60
CA HIS F 413 31.19 43.52 -1.98
C HIS F 413 31.41 44.75 -2.86
N THR F 414 30.82 45.89 -2.51
CA THR F 414 30.96 47.11 -3.30
C THR F 414 32.01 48.07 -2.76
N ALA F 415 32.72 47.70 -1.70
CA ALA F 415 33.77 48.57 -1.18
C ALA F 415 34.84 48.82 -2.23
N ARG F 416 35.28 47.77 -2.93
CA ARG F 416 36.31 47.95 -3.93
C ARG F 416 35.82 48.82 -5.08
N MET F 417 34.55 48.69 -5.44
CA MET F 417 33.97 49.54 -6.49
C MET F 417 33.90 50.99 -6.05
N ARG F 418 33.44 51.24 -4.83
CA ARG F 418 33.37 52.61 -4.33
C ARG F 418 34.76 53.23 -4.25
N GLY F 419 35.78 52.42 -3.93
CA GLY F 419 37.12 52.96 -3.82
C GLY F 419 37.60 53.62 -5.10
N HIS F 420 37.28 53.02 -6.25
CA HIS F 420 37.61 53.62 -7.54
C HIS F 420 36.57 54.62 -8.02
N GLN F 421 35.48 54.81 -7.28
CA GLN F 421 34.38 55.69 -7.66
C GLN F 421 33.61 55.14 -8.86
N LEU F 422 33.84 53.89 -9.25
CA LEU F 422 33.18 53.36 -10.43
C LEU F 422 31.66 53.28 -10.25
N LEU F 423 31.22 53.06 -9.00
CA LEU F 423 29.79 52.93 -8.67
C LEU F 423 29.09 54.24 -8.95
N SER F 424 28.14 54.27 -9.88
CA SER F 424 27.32 55.48 -10.15
C SER F 424 26.50 55.74 -8.88
N ALA F 425 26.36 57.00 -8.47
CA ALA F 425 25.66 57.38 -7.22
C ALA F 425 24.19 56.99 -7.32
N ASP F 426 23.62 56.93 -8.52
CA ASP F 426 22.17 56.66 -8.72
C ASP F 426 21.80 55.31 -8.11
N VAL F 427 22.70 54.33 -8.16
CA VAL F 427 22.45 52.97 -7.56
C VAL F 427 22.40 53.17 -6.04
N ASP F 428 21.54 52.44 -5.32
CA ASP F 428 21.35 52.60 -3.86
C ASP F 428 21.67 51.26 -3.22
N ILE F 429 22.02 51.24 -1.94
CA ILE F 429 22.28 49.98 -1.20
C ILE F 429 21.00 49.58 -0.46
N LYS F 430 20.19 50.53 0.00
CA LYS F 430 19.05 50.25 0.87
C LYS F 430 17.89 49.66 0.09
N GLU F 431 17.51 50.32 -1.02
CA GLU F 431 16.39 49.84 -1.81
C GLU F 431 16.68 48.46 -2.41
N LEU F 432 17.91 48.26 -2.89
CA LEU F 432 18.27 46.96 -3.45
C LEU F 432 18.12 45.85 -2.41
N ALA F 433 18.60 46.10 -1.19
CA ALA F 433 18.45 45.11 -0.13
C ALA F 433 16.98 44.90 0.21
N VAL F 434 16.20 45.97 0.22
CA VAL F 434 14.78 45.86 0.56
C VAL F 434 14.07 44.96 -0.44
N GLU F 435 14.32 45.18 -1.73
CA GLU F 435 13.63 44.38 -2.76
C GLU F 435 14.08 42.93 -2.70
N THR F 436 15.37 42.69 -2.49
CA THR F 436 15.88 41.32 -2.48
C THR F 436 15.31 40.55 -1.29
N LYS F 437 14.80 39.35 -1.56
CA LYS F 437 14.20 38.51 -0.52
C LYS F 437 14.57 37.07 -0.77
N ASN F 438 15.05 36.38 0.27
CA ASN F 438 15.53 35.01 0.14
C ASN F 438 16.74 34.96 -0.81
N PHE F 439 17.72 35.81 -0.53
CA PHE F 439 18.82 36.15 -1.44
C PHE F 439 20.19 35.97 -0.77
N SER F 440 20.44 34.79 -0.22
CA SER F 440 21.64 34.52 0.55
C SER F 440 22.91 35.03 -0.13
N GLY F 441 23.94 35.33 0.65
CA GLY F 441 25.14 36.04 0.18
C GLY F 441 25.63 35.68 -1.22
N ALA F 442 25.74 34.38 -1.50
CA ALA F 442 26.21 33.96 -2.82
C ALA F 442 25.38 34.60 -3.92
N GLU F 443 24.07 34.71 -3.70
CA GLU F 443 23.21 35.31 -4.71
C GLU F 443 23.53 36.79 -4.90
N LEU F 444 23.81 37.52 -3.81
CA LEU F 444 24.16 38.92 -3.97
C LEU F 444 25.46 39.08 -4.75
N GLU F 445 26.46 38.25 -4.43
CA GLU F 445 27.73 38.34 -5.16
C GLU F 445 27.51 38.02 -6.63
N GLY F 446 26.70 37.01 -6.92
CA GLY F 446 26.36 36.72 -8.31
C GLY F 446 25.67 37.88 -8.99
N LEU F 447 24.76 38.55 -8.29
CA LEU F 447 24.07 39.70 -8.87
C LEU F 447 25.04 40.85 -9.15
N VAL F 448 25.98 41.09 -8.24
CA VAL F 448 26.98 42.13 -8.47
C VAL F 448 27.81 41.78 -9.70
N ARG F 449 28.24 40.53 -9.81
CA ARG F 449 28.99 40.10 -10.99
C ARG F 449 28.18 40.29 -12.26
N ALA F 450 26.88 39.94 -12.20
CA ALA F 450 26.03 40.08 -13.37
C ALA F 450 25.85 41.54 -13.78
N ALA F 451 25.71 42.43 -12.79
CA ALA F 451 25.58 43.84 -13.11
C ALA F 451 26.86 44.39 -13.74
N GLN F 452 28.02 43.98 -13.22
CA GLN F 452 29.27 44.37 -13.85
C GLN F 452 29.36 43.85 -15.27
N SER F 453 28.96 42.59 -15.48
CA SER F 453 28.96 42.02 -16.81
C SER F 453 28.04 42.80 -17.75
N THR F 454 26.88 43.21 -17.24
CA THR F 454 25.95 43.98 -18.06
C THR F 454 26.54 45.32 -18.46
N ALA F 455 27.22 46.00 -17.53
CA ALA F 455 27.84 47.28 -17.88
C ALA F 455 28.91 47.10 -18.95
N MET F 456 29.78 46.11 -18.77
CA MET F 456 30.80 45.84 -19.79
C MET F 456 30.16 45.45 -21.11
N ASN F 457 29.05 44.72 -21.07
CA ASN F 457 28.37 44.36 -22.31
C ASN F 457 27.82 45.59 -23.01
N ARG F 458 27.25 46.53 -22.26
CA ARG F 458 26.77 47.75 -22.88
C ARG F 458 27.92 48.48 -23.54
N HIS F 459 29.08 48.50 -22.87
CA HIS F 459 30.21 49.26 -23.42
C HIS F 459 30.74 48.61 -24.70
N ILE F 460 30.79 47.28 -24.76
CA ILE F 460 31.36 46.62 -25.94
C ILE F 460 30.54 46.94 -27.18
N LYS F 461 29.21 46.97 -27.06
CA LYS F 461 28.33 47.17 -28.19
C LYS F 461 27.85 48.62 -28.31
N ALA F 462 28.49 49.55 -27.60
CA ALA F 462 27.99 50.90 -27.54
C ALA F 462 28.21 51.68 -28.84
N SER F 463 29.40 51.58 -29.43
CA SER F 463 29.80 52.44 -30.54
C SER F 463 30.00 51.66 -31.83
N THR F 464 30.88 50.66 -31.85
CA THR F 464 31.31 50.02 -33.09
C THR F 464 31.38 48.50 -32.91
N LYS F 465 30.31 47.92 -32.36
CA LYS F 465 30.19 46.47 -32.31
C LYS F 465 31.18 45.88 -31.32
N VAL F 466 32.46 45.90 -31.67
CA VAL F 466 33.53 45.40 -30.81
C VAL F 466 34.78 46.20 -31.12
N GLU F 467 35.65 46.33 -30.11
CA GLU F 467 36.83 47.19 -30.22
C GLU F 467 36.41 48.66 -30.38
N VAL F 468 35.52 49.09 -29.48
CA VAL F 468 34.85 50.37 -29.58
C VAL F 468 35.74 51.50 -29.08
N ASP F 469 35.30 52.73 -29.31
CA ASP F 469 36.03 53.89 -28.81
C ASP F 469 36.26 53.75 -27.31
N MET F 470 37.46 54.14 -26.87
CA MET F 470 37.84 53.95 -25.47
C MET F 470 37.05 54.82 -24.52
N GLU F 471 36.27 55.79 -25.02
CA GLU F 471 35.44 56.59 -24.14
C GLU F 471 34.45 55.73 -23.38
N LYS F 472 33.85 54.75 -24.07
CA LYS F 472 32.93 53.84 -23.40
C LYS F 472 33.60 53.12 -22.24
N ALA F 473 34.79 52.56 -22.48
CA ALA F 473 35.53 51.90 -21.41
C ALA F 473 35.92 52.91 -20.33
N GLU F 474 36.37 54.10 -20.73
CA GLU F 474 36.75 55.11 -19.75
C GLU F 474 35.55 55.57 -18.94
N SER F 475 34.37 55.62 -19.57
CA SER F 475 33.15 56.05 -18.91
C SER F 475 32.40 54.91 -18.23
N LEU F 476 33.06 53.78 -18.01
CA LEU F 476 32.37 52.63 -17.43
C LEU F 476 31.87 52.96 -16.03
N GLN F 477 30.55 53.02 -15.88
CA GLN F 477 29.92 53.19 -14.59
C GLN F 477 28.63 52.39 -14.58
N VAL F 478 28.37 51.69 -13.48
CA VAL F 478 27.22 50.80 -13.36
C VAL F 478 26.07 51.59 -12.78
N THR F 479 24.97 51.69 -13.53
CA THR F 479 23.78 52.39 -13.11
C THR F 479 22.77 51.42 -12.52
N ARG F 480 21.76 51.98 -11.87
CA ARG F 480 20.74 51.15 -11.22
C ARG F 480 19.97 50.32 -12.23
N GLY F 481 19.80 50.82 -13.45
CA GLY F 481 19.10 50.06 -14.47
C GLY F 481 19.77 48.73 -14.75
N ASP F 482 21.09 48.71 -14.76
CA ASP F 482 21.81 47.46 -14.95
C ASP F 482 21.52 46.49 -13.81
N PHE F 483 21.51 47.00 -12.57
CA PHE F 483 21.17 46.16 -11.44
C PHE F 483 19.78 45.55 -11.61
N LEU F 484 18.80 46.38 -11.98
CA LEU F 484 17.43 45.89 -12.13
C LEU F 484 17.35 44.85 -13.24
N ALA F 485 18.01 45.11 -14.37
CA ALA F 485 17.98 44.15 -15.47
C ALA F 485 18.58 42.82 -15.07
N SER F 486 19.75 42.85 -14.41
CA SER F 486 20.38 41.62 -13.98
C SER F 486 19.50 40.88 -12.98
N LEU F 487 18.90 41.60 -12.03
CA LEU F 487 18.06 40.96 -11.04
C LEU F 487 16.83 40.31 -11.68
N GLU F 488 16.19 41.00 -12.62
CA GLU F 488 14.91 40.53 -13.13
C GLU F 488 15.07 39.44 -14.17
N ASN F 489 16.07 39.55 -15.05
CA ASN F 489 16.14 38.63 -16.19
C ASN F 489 16.85 37.32 -15.83
N ASP F 490 18.09 37.40 -15.37
CA ASP F 490 18.95 36.24 -15.24
C ASP F 490 19.40 36.01 -13.80
N ILE F 491 18.48 36.11 -12.86
CA ILE F 491 18.74 35.79 -11.46
C ILE F 491 17.49 35.17 -10.86
N LYS F 492 17.67 34.09 -10.08
CA LYS F 492 16.56 33.43 -9.41
C LYS F 492 17.05 32.93 -8.06
N PRO F 493 16.37 33.29 -6.95
CA PRO F 493 16.83 32.80 -5.64
C PRO F 493 16.76 31.29 -5.49
N ALA F 494 15.87 30.63 -6.23
CA ALA F 494 15.64 29.19 -6.16
C ALA F 494 14.97 28.77 -4.85
N PHE F 495 14.51 29.73 -4.04
CA PHE F 495 13.85 29.43 -2.78
C PHE F 495 12.33 29.48 -2.87
N GLY F 496 11.79 30.16 -3.89
CA GLY F 496 10.35 30.29 -4.02
C GLY F 496 9.88 31.67 -3.60
N THR F 497 9.59 32.52 -4.58
CA THR F 497 9.18 33.91 -4.32
C THR F 497 7.73 33.90 -3.85
N ASN F 498 7.54 33.84 -2.54
CA ASN F 498 6.19 33.91 -1.98
C ASN F 498 5.63 35.32 -2.15
N GLN F 499 4.30 35.42 -2.09
CA GLN F 499 3.61 36.67 -2.34
C GLN F 499 2.70 37.00 -1.17
N GLU F 500 2.68 38.30 -0.80
CA GLU F 500 1.80 38.79 0.25
C GLU F 500 1.21 40.15 -0.12
N ASP F 501 1.15 40.48 -1.41
CA ASP F 501 0.79 41.82 -1.85
C ASP F 501 -0.54 42.25 -1.25
N TYR F 502 -0.50 43.34 -0.49
CA TYR F 502 -1.73 43.93 0.04
C TYR F 502 -2.60 44.45 -1.10
N ALA F 503 -1.99 45.05 -2.13
CA ALA F 503 -2.75 45.53 -3.26
C ALA F 503 -3.57 44.43 -3.91
N SER F 504 -3.08 43.19 -3.85
CA SER F 504 -3.83 42.07 -4.41
C SER F 504 -5.19 41.90 -3.75
N TYR F 505 -5.36 42.41 -2.53
CA TYR F 505 -6.64 42.35 -1.82
C TYR F 505 -7.34 43.70 -1.74
N ILE F 506 -6.65 44.80 -2.07
CA ILE F 506 -7.24 46.13 -2.04
C ILE F 506 -7.12 46.75 -3.43
N MET F 507 -7.19 45.90 -4.46
CA MET F 507 -6.95 46.31 -5.84
C MET F 507 -7.48 47.71 -6.16
N ASN F 508 -8.73 47.99 -5.77
CA ASN F 508 -9.38 49.24 -6.13
C ASN F 508 -9.40 50.25 -4.99
N GLY F 509 -8.59 50.04 -3.96
CA GLY F 509 -8.54 51.00 -2.88
C GLY F 509 -9.75 50.92 -1.96
N ILE F 510 -9.96 52.00 -1.22
CA ILE F 510 -11.02 52.07 -0.22
C ILE F 510 -11.72 53.41 -0.31
N ILE F 511 -12.92 53.43 -0.91
CA ILE F 511 -13.72 54.66 -1.00
C ILE F 511 -14.48 54.86 0.31
N LYS F 512 -15.06 56.04 0.48
CA LYS F 512 -15.79 56.38 1.69
C LYS F 512 -17.27 56.59 1.39
N TRP F 513 -17.85 55.68 0.62
CA TRP F 513 -19.22 55.86 0.14
C TRP F 513 -20.17 56.20 1.29
N GLY F 514 -20.08 55.47 2.40
CA GLY F 514 -20.99 55.66 3.50
C GLY F 514 -20.31 55.91 4.83
N ASP F 515 -21.04 56.52 5.76
CA ASP F 515 -20.49 56.74 7.09
C ASP F 515 -20.06 55.46 7.79
N PRO F 516 -20.85 54.38 7.76
CA PRO F 516 -20.51 53.20 8.57
C PRO F 516 -19.05 52.80 8.51
N VAL F 517 -18.41 52.93 7.34
CA VAL F 517 -17.03 52.45 7.21
C VAL F 517 -16.17 53.02 8.32
N THR F 518 -16.27 54.34 8.55
CA THR F 518 -15.43 54.96 9.57
C THR F 518 -15.56 54.21 10.89
N ARG F 519 -16.80 53.99 11.35
CA ARG F 519 -16.99 53.29 12.61
C ARG F 519 -16.18 52.01 12.63
N VAL F 520 -16.36 51.16 11.61
CA VAL F 520 -15.62 49.91 11.55
C VAL F 520 -14.15 50.16 11.82
N LEU F 521 -13.53 50.99 10.99
CA LEU F 521 -12.09 51.21 11.13
C LEU F 521 -11.77 51.67 12.54
N ASP F 522 -12.54 52.62 13.06
CA ASP F 522 -12.27 53.11 14.41
C ASP F 522 -12.19 51.95 15.39
N ASP F 523 -13.20 51.08 15.38
CA ASP F 523 -13.18 49.95 16.30
C ASP F 523 -11.89 49.17 16.16
N GLY F 524 -11.51 48.82 14.93
CA GLY F 524 -10.27 48.09 14.75
C GLY F 524 -9.10 48.79 15.40
N GLU F 525 -8.98 50.11 15.14
CA GLU F 525 -7.88 50.85 15.75
C GLU F 525 -7.83 50.62 17.24
N LEU F 526 -8.97 50.78 17.92
CA LEU F 526 -9.00 50.56 19.35
C LEU F 526 -8.43 49.18 19.68
N LEU F 527 -8.98 48.14 19.05
CA LEU F 527 -8.51 46.79 19.33
C LEU F 527 -7.00 46.72 19.18
N VAL F 528 -6.45 47.35 18.15
CA VAL F 528 -5.02 47.27 17.91
C VAL F 528 -4.27 47.77 19.14
N GLN F 529 -4.64 48.96 19.62
N GLN F 529 -4.64 48.96 19.63
CA GLN F 529 -3.97 49.53 20.78
CA GLN F 529 -3.89 49.49 20.76
C GLN F 529 -4.03 48.58 21.96
C GLN F 529 -4.02 48.57 21.98
N GLN F 530 -5.16 47.90 22.13
CA GLN F 530 -5.32 46.98 23.25
C GLN F 530 -4.28 45.88 23.20
N THR F 531 -4.00 45.34 22.02
CA THR F 531 -3.01 44.28 21.94
C THR F 531 -1.58 44.80 22.05
N LYS F 532 -1.40 46.13 22.04
CA LYS F 532 -0.07 46.71 22.12
C LYS F 532 0.39 46.96 23.54
N ASN F 533 -0.54 47.16 24.47
CA ASN F 533 -0.21 47.44 25.87
C ASN F 533 -1.31 46.81 26.75
N SER F 534 -1.02 45.61 27.25
CA SER F 534 -1.93 44.94 28.17
C SER F 534 -1.14 43.91 28.97
N ASP F 535 -1.71 43.51 30.11
CA ASP F 535 -1.02 42.58 31.01
C ASP F 535 -1.82 41.29 31.18
N ARG F 536 -3.14 41.41 31.36
CA ARG F 536 -4.02 40.26 31.49
C ARG F 536 -4.80 39.99 30.21
N THR F 537 -4.24 40.35 29.06
CA THR F 537 -4.87 40.11 27.77
C THR F 537 -3.78 39.98 26.71
N PRO F 538 -2.97 38.92 26.80
CA PRO F 538 -1.90 38.73 25.82
C PRO F 538 -2.37 38.26 24.46
N LEU F 539 -3.64 37.86 24.33
CA LEU F 539 -4.19 37.38 23.07
C LEU F 539 -5.56 37.98 22.87
N VAL F 540 -5.84 38.44 21.64
CA VAL F 540 -7.11 39.05 21.30
C VAL F 540 -7.58 38.49 19.96
N SER F 541 -8.89 38.57 19.73
CA SER F 541 -9.49 38.04 18.52
C SER F 541 -10.69 38.88 18.14
N VAL F 542 -11.00 38.89 16.84
CA VAL F 542 -12.15 39.61 16.32
C VAL F 542 -12.65 38.88 15.08
N LEU F 543 -13.95 38.95 14.83
CA LEU F 543 -14.59 38.27 13.71
C LEU F 543 -15.37 39.28 12.88
N LEU F 544 -15.03 39.37 11.60
CA LEU F 544 -15.77 40.22 10.67
C LEU F 544 -16.77 39.37 9.91
N GLU F 545 -18.05 39.76 9.98
CA GLU F 545 -19.12 38.99 9.36
C GLU F 545 -20.06 39.94 8.64
N GLY F 546 -20.73 39.42 7.61
CA GLY F 546 -21.67 40.19 6.84
C GLY F 546 -22.15 39.45 5.60
N PRO F 547 -23.10 40.03 4.88
CA PRO F 547 -23.61 39.40 3.66
C PRO F 547 -22.53 39.29 2.61
N PRO F 548 -22.67 38.36 1.67
CA PRO F 548 -21.62 38.16 0.66
C PRO F 548 -21.51 39.35 -0.29
N HIS F 549 -20.33 39.46 -0.91
CA HIS F 549 -20.02 40.54 -1.84
C HIS F 549 -20.06 41.90 -1.14
N SER F 550 -19.62 41.93 0.12
CA SER F 550 -19.59 43.15 0.90
C SER F 550 -18.18 43.66 1.16
N GLY F 551 -17.18 43.07 0.51
CA GLY F 551 -15.81 43.56 0.64
C GLY F 551 -15.24 43.44 2.04
N LYS F 552 -15.50 42.32 2.72
CA LYS F 552 -15.06 42.10 4.12
C LYS F 552 -13.67 41.47 4.11
N THR F 553 -12.99 41.42 2.96
CA THR F 553 -11.61 40.90 2.85
C THR F 553 -10.68 42.09 2.66
N ALA F 554 -11.09 43.14 1.97
CA ALA F 554 -10.37 44.39 1.78
C ALA F 554 -10.29 45.18 3.08
N LEU F 555 -11.40 45.28 3.81
CA LEU F 555 -11.38 46.01 5.06
C LEU F 555 -10.47 45.34 6.08
N ALA F 556 -10.50 44.01 6.15
CA ALA F 556 -9.60 43.32 7.06
C ALA F 556 -8.14 43.59 6.71
N ALA F 557 -7.80 43.54 5.42
CA ALA F 557 -6.44 43.79 5.00
C ALA F 557 -6.02 45.22 5.35
N LYS F 558 -6.91 46.19 5.13
CA LYS F 558 -6.57 47.57 5.47
C LYS F 558 -6.37 47.74 6.97
N ILE F 559 -7.25 47.14 7.77
CA ILE F 559 -7.10 47.25 9.23
C ILE F 559 -5.77 46.67 9.66
N ALA F 560 -5.40 45.51 9.10
CA ALA F 560 -4.10 44.93 9.43
C ALA F 560 -2.95 45.84 8.98
N GLU F 561 -3.09 46.45 7.80
CA GLU F 561 -2.01 47.26 7.25
C GLU F 561 -1.77 48.50 8.09
N GLU F 562 -2.84 49.17 8.55
CA GLU F 562 -2.66 50.41 9.29
C GLU F 562 -1.76 50.21 10.50
N SER F 563 -1.91 49.09 11.19
CA SER F 563 -0.99 48.75 12.26
C SER F 563 0.38 48.46 11.68
N ASN F 564 1.46 48.81 12.39
CA ASN F 564 2.84 48.65 11.86
C ASN F 564 3.56 47.54 12.64
N PHE F 565 2.86 46.46 12.98
CA PHE F 565 3.49 45.34 13.66
C PHE F 565 4.62 44.77 12.80
N PRO F 566 5.70 44.29 13.41
CA PRO F 566 6.81 43.77 12.60
C PRO F 566 6.42 42.62 11.68
N PHE F 567 5.52 41.74 12.12
CA PHE F 567 5.22 40.50 11.42
C PHE F 567 3.74 40.49 11.05
N ILE F 568 3.46 40.30 9.76
CA ILE F 568 2.10 40.21 9.24
C ILE F 568 2.04 39.10 8.20
N LYS F 569 0.98 38.32 8.22
CA LYS F 569 0.81 37.23 7.27
C LYS F 569 -0.67 36.97 7.07
N ILE F 570 -1.02 36.54 5.86
CA ILE F 570 -2.41 36.24 5.50
C ILE F 570 -2.47 34.78 5.05
N CYS F 571 -3.32 34.00 5.73
CA CYS F 571 -3.55 32.60 5.38
C CYS F 571 -4.88 32.52 4.64
N SER F 572 -4.83 32.20 3.35
CA SER F 572 -6.01 32.18 2.51
C SER F 572 -6.10 30.84 1.78
N PRO F 573 -7.31 30.38 1.47
CA PRO F 573 -7.45 29.10 0.76
C PRO F 573 -6.96 29.12 -0.68
N ASP F 574 -6.68 30.30 -1.24
CA ASP F 574 -6.23 30.37 -2.62
C ASP F 574 -4.93 29.62 -2.85
N LYS F 575 -4.14 29.39 -1.79
CA LYS F 575 -2.84 28.74 -1.91
C LYS F 575 -2.90 27.28 -1.49
N MET F 576 -4.09 26.69 -1.38
CA MET F 576 -4.23 25.32 -0.90
C MET F 576 -5.20 24.52 -1.76
N ILE F 577 -5.21 24.77 -3.07
CA ILE F 577 -6.14 24.06 -3.95
C ILE F 577 -5.76 22.59 -4.00
N GLY F 578 -6.71 21.73 -3.62
CA GLY F 578 -6.52 20.29 -3.69
C GLY F 578 -5.87 19.66 -2.48
N PHE F 579 -5.49 20.44 -1.47
CA PHE F 579 -4.87 19.87 -0.30
C PHE F 579 -5.85 18.96 0.44
N SER F 580 -5.30 17.92 1.06
CA SER F 580 -6.08 17.07 1.95
C SER F 580 -6.08 17.65 3.36
N GLU F 581 -6.91 17.05 4.23
CA GLU F 581 -7.13 17.61 5.56
C GLU F 581 -5.81 17.81 6.31
N THR F 582 -4.99 16.76 6.35
CA THR F 582 -3.74 16.83 7.10
C THR F 582 -2.83 17.93 6.54
N ALA F 583 -2.85 18.16 5.23
CA ALA F 583 -2.03 19.23 4.66
C ALA F 583 -2.49 20.59 5.17
N LYS F 584 -3.80 20.82 5.22
CA LYS F 584 -4.30 22.09 5.74
C LYS F 584 -3.92 22.26 7.20
N CYS F 585 -4.08 21.21 8.00
CA CYS F 585 -3.70 21.28 9.40
C CYS F 585 -2.22 21.66 9.54
N GLN F 586 -1.36 20.99 8.77
CA GLN F 586 0.07 21.26 8.85
C GLN F 586 0.38 22.70 8.44
N ALA F 587 -0.26 23.19 7.37
CA ALA F 587 0.02 24.53 6.91
C ALA F 587 -0.37 25.57 7.95
N MET F 588 -1.57 25.44 8.52
CA MET F 588 -1.98 26.41 9.54
C MET F 588 -1.09 26.33 10.77
N LYS F 589 -0.73 25.12 11.19
CA LYS F 589 0.18 24.97 12.31
C LYS F 589 1.50 25.67 12.04
N LYS F 590 2.04 25.50 10.83
CA LYS F 590 3.31 26.14 10.48
C LYS F 590 3.16 27.65 10.56
N ILE F 591 2.09 28.20 9.99
CA ILE F 591 1.92 29.65 10.00
C ILE F 591 1.91 30.18 11.43
N PHE F 592 1.08 29.57 12.29
CA PHE F 592 0.98 30.06 13.65
C PHE F 592 2.30 29.90 14.41
N ASP F 593 2.95 28.74 14.26
CA ASP F 593 4.19 28.49 14.97
C ASP F 593 5.27 29.49 14.57
N ASP F 594 5.34 29.82 13.27
CA ASP F 594 6.27 30.86 12.84
C ASP F 594 5.88 32.20 13.45
N ALA F 595 4.58 32.50 13.52
CA ALA F 595 4.15 33.76 14.08
C ALA F 595 4.48 33.88 15.57
N TYR F 596 4.65 32.75 16.27
CA TYR F 596 4.95 32.83 17.70
C TYR F 596 6.29 33.51 17.99
N LYS F 597 7.22 33.50 17.04
CA LYS F 597 8.58 33.96 17.34
C LYS F 597 8.61 35.45 17.67
N SER F 598 8.02 36.28 16.82
CA SER F 598 8.19 37.72 16.94
C SER F 598 7.53 38.25 18.22
N GLN F 599 7.98 39.43 18.65
CA GLN F 599 7.48 40.01 19.88
C GLN F 599 5.98 40.28 19.82
N LEU F 600 5.51 40.85 18.72
CA LEU F 600 4.10 41.16 18.54
C LEU F 600 3.76 40.99 17.07
N SER F 601 2.56 40.46 16.79
CA SER F 601 2.22 40.09 15.43
C SER F 601 0.71 40.04 15.26
N CYS F 602 0.29 40.09 13.99
CA CYS F 602 -1.12 40.01 13.64
C CYS F 602 -1.29 39.06 12.47
N VAL F 603 -2.24 38.15 12.59
CA VAL F 603 -2.55 37.16 11.56
C VAL F 603 -4.01 37.31 11.18
N VAL F 604 -4.30 37.10 9.89
CA VAL F 604 -5.63 37.27 9.34
C VAL F 604 -6.01 36.04 8.55
N VAL F 605 -7.21 35.51 8.79
CA VAL F 605 -7.75 34.35 8.09
C VAL F 605 -9.08 34.75 7.46
N ASP F 606 -9.27 34.36 6.20
CA ASP F 606 -10.43 34.78 5.43
C ASP F 606 -11.13 33.57 4.84
N ASP F 607 -12.45 33.68 4.69
CA ASP F 607 -13.29 32.61 4.16
C ASP F 607 -13.14 31.34 5.00
N ILE F 608 -13.55 31.45 6.27
CA ILE F 608 -13.48 30.31 7.17
C ILE F 608 -14.33 29.16 6.65
N GLU F 609 -15.55 29.47 6.19
CA GLU F 609 -16.44 28.40 5.70
C GLU F 609 -15.81 27.63 4.56
N ARG F 610 -15.04 28.30 3.70
CA ARG F 610 -14.30 27.59 2.66
C ARG F 610 -13.08 26.87 3.22
N LEU F 611 -12.45 27.42 4.25
CA LEU F 611 -11.29 26.77 4.83
C LEU F 611 -11.63 25.36 5.30
N LEU F 612 -12.68 25.24 6.11
CA LEU F 612 -13.26 23.95 6.47
C LEU F 612 -14.44 23.73 5.52
N ASP F 613 -14.16 23.08 4.40
CA ASP F 613 -15.13 22.92 3.33
C ASP F 613 -16.51 22.57 3.86
N TYR F 614 -17.49 23.41 3.54
CA TYR F 614 -18.84 23.25 4.05
C TYR F 614 -19.82 23.25 2.89
N VAL F 615 -20.80 22.35 2.94
CA VAL F 615 -21.82 22.24 1.90
C VAL F 615 -23.18 22.11 2.56
N PRO F 616 -24.20 22.85 2.13
CA PRO F 616 -25.50 22.77 2.82
C PRO F 616 -26.09 21.37 2.85
N ILE F 617 -25.84 20.56 1.81
CA ILE F 617 -26.40 19.21 1.79
C ILE F 617 -25.66 18.33 2.78
N GLY F 618 -26.41 17.48 3.48
CA GLY F 618 -25.90 16.67 4.56
C GLY F 618 -26.15 17.23 5.95
N PRO F 619 -25.43 18.27 6.39
CA PRO F 619 -24.28 18.95 5.79
C PRO F 619 -23.01 18.11 5.90
N ARG F 620 -21.93 18.52 5.23
CA ARG F 620 -20.66 17.80 5.26
C ARG F 620 -19.53 18.81 5.43
N PHE F 621 -18.48 18.39 6.13
CA PHE F 621 -17.31 19.23 6.35
C PHE F 621 -16.21 18.39 7.00
N SER F 622 -15.07 19.02 7.24
CA SER F 622 -13.90 18.37 7.82
C SER F 622 -13.85 18.69 9.31
N ASN F 623 -13.84 17.65 10.13
CA ASN F 623 -13.79 17.84 11.59
C ASN F 623 -12.40 18.21 12.07
N LEU F 624 -11.35 17.67 11.44
CA LEU F 624 -10.00 17.87 11.93
C LEU F 624 -9.61 19.35 11.90
N VAL F 625 -9.91 20.03 10.79
CA VAL F 625 -9.57 21.44 10.67
C VAL F 625 -10.32 22.27 11.70
N LEU F 626 -11.61 21.94 11.91
CA LEU F 626 -12.39 22.67 12.89
C LEU F 626 -11.81 22.50 14.29
N GLN F 627 -11.43 21.27 14.65
CA GLN F 627 -10.85 21.04 15.97
C GLN F 627 -9.52 21.77 16.11
N ALA F 628 -8.70 21.76 15.06
CA ALA F 628 -7.43 22.48 15.12
C ALA F 628 -7.66 23.97 15.33
N LEU F 629 -8.62 24.55 14.61
CA LEU F 629 -8.90 25.97 14.80
C LEU F 629 -9.41 26.26 16.20
N LEU F 630 -10.30 25.42 16.72
CA LEU F 630 -10.82 25.64 18.07
C LEU F 630 -9.71 25.57 19.10
N VAL F 631 -8.78 24.63 18.93
CA VAL F 631 -7.67 24.51 19.89
C VAL F 631 -6.74 25.71 19.78
N LEU F 632 -6.48 26.17 18.55
CA LEU F 632 -5.51 27.24 18.35
C LEU F 632 -6.05 28.61 18.74
N LEU F 633 -7.37 28.80 18.71
CA LEU F 633 -7.91 30.13 18.97
C LEU F 633 -7.77 30.58 20.42
N LYS F 634 -7.38 29.70 21.33
CA LYS F 634 -7.30 30.05 22.76
C LYS F 634 -6.02 29.51 23.38
N LYS F 635 -4.90 29.61 22.67
CA LYS F 635 -3.59 29.21 23.18
C LYS F 635 -2.70 30.44 23.21
N ALA F 636 -2.37 30.90 24.40
CA ALA F 636 -1.53 32.08 24.53
C ALA F 636 -0.10 31.78 24.06
N PRO F 637 0.59 32.78 23.50
CA PRO F 637 1.97 32.55 23.05
C PRO F 637 2.91 32.46 24.23
N PRO F 638 4.20 32.23 23.99
CA PRO F 638 5.16 32.15 25.10
C PRO F 638 5.16 33.43 25.94
N GLN F 639 5.89 33.35 27.05
CA GLN F 639 5.87 34.44 28.02
C GLN F 639 6.33 35.75 27.40
N GLY F 640 5.69 36.83 27.78
CA GLY F 640 6.08 38.15 27.32
C GLY F 640 5.95 38.35 25.82
N ARG F 641 4.86 37.87 25.24
CA ARG F 641 4.59 38.03 23.81
C ARG F 641 3.16 38.50 23.62
N LYS F 642 2.82 38.84 22.37
CA LYS F 642 1.48 39.33 22.05
C LYS F 642 1.12 38.86 20.65
N LEU F 643 -0.18 38.83 20.37
CA LEU F 643 -0.69 38.33 19.10
C LEU F 643 -2.11 38.82 18.90
N LEU F 644 -2.47 39.09 17.64
CA LEU F 644 -3.81 39.53 17.29
C LEU F 644 -4.30 38.75 16.08
N ILE F 645 -5.44 38.08 16.22
CA ILE F 645 -6.02 37.27 15.15
C ILE F 645 -7.29 37.96 14.67
N ILE F 646 -7.45 38.04 13.34
CA ILE F 646 -8.63 38.61 12.72
C ILE F 646 -9.18 37.59 11.73
N GLY F 647 -10.46 37.29 11.81
CA GLY F 647 -11.08 36.31 10.94
C GLY F 647 -12.31 36.87 10.26
N THR F 648 -12.52 36.43 9.02
CA THR F 648 -13.64 36.88 8.21
C THR F 648 -14.51 35.69 7.80
N THR F 649 -15.81 35.94 7.66
CA THR F 649 -16.76 34.92 7.25
C THR F 649 -18.03 35.62 6.79
N SER F 650 -18.98 34.83 6.28
CA SER F 650 -20.26 35.36 5.84
C SER F 650 -21.44 34.46 6.19
N ARG F 651 -21.26 33.50 7.09
CA ARG F 651 -22.29 32.52 7.40
C ARG F 651 -22.42 32.36 8.91
N LYS F 652 -22.57 33.50 9.60
CA LYS F 652 -22.50 33.54 11.06
C LYS F 652 -23.27 32.40 11.72
N ASP F 653 -24.49 32.13 11.27
CA ASP F 653 -25.33 31.17 11.96
C ASP F 653 -24.72 29.78 11.97
N VAL F 654 -24.12 29.37 10.85
CA VAL F 654 -23.48 28.05 10.80
C VAL F 654 -22.38 27.96 11.85
N LEU F 655 -21.56 29.00 11.95
CA LEU F 655 -20.51 29.00 12.97
C LEU F 655 -21.11 28.95 14.37
N GLN F 656 -22.19 29.69 14.61
CA GLN F 656 -22.82 29.68 15.91
C GLN F 656 -23.30 28.28 16.28
N GLU F 657 -23.81 27.54 15.29
CA GLU F 657 -24.28 26.18 15.56
C GLU F 657 -23.14 25.28 16.01
N MET F 658 -21.97 25.40 15.39
CA MET F 658 -20.83 24.54 15.68
C MET F 658 -20.14 24.87 17.00
N GLU F 659 -20.69 25.76 17.83
CA GLU F 659 -20.09 26.11 19.12
C GLU F 659 -18.74 26.79 18.94
N MET F 660 -18.54 27.46 17.80
CA MET F 660 -17.31 28.20 17.56
C MET F 660 -17.42 29.67 17.91
N LEU F 661 -18.61 30.26 17.77
CA LEU F 661 -18.76 31.69 17.99
C LEU F 661 -18.43 32.10 19.41
N ASN F 662 -18.44 31.15 20.36
CA ASN F 662 -18.08 31.47 21.73
C ASN F 662 -16.60 31.79 21.87
N ALA F 663 -15.75 31.13 21.08
CA ALA F 663 -14.31 31.33 21.23
C ALA F 663 -13.91 32.77 20.92
N PHE F 664 -14.44 33.33 19.84
CA PHE F 664 -14.06 34.68 19.44
C PHE F 664 -14.46 35.69 20.51
N SER F 665 -13.63 36.71 20.69
CA SER F 665 -13.87 37.68 21.75
C SER F 665 -15.04 38.59 21.41
N THR F 666 -15.10 39.09 20.17
CA THR F 666 -16.15 40.03 19.80
C THR F 666 -16.34 39.98 18.28
N THR F 667 -17.46 40.53 17.84
CA THR F 667 -17.82 40.53 16.42
C THR F 667 -18.13 41.95 15.97
N ILE F 668 -17.97 42.17 14.66
CA ILE F 668 -18.25 43.45 14.04
C ILE F 668 -19.16 43.20 12.84
N HIS F 669 -19.93 44.23 12.48
CA HIS F 669 -20.93 44.14 11.43
C HIS F 669 -20.54 45.02 10.25
N VAL F 670 -20.80 44.52 9.04
CA VAL F 670 -20.42 45.20 7.81
C VAL F 670 -21.66 45.30 6.91
N PRO F 671 -22.52 46.28 7.08
CA PRO F 671 -23.77 46.33 6.33
C PRO F 671 -23.55 46.71 4.87
N ASN F 672 -24.64 46.63 4.10
CA ASN F 672 -24.64 46.90 2.68
C ASN F 672 -25.22 48.29 2.41
N ILE F 673 -25.39 48.62 1.13
CA ILE F 673 -26.01 49.87 0.73
C ILE F 673 -27.52 49.75 0.85
N ALA F 674 -28.15 50.70 1.53
CA ALA F 674 -29.58 50.64 1.81
C ALA F 674 -30.35 51.78 1.15
N THR F 675 -29.94 53.03 1.36
CA THR F 675 -30.67 54.19 0.88
C THR F 675 -30.11 54.68 -0.44
N GLY F 676 -30.99 55.30 -1.24
CA GLY F 676 -30.57 55.80 -2.53
C GLY F 676 -29.52 56.89 -2.43
N GLU F 677 -29.54 57.66 -1.34
CA GLU F 677 -28.55 58.72 -1.17
C GLU F 677 -27.14 58.13 -1.13
N GLN F 678 -26.95 57.05 -0.39
CA GLN F 678 -25.64 56.40 -0.33
C GLN F 678 -25.24 55.86 -1.70
N LEU F 679 -26.20 55.29 -2.44
CA LEU F 679 -25.90 54.76 -3.77
C LEU F 679 -25.43 55.89 -4.69
N LEU F 680 -26.13 57.02 -4.67
CA LEU F 680 -25.74 58.15 -5.52
C LEU F 680 -24.38 58.69 -5.10
N GLU F 681 -24.12 58.76 -3.80
CA GLU F 681 -22.83 59.25 -3.33
C GLU F 681 -21.71 58.34 -3.81
N ALA F 682 -21.91 57.02 -3.69
CA ALA F 682 -20.89 56.08 -4.15
C ALA F 682 -20.69 56.20 -5.66
N LEU F 683 -21.77 56.30 -6.42
CA LEU F 683 -21.65 56.41 -7.87
C LEU F 683 -20.89 57.67 -8.26
N GLU F 684 -21.20 58.80 -7.61
CA GLU F 684 -20.49 60.03 -7.89
C GLU F 684 -19.02 59.90 -7.52
N LEU F 685 -18.72 59.27 -6.38
CA LEU F 685 -17.33 59.09 -5.99
C LEU F 685 -16.58 58.26 -7.03
N LEU F 686 -17.22 57.21 -7.55
CA LEU F 686 -16.59 56.44 -8.62
C LEU F 686 -16.36 57.29 -9.86
N GLY F 687 -17.17 58.32 -10.07
CA GLY F 687 -17.00 59.21 -11.20
C GLY F 687 -17.11 58.49 -12.53
N ASN F 688 -18.30 57.99 -12.85
CA ASN F 688 -18.52 57.26 -14.10
C ASN F 688 -19.78 57.73 -14.82
N PHE F 689 -20.28 58.92 -14.49
CA PHE F 689 -21.44 59.47 -15.16
C PHE F 689 -21.38 60.99 -15.11
N LYS F 690 -22.08 61.62 -16.04
CA LYS F 690 -22.13 63.08 -16.09
C LYS F 690 -23.23 63.59 -15.17
N ASP F 691 -23.18 64.90 -14.90
CA ASP F 691 -24.10 65.50 -13.95
C ASP F 691 -25.55 65.23 -14.32
N LYS F 692 -25.90 65.41 -15.60
CA LYS F 692 -27.28 65.21 -16.02
C LYS F 692 -27.70 63.76 -15.85
N GLU F 693 -26.83 62.82 -16.20
CA GLU F 693 -27.15 61.41 -16.01
C GLU F 693 -27.33 61.08 -14.53
N ARG F 694 -26.47 61.63 -13.68
CA ARG F 694 -26.61 61.39 -12.25
C ARG F 694 -27.92 61.94 -11.73
N THR F 695 -28.30 63.15 -12.17
CA THR F 695 -29.57 63.73 -11.74
C THR F 695 -30.75 62.87 -12.18
N THR F 696 -30.73 62.44 -13.44
CA THR F 696 -31.83 61.62 -13.95
C THR F 696 -31.94 60.30 -13.17
N ILE F 697 -30.79 59.65 -12.94
CA ILE F 697 -30.81 58.37 -12.22
C ILE F 697 -31.31 58.58 -10.80
N ALA F 698 -30.84 59.64 -10.14
CA ALA F 698 -31.30 59.91 -8.78
C ALA F 698 -32.80 60.14 -8.73
N GLN F 699 -33.30 60.88 -9.73
CA GLN F 699 -34.75 61.20 -9.81
C GLN F 699 -35.52 59.91 -10.04
N GLN F 700 -34.95 58.97 -10.79
CA GLN F 700 -35.62 57.71 -11.08
C GLN F 700 -35.64 56.79 -9.86
N VAL F 701 -34.55 56.74 -9.11
CA VAL F 701 -34.35 55.73 -8.08
C VAL F 701 -34.27 56.34 -6.68
N LYS F 702 -34.90 57.50 -6.47
CA LYS F 702 -34.88 58.14 -5.16
C LYS F 702 -36.03 57.70 -4.26
N GLY F 703 -36.94 56.87 -4.74
CA GLY F 703 -38.09 56.45 -3.95
C GLY F 703 -37.95 55.08 -3.33
N LYS F 704 -37.52 54.09 -4.12
CA LYS F 704 -37.52 52.71 -3.67
C LYS F 704 -36.24 52.40 -2.89
N LYS F 705 -36.25 51.22 -2.27
CA LYS F 705 -35.11 50.73 -1.49
C LYS F 705 -34.14 49.95 -2.39
N VAL F 706 -32.89 49.88 -1.95
CA VAL F 706 -31.84 49.19 -2.67
C VAL F 706 -31.08 48.30 -1.70
N TRP F 707 -30.71 47.10 -2.16
CA TRP F 707 -30.00 46.12 -1.34
C TRP F 707 -28.96 45.45 -2.25
N ILE F 708 -27.75 45.98 -2.26
CA ILE F 708 -26.70 45.53 -3.17
C ILE F 708 -25.36 45.56 -2.43
N GLY F 709 -24.36 44.93 -3.05
CA GLY F 709 -23.00 44.93 -2.54
C GLY F 709 -22.06 45.71 -3.44
N ILE F 710 -20.94 46.17 -2.89
CA ILE F 710 -20.03 47.02 -3.66
C ILE F 710 -19.48 46.28 -4.87
N LYS F 711 -19.06 45.03 -4.68
CA LYS F 711 -18.47 44.28 -5.79
C LYS F 711 -19.46 44.09 -6.92
N LYS F 712 -20.71 43.76 -6.58
CA LYS F 712 -21.73 43.62 -7.61
C LYS F 712 -21.99 44.95 -8.30
N LEU F 713 -21.93 46.06 -7.55
CA LEU F 713 -22.10 47.37 -8.16
C LEU F 713 -20.99 47.63 -9.19
N LEU F 714 -19.75 47.32 -8.84
CA LEU F 714 -18.65 47.52 -9.78
C LEU F 714 -18.83 46.66 -11.02
N MET F 715 -19.20 45.39 -10.84
CA MET F 715 -19.39 44.51 -11.99
C MET F 715 -20.52 45.02 -12.89
N LEU F 716 -21.63 45.46 -12.29
CA LEU F 716 -22.74 45.97 -13.07
C LEU F 716 -22.35 47.23 -13.83
N ILE F 717 -21.59 48.13 -13.19
CA ILE F 717 -21.15 49.33 -13.88
C ILE F 717 -20.29 48.97 -15.08
N GLU F 718 -19.35 48.04 -14.89
CA GLU F 718 -18.49 47.64 -16.00
C GLU F 718 -19.31 47.03 -17.12
N MET F 719 -20.30 46.19 -16.79
CA MET F 719 -21.13 45.59 -17.83
C MET F 719 -21.91 46.66 -18.58
N SER F 720 -22.50 47.61 -17.86
CA SER F 720 -23.35 48.61 -18.50
C SER F 720 -22.54 49.59 -19.34
N LEU F 721 -21.27 49.79 -19.01
CA LEU F 721 -20.45 50.77 -19.71
C LEU F 721 -20.21 50.41 -21.18
N GLN F 722 -20.50 49.18 -21.59
CA GLN F 722 -20.13 48.75 -22.94
C GLN F 722 -20.92 49.49 -24.02
N MET F 723 -22.24 49.56 -23.88
CA MET F 723 -23.08 50.07 -24.95
C MET F 723 -23.09 51.59 -24.97
N ASP F 724 -23.80 52.15 -25.96
CA ASP F 724 -23.83 53.58 -26.17
C ASP F 724 -24.63 54.28 -25.07
N PRO F 725 -24.43 55.60 -24.89
CA PRO F 725 -24.96 56.28 -23.71
C PRO F 725 -26.41 55.98 -23.36
N GLU F 726 -27.33 56.19 -24.30
CA GLU F 726 -28.75 56.03 -23.97
C GLU F 726 -29.06 54.60 -23.57
N TYR F 727 -28.69 53.64 -24.42
CA TYR F 727 -28.90 52.24 -24.09
C TYR F 727 -28.06 51.84 -22.88
N ARG F 728 -26.89 52.46 -22.71
CA ARG F 728 -26.06 52.19 -21.55
C ARG F 728 -26.82 52.48 -20.26
N VAL F 729 -27.38 53.68 -20.15
CA VAL F 729 -28.10 54.05 -18.94
C VAL F 729 -29.35 53.21 -18.78
N ARG F 730 -30.07 52.95 -19.88
CA ARG F 730 -31.28 52.14 -19.78
C ARG F 730 -30.96 50.74 -19.28
N LYS F 731 -29.88 50.13 -19.79
CA LYS F 731 -29.49 48.80 -19.36
C LYS F 731 -29.02 48.80 -17.92
N PHE F 732 -28.30 49.83 -17.50
CA PHE F 732 -27.90 49.90 -16.10
C PHE F 732 -29.13 49.95 -15.19
N LEU F 733 -30.12 50.77 -15.55
CA LEU F 733 -31.34 50.82 -14.76
C LEU F 733 -32.05 49.47 -14.74
N ALA F 734 -32.13 48.80 -15.88
CA ALA F 734 -32.80 47.50 -15.93
C ALA F 734 -32.07 46.48 -15.05
N LEU F 735 -30.74 46.43 -15.14
CA LEU F 735 -29.98 45.47 -14.34
C LEU F 735 -30.15 45.75 -12.85
N LEU F 736 -30.10 47.03 -12.46
CA LEU F 736 -30.30 47.36 -11.04
C LEU F 736 -31.69 46.97 -10.59
N ARG F 737 -32.70 47.21 -11.44
CA ARG F 737 -34.06 46.84 -11.09
C ARG F 737 -34.19 45.33 -10.90
N GLU F 738 -33.57 44.55 -11.77
CA GLU F 738 -33.72 43.10 -11.71
C GLU F 738 -32.91 42.51 -10.56
N GLU F 739 -31.58 42.65 -10.60
CA GLU F 739 -30.73 41.94 -9.66
C GLU F 739 -30.83 42.54 -8.26
N GLY F 740 -30.79 43.86 -8.15
CA GLY F 740 -30.73 44.50 -6.85
C GLY F 740 -32.06 44.67 -6.16
N ALA F 741 -32.89 43.64 -6.18
CA ALA F 741 -34.19 43.64 -5.48
C ALA F 741 -34.35 42.29 -4.80
N SER F 742 -33.94 42.22 -3.54
CA SER F 742 -34.10 41.01 -2.74
C SER F 742 -33.91 41.33 -1.26
N PRO F 743 -34.76 42.20 -0.68
CA PRO F 743 -34.64 42.56 0.74
C PRO F 743 -34.99 41.42 1.69
N UNK G 1 12.04 -7.81 0.61
CA UNK G 1 12.46 -6.42 0.71
C UNK G 1 13.22 -6.01 -0.53
N UNK G 2 13.38 -4.69 -0.73
CA UNK G 2 14.11 -4.18 -1.88
C UNK G 2 15.56 -4.63 -1.78
N UNK G 3 15.93 -5.60 -2.61
CA UNK G 3 17.21 -6.29 -2.49
C UNK G 3 17.63 -6.75 -3.88
N UNK G 4 18.54 -7.72 -3.93
CA UNK G 4 18.96 -8.34 -5.18
C UNK G 4 19.73 -7.40 -6.09
N UNK G 5 20.89 -6.92 -5.62
CA UNK G 5 21.83 -6.26 -6.51
C UNK G 5 22.40 -7.28 -7.50
N UNK G 6 23.21 -6.77 -8.44
CA UNK G 6 23.80 -7.60 -9.49
C UNK G 6 25.31 -7.72 -9.36
N UNK G 7 26.03 -6.60 -9.32
CA UNK G 7 27.47 -6.64 -9.15
C UNK G 7 28.23 -6.83 -10.45
N UNK G 8 29.18 -5.94 -10.72
CA UNK G 8 30.02 -6.02 -11.91
C UNK G 8 31.48 -6.00 -11.49
N UNK G 9 32.29 -6.84 -12.13
CA UNK G 9 33.70 -6.97 -11.78
C UNK G 9 34.55 -5.98 -12.57
N UNK G 10 35.84 -5.96 -12.24
CA UNK G 10 36.78 -5.05 -12.89
C UNK G 10 38.16 -5.70 -12.83
N UNK G 11 38.67 -6.13 -13.98
CA UNK G 11 39.95 -6.81 -14.03
C UNK G 11 41.07 -5.90 -13.58
N UNK G 12 42.09 -6.51 -12.96
CA UNK G 12 43.25 -5.78 -12.48
C UNK G 12 44.30 -5.68 -13.57
N UNK G 13 45.39 -4.98 -13.28
CA UNK G 13 46.46 -4.81 -14.26
C UNK G 13 47.18 -6.12 -14.52
N UNK G 14 47.76 -6.24 -15.71
CA UNK G 14 48.51 -7.43 -16.09
C UNK G 14 49.96 -7.08 -16.40
#